data_2QUB
#
_entry.id   2QUB
#
_cell.length_a   202.401
_cell.length_b   202.401
_cell.length_c   317.731
_cell.angle_alpha   90.00
_cell.angle_beta   90.00
_cell.angle_gamma   120.00
#
_symmetry.space_group_name_H-M   'H 3'
#
loop_
_entity.id
_entity.type
_entity.pdbx_description
1 polymer 'Extracellular lipase'
2 non-polymer 'CALCIUM ION'
3 water water
#
_entity_poly.entity_id   1
_entity_poly.type   'polypeptide(L)'
_entity_poly.pdbx_seq_one_letter_code
;SHMGIFSYKDLDENASKALFSDALAISTYAYHNIDNGFDEGYHQTGFGLGLPLTLITALIGSTQSQGGLPGLPWNPDSEQ
AAQEAVNNAGWSVISATQLGYAGKTDARGTYYGETAGYTTAQAEVLGKYDSEGNLTAIGISFRGTSGPRESLIGDTIGDV
INDLLAGFGPKGYADGYTLKAFGNLLGDVAKFAQAHGLSGEDVVVSGHSLGGLAVNSMAAQSDANWGGFYAQSNYVAFAS
PTQYEAGGKVINIGYENDPVFRALDGTSLTLPSLGVHDAPHTSATNNIVNFNDHYASDAWNLLPFSILNIPTWLSHLPFF
YQDGLMRVLNSEFYSLTDKDSTIIVSNLSNVTRGNTWVEDLNRNAETHSGPTFIIGSDGNDLIKGGKGNDYLEGRDGDDI
FRDAGGYNLIAGGKGHNIFDTQQALKNTEVAYDGNTLYLRDAKGGITLADDISTLRSKETSWLIFNKEVDHQVTAAGLKS
DSGLKAYAAATGGDGDDVLQARSHDAWLFGNAGNDTLIGHAGGNLTFVGGSGDDILKGVGNGNTFLFSGDFGRDQLYGFN
ASDKLVFIGTEGASGNIRDYATQQNDDLVLAFGHSQVTLIGVSLDHISTDQVVLA
;
_entity_poly.pdbx_strand_id   A,C,E,G,I,K
#
loop_
_chem_comp.id
_chem_comp.type
_chem_comp.name
_chem_comp.formula
CA non-polymer 'CALCIUM ION' 'Ca 2'
#
# COMPACT_ATOMS: atom_id res chain seq x y z
N SER A 1 -12.92 -15.59 -25.56
CA SER A 1 -11.70 -16.22 -26.15
C SER A 1 -11.50 -17.66 -25.66
N HIS A 2 -11.37 -18.61 -26.58
CA HIS A 2 -11.10 -20.01 -26.21
C HIS A 2 -9.64 -20.15 -25.81
N MET A 3 -9.39 -20.87 -24.71
CA MET A 3 -8.01 -21.10 -24.26
C MET A 3 -7.60 -22.59 -24.29
N GLY A 4 -8.51 -23.47 -24.71
CA GLY A 4 -8.20 -24.92 -24.73
C GLY A 4 -8.77 -25.62 -23.51
N ILE A 5 -9.23 -26.86 -23.68
CA ILE A 5 -9.87 -27.58 -22.55
C ILE A 5 -8.90 -27.76 -21.37
N PHE A 6 -7.61 -27.83 -21.65
CA PHE A 6 -6.62 -28.03 -20.59
C PHE A 6 -5.91 -26.73 -20.16
N SER A 7 -6.53 -25.59 -20.42
CA SER A 7 -5.99 -24.30 -19.98
C SER A 7 -5.77 -24.31 -18.48
N TYR A 8 -4.70 -23.66 -18.03
CA TYR A 8 -4.32 -23.66 -16.62
C TYR A 8 -3.97 -22.25 -16.14
N LYS A 9 -4.64 -21.78 -15.09
CA LYS A 9 -4.39 -20.45 -14.53
C LYS A 9 -4.28 -19.42 -15.64
N ASP A 10 -3.22 -18.61 -15.60
CA ASP A 10 -3.05 -17.54 -16.59
C ASP A 10 -1.96 -17.84 -17.61
N LEU A 11 -1.65 -19.12 -17.81
CA LEU A 11 -0.68 -19.51 -18.83
C LEU A 11 -1.24 -19.24 -20.23
N ASP A 12 -0.39 -18.96 -21.20
CA ASP A 12 -0.89 -18.84 -22.57
C ASP A 12 -1.17 -20.24 -23.09
N GLU A 13 -1.85 -20.33 -24.23
CA GLU A 13 -2.30 -21.64 -24.68
C GLU A 13 -1.16 -22.63 -24.94
N ASN A 14 -0.10 -22.19 -25.61
CA ASN A 14 1.03 -23.09 -25.86
C ASN A 14 1.70 -23.62 -24.58
N ALA A 15 1.82 -22.75 -23.57
CA ALA A 15 2.41 -23.16 -22.30
C ALA A 15 1.55 -24.17 -21.54
N SER A 16 0.23 -23.98 -21.54
CA SER A 16 -0.62 -24.94 -20.82
C SER A 16 -0.67 -26.30 -21.54
N LYS A 17 -0.55 -26.28 -22.88
CA LYS A 17 -0.49 -27.53 -23.64
C LYS A 17 0.79 -28.30 -23.30
N ALA A 18 1.90 -27.59 -23.23
CA ALA A 18 3.18 -28.22 -22.86
C ALA A 18 3.16 -28.75 -21.42
N LEU A 19 2.55 -27.99 -20.51
CA LEU A 19 2.42 -28.44 -19.12
C LEU A 19 1.59 -29.73 -19.07
N PHE A 20 0.47 -29.74 -19.78
CA PHE A 20 -0.41 -30.92 -19.80
C PHE A 20 0.31 -32.16 -20.29
N SER A 21 1.06 -31.99 -21.38
CA SER A 21 1.83 -33.07 -21.98
C SER A 21 2.81 -33.67 -20.96
N ASP A 22 3.56 -32.80 -20.29
CA ASP A 22 4.49 -33.21 -19.24
C ASP A 22 3.78 -33.96 -18.11
N ALA A 23 2.67 -33.38 -17.62
CA ALA A 23 1.92 -34.00 -16.52
C ALA A 23 1.46 -35.41 -16.84
N LEU A 24 0.88 -35.58 -18.02
CA LEU A 24 0.31 -36.86 -18.41
C LEU A 24 1.43 -37.90 -18.57
N ALA A 25 2.57 -37.45 -19.10
CA ALA A 25 3.70 -38.35 -19.26
C ALA A 25 4.19 -38.86 -17.90
N ILE A 26 4.36 -37.97 -16.93
CA ILE A 26 4.90 -38.42 -15.65
C ILE A 26 3.85 -39.19 -14.83
N SER A 27 2.59 -38.81 -14.97
CA SER A 27 1.50 -39.52 -14.29
C SER A 27 1.46 -40.97 -14.77
N THR A 28 1.51 -41.14 -16.10
CA THR A 28 1.51 -42.46 -16.71
C THR A 28 2.74 -43.28 -16.26
N TYR A 29 3.90 -42.65 -16.25
CA TYR A 29 5.15 -43.35 -15.87
C TYR A 29 5.05 -44.02 -14.48
N ALA A 30 4.36 -43.37 -13.55
CA ALA A 30 4.25 -43.88 -12.17
C ALA A 30 3.69 -45.32 -12.09
N TYR A 31 2.94 -45.74 -13.10
CA TYR A 31 2.37 -47.10 -13.15
C TYR A 31 3.31 -48.16 -13.75
N HIS A 32 4.41 -47.71 -14.33
CA HIS A 32 5.40 -48.63 -14.91
C HIS A 32 4.78 -49.68 -15.82
N ASN A 33 3.84 -49.25 -16.67
CA ASN A 33 3.22 -50.12 -17.68
C ASN A 33 2.48 -51.34 -17.10
N ILE A 34 1.96 -51.22 -15.88
CA ILE A 34 1.28 -52.33 -15.24
C ILE A 34 0.08 -52.84 -16.07
N ASP A 35 -0.55 -51.92 -16.81
CA ASP A 35 -1.75 -52.28 -17.59
C ASP A 35 -1.45 -52.57 -19.08
N ASN A 36 -0.19 -52.83 -19.40
CA ASN A 36 0.21 -53.15 -20.78
C ASN A 36 -0.56 -54.37 -21.34
N GLY A 37 -0.65 -55.45 -20.56
CA GLY A 37 -1.36 -56.64 -21.02
C GLY A 37 -2.86 -56.38 -21.15
N PHE A 38 -3.41 -55.55 -20.26
CA PHE A 38 -4.85 -55.24 -20.33
C PHE A 38 -5.13 -54.46 -21.62
N ASP A 39 -4.26 -53.50 -21.93
CA ASP A 39 -4.32 -52.73 -23.18
C ASP A 39 -4.37 -53.67 -24.41
N GLU A 40 -3.40 -54.59 -24.53
CA GLU A 40 -3.41 -55.54 -25.64
C GLU A 40 -4.68 -56.41 -25.66
N GLY A 41 -5.02 -56.97 -24.51
CA GLY A 41 -6.16 -57.87 -24.40
C GLY A 41 -7.46 -57.17 -24.78
N TYR A 42 -7.70 -56.01 -24.19
CA TYR A 42 -8.90 -55.24 -24.49
C TYR A 42 -9.03 -55.00 -25.98
N HIS A 43 -7.96 -54.53 -26.63
CA HIS A 43 -8.08 -54.21 -28.06
C HIS A 43 -8.27 -55.46 -28.92
N GLN A 44 -7.66 -56.58 -28.54
CA GLN A 44 -7.72 -57.83 -29.31
C GLN A 44 -9.03 -58.61 -29.13
N THR A 45 -9.48 -58.77 -27.88
CA THR A 45 -10.64 -59.63 -27.56
C THR A 45 -11.84 -58.89 -26.93
N GLY A 46 -11.67 -57.62 -26.57
CA GLY A 46 -12.82 -56.79 -26.19
C GLY A 46 -13.34 -56.99 -24.76
N PHE A 47 -14.62 -56.70 -24.56
CA PHE A 47 -15.21 -56.62 -23.21
C PHE A 47 -16.54 -57.35 -23.16
N GLY A 48 -16.77 -58.22 -24.15
CA GLY A 48 -18.02 -58.99 -24.26
C GLY A 48 -17.78 -60.47 -24.11
N LEU A 49 -18.17 -61.25 -25.12
CA LEU A 49 -17.91 -62.68 -25.09
C LEU A 49 -16.41 -63.00 -24.97
N GLY A 50 -15.57 -62.06 -25.39
CA GLY A 50 -14.13 -62.26 -25.33
C GLY A 50 -13.48 -61.82 -24.01
N LEU A 51 -14.30 -61.35 -23.07
CA LEU A 51 -13.76 -60.79 -21.81
C LEU A 51 -12.89 -61.80 -21.01
N PRO A 52 -13.29 -63.08 -20.96
CA PRO A 52 -12.39 -64.00 -20.26
C PRO A 52 -10.96 -63.99 -20.82
N LEU A 53 -10.84 -63.90 -22.14
CA LEU A 53 -9.53 -63.90 -22.79
C LEU A 53 -8.78 -62.60 -22.50
N THR A 54 -9.51 -61.49 -22.49
CA THR A 54 -8.96 -60.19 -22.13
C THR A 54 -8.36 -60.22 -20.73
N LEU A 55 -9.08 -60.87 -19.80
CA LEU A 55 -8.62 -60.93 -18.42
C LEU A 55 -7.34 -61.77 -18.28
N ILE A 56 -7.25 -62.87 -19.05
CA ILE A 56 -6.05 -63.70 -19.04
C ILE A 56 -4.85 -62.89 -19.52
N THR A 57 -5.03 -62.16 -20.60
CA THR A 57 -3.96 -61.34 -21.14
C THR A 57 -3.57 -60.23 -20.17
N ALA A 58 -4.55 -59.68 -19.44
CA ALA A 58 -4.29 -58.66 -18.43
C ALA A 58 -3.34 -59.19 -17.35
N LEU A 59 -3.45 -60.46 -17.02
CA LEU A 59 -2.64 -61.08 -15.97
C LEU A 59 -1.26 -61.55 -16.41
N ILE A 60 -1.17 -62.20 -17.57
CA ILE A 60 0.09 -62.82 -18.00
C ILE A 60 0.63 -62.36 -19.36
N GLY A 61 -0.02 -61.36 -19.97
CA GLY A 61 0.44 -60.82 -21.25
C GLY A 61 0.57 -61.83 -22.38
N SER A 62 1.55 -61.59 -23.26
CA SER A 62 1.74 -62.41 -24.45
C SER A 62 3.20 -62.22 -24.87
N THR A 63 3.53 -62.58 -26.11
CA THR A 63 4.86 -62.26 -26.65
C THR A 63 4.98 -60.77 -26.98
N GLN A 64 3.85 -60.06 -27.01
CA GLN A 64 3.82 -58.64 -27.39
C GLN A 64 3.53 -57.65 -26.26
N SER A 65 3.15 -58.16 -25.09
CA SER A 65 2.78 -57.29 -23.98
C SER A 65 3.05 -58.01 -22.65
N GLN A 66 3.21 -57.24 -21.57
CA GLN A 66 3.42 -57.80 -20.23
C GLN A 66 2.22 -57.50 -19.33
N GLY A 67 1.64 -58.54 -18.74
CA GLY A 67 0.49 -58.36 -17.84
C GLY A 67 0.96 -58.04 -16.42
N GLY A 68 0.09 -58.22 -15.43
CA GLY A 68 0.48 -57.91 -14.05
C GLY A 68 1.61 -58.73 -13.44
N LEU A 69 1.73 -59.99 -13.87
CA LEU A 69 2.74 -60.91 -13.32
C LEU A 69 4.13 -60.68 -13.90
N PRO A 70 5.13 -60.53 -13.03
CA PRO A 70 6.53 -60.38 -13.45
C PRO A 70 7.19 -61.73 -13.70
N GLY A 71 8.33 -61.73 -14.38
CA GLY A 71 9.18 -62.91 -14.46
C GLY A 71 8.91 -63.95 -15.54
N LEU A 72 8.02 -63.66 -16.48
CA LEU A 72 7.76 -64.59 -17.59
C LEU A 72 8.70 -64.25 -18.75
N PRO A 73 9.60 -65.18 -19.11
CA PRO A 73 10.67 -64.86 -20.07
C PRO A 73 10.19 -64.55 -21.50
N TRP A 74 8.97 -64.93 -21.83
CA TRP A 74 8.42 -64.64 -23.17
C TRP A 74 7.63 -63.32 -23.26
N ASN A 75 7.40 -62.66 -22.12
CA ASN A 75 6.85 -61.30 -22.14
C ASN A 75 7.97 -60.36 -22.60
N PRO A 76 7.62 -59.24 -23.26
CA PRO A 76 8.62 -58.20 -23.45
C PRO A 76 8.80 -57.39 -22.16
N ASP A 77 9.90 -56.66 -22.06
CA ASP A 77 10.20 -55.84 -20.87
C ASP A 77 9.41 -54.54 -20.90
N SER A 78 8.20 -54.54 -20.35
CA SER A 78 7.35 -53.36 -20.45
C SER A 78 7.84 -52.23 -19.55
N GLU A 79 8.62 -52.57 -18.54
CA GLU A 79 9.16 -51.52 -17.65
C GLU A 79 10.21 -50.67 -18.35
N GLN A 80 11.01 -51.31 -19.21
CA GLN A 80 11.98 -50.59 -20.03
C GLN A 80 11.25 -49.68 -21.03
N ALA A 81 10.18 -50.20 -21.61
CA ALA A 81 9.33 -49.40 -22.51
C ALA A 81 8.79 -48.15 -21.80
N ALA A 82 8.38 -48.30 -20.54
CA ALA A 82 7.84 -47.17 -19.77
C ALA A 82 8.92 -46.13 -19.50
N GLN A 83 10.13 -46.58 -19.20
CA GLN A 83 11.26 -45.66 -19.01
C GLN A 83 11.59 -44.89 -20.29
N GLU A 84 11.62 -45.60 -21.42
CA GLU A 84 11.88 -44.94 -22.70
C GLU A 84 10.88 -43.83 -22.98
N ALA A 85 9.61 -44.11 -22.74
CA ALA A 85 8.55 -43.14 -22.98
C ALA A 85 8.71 -41.87 -22.14
N VAL A 86 9.00 -42.02 -20.86
CA VAL A 86 9.12 -40.85 -20.00
C VAL A 86 10.44 -40.09 -20.33
N ASN A 87 11.51 -40.81 -20.64
CA ASN A 87 12.75 -40.17 -21.07
C ASN A 87 12.55 -39.39 -22.38
N ASN A 88 11.79 -39.97 -23.31
CA ASN A 88 11.48 -39.32 -24.58
C ASN A 88 10.70 -38.04 -24.40
N ALA A 89 9.86 -37.99 -23.36
CA ALA A 89 9.08 -36.80 -23.05
C ALA A 89 9.95 -35.73 -22.36
N GLY A 90 11.21 -36.06 -22.13
CA GLY A 90 12.18 -35.10 -21.56
C GLY A 90 12.52 -35.27 -20.09
N TRP A 91 12.02 -36.34 -19.46
CA TRP A 91 12.14 -36.51 -18.02
C TRP A 91 12.97 -37.71 -17.57
N SER A 92 13.85 -37.51 -16.60
CA SER A 92 14.67 -38.60 -16.08
C SER A 92 14.68 -38.61 -14.54
N VAL A 93 14.66 -39.82 -13.96
CA VAL A 93 14.60 -39.96 -12.50
C VAL A 93 15.78 -39.29 -11.77
N ILE A 94 15.49 -38.64 -10.66
CA ILE A 94 16.50 -38.07 -9.78
C ILE A 94 16.72 -38.99 -8.58
N SER A 95 17.97 -39.35 -8.32
CA SER A 95 18.29 -40.33 -7.30
C SER A 95 18.20 -39.78 -5.88
N ALA A 96 17.97 -40.67 -4.92
CA ALA A 96 17.96 -40.32 -3.51
C ALA A 96 19.27 -39.64 -3.10
N THR A 97 20.37 -40.10 -3.67
CA THR A 97 21.68 -39.51 -3.40
C THR A 97 21.75 -38.04 -3.80
N GLN A 98 21.25 -37.72 -4.99
CA GLN A 98 21.21 -36.33 -5.45
C GLN A 98 20.38 -35.46 -4.52
N LEU A 99 19.29 -36.03 -4.00
CA LEU A 99 18.37 -35.32 -3.13
C LEU A 99 18.84 -35.32 -1.68
N GLY A 100 19.79 -36.19 -1.35
CA GLY A 100 20.20 -36.38 0.03
C GLY A 100 19.06 -36.94 0.86
N TYR A 101 18.25 -37.80 0.25
CA TYR A 101 17.07 -38.39 0.91
C TYR A 101 17.41 -39.68 1.66
N ALA A 102 17.00 -39.74 2.94
CA ALA A 102 17.32 -40.88 3.80
C ALA A 102 16.24 -41.98 3.85
N GLY A 103 15.14 -41.77 3.13
CA GLY A 103 14.04 -42.75 3.15
C GLY A 103 14.23 -43.92 2.20
N LYS A 104 13.15 -44.66 1.96
CA LYS A 104 13.18 -45.85 1.14
C LYS A 104 12.96 -45.59 -0.35
N THR A 105 13.83 -46.19 -1.17
CA THR A 105 13.63 -46.28 -2.62
C THR A 105 13.86 -47.72 -3.09
N ASP A 106 13.39 -48.04 -4.29
CA ASP A 106 13.64 -49.37 -4.85
C ASP A 106 14.66 -49.31 -5.99
N ALA A 107 14.94 -50.47 -6.59
CA ALA A 107 15.99 -50.55 -7.61
C ALA A 107 15.67 -49.76 -8.87
N ARG A 108 14.41 -49.33 -9.01
CA ARG A 108 13.99 -48.55 -10.17
C ARG A 108 13.96 -47.05 -9.84
N GLY A 109 14.30 -46.72 -8.60
CA GLY A 109 14.40 -45.33 -8.16
C GLY A 109 13.11 -44.75 -7.60
N THR A 110 12.09 -45.59 -7.45
CA THR A 110 10.79 -45.15 -6.94
C THR A 110 10.87 -44.89 -5.43
N TYR A 111 10.22 -43.81 -4.97
CA TYR A 111 10.19 -43.44 -3.55
C TYR A 111 8.95 -44.02 -2.85
N TYR A 112 9.12 -44.46 -1.60
CA TYR A 112 8.02 -45.10 -0.86
C TYR A 112 7.54 -44.27 0.33
N GLY A 113 6.25 -44.38 0.64
CA GLY A 113 5.63 -43.66 1.75
C GLY A 113 6.37 -43.81 3.08
N GLU A 114 6.37 -42.75 3.87
CA GLU A 114 7.23 -42.65 5.06
C GLU A 114 6.59 -43.08 6.38
N THR A 115 5.28 -42.89 6.51
CA THR A 115 4.57 -43.11 7.78
C THR A 115 3.84 -44.45 7.82
N ALA A 116 3.80 -45.10 8.98
CA ALA A 116 3.01 -46.33 9.11
C ALA A 116 1.57 -46.07 8.65
N GLY A 117 1.03 -46.98 7.84
CA GLY A 117 -0.29 -46.80 7.26
C GLY A 117 -0.21 -46.16 5.89
N TYR A 118 1.00 -45.71 5.51
CA TYR A 118 1.19 -45.08 4.20
C TYR A 118 2.37 -45.69 3.43
N THR A 119 2.87 -46.83 3.89
CA THR A 119 4.12 -47.35 3.33
C THR A 119 3.99 -48.00 1.96
N THR A 120 2.76 -48.07 1.43
CA THR A 120 2.55 -48.59 0.07
C THR A 120 2.32 -47.45 -0.94
N ALA A 121 2.40 -46.21 -0.46
CA ALA A 121 2.37 -45.07 -1.37
C ALA A 121 3.65 -45.08 -2.21
N GLN A 122 3.56 -44.64 -3.47
CA GLN A 122 4.72 -44.51 -4.37
C GLN A 122 4.76 -43.14 -5.04
N ALA A 123 5.97 -42.60 -5.17
CA ALA A 123 6.18 -41.36 -5.88
C ALA A 123 7.42 -41.44 -6.76
N GLU A 124 7.41 -40.70 -7.85
CA GLU A 124 8.57 -40.54 -8.71
C GLU A 124 8.99 -39.06 -8.69
N VAL A 125 10.30 -38.82 -8.63
CA VAL A 125 10.84 -37.47 -8.75
C VAL A 125 11.74 -37.43 -9.99
N LEU A 126 11.41 -36.53 -10.92
CA LEU A 126 12.14 -36.46 -12.19
C LEU A 126 12.63 -35.04 -12.52
N GLY A 127 13.62 -34.96 -13.40
CA GLY A 127 14.15 -33.66 -13.83
C GLY A 127 14.15 -33.52 -15.34
N LYS A 128 14.02 -32.28 -15.79
CA LYS A 128 14.14 -31.93 -17.21
C LYS A 128 15.36 -31.03 -17.35
N TYR A 129 16.19 -31.29 -18.36
CA TYR A 129 17.47 -30.58 -18.53
C TYR A 129 17.62 -29.88 -19.87
N ASP A 130 18.33 -28.74 -19.88
CA ASP A 130 18.56 -28.04 -21.14
C ASP A 130 19.69 -28.73 -21.92
N SER A 131 19.98 -28.21 -23.11
CA SER A 131 20.97 -28.84 -23.99
C SER A 131 22.38 -28.79 -23.43
N GLU A 132 22.55 -28.10 -22.30
CA GLU A 132 23.86 -27.97 -21.67
C GLU A 132 23.95 -28.72 -20.35
N GLY A 133 22.88 -29.42 -19.99
CA GLY A 133 22.85 -30.27 -18.80
C GLY A 133 22.37 -29.58 -17.53
N ASN A 134 21.89 -28.35 -17.67
CA ASN A 134 21.37 -27.61 -16.53
C ASN A 134 19.93 -28.00 -16.25
N LEU A 135 19.59 -28.18 -14.97
CA LEU A 135 18.23 -28.53 -14.58
C LEU A 135 17.29 -27.34 -14.79
N THR A 136 16.18 -27.58 -15.47
CA THR A 136 15.26 -26.49 -15.79
C THR A 136 13.86 -26.69 -15.19
N ALA A 137 13.54 -27.92 -14.81
CA ALA A 137 12.24 -28.21 -14.21
C ALA A 137 12.29 -29.53 -13.45
N ILE A 138 11.37 -29.66 -12.49
CA ILE A 138 11.23 -30.86 -11.69
C ILE A 138 9.82 -31.39 -11.78
N GLY A 139 9.69 -32.72 -11.90
CA GLY A 139 8.37 -33.35 -11.97
C GLY A 139 8.18 -34.27 -10.79
N ILE A 140 7.03 -34.16 -10.14
CA ILE A 140 6.68 -35.04 -9.03
C ILE A 140 5.40 -35.80 -9.39
N SER A 141 5.47 -37.12 -9.38
CA SER A 141 4.33 -37.91 -9.79
C SER A 141 3.95 -38.93 -8.73
N PHE A 142 2.68 -38.96 -8.36
CA PHE A 142 2.19 -39.93 -7.39
C PHE A 142 1.49 -41.10 -8.08
N ARG A 143 1.80 -42.32 -7.65
CA ARG A 143 1.16 -43.51 -8.20
C ARG A 143 -0.26 -43.70 -7.66
N GLY A 144 -1.18 -44.16 -8.52
CA GLY A 144 -2.52 -44.55 -8.08
C GLY A 144 -2.47 -45.91 -7.40
N THR A 145 -3.63 -46.52 -7.22
CA THR A 145 -3.70 -47.83 -6.59
C THR A 145 -2.96 -48.89 -7.43
N SER A 146 -2.09 -49.62 -6.76
CA SER A 146 -1.19 -50.67 -7.29
C SER A 146 0.26 -50.35 -6.87
N GLY A 147 1.17 -51.23 -7.23
CA GLY A 147 2.57 -51.12 -6.82
C GLY A 147 3.46 -51.92 -7.75
N PRO A 148 4.75 -52.00 -7.44
CA PRO A 148 5.67 -52.78 -8.27
C PRO A 148 5.15 -54.20 -8.50
N ARG A 149 5.36 -54.74 -9.71
CA ARG A 149 4.88 -56.09 -10.03
C ARG A 149 5.28 -57.12 -8.99
N GLU A 150 6.48 -56.98 -8.45
CA GLU A 150 7.04 -57.97 -7.52
C GLU A 150 6.34 -58.05 -6.15
N SER A 151 5.56 -57.02 -5.80
CA SER A 151 4.85 -57.03 -4.53
C SER A 151 3.42 -56.53 -4.74
N LEU A 152 2.90 -56.80 -5.92
CA LEU A 152 1.67 -56.20 -6.40
C LEU A 152 0.47 -56.38 -5.45
N ILE A 153 0.23 -57.61 -4.98
CA ILE A 153 -0.96 -57.86 -4.16
C ILE A 153 -0.91 -57.20 -2.78
N GLY A 154 0.17 -57.42 -2.04
CA GLY A 154 0.33 -56.80 -0.72
C GLY A 154 0.29 -55.28 -0.82
N ASP A 155 0.92 -54.75 -1.86
CA ASP A 155 1.01 -53.31 -2.01
C ASP A 155 -0.38 -52.72 -2.31
N THR A 156 -1.10 -53.37 -3.22
CA THR A 156 -2.46 -52.94 -3.58
C THR A 156 -3.39 -52.93 -2.37
N ILE A 157 -3.28 -53.95 -1.51
CA ILE A 157 -4.14 -54.01 -0.31
C ILE A 157 -3.93 -52.76 0.59
N GLY A 158 -2.69 -52.35 0.80
CA GLY A 158 -2.41 -51.15 1.59
C GLY A 158 -3.00 -49.91 0.93
N ASP A 159 -2.90 -49.86 -0.39
CA ASP A 159 -3.46 -48.77 -1.18
C ASP A 159 -4.98 -48.71 -0.99
N VAL A 160 -5.62 -49.88 -1.02
CA VAL A 160 -7.08 -49.95 -0.87
C VAL A 160 -7.52 -49.46 0.52
N ILE A 161 -6.74 -49.78 1.55
CA ILE A 161 -7.07 -49.26 2.88
C ILE A 161 -7.03 -47.73 2.85
N ASN A 162 -6.01 -47.16 2.21
CA ASN A 162 -5.91 -45.70 2.08
C ASN A 162 -7.14 -45.14 1.33
N ASP A 163 -7.51 -45.78 0.21
CA ASP A 163 -8.69 -45.39 -0.57
C ASP A 163 -9.98 -45.39 0.25
N LEU A 164 -10.19 -46.46 1.02
CA LEU A 164 -11.39 -46.58 1.85
C LEU A 164 -11.45 -45.56 2.98
N LEU A 165 -10.30 -45.21 3.54
CA LEU A 165 -10.26 -44.22 4.61
C LEU A 165 -10.56 -42.82 4.06
N ALA A 166 -10.15 -42.57 2.82
CA ALA A 166 -10.45 -41.28 2.17
C ALA A 166 -11.96 -41.09 2.03
N GLY A 167 -12.68 -42.17 1.72
CA GLY A 167 -14.13 -42.09 1.55
C GLY A 167 -14.95 -42.24 2.81
N PHE A 168 -14.51 -43.13 3.69
CA PHE A 168 -15.31 -43.49 4.86
C PHE A 168 -14.61 -43.20 6.18
N GLY A 169 -13.40 -42.65 6.11
CA GLY A 169 -12.60 -42.41 7.29
C GLY A 169 -12.84 -41.06 7.93
N PRO A 170 -11.91 -40.65 8.80
CA PRO A 170 -12.07 -39.39 9.53
C PRO A 170 -11.96 -38.19 8.60
N LYS A 171 -12.59 -37.09 9.01
CA LYS A 171 -12.49 -35.86 8.25
C LYS A 171 -11.02 -35.45 8.24
N GLY A 172 -10.54 -34.96 7.11
CA GLY A 172 -9.15 -34.53 7.02
C GLY A 172 -8.21 -35.58 6.42
N TYR A 173 -8.70 -36.81 6.27
CA TYR A 173 -7.83 -37.92 5.83
C TYR A 173 -7.23 -37.69 4.44
N ALA A 174 -8.09 -37.42 3.45
CA ALA A 174 -7.60 -37.18 2.09
C ALA A 174 -6.57 -36.05 2.10
N ASP A 175 -6.91 -34.96 2.77
CA ASP A 175 -6.05 -33.79 2.87
C ASP A 175 -4.67 -34.14 3.45
N GLY A 176 -4.65 -35.11 4.37
CA GLY A 176 -3.42 -35.50 5.05
C GLY A 176 -2.52 -36.48 4.31
N TYR A 177 -3.05 -37.17 3.30
CA TYR A 177 -2.32 -38.27 2.64
C TYR A 177 -0.88 -37.94 2.21
N THR A 178 -0.70 -36.86 1.47
CA THR A 178 0.61 -36.55 0.89
C THR A 178 1.61 -36.07 1.95
N LEU A 179 1.11 -35.36 2.96
CA LEU A 179 1.95 -34.91 4.05
C LEU A 179 2.49 -36.12 4.84
N LYS A 180 1.61 -37.08 5.13
CA LYS A 180 2.02 -38.27 5.87
C LYS A 180 2.88 -39.23 5.04
N ALA A 181 2.57 -39.36 3.75
CA ALA A 181 3.33 -40.24 2.88
C ALA A 181 4.69 -39.68 2.48
N PHE A 182 4.75 -38.39 2.14
CA PHE A 182 5.96 -37.84 1.52
C PHE A 182 6.40 -36.49 2.05
N GLY A 183 5.99 -36.15 3.25
CA GLY A 183 6.37 -34.89 3.88
C GLY A 183 7.86 -34.59 3.88
N ASN A 184 8.66 -35.58 4.31
CA ASN A 184 10.12 -35.41 4.34
C ASN A 184 10.73 -35.29 2.95
N LEU A 185 10.33 -36.18 2.04
CA LEU A 185 10.81 -36.16 0.66
C LEU A 185 10.57 -34.80 0.01
N LEU A 186 9.36 -34.27 0.18
CA LEU A 186 8.99 -33.00 -0.44
C LEU A 186 9.85 -31.84 0.09
N GLY A 187 10.28 -31.94 1.34
CA GLY A 187 11.17 -30.92 1.91
C GLY A 187 12.55 -30.98 1.26
N ASP A 188 13.04 -32.19 1.04
CA ASP A 188 14.34 -32.37 0.39
C ASP A 188 14.32 -31.92 -1.07
N VAL A 189 13.24 -32.25 -1.78
CA VAL A 189 13.09 -31.82 -3.17
C VAL A 189 13.10 -30.30 -3.29
N ALA A 190 12.41 -29.62 -2.36
CA ALA A 190 12.40 -28.17 -2.31
C ALA A 190 13.79 -27.55 -2.13
N LYS A 191 14.59 -28.14 -1.24
CA LYS A 191 15.95 -27.63 -0.99
C LYS A 191 16.85 -27.89 -2.19
N PHE A 192 16.67 -29.04 -2.83
CA PHE A 192 17.36 -29.40 -4.06
C PHE A 192 16.98 -28.44 -5.19
N ALA A 193 15.68 -28.15 -5.30
CA ALA A 193 15.22 -27.20 -6.32
C ALA A 193 15.86 -25.83 -6.10
N GLN A 194 15.86 -25.39 -4.84
CA GLN A 194 16.43 -24.09 -4.51
C GLN A 194 17.91 -24.02 -4.84
N ALA A 195 18.62 -25.10 -4.52
CA ALA A 195 20.04 -25.21 -4.77
C ALA A 195 20.38 -25.05 -6.26
N HIS A 196 19.42 -25.36 -7.12
CA HIS A 196 19.62 -25.28 -8.56
C HIS A 196 18.97 -24.05 -9.20
N GLY A 197 18.53 -23.10 -8.37
CA GLY A 197 17.98 -21.84 -8.84
C GLY A 197 16.53 -21.88 -9.30
N LEU A 198 15.81 -22.95 -8.94
CA LEU A 198 14.41 -23.11 -9.32
C LEU A 198 13.45 -22.67 -8.21
N SER A 199 12.25 -22.26 -8.61
CA SER A 199 11.20 -21.87 -7.67
C SER A 199 10.00 -22.81 -7.85
N GLY A 200 8.99 -22.65 -7.00
CA GLY A 200 7.82 -23.53 -7.06
C GLY A 200 7.17 -23.60 -8.44
N GLU A 201 7.23 -22.50 -9.18
CA GLU A 201 6.61 -22.44 -10.51
C GLU A 201 7.32 -23.32 -11.55
N ASP A 202 8.52 -23.79 -11.20
CA ASP A 202 9.29 -24.68 -12.08
C ASP A 202 9.02 -26.16 -11.77
N VAL A 203 7.97 -26.43 -10.99
CA VAL A 203 7.62 -27.78 -10.60
C VAL A 203 6.25 -28.20 -11.14
N VAL A 204 6.20 -29.33 -11.84
CA VAL A 204 4.91 -29.90 -12.22
C VAL A 204 4.59 -31.10 -11.31
N VAL A 205 3.36 -31.14 -10.81
CA VAL A 205 2.93 -32.21 -9.89
C VAL A 205 1.74 -32.92 -10.51
N SER A 206 1.84 -34.24 -10.67
CA SER A 206 0.75 -35.00 -11.33
C SER A 206 0.55 -36.39 -10.72
N GLY A 207 -0.38 -37.16 -11.30
CA GLY A 207 -0.77 -38.47 -10.76
C GLY A 207 -2.22 -38.80 -11.10
N HIS A 208 -2.54 -40.09 -11.03
CA HIS A 208 -3.84 -40.61 -11.49
C HIS A 208 -4.51 -41.42 -10.37
N SER A 209 -5.81 -41.22 -10.18
CA SER A 209 -6.63 -41.98 -9.21
C SER A 209 -6.22 -41.61 -7.78
N LEU A 210 -5.78 -42.60 -6.98
CA LEU A 210 -5.22 -42.26 -5.67
C LEU A 210 -4.06 -41.26 -5.83
N GLY A 211 -3.35 -41.35 -6.95
CA GLY A 211 -2.29 -40.38 -7.25
C GLY A 211 -2.85 -38.99 -7.53
N GLY A 212 -4.05 -38.92 -8.12
CA GLY A 212 -4.72 -37.63 -8.35
C GLY A 212 -5.18 -37.03 -7.02
N LEU A 213 -5.68 -37.89 -6.12
CA LEU A 213 -6.00 -37.46 -4.75
C LEU A 213 -4.75 -36.84 -4.11
N ALA A 214 -3.60 -37.51 -4.28
CA ALA A 214 -2.35 -37.03 -3.67
C ALA A 214 -1.94 -35.68 -4.23
N VAL A 215 -2.27 -35.44 -5.49
CA VAL A 215 -2.00 -34.13 -6.11
C VAL A 215 -2.82 -33.03 -5.42
N ASN A 216 -4.11 -33.30 -5.26
CA ASN A 216 -5.02 -32.38 -4.57
C ASN A 216 -4.61 -32.17 -3.10
N SER A 217 -4.20 -33.26 -2.44
CA SER A 217 -3.70 -33.21 -1.07
C SER A 217 -2.47 -32.30 -0.93
N MET A 218 -1.50 -32.48 -1.82
CA MET A 218 -0.29 -31.65 -1.78
C MET A 218 -0.65 -30.17 -1.94
N ALA A 219 -1.54 -29.89 -2.89
CA ALA A 219 -1.99 -28.52 -3.13
C ALA A 219 -2.63 -27.96 -1.86
N ALA A 220 -3.48 -28.78 -1.24
CA ALA A 220 -4.18 -28.36 -0.01
C ALA A 220 -3.23 -28.04 1.15
N GLN A 221 -2.02 -28.60 1.12
CA GLN A 221 -1.04 -28.38 2.20
C GLN A 221 0.04 -27.35 1.84
N SER A 222 0.03 -26.88 0.60
CA SER A 222 1.18 -26.16 0.04
C SER A 222 1.34 -24.70 0.49
N ASP A 223 0.28 -24.08 1.01
CA ASP A 223 0.39 -22.71 1.53
C ASP A 223 1.12 -22.68 2.85
N ALA A 224 0.87 -23.69 3.68
CA ALA A 224 1.39 -23.74 5.05
C ALA A 224 2.68 -24.55 5.22
N ASN A 225 2.83 -25.61 4.45
CA ASN A 225 3.99 -26.51 4.62
C ASN A 225 5.15 -26.23 3.67
N TRP A 226 6.32 -26.78 3.98
CA TRP A 226 7.51 -26.68 3.13
C TRP A 226 7.94 -25.23 2.84
N GLY A 227 7.73 -24.35 3.82
CA GLY A 227 8.06 -22.93 3.67
C GLY A 227 7.23 -22.21 2.63
N GLY A 228 6.16 -22.87 2.19
CA GLY A 228 5.31 -22.32 1.13
C GLY A 228 5.94 -22.45 -0.25
N PHE A 229 7.04 -23.22 -0.33
CA PHE A 229 7.78 -23.35 -1.58
C PHE A 229 6.89 -23.77 -2.77
N TYR A 230 5.95 -24.66 -2.54
CA TYR A 230 5.13 -25.22 -3.62
C TYR A 230 3.76 -24.52 -3.79
N ALA A 231 3.55 -23.39 -3.12
CA ALA A 231 2.26 -22.69 -3.20
C ALA A 231 1.86 -22.37 -4.64
N GLN A 232 2.83 -22.02 -5.47
CA GLN A 232 2.57 -21.65 -6.86
C GLN A 232 3.03 -22.71 -7.85
N SER A 233 3.17 -23.94 -7.39
CA SER A 233 3.51 -25.06 -8.28
C SER A 233 2.34 -25.43 -9.21
N ASN A 234 2.63 -26.20 -10.26
CA ASN A 234 1.61 -26.55 -11.26
C ASN A 234 0.99 -27.91 -10.98
N TYR A 235 -0.26 -27.90 -10.50
CA TYR A 235 -0.95 -29.13 -10.08
C TYR A 235 -1.95 -29.62 -11.14
N VAL A 236 -1.63 -30.74 -11.78
CA VAL A 236 -2.49 -31.34 -12.81
C VAL A 236 -2.87 -32.76 -12.35
N ALA A 237 -4.12 -32.95 -11.92
CA ALA A 237 -4.57 -34.23 -11.37
C ALA A 237 -5.46 -34.98 -12.35
N PHE A 238 -5.20 -36.28 -12.51
CA PHE A 238 -6.00 -37.14 -13.38
C PHE A 238 -6.85 -38.12 -12.57
N ALA A 239 -8.13 -38.22 -12.94
CA ALA A 239 -9.07 -39.20 -12.34
C ALA A 239 -9.14 -39.16 -10.81
N SER A 240 -8.98 -37.97 -10.21
CA SER A 240 -9.04 -37.85 -8.76
C SER A 240 -10.48 -37.96 -8.25
N PRO A 241 -10.68 -38.69 -7.13
CA PRO A 241 -12.00 -38.68 -6.50
C PRO A 241 -12.27 -37.34 -5.77
N THR A 242 -11.21 -36.61 -5.42
CA THR A 242 -11.33 -35.37 -4.64
C THR A 242 -10.96 -34.12 -5.43
N GLN A 243 -11.39 -32.96 -4.93
CA GLN A 243 -10.97 -31.66 -5.47
C GLN A 243 -10.59 -30.69 -4.36
N TYR A 244 -9.41 -30.08 -4.49
CA TYR A 244 -9.04 -28.93 -3.68
C TYR A 244 -9.12 -27.70 -4.57
N GLU A 245 -10.03 -26.79 -4.24
CA GLU A 245 -10.36 -25.68 -5.12
C GLU A 245 -10.07 -24.28 -4.55
N ALA A 246 -9.79 -24.20 -3.27
CA ALA A 246 -9.44 -22.92 -2.64
C ALA A 246 -8.11 -22.42 -3.18
N GLY A 247 -8.09 -21.22 -3.77
CA GLY A 247 -6.86 -20.66 -4.34
C GLY A 247 -6.62 -21.01 -5.80
N GLY A 248 -7.50 -21.84 -6.36
CA GLY A 248 -7.40 -22.24 -7.77
C GLY A 248 -6.07 -22.82 -8.21
N LYS A 249 -5.55 -23.77 -7.43
CA LYS A 249 -4.25 -24.38 -7.68
C LYS A 249 -4.25 -25.61 -8.59
N VAL A 250 -5.38 -26.30 -8.67
CA VAL A 250 -5.44 -27.60 -9.33
C VAL A 250 -6.40 -27.65 -10.51
N ILE A 251 -5.96 -28.23 -11.62
CA ILE A 251 -6.89 -28.63 -12.68
C ILE A 251 -7.15 -30.14 -12.54
N ASN A 252 -8.43 -30.51 -12.46
CA ASN A 252 -8.83 -31.90 -12.31
C ASN A 252 -9.40 -32.47 -13.63
N ILE A 253 -8.59 -33.30 -14.28
CA ILE A 253 -8.92 -33.84 -15.61
C ILE A 253 -9.34 -35.30 -15.56
N GLY A 254 -10.42 -35.65 -16.26
CA GLY A 254 -10.88 -37.04 -16.23
C GLY A 254 -12.09 -37.22 -17.14
N TYR A 255 -12.52 -38.47 -17.26
CA TYR A 255 -13.66 -38.83 -18.07
C TYR A 255 -14.93 -38.91 -17.22
N GLU A 256 -16.02 -38.32 -17.72
CA GLU A 256 -17.27 -38.30 -16.93
C GLU A 256 -17.83 -39.70 -16.63
N ASN A 257 -17.51 -40.69 -17.47
CA ASN A 257 -17.99 -42.05 -17.23
C ASN A 257 -16.99 -42.92 -16.42
N ASP A 258 -15.94 -42.30 -15.91
CA ASP A 258 -15.00 -42.94 -14.98
C ASP A 258 -15.61 -42.79 -13.58
N PRO A 259 -16.04 -43.89 -12.94
CA PRO A 259 -16.79 -43.79 -11.68
C PRO A 259 -15.93 -43.28 -10.51
N VAL A 260 -14.59 -43.31 -10.65
CA VAL A 260 -13.72 -42.78 -9.59
C VAL A 260 -13.63 -41.26 -9.64
N PHE A 261 -13.69 -40.73 -10.86
CA PHE A 261 -13.47 -39.30 -11.11
C PHE A 261 -14.59 -38.45 -10.48
N ARG A 262 -14.21 -37.58 -9.54
CA ARG A 262 -15.15 -36.73 -8.80
C ARG A 262 -16.11 -37.53 -7.91
N ALA A 263 -15.72 -38.74 -7.51
CA ALA A 263 -16.59 -39.53 -6.61
C ALA A 263 -16.92 -38.80 -5.29
N LEU A 264 -15.98 -38.00 -4.80
CA LEU A 264 -16.21 -37.22 -3.59
C LEU A 264 -16.51 -35.75 -3.95
N ASP A 265 -17.29 -35.09 -3.10
CA ASP A 265 -17.69 -33.70 -3.31
C ASP A 265 -16.75 -32.84 -2.47
N GLY A 266 -15.70 -32.34 -3.11
CA GLY A 266 -14.61 -31.70 -2.36
C GLY A 266 -13.83 -32.87 -1.79
N THR A 267 -14.02 -33.15 -0.50
CA THR A 267 -13.53 -34.41 0.07
C THR A 267 -14.64 -35.19 0.76
N SER A 268 -15.89 -34.74 0.59
CA SER A 268 -17.03 -35.32 1.30
C SER A 268 -17.72 -36.48 0.59
N LEU A 269 -18.07 -37.52 1.36
CA LEU A 269 -18.90 -38.60 0.85
C LEU A 269 -20.36 -38.12 0.79
N THR A 270 -20.98 -38.26 -0.38
CA THR A 270 -22.40 -37.91 -0.54
C THR A 270 -23.14 -39.07 -1.20
N LEU A 271 -24.47 -38.98 -1.28
CA LEU A 271 -25.26 -40.06 -1.89
C LEU A 271 -24.81 -40.37 -3.34
N PRO A 272 -24.62 -39.33 -4.17
CA PRO A 272 -24.09 -39.56 -5.53
C PRO A 272 -22.75 -40.31 -5.58
N SER A 273 -22.00 -40.30 -4.48
CA SER A 273 -20.70 -41.00 -4.46
C SER A 273 -20.83 -42.47 -4.87
N LEU A 274 -21.95 -43.08 -4.53
CA LEU A 274 -22.16 -44.49 -4.84
C LEU A 274 -22.97 -44.74 -6.12
N GLY A 275 -23.27 -43.66 -6.86
CA GLY A 275 -23.99 -43.78 -8.13
C GLY A 275 -23.38 -42.86 -9.17
N VAL A 276 -24.23 -42.15 -9.92
CA VAL A 276 -23.76 -41.18 -10.90
C VAL A 276 -23.46 -39.87 -10.17
N HIS A 277 -22.27 -39.31 -10.38
CA HIS A 277 -21.90 -38.04 -9.74
C HIS A 277 -21.30 -37.08 -10.76
N ASP A 278 -22.16 -36.49 -11.58
CA ASP A 278 -21.72 -35.63 -12.70
C ASP A 278 -22.08 -34.16 -12.47
N ALA A 279 -22.35 -33.77 -11.22
CA ALA A 279 -22.55 -32.35 -10.92
C ALA A 279 -21.24 -31.67 -11.30
N PRO A 280 -21.30 -30.53 -12.01
CA PRO A 280 -20.01 -29.96 -12.46
C PRO A 280 -19.19 -29.34 -11.33
N HIS A 281 -17.87 -29.51 -11.37
CA HIS A 281 -16.97 -28.86 -10.41
C HIS A 281 -16.15 -27.78 -11.11
N THR A 282 -15.88 -26.70 -10.39
CA THR A 282 -15.19 -25.56 -10.97
C THR A 282 -13.77 -25.90 -11.45
N SER A 283 -13.06 -26.80 -10.75
CA SER A 283 -11.68 -27.15 -11.16
C SER A 283 -11.59 -28.26 -12.23
N ALA A 284 -12.73 -28.83 -12.61
CA ALA A 284 -12.75 -30.07 -13.41
C ALA A 284 -13.18 -29.92 -14.87
N THR A 285 -12.66 -30.79 -15.73
CA THR A 285 -13.18 -30.97 -17.08
C THR A 285 -14.39 -31.89 -16.92
N ASN A 286 -15.60 -31.35 -17.01
CA ASN A 286 -16.79 -32.12 -16.58
C ASN A 286 -17.47 -32.98 -17.65
N ASN A 287 -17.03 -32.84 -18.91
CA ASN A 287 -17.80 -33.43 -20.02
C ASN A 287 -17.01 -34.17 -21.10
N ILE A 288 -15.95 -34.88 -20.70
CA ILE A 288 -15.19 -35.72 -21.64
C ILE A 288 -15.64 -37.19 -21.49
N VAL A 289 -16.05 -37.82 -22.60
CA VAL A 289 -16.53 -39.20 -22.56
C VAL A 289 -15.47 -40.18 -23.05
N ASN A 290 -15.25 -41.24 -22.27
CA ASN A 290 -14.40 -42.36 -22.71
C ASN A 290 -15.30 -43.31 -23.49
N PHE A 291 -15.33 -43.18 -24.82
CA PHE A 291 -16.24 -44.02 -25.64
C PHE A 291 -15.63 -45.40 -25.88
N ASN A 292 -15.81 -46.30 -24.92
CA ASN A 292 -15.24 -47.63 -24.98
C ASN A 292 -16.34 -48.71 -25.10
N ASP A 293 -15.95 -49.98 -25.11
CA ASP A 293 -16.91 -51.05 -25.34
C ASP A 293 -18.00 -51.09 -24.25
N HIS A 294 -17.65 -50.72 -23.02
CA HIS A 294 -18.65 -50.70 -21.93
C HIS A 294 -19.67 -49.58 -22.13
N TYR A 295 -19.19 -48.37 -22.39
CA TYR A 295 -20.06 -47.22 -22.59
C TYR A 295 -21.01 -47.45 -23.77
N ALA A 296 -20.48 -48.06 -24.82
CA ALA A 296 -21.27 -48.31 -26.03
C ALA A 296 -22.39 -49.36 -25.87
N SER A 297 -22.25 -50.23 -24.88
CA SER A 297 -23.12 -51.41 -24.77
C SER A 297 -24.39 -51.16 -23.95
N ASP A 298 -25.55 -51.22 -24.61
CA ASP A 298 -26.82 -51.20 -23.84
C ASP A 298 -26.90 -52.33 -22.81
N ALA A 299 -26.42 -53.52 -23.17
CA ALA A 299 -26.49 -54.66 -22.26
C ALA A 299 -25.68 -54.46 -20.98
N TRP A 300 -24.44 -53.97 -21.11
CA TRP A 300 -23.65 -53.68 -19.91
C TRP A 300 -24.32 -52.64 -19.03
N ASN A 301 -25.00 -51.69 -19.65
CA ASN A 301 -25.59 -50.60 -18.87
C ASN A 301 -26.99 -50.89 -18.34
N LEU A 302 -27.43 -52.14 -18.43
CA LEU A 302 -28.62 -52.56 -17.68
C LEU A 302 -28.30 -52.60 -16.18
N LEU A 303 -27.02 -52.71 -15.86
CA LEU A 303 -26.55 -52.60 -14.49
C LEU A 303 -26.40 -51.11 -14.16
N PRO A 304 -26.79 -50.71 -12.94
CA PRO A 304 -26.62 -49.31 -12.50
C PRO A 304 -25.17 -48.86 -12.46
N PHE A 305 -24.92 -47.65 -12.94
CA PHE A 305 -23.59 -47.08 -12.93
C PHE A 305 -23.21 -46.78 -11.47
N SER A 306 -22.05 -47.28 -11.05
CA SER A 306 -21.60 -47.13 -9.67
C SER A 306 -20.13 -47.52 -9.53
N ILE A 307 -19.43 -46.86 -8.62
CA ILE A 307 -18.05 -47.26 -8.28
C ILE A 307 -18.03 -48.66 -7.66
N LEU A 308 -19.19 -49.14 -7.20
CA LEU A 308 -19.30 -50.49 -6.63
C LEU A 308 -19.53 -51.54 -7.73
N ASN A 309 -19.78 -51.08 -8.95
CA ASN A 309 -20.00 -51.96 -10.11
C ASN A 309 -18.67 -52.12 -10.85
N ILE A 310 -17.97 -53.22 -10.58
CA ILE A 310 -16.58 -53.35 -11.06
C ILE A 310 -16.38 -53.18 -12.59
N PRO A 311 -17.24 -53.79 -13.41
CA PRO A 311 -17.13 -53.54 -14.86
C PRO A 311 -17.02 -52.06 -15.28
N THR A 312 -17.63 -51.13 -14.53
CA THR A 312 -17.57 -49.71 -14.91
C THR A 312 -16.17 -49.13 -14.77
N TRP A 313 -15.31 -49.82 -14.04
CA TRP A 313 -13.93 -49.37 -13.84
C TRP A 313 -13.09 -49.46 -15.11
N LEU A 314 -13.60 -50.14 -16.13
CA LEU A 314 -12.90 -50.16 -17.43
C LEU A 314 -12.44 -48.74 -17.83
N SER A 315 -13.34 -47.76 -17.64
CA SER A 315 -13.14 -46.40 -18.12
C SER A 315 -12.05 -45.64 -17.34
N HIS A 316 -11.59 -46.22 -16.23
CA HIS A 316 -10.61 -45.61 -15.33
C HIS A 316 -9.15 -45.96 -15.69
N LEU A 317 -8.93 -46.98 -16.54
CA LEU A 317 -7.57 -47.52 -16.73
C LEU A 317 -6.59 -46.45 -17.31
N PRO A 318 -5.35 -46.41 -16.79
CA PRO A 318 -4.36 -45.39 -17.20
C PRO A 318 -4.07 -45.33 -18.69
N PHE A 319 -4.12 -46.47 -19.39
CA PHE A 319 -3.82 -46.44 -20.83
C PHE A 319 -4.88 -45.66 -21.62
N PHE A 320 -6.13 -45.66 -21.14
CA PHE A 320 -7.17 -44.87 -21.80
C PHE A 320 -6.92 -43.37 -21.59
N TYR A 321 -6.39 -43.03 -20.42
CA TYR A 321 -6.03 -41.64 -20.13
C TYR A 321 -4.88 -41.17 -21.01
N GLN A 322 -3.81 -41.94 -21.05
CA GLN A 322 -2.64 -41.60 -21.86
C GLN A 322 -2.99 -41.45 -23.35
N ASP A 323 -3.56 -42.50 -23.92
CA ASP A 323 -3.82 -42.52 -25.37
C ASP A 323 -4.92 -41.55 -25.79
N GLY A 324 -6.05 -41.58 -25.07
CA GLY A 324 -7.21 -40.76 -25.40
C GLY A 324 -7.00 -39.27 -25.23
N LEU A 325 -6.42 -38.89 -24.09
CA LEU A 325 -6.24 -37.47 -23.79
C LEU A 325 -5.12 -36.82 -24.62
N MET A 326 -4.10 -37.59 -25.03
CA MET A 326 -3.13 -37.04 -25.99
C MET A 326 -3.79 -36.77 -27.36
N ARG A 327 -4.76 -37.60 -27.76
CA ARG A 327 -5.48 -37.31 -29.00
C ARG A 327 -6.33 -36.03 -28.89
N VAL A 328 -6.88 -35.76 -27.70
CA VAL A 328 -7.60 -34.52 -27.48
C VAL A 328 -6.62 -33.36 -27.61
N LEU A 329 -5.49 -33.47 -26.91
CA LEU A 329 -4.47 -32.43 -26.92
C LEU A 329 -3.99 -32.13 -28.35
N ASN A 330 -3.78 -33.18 -29.14
CA ASN A 330 -3.24 -33.03 -30.49
C ASN A 330 -4.31 -32.79 -31.55
N SER A 331 -5.57 -32.64 -31.14
CA SER A 331 -6.67 -32.46 -32.12
C SER A 331 -6.53 -31.18 -32.95
N GLU A 332 -6.90 -31.29 -34.23
CA GLU A 332 -6.97 -30.16 -35.13
C GLU A 332 -7.94 -29.10 -34.59
N PHE A 333 -8.86 -29.51 -33.73
CA PHE A 333 -9.85 -28.58 -33.17
C PHE A 333 -9.52 -28.09 -31.75
N TYR A 334 -8.35 -28.41 -31.23
CA TYR A 334 -8.05 -28.09 -29.83
C TYR A 334 -8.29 -26.60 -29.49
N SER A 335 -7.88 -25.71 -30.38
CA SER A 335 -7.94 -24.27 -30.07
C SER A 335 -9.38 -23.73 -29.99
N LEU A 336 -10.35 -24.58 -30.34
CA LEU A 336 -11.76 -24.22 -30.22
C LEU A 336 -12.40 -24.71 -28.90
N THR A 337 -11.67 -25.50 -28.12
CA THR A 337 -12.24 -26.14 -26.91
C THR A 337 -12.12 -25.27 -25.64
N ASP A 338 -12.99 -25.55 -24.67
CA ASP A 338 -13.02 -24.92 -23.35
C ASP A 338 -13.04 -26.02 -22.29
N LYS A 339 -12.73 -25.67 -21.03
CA LYS A 339 -12.75 -26.63 -19.90
C LYS A 339 -13.95 -27.58 -19.93
N ASP A 340 -15.14 -27.04 -20.16
CA ASP A 340 -16.33 -27.88 -20.09
C ASP A 340 -16.94 -28.28 -21.46
N SER A 341 -16.14 -28.19 -22.52
CA SER A 341 -16.58 -28.68 -23.83
C SER A 341 -16.97 -30.15 -23.80
N THR A 342 -18.03 -30.52 -24.52
CA THR A 342 -18.41 -31.92 -24.66
C THR A 342 -17.46 -32.57 -25.64
N ILE A 343 -16.68 -33.55 -25.19
CA ILE A 343 -15.71 -34.24 -26.05
C ILE A 343 -15.90 -35.76 -25.95
N ILE A 344 -16.18 -36.39 -27.09
CA ILE A 344 -16.37 -37.85 -27.15
C ILE A 344 -15.12 -38.47 -27.75
N VAL A 345 -14.40 -39.27 -26.95
CA VAL A 345 -13.11 -39.84 -27.40
C VAL A 345 -13.25 -41.32 -27.76
N SER A 346 -12.97 -41.66 -29.02
CA SER A 346 -13.11 -43.06 -29.46
C SER A 346 -12.06 -43.95 -28.81
N ASN A 347 -12.52 -44.92 -28.02
CA ASN A 347 -11.63 -45.86 -27.33
C ASN A 347 -12.18 -47.29 -27.46
N LEU A 348 -12.64 -47.66 -28.65
CA LEU A 348 -13.22 -48.99 -28.89
C LEU A 348 -12.19 -50.09 -29.13
N SER A 349 -12.56 -51.34 -28.88
CA SER A 349 -11.68 -52.45 -29.22
C SER A 349 -11.72 -52.71 -30.72
N ASN A 350 -10.82 -53.57 -31.21
CA ASN A 350 -10.85 -53.98 -32.61
C ASN A 350 -12.09 -54.81 -32.91
N VAL A 351 -12.68 -55.39 -31.88
CA VAL A 351 -13.89 -56.19 -32.03
C VAL A 351 -15.13 -55.37 -32.41
N THR A 352 -15.17 -54.12 -31.95
CA THR A 352 -16.38 -53.30 -32.06
C THR A 352 -16.20 -52.10 -32.97
N ARG A 353 -14.96 -51.71 -33.25
CA ARG A 353 -14.73 -50.45 -33.97
C ARG A 353 -15.40 -50.48 -35.36
N GLY A 354 -15.47 -51.66 -35.95
CA GLY A 354 -16.01 -51.78 -37.31
C GLY A 354 -17.53 -51.84 -37.43
N ASN A 355 -18.22 -51.88 -36.29
CA ASN A 355 -19.67 -52.04 -36.28
C ASN A 355 -20.40 -51.17 -35.27
N THR A 356 -19.68 -50.25 -34.62
CA THR A 356 -20.26 -49.41 -33.58
C THR A 356 -20.01 -47.95 -33.89
N TRP A 357 -21.06 -47.13 -33.92
CA TRP A 357 -20.90 -45.70 -34.21
C TRP A 357 -20.45 -44.94 -32.96
N VAL A 358 -19.41 -44.13 -33.07
CA VAL A 358 -18.99 -43.25 -31.96
C VAL A 358 -19.89 -42.01 -32.00
N GLU A 359 -20.65 -41.81 -30.92
CA GLU A 359 -21.68 -40.76 -30.89
C GLU A 359 -21.96 -40.35 -29.46
N ASP A 360 -22.58 -39.19 -29.28
CA ASP A 360 -22.90 -38.73 -27.93
C ASP A 360 -24.18 -39.36 -27.41
N LEU A 361 -24.05 -40.49 -26.73
CA LEU A 361 -25.19 -41.19 -26.12
C LEU A 361 -25.69 -40.46 -24.88
N ASN A 362 -24.84 -39.63 -24.31
CA ASN A 362 -25.15 -38.87 -23.08
C ASN A 362 -25.55 -39.81 -21.93
N ARG A 363 -24.99 -41.01 -21.93
CA ARG A 363 -25.30 -42.03 -20.93
C ARG A 363 -24.74 -41.65 -19.56
N ASN A 364 -25.54 -41.89 -18.52
CA ASN A 364 -25.10 -41.72 -17.13
C ASN A 364 -24.37 -40.40 -16.89
N ALA A 365 -25.01 -39.30 -17.31
CA ALA A 365 -24.40 -37.96 -17.24
C ALA A 365 -25.46 -36.86 -17.33
N GLU A 366 -25.16 -35.67 -16.83
CA GLU A 366 -26.06 -34.53 -17.02
C GLU A 366 -26.20 -34.25 -18.51
N THR A 367 -27.33 -33.67 -18.92
CA THR A 367 -27.54 -33.33 -20.32
C THR A 367 -26.40 -32.45 -20.83
N HIS A 368 -25.81 -32.83 -21.97
CA HIS A 368 -24.72 -32.04 -22.56
C HIS A 368 -25.26 -30.79 -23.26
N SER A 369 -24.43 -29.76 -23.39
CA SER A 369 -24.82 -28.56 -24.14
C SER A 369 -23.61 -27.97 -24.86
N GLY A 370 -23.85 -27.03 -25.77
CA GLY A 370 -22.75 -26.41 -26.52
C GLY A 370 -22.33 -27.30 -27.68
N PRO A 371 -21.26 -26.92 -28.39
CA PRO A 371 -20.81 -27.73 -29.51
C PRO A 371 -20.26 -29.07 -29.02
N THR A 372 -20.29 -30.08 -29.88
CA THR A 372 -19.74 -31.40 -29.52
C THR A 372 -18.54 -31.75 -30.40
N PHE A 373 -17.47 -32.19 -29.77
CA PHE A 373 -16.25 -32.59 -30.48
C PHE A 373 -16.14 -34.10 -30.41
N ILE A 374 -15.96 -34.77 -31.54
CA ILE A 374 -15.79 -36.24 -31.51
C ILE A 374 -14.42 -36.59 -32.13
N ILE A 375 -13.59 -37.25 -31.33
CA ILE A 375 -12.19 -37.53 -31.70
C ILE A 375 -12.02 -38.99 -32.06
N GLY A 376 -11.66 -39.24 -33.32
CA GLY A 376 -11.45 -40.61 -33.81
C GLY A 376 -10.11 -41.20 -33.38
N SER A 377 -9.83 -42.39 -33.91
CA SER A 377 -8.59 -43.12 -33.66
C SER A 377 -7.78 -43.18 -34.93
N ASP A 378 -6.55 -43.67 -34.85
CA ASP A 378 -5.78 -43.82 -36.08
C ASP A 378 -6.20 -45.07 -36.87
N GLY A 379 -7.24 -45.75 -36.40
CA GLY A 379 -7.88 -46.84 -37.13
C GLY A 379 -9.08 -46.40 -37.96
N ASN A 380 -9.83 -47.38 -38.49
CA ASN A 380 -10.98 -47.11 -39.33
C ASN A 380 -12.19 -46.91 -38.44
N ASP A 381 -12.67 -45.67 -38.36
CA ASP A 381 -13.75 -45.30 -37.45
C ASP A 381 -15.09 -45.07 -38.14
N LEU A 382 -16.16 -45.27 -37.37
CA LEU A 382 -17.51 -44.85 -37.72
C LEU A 382 -17.89 -43.75 -36.74
N ILE A 383 -18.12 -42.53 -37.23
CA ILE A 383 -18.35 -41.36 -36.35
C ILE A 383 -19.67 -40.70 -36.72
N LYS A 384 -20.55 -40.49 -35.73
CA LYS A 384 -21.85 -39.86 -35.98
C LYS A 384 -22.10 -38.64 -35.11
N GLY A 385 -22.27 -37.48 -35.76
CA GLY A 385 -22.62 -36.25 -35.04
C GLY A 385 -24.14 -36.12 -34.88
N GLY A 386 -24.57 -35.34 -33.89
CA GLY A 386 -25.99 -35.16 -33.61
C GLY A 386 -26.66 -33.98 -34.31
N LYS A 387 -27.85 -33.61 -33.84
CA LYS A 387 -28.65 -32.57 -34.50
C LYS A 387 -28.13 -31.17 -34.23
N GLY A 388 -27.27 -31.03 -33.22
CA GLY A 388 -26.66 -29.73 -32.93
C GLY A 388 -25.34 -29.56 -33.68
N ASN A 389 -24.51 -28.64 -33.20
CA ASN A 389 -23.25 -28.31 -33.90
C ASN A 389 -22.11 -29.24 -33.50
N ASP A 390 -21.42 -29.80 -34.49
CA ASP A 390 -20.44 -30.86 -34.25
C ASP A 390 -19.12 -30.60 -34.94
N TYR A 391 -18.03 -31.03 -34.31
CA TYR A 391 -16.68 -30.97 -34.85
C TYR A 391 -16.15 -32.41 -34.85
N LEU A 392 -16.07 -33.03 -36.03
CA LEU A 392 -15.74 -34.46 -36.11
C LEU A 392 -14.34 -34.67 -36.70
N GLU A 393 -13.50 -35.40 -35.98
CA GLU A 393 -12.10 -35.61 -36.41
C GLU A 393 -11.77 -37.10 -36.62
N GLY A 394 -11.53 -37.48 -37.88
CA GLY A 394 -11.21 -38.87 -38.21
C GLY A 394 -9.81 -39.37 -37.91
N ARG A 395 -8.81 -38.48 -38.01
CA ARG A 395 -7.40 -38.87 -37.95
C ARG A 395 -7.07 -39.92 -39.04
N ASP A 396 -6.02 -40.70 -38.83
CA ASP A 396 -5.59 -41.68 -39.82
C ASP A 396 -6.66 -42.76 -39.99
N GLY A 397 -6.51 -43.57 -41.03
CA GLY A 397 -7.46 -44.65 -41.32
C GLY A 397 -8.62 -44.19 -42.20
N ASP A 398 -9.34 -45.19 -42.72
CA ASP A 398 -10.49 -44.96 -43.59
C ASP A 398 -11.71 -44.78 -42.70
N ASP A 399 -12.19 -43.55 -42.61
CA ASP A 399 -13.25 -43.21 -41.67
C ASP A 399 -14.56 -42.92 -42.42
N ILE A 400 -15.69 -43.17 -41.75
CA ILE A 400 -17.01 -42.87 -42.32
C ILE A 400 -17.76 -41.98 -41.33
N PHE A 401 -18.29 -40.87 -41.84
CA PHE A 401 -18.98 -39.90 -40.99
C PHE A 401 -20.46 -39.82 -41.33
N ARG A 402 -21.27 -39.64 -40.28
CA ARG A 402 -22.69 -39.29 -40.39
C ARG A 402 -22.93 -38.07 -39.52
N ASP A 403 -23.97 -37.28 -39.83
CA ASP A 403 -24.37 -36.19 -38.92
C ASP A 403 -25.85 -35.84 -39.09
N ALA A 404 -26.53 -35.61 -37.97
CA ALA A 404 -27.99 -35.48 -37.98
C ALA A 404 -28.52 -34.05 -38.20
N GLY A 405 -27.63 -33.06 -38.20
CA GLY A 405 -28.08 -31.68 -38.46
C GLY A 405 -27.18 -30.59 -37.92
N GLY A 406 -27.65 -29.34 -38.02
CA GLY A 406 -26.92 -28.20 -37.48
C GLY A 406 -25.76 -27.77 -38.36
N TYR A 407 -24.79 -27.11 -37.73
CA TYR A 407 -23.63 -26.54 -38.42
C TYR A 407 -22.37 -27.24 -37.95
N ASN A 408 -21.59 -27.78 -38.88
CA ASN A 408 -20.58 -28.77 -38.55
C ASN A 408 -19.26 -28.60 -39.31
N LEU A 409 -18.15 -28.98 -38.67
CA LEU A 409 -16.84 -29.10 -39.34
C LEU A 409 -16.37 -30.54 -39.26
N ILE A 410 -15.91 -31.08 -40.38
CA ILE A 410 -15.44 -32.46 -40.44
C ILE A 410 -14.03 -32.53 -41.03
N ALA A 411 -13.10 -33.14 -40.32
CA ALA A 411 -11.75 -33.32 -40.83
C ALA A 411 -11.47 -34.80 -41.02
N GLY A 412 -11.51 -35.26 -42.27
CA GLY A 412 -11.35 -36.69 -42.55
C GLY A 412 -9.97 -37.24 -42.21
N GLY A 413 -8.96 -36.37 -42.23
CA GLY A 413 -7.55 -36.76 -42.07
C GLY A 413 -7.03 -37.59 -43.23
N LYS A 414 -5.92 -38.29 -43.02
CA LYS A 414 -5.40 -39.23 -44.00
C LYS A 414 -6.41 -40.36 -44.22
N GLY A 415 -6.18 -41.12 -45.29
CA GLY A 415 -7.02 -42.27 -45.62
C GLY A 415 -8.10 -41.98 -46.63
N HIS A 416 -8.86 -43.02 -46.97
CA HIS A 416 -10.02 -42.91 -47.82
C HIS A 416 -11.25 -42.68 -46.94
N ASN A 417 -11.73 -41.45 -46.90
CA ASN A 417 -12.84 -41.09 -45.98
C ASN A 417 -14.16 -40.82 -46.72
N ILE A 418 -15.28 -41.17 -46.06
CA ILE A 418 -16.60 -41.12 -46.65
C ILE A 418 -17.56 -40.31 -45.81
N PHE A 419 -18.35 -39.43 -46.43
CA PHE A 419 -19.47 -38.81 -45.71
C PHE A 419 -20.79 -39.42 -46.20
N ASP A 420 -21.59 -39.92 -45.25
CA ASP A 420 -22.81 -40.65 -45.54
C ASP A 420 -24.04 -39.82 -45.13
N THR A 421 -24.81 -39.35 -46.11
CA THR A 421 -25.96 -38.47 -45.83
C THR A 421 -27.17 -39.22 -45.27
N GLN A 422 -27.21 -40.54 -45.50
CA GLN A 422 -28.33 -41.39 -45.09
C GLN A 422 -29.67 -41.10 -45.76
N GLN A 423 -29.66 -40.31 -46.84
CA GLN A 423 -30.90 -40.02 -47.56
C GLN A 423 -30.65 -39.65 -49.01
N ALA A 424 -31.72 -39.41 -49.76
CA ALA A 424 -31.61 -39.09 -51.18
C ALA A 424 -30.70 -37.88 -51.40
N LEU A 425 -29.84 -37.96 -52.41
CA LEU A 425 -28.92 -36.85 -52.69
C LEU A 425 -29.65 -35.54 -53.01
N LYS A 426 -30.82 -35.66 -53.66
CA LYS A 426 -31.61 -34.47 -54.01
C LYS A 426 -32.00 -33.61 -52.80
N ASN A 427 -31.90 -34.18 -51.60
CA ASN A 427 -32.30 -33.48 -50.36
C ASN A 427 -31.18 -32.64 -49.76
N THR A 428 -30.00 -32.72 -50.35
CA THR A 428 -28.81 -32.01 -49.87
C THR A 428 -28.24 -31.14 -50.97
N GLU A 429 -27.90 -29.90 -50.66
CA GLU A 429 -27.20 -29.06 -51.64
C GLU A 429 -25.73 -29.35 -51.50
N VAL A 430 -25.05 -29.67 -52.60
CA VAL A 430 -23.64 -30.07 -52.50
C VAL A 430 -22.73 -29.23 -53.38
N ALA A 431 -21.66 -28.66 -52.82
CA ALA A 431 -20.66 -27.94 -53.61
C ALA A 431 -19.23 -28.24 -53.09
N TYR A 432 -18.21 -27.79 -53.81
CA TYR A 432 -16.83 -28.18 -53.51
C TYR A 432 -15.90 -27.06 -53.93
N ASP A 433 -14.99 -26.63 -53.07
CA ASP A 433 -14.09 -25.51 -53.41
C ASP A 433 -12.75 -26.00 -53.96
N GLY A 434 -12.63 -27.32 -54.13
CA GLY A 434 -11.41 -27.93 -54.65
C GLY A 434 -10.69 -28.75 -53.59
N ASN A 435 -11.06 -28.50 -52.33
CA ASN A 435 -10.46 -29.17 -51.17
C ASN A 435 -11.54 -29.55 -50.14
N THR A 436 -12.45 -28.61 -49.91
CA THR A 436 -13.51 -28.73 -48.89
C THR A 436 -14.87 -28.94 -49.53
N LEU A 437 -15.60 -29.91 -49.01
CA LEU A 437 -16.94 -30.22 -49.46
C LEU A 437 -17.91 -29.38 -48.62
N TYR A 438 -18.86 -28.72 -49.25
CA TYR A 438 -19.90 -27.94 -48.55
C TYR A 438 -21.24 -28.63 -48.72
N LEU A 439 -21.95 -28.90 -47.62
CA LEU A 439 -23.26 -29.54 -47.68
C LEU A 439 -24.29 -28.73 -46.90
N ARG A 440 -25.40 -28.38 -47.54
CA ARG A 440 -26.50 -27.69 -46.84
C ARG A 440 -27.78 -28.51 -46.82
N ASP A 441 -28.31 -28.76 -45.62
CA ASP A 441 -29.53 -29.57 -45.49
C ASP A 441 -30.81 -28.75 -45.71
N ALA A 442 -31.94 -29.44 -45.64
CA ALA A 442 -33.23 -28.82 -45.92
C ALA A 442 -33.64 -27.75 -44.89
N LYS A 443 -32.97 -27.73 -43.74
CA LYS A 443 -33.25 -26.73 -42.71
C LYS A 443 -32.25 -25.58 -42.72
N GLY A 444 -31.31 -25.62 -43.64
CA GLY A 444 -30.30 -24.56 -43.76
C GLY A 444 -29.00 -24.81 -43.02
N GLY A 445 -28.90 -25.92 -42.30
CA GLY A 445 -27.66 -26.31 -41.62
C GLY A 445 -26.54 -26.59 -42.61
N ILE A 446 -25.34 -26.06 -42.35
CA ILE A 446 -24.22 -26.19 -43.27
C ILE A 446 -23.06 -26.97 -42.64
N THR A 447 -22.53 -27.92 -43.42
CA THR A 447 -21.36 -28.71 -43.04
C THR A 447 -20.19 -28.45 -43.99
N LEU A 448 -19.00 -28.24 -43.44
CA LEU A 448 -17.77 -28.16 -44.22
C LEU A 448 -16.95 -29.41 -43.90
N ALA A 449 -16.51 -30.14 -44.93
CA ALA A 449 -15.79 -31.40 -44.70
C ALA A 449 -14.54 -31.51 -45.57
N ASP A 450 -13.40 -31.72 -44.92
CA ASP A 450 -12.09 -31.81 -45.57
C ASP A 450 -11.70 -33.28 -45.74
N ASP A 451 -10.97 -33.57 -46.82
CA ASP A 451 -10.44 -34.91 -47.12
C ASP A 451 -11.51 -36.01 -47.27
N ILE A 452 -12.64 -35.64 -47.86
CA ILE A 452 -13.68 -36.60 -48.18
C ILE A 452 -13.55 -37.00 -49.65
N SER A 453 -13.37 -38.30 -49.87
CA SER A 453 -13.17 -38.86 -51.21
C SER A 453 -14.48 -39.31 -51.84
N THR A 454 -15.42 -39.70 -50.99
CA THR A 454 -16.67 -40.30 -51.44
C THR A 454 -17.85 -39.72 -50.66
N LEU A 455 -18.87 -39.29 -51.38
CA LEU A 455 -20.12 -38.84 -50.78
C LEU A 455 -21.12 -39.97 -51.00
N ARG A 456 -21.66 -40.51 -49.91
CA ARG A 456 -22.58 -41.64 -49.99
C ARG A 456 -24.01 -41.19 -49.70
N SER A 457 -24.95 -41.56 -50.57
CA SER A 457 -26.37 -41.27 -50.34
C SER A 457 -27.18 -42.55 -50.25
N LYS A 458 -28.44 -42.44 -49.89
CA LYS A 458 -29.33 -43.60 -49.87
C LYS A 458 -30.51 -43.26 -50.77
N GLU A 459 -30.65 -44.01 -51.85
CA GLU A 459 -31.65 -43.71 -52.86
C GLU A 459 -32.73 -44.77 -52.83
N THR A 460 -33.84 -44.50 -53.49
CA THR A 460 -34.95 -45.42 -53.43
C THR A 460 -35.75 -45.37 -54.70
N SER A 461 -36.66 -46.33 -54.83
CA SER A 461 -37.54 -46.37 -55.97
C SER A 461 -38.77 -47.16 -55.58
N TRP A 462 -39.68 -47.29 -56.52
CA TRP A 462 -40.87 -48.09 -56.33
C TRP A 462 -40.48 -49.55 -56.12
N LEU A 463 -39.28 -49.92 -56.55
CA LEU A 463 -38.86 -51.32 -56.56
C LEU A 463 -37.90 -51.68 -55.40
N ILE A 464 -36.83 -50.90 -55.25
CA ILE A 464 -35.86 -51.13 -54.17
C ILE A 464 -35.87 -49.95 -53.22
N PHE A 465 -36.46 -50.18 -52.05
CA PHE A 465 -36.68 -49.10 -51.09
C PHE A 465 -35.41 -48.60 -50.41
N ASN A 466 -34.30 -49.30 -50.62
CA ASN A 466 -33.00 -48.83 -50.13
C ASN A 466 -31.84 -49.27 -51.00
N LYS A 467 -30.98 -48.32 -51.34
CA LYS A 467 -29.78 -48.61 -52.09
C LYS A 467 -28.72 -47.54 -51.79
N GLU A 468 -27.57 -47.97 -51.30
CA GLU A 468 -26.48 -47.03 -51.05
C GLU A 468 -25.79 -46.70 -52.38
N VAL A 469 -25.63 -45.42 -52.64
CA VAL A 469 -25.00 -44.97 -53.86
C VAL A 469 -23.79 -44.11 -53.54
N ASP A 470 -22.64 -44.49 -54.09
CA ASP A 470 -21.41 -43.75 -53.83
C ASP A 470 -21.11 -42.78 -54.97
N HIS A 471 -20.70 -41.57 -54.61
CA HIS A 471 -20.37 -40.52 -55.56
C HIS A 471 -18.92 -40.09 -55.31
N GLN A 472 -18.03 -40.32 -56.27
CA GLN A 472 -16.64 -39.87 -56.13
C GLN A 472 -16.55 -38.35 -56.18
N VAL A 473 -15.87 -37.75 -55.21
CA VAL A 473 -15.73 -36.31 -55.13
C VAL A 473 -14.55 -35.83 -55.97
N THR A 474 -14.82 -35.13 -57.06
CA THR A 474 -13.73 -34.69 -57.94
C THR A 474 -13.79 -33.19 -58.16
N ALA A 475 -12.72 -32.63 -58.71
CA ALA A 475 -12.67 -31.21 -59.02
C ALA A 475 -13.82 -30.80 -59.96
N ALA A 476 -14.19 -31.70 -60.86
CA ALA A 476 -15.18 -31.38 -61.90
C ALA A 476 -16.62 -31.69 -61.50
N GLY A 477 -16.82 -32.29 -60.33
CA GLY A 477 -18.16 -32.63 -59.87
C GLY A 477 -18.19 -34.01 -59.25
N LEU A 478 -19.39 -34.47 -58.87
CA LEU A 478 -19.60 -35.80 -58.30
C LEU A 478 -19.71 -36.81 -59.41
N LYS A 479 -18.96 -37.90 -59.31
CA LYS A 479 -18.97 -38.93 -60.33
C LYS A 479 -19.53 -40.22 -59.78
N SER A 480 -20.53 -40.77 -60.46
CA SER A 480 -21.16 -42.01 -60.08
C SER A 480 -21.53 -42.80 -61.31
N ASP A 481 -22.17 -43.95 -61.11
CA ASP A 481 -22.64 -44.76 -62.22
C ASP A 481 -23.48 -43.97 -63.23
N SER A 482 -24.10 -42.88 -62.79
CA SER A 482 -25.01 -42.13 -63.67
C SER A 482 -24.28 -41.13 -64.56
N GLY A 483 -23.05 -40.76 -64.17
CA GLY A 483 -22.26 -39.80 -64.94
C GLY A 483 -21.59 -38.77 -64.04
N LEU A 484 -21.29 -37.61 -64.59
CA LEU A 484 -20.66 -36.53 -63.84
C LEU A 484 -21.63 -35.38 -63.62
N LYS A 485 -21.81 -34.98 -62.37
CA LYS A 485 -22.71 -33.90 -61.98
C LYS A 485 -21.90 -32.72 -61.47
N ALA A 486 -21.83 -31.66 -62.27
CA ALA A 486 -21.05 -30.48 -61.90
C ALA A 486 -21.62 -29.79 -60.67
N TYR A 487 -20.77 -29.07 -59.94
CA TYR A 487 -21.22 -28.29 -58.80
C TYR A 487 -21.83 -26.97 -59.32
N ALA A 488 -22.81 -26.44 -58.60
CA ALA A 488 -23.43 -25.18 -59.02
C ALA A 488 -22.69 -24.07 -58.33
N ALA A 489 -21.45 -23.87 -58.75
CA ALA A 489 -20.56 -22.90 -58.12
C ALA A 489 -19.54 -22.32 -59.08
N ALA A 490 -19.00 -21.16 -58.70
CA ALA A 490 -17.84 -20.56 -59.35
C ALA A 490 -16.70 -20.63 -58.35
N THR A 491 -15.55 -21.13 -58.80
CA THR A 491 -14.45 -21.46 -57.91
C THR A 491 -13.15 -20.81 -58.34
N GLY A 492 -12.55 -20.01 -57.46
CA GLY A 492 -11.28 -19.37 -57.78
C GLY A 492 -10.12 -20.24 -57.34
N GLY A 493 -8.92 -19.67 -57.40
CA GLY A 493 -7.72 -20.37 -56.94
C GLY A 493 -6.93 -19.58 -55.92
N ASP A 494 -5.62 -19.84 -55.87
CA ASP A 494 -4.73 -19.20 -54.89
C ASP A 494 -4.52 -17.71 -55.14
N GLY A 495 -4.91 -17.23 -56.32
CA GLY A 495 -4.70 -15.84 -56.68
C GLY A 495 -5.84 -14.92 -56.30
N ASP A 496 -5.66 -13.64 -56.61
CA ASP A 496 -6.69 -12.65 -56.41
C ASP A 496 -7.67 -12.74 -57.58
N ASP A 497 -8.80 -13.38 -57.32
CA ASP A 497 -9.79 -13.68 -58.35
C ASP A 497 -10.97 -12.73 -58.33
N VAL A 498 -11.52 -12.47 -59.50
CA VAL A 498 -12.79 -11.77 -59.62
C VAL A 498 -13.82 -12.79 -60.06
N LEU A 499 -14.77 -13.10 -59.19
CA LEU A 499 -15.79 -14.10 -59.48
C LEU A 499 -17.18 -13.49 -59.61
N GLN A 500 -17.77 -13.61 -60.79
CA GLN A 500 -19.12 -13.12 -61.01
C GLN A 500 -20.08 -14.28 -61.13
N ALA A 501 -21.10 -14.30 -60.28
CA ALA A 501 -22.08 -15.39 -60.27
C ALA A 501 -22.82 -15.50 -61.60
N ARG A 502 -22.94 -16.73 -62.09
CA ARG A 502 -23.74 -17.02 -63.27
C ARG A 502 -25.16 -17.37 -62.83
N SER A 503 -26.09 -17.48 -63.77
CA SER A 503 -27.51 -17.57 -63.44
C SER A 503 -27.87 -18.68 -62.45
N HIS A 504 -27.16 -19.81 -62.50
CA HIS A 504 -27.49 -20.92 -61.61
C HIS A 504 -26.43 -21.24 -60.55
N ASP A 505 -25.45 -20.35 -60.40
CA ASP A 505 -24.49 -20.48 -59.33
C ASP A 505 -25.22 -20.31 -57.98
N ALA A 506 -25.00 -21.26 -57.07
CA ALA A 506 -25.52 -21.17 -55.70
C ALA A 506 -24.40 -20.79 -54.72
N TRP A 507 -23.14 -20.97 -55.16
CA TRP A 507 -21.98 -20.69 -54.31
C TRP A 507 -20.87 -19.95 -55.08
N LEU A 508 -20.13 -19.10 -54.38
CA LEU A 508 -18.93 -18.48 -54.92
C LEU A 508 -17.79 -18.77 -53.93
N PHE A 509 -16.71 -19.37 -54.44
CA PHE A 509 -15.58 -19.75 -53.58
C PHE A 509 -14.31 -19.02 -54.00
N GLY A 510 -13.88 -18.02 -53.22
CA GLY A 510 -12.70 -17.28 -53.63
C GLY A 510 -11.42 -18.06 -53.42
N ASN A 511 -11.46 -18.94 -52.42
CA ASN A 511 -10.28 -19.66 -51.96
C ASN A 511 -9.19 -18.68 -51.46
N ALA A 512 -7.92 -19.07 -51.51
CA ALA A 512 -6.86 -18.21 -50.99
C ALA A 512 -6.74 -16.94 -51.82
N GLY A 513 -6.09 -15.92 -51.27
CA GLY A 513 -5.96 -14.66 -51.97
C GLY A 513 -7.08 -13.68 -51.65
N ASN A 514 -6.88 -12.44 -52.09
CA ASN A 514 -7.85 -11.38 -51.89
C ASN A 514 -8.79 -11.29 -53.08
N ASP A 515 -9.96 -11.89 -52.94
CA ASP A 515 -10.88 -12.05 -54.06
C ASP A 515 -12.01 -11.04 -54.02
N THR A 516 -12.64 -10.86 -55.18
CA THR A 516 -13.83 -10.04 -55.31
C THR A 516 -14.98 -10.92 -55.79
N LEU A 517 -15.99 -11.09 -54.94
CA LEU A 517 -17.13 -11.97 -55.20
C LEU A 517 -18.36 -11.11 -55.49
N ILE A 518 -18.85 -11.18 -56.73
CA ILE A 518 -19.97 -10.36 -57.16
C ILE A 518 -21.27 -11.16 -57.36
N GLY A 519 -22.32 -10.76 -56.65
CA GLY A 519 -23.62 -11.45 -56.72
C GLY A 519 -24.44 -11.16 -57.95
N HIS A 520 -25.68 -11.67 -57.97
CA HIS A 520 -26.59 -11.43 -59.09
C HIS A 520 -28.01 -11.08 -58.62
N ALA A 521 -28.79 -10.54 -59.54
CA ALA A 521 -30.12 -9.99 -59.27
C ALA A 521 -31.08 -10.97 -58.60
N GLY A 522 -30.95 -12.25 -58.93
CA GLY A 522 -31.81 -13.28 -58.34
C GLY A 522 -31.53 -13.59 -56.87
N GLY A 523 -30.40 -13.10 -56.36
CA GLY A 523 -30.02 -13.37 -54.97
C GLY A 523 -29.84 -14.85 -54.69
N ASN A 524 -30.21 -15.27 -53.48
CA ASN A 524 -30.09 -16.68 -53.05
C ASN A 524 -28.72 -17.28 -53.26
N LEU A 525 -27.68 -16.48 -53.02
CA LEU A 525 -26.32 -16.90 -53.30
C LEU A 525 -25.51 -16.98 -52.02
N THR A 526 -24.65 -18.00 -51.93
CA THR A 526 -23.77 -18.15 -50.77
C THR A 526 -22.33 -17.70 -51.09
N PHE A 527 -21.88 -16.67 -50.39
CA PHE A 527 -20.53 -16.09 -50.58
C PHE A 527 -19.51 -16.70 -49.61
N VAL A 528 -18.45 -17.29 -50.15
CA VAL A 528 -17.39 -17.84 -49.33
C VAL A 528 -16.05 -17.25 -49.78
N GLY A 529 -15.60 -16.17 -49.14
CA GLY A 529 -14.37 -15.51 -49.56
C GLY A 529 -13.12 -16.36 -49.33
N GLY A 530 -13.20 -17.21 -48.31
CA GLY A 530 -12.10 -18.07 -47.92
C GLY A 530 -11.01 -17.31 -47.18
N SER A 531 -9.82 -17.88 -47.14
CA SER A 531 -8.72 -17.16 -46.51
C SER A 531 -8.45 -15.90 -47.33
N GLY A 532 -7.68 -14.99 -46.73
CA GLY A 532 -7.37 -13.70 -47.38
C GLY A 532 -8.47 -12.68 -47.19
N ASP A 533 -8.18 -11.46 -47.64
CA ASP A 533 -9.06 -10.31 -47.45
C ASP A 533 -9.96 -10.09 -48.68
N ASP A 534 -11.22 -10.46 -48.54
CA ASP A 534 -12.13 -10.54 -49.69
C ASP A 534 -13.19 -9.44 -49.71
N ILE A 535 -13.61 -9.06 -50.91
CA ILE A 535 -14.70 -8.11 -51.08
C ILE A 535 -15.95 -8.87 -51.52
N LEU A 536 -17.02 -8.73 -50.74
CA LEU A 536 -18.26 -9.47 -51.00
C LEU A 536 -19.35 -8.48 -51.41
N LYS A 537 -19.80 -8.58 -52.65
CA LYS A 537 -20.82 -7.66 -53.17
C LYS A 537 -22.20 -8.30 -53.24
N GLY A 538 -22.97 -8.17 -52.17
CA GLY A 538 -24.33 -8.73 -52.12
C GLY A 538 -25.29 -8.01 -53.06
N VAL A 539 -26.06 -8.80 -53.81
CA VAL A 539 -27.10 -8.28 -54.70
C VAL A 539 -28.41 -9.06 -54.48
N GLY A 540 -29.54 -8.36 -54.49
CA GLY A 540 -30.83 -9.02 -54.28
C GLY A 540 -31.04 -9.56 -52.88
N ASN A 541 -31.93 -10.53 -52.73
CA ASN A 541 -32.35 -11.03 -51.43
C ASN A 541 -31.99 -12.48 -51.16
N GLY A 542 -32.00 -12.86 -49.89
CA GLY A 542 -31.78 -14.26 -49.51
C GLY A 542 -30.37 -14.77 -49.67
N ASN A 543 -29.37 -13.87 -49.65
CA ASN A 543 -27.98 -14.28 -49.71
C ASN A 543 -27.42 -14.73 -48.35
N THR A 544 -26.48 -15.67 -48.38
CA THR A 544 -25.79 -16.14 -47.18
C THR A 544 -24.31 -15.77 -47.31
N PHE A 545 -23.74 -15.19 -46.25
CA PHE A 545 -22.31 -14.88 -46.24
C PHE A 545 -21.65 -15.79 -45.21
N LEU A 546 -20.73 -16.64 -45.67
CA LEU A 546 -20.21 -17.75 -44.85
C LEU A 546 -18.73 -17.60 -44.52
N PHE A 547 -18.39 -17.82 -43.25
CA PHE A 547 -17.04 -17.61 -42.72
C PHE A 547 -16.65 -18.73 -41.74
N SER A 548 -15.46 -19.29 -41.92
CA SER A 548 -15.00 -20.40 -41.08
C SER A 548 -13.50 -20.31 -40.77
N GLY A 549 -13.12 -20.69 -39.55
CA GLY A 549 -11.71 -20.66 -39.16
C GLY A 549 -11.09 -19.27 -39.23
N ASP A 550 -9.83 -19.22 -39.67
CA ASP A 550 -9.15 -17.96 -39.86
C ASP A 550 -9.57 -17.46 -41.25
N PHE A 551 -10.51 -16.52 -41.30
CA PHE A 551 -11.08 -16.10 -42.60
C PHE A 551 -10.59 -14.74 -43.11
N GLY A 552 -9.60 -14.15 -42.45
CA GLY A 552 -9.03 -12.87 -42.89
C GLY A 552 -9.92 -11.67 -42.63
N ARG A 553 -9.70 -10.58 -43.36
CA ARG A 553 -10.45 -9.35 -43.14
C ARG A 553 -11.28 -9.04 -44.37
N ASP A 554 -12.60 -9.29 -44.29
CA ASP A 554 -13.49 -9.10 -45.44
C ASP A 554 -14.29 -7.79 -45.34
N GLN A 555 -14.75 -7.29 -46.49
CA GLN A 555 -15.67 -6.16 -46.55
C GLN A 555 -16.94 -6.63 -47.24
N LEU A 556 -18.09 -6.37 -46.63
CA LEU A 556 -19.38 -6.89 -47.11
C LEU A 556 -20.34 -5.77 -47.52
N TYR A 557 -20.63 -5.70 -48.83
CA TYR A 557 -21.53 -4.69 -49.37
C TYR A 557 -22.92 -5.24 -49.65
N GLY A 558 -23.94 -4.39 -49.52
CA GLY A 558 -25.29 -4.73 -49.91
C GLY A 558 -26.13 -5.60 -48.97
N PHE A 559 -25.70 -5.71 -47.71
CA PHE A 559 -26.42 -6.53 -46.72
C PHE A 559 -27.80 -5.94 -46.44
N ASN A 560 -28.82 -6.80 -46.34
CA ASN A 560 -30.17 -6.35 -46.01
C ASN A 560 -30.90 -7.32 -45.08
N ALA A 561 -32.13 -6.97 -44.71
CA ALA A 561 -32.93 -7.73 -43.75
C ALA A 561 -33.22 -9.18 -44.16
N SER A 562 -33.01 -9.51 -45.44
CA SER A 562 -33.27 -10.87 -45.93
C SER A 562 -32.02 -11.75 -45.99
N ASP A 563 -30.86 -11.17 -45.71
CA ASP A 563 -29.59 -11.88 -45.81
C ASP A 563 -29.19 -12.52 -44.49
N LYS A 564 -28.21 -13.41 -44.56
CA LYS A 564 -27.77 -14.19 -43.40
C LYS A 564 -26.24 -14.24 -43.28
N LEU A 565 -25.73 -14.19 -42.05
CA LEU A 565 -24.31 -14.37 -41.75
C LEU A 565 -24.13 -15.70 -41.03
N VAL A 566 -23.18 -16.52 -41.47
CA VAL A 566 -22.93 -17.81 -40.81
C VAL A 566 -21.45 -17.93 -40.46
N PHE A 567 -21.16 -18.10 -39.17
CA PHE A 567 -19.80 -18.25 -38.66
C PHE A 567 -19.63 -19.64 -38.05
N ILE A 568 -18.69 -20.42 -38.57
CA ILE A 568 -18.48 -21.78 -38.05
C ILE A 568 -17.02 -22.01 -37.66
N GLY A 569 -16.79 -22.38 -36.40
CA GLY A 569 -15.44 -22.66 -35.90
C GLY A 569 -14.54 -21.43 -35.96
N THR A 570 -15.06 -20.29 -35.49
CA THR A 570 -14.33 -19.01 -35.53
C THR A 570 -13.89 -18.60 -34.12
N GLU A 571 -12.91 -17.69 -34.03
CA GLU A 571 -12.44 -17.16 -32.74
C GLU A 571 -13.59 -16.60 -31.90
N GLY A 572 -13.52 -16.80 -30.58
CA GLY A 572 -14.52 -16.23 -29.66
C GLY A 572 -15.53 -17.26 -29.17
N ALA A 573 -15.87 -17.18 -27.87
CA ALA A 573 -16.77 -18.15 -27.24
C ALA A 573 -18.24 -17.72 -27.21
N SER A 574 -18.50 -16.44 -27.41
CA SER A 574 -19.85 -15.92 -27.26
C SER A 574 -20.79 -16.32 -28.39
N GLY A 575 -22.05 -16.56 -28.05
CA GLY A 575 -23.08 -16.87 -29.03
C GLY A 575 -23.96 -15.68 -29.34
N ASN A 576 -23.59 -14.50 -28.84
CA ASN A 576 -24.31 -13.25 -29.09
C ASN A 576 -23.47 -12.33 -29.99
N ILE A 577 -23.90 -12.11 -31.23
CA ILE A 577 -23.12 -11.29 -32.15
C ILE A 577 -22.83 -9.88 -31.63
N ARG A 578 -23.68 -9.38 -30.73
CA ARG A 578 -23.49 -8.03 -30.21
C ARG A 578 -22.13 -7.93 -29.51
N ASP A 579 -21.66 -9.07 -28.99
CA ASP A 579 -20.39 -9.11 -28.27
C ASP A 579 -19.19 -8.88 -29.20
N TYR A 580 -19.38 -9.08 -30.50
CA TYR A 580 -18.30 -8.91 -31.48
C TYR A 580 -18.36 -7.56 -32.19
N ALA A 581 -19.43 -6.80 -31.96
CA ALA A 581 -19.76 -5.68 -32.82
C ALA A 581 -19.33 -4.30 -32.33
N THR A 582 -18.87 -3.47 -33.25
CA THR A 582 -18.57 -2.06 -32.96
C THR A 582 -18.97 -1.21 -34.17
N GLN A 583 -19.73 -0.16 -33.92
CA GLN A 583 -20.15 0.73 -34.98
C GLN A 583 -19.05 1.75 -35.27
N GLN A 584 -18.64 1.85 -36.53
CA GLN A 584 -17.66 2.84 -36.94
C GLN A 584 -18.29 3.73 -37.99
N ASN A 585 -18.92 4.80 -37.54
CA ASN A 585 -19.71 5.64 -38.42
C ASN A 585 -20.82 4.80 -39.05
N ASP A 586 -20.92 4.82 -40.37
CA ASP A 586 -21.99 4.10 -41.07
C ASP A 586 -21.66 2.62 -41.27
N ASP A 587 -20.52 2.16 -40.78
CA ASP A 587 -20.12 0.77 -40.98
C ASP A 587 -20.14 -0.03 -39.68
N LEU A 588 -20.54 -1.29 -39.79
CA LEU A 588 -20.59 -2.19 -38.64
C LEU A 588 -19.45 -3.21 -38.71
N VAL A 589 -18.54 -3.14 -37.74
CA VAL A 589 -17.41 -4.06 -37.71
C VAL A 589 -17.66 -5.24 -36.76
N LEU A 590 -17.56 -6.45 -37.30
CA LEU A 590 -17.67 -7.67 -36.49
C LEU A 590 -16.28 -8.30 -36.41
N ALA A 591 -15.68 -8.26 -35.22
CA ALA A 591 -14.28 -8.64 -35.08
C ALA A 591 -14.09 -10.00 -34.40
N PHE A 592 -13.30 -10.85 -35.04
CA PHE A 592 -13.04 -12.19 -34.57
C PHE A 592 -11.53 -12.38 -34.40
N GLY A 593 -10.91 -11.56 -33.56
CA GLY A 593 -9.47 -11.63 -33.33
C GLY A 593 -8.68 -11.29 -34.59
N HIS A 594 -7.99 -12.28 -35.14
CA HIS A 594 -7.19 -12.08 -36.35
C HIS A 594 -8.05 -11.97 -37.62
N SER A 595 -9.33 -12.32 -37.50
CA SER A 595 -10.24 -12.19 -38.63
C SER A 595 -11.31 -11.14 -38.32
N GLN A 596 -12.01 -10.68 -39.35
CA GLN A 596 -13.11 -9.74 -39.17
C GLN A 596 -13.88 -9.51 -40.45
N VAL A 597 -15.12 -9.05 -40.32
CA VAL A 597 -15.88 -8.61 -41.49
C VAL A 597 -16.57 -7.26 -41.21
N THR A 598 -16.40 -6.33 -42.13
CA THR A 598 -17.03 -5.02 -42.05
C THR A 598 -18.29 -4.97 -42.94
N LEU A 599 -19.44 -4.73 -42.33
CA LEU A 599 -20.67 -4.56 -43.12
C LEU A 599 -20.84 -3.07 -43.42
N ILE A 600 -20.66 -2.74 -44.69
CA ILE A 600 -20.72 -1.35 -45.13
C ILE A 600 -22.16 -0.84 -45.17
N GLY A 601 -22.39 0.32 -44.54
CA GLY A 601 -23.70 0.96 -44.55
C GLY A 601 -24.77 0.26 -43.73
N VAL A 602 -24.35 -0.49 -42.72
CA VAL A 602 -25.26 -1.23 -41.86
C VAL A 602 -25.13 -0.80 -40.40
N SER A 603 -26.26 -0.73 -39.68
CA SER A 603 -26.20 -0.49 -38.24
C SER A 603 -26.68 -1.73 -37.47
N LEU A 604 -26.18 -1.89 -36.26
CA LEU A 604 -26.43 -3.09 -35.47
C LEU A 604 -27.90 -3.33 -35.13
N ASP A 605 -28.65 -2.25 -34.89
CA ASP A 605 -30.06 -2.38 -34.49
C ASP A 605 -30.97 -2.85 -35.64
N HIS A 606 -30.39 -3.03 -36.82
CA HIS A 606 -31.16 -3.47 -37.99
C HIS A 606 -30.95 -4.95 -38.30
N ILE A 607 -30.19 -5.64 -37.45
CA ILE A 607 -29.93 -7.06 -37.64
C ILE A 607 -30.69 -7.90 -36.62
N SER A 608 -31.56 -8.79 -37.10
CA SER A 608 -32.36 -9.63 -36.22
C SER A 608 -31.61 -10.90 -35.82
N THR A 609 -32.05 -11.53 -34.74
CA THR A 609 -31.38 -12.74 -34.25
C THR A 609 -31.23 -13.83 -35.31
N ASP A 610 -32.30 -14.09 -36.05
CA ASP A 610 -32.27 -15.19 -37.03
C ASP A 610 -31.42 -14.89 -38.26
N GLN A 611 -30.82 -13.71 -38.33
CA GLN A 611 -29.92 -13.38 -39.44
C GLN A 611 -28.47 -13.78 -39.18
N VAL A 612 -28.20 -14.29 -37.99
CA VAL A 612 -26.83 -14.63 -37.63
C VAL A 612 -26.75 -16.00 -36.96
N VAL A 613 -25.82 -16.82 -37.45
CA VAL A 613 -25.51 -18.09 -36.81
C VAL A 613 -24.07 -18.04 -36.32
N LEU A 614 -23.88 -18.35 -35.04
CA LEU A 614 -22.56 -18.49 -34.44
C LEU A 614 -22.41 -19.93 -33.98
N ALA A 615 -21.64 -20.72 -34.71
CA ALA A 615 -21.56 -22.16 -34.45
C ALA A 615 -20.13 -22.65 -34.22
N SER B 1 -24.34 4.82 18.81
CA SER B 1 -25.33 5.45 17.88
C SER B 1 -26.20 4.41 17.14
N HIS B 2 -27.52 4.60 17.16
CA HIS B 2 -28.43 3.73 16.42
C HIS B 2 -28.44 4.11 14.95
N MET B 3 -28.38 3.12 14.07
CA MET B 3 -28.40 3.37 12.64
C MET B 3 -29.67 2.83 11.96
N GLY B 4 -30.55 2.18 12.71
CA GLY B 4 -31.74 1.56 12.11
C GLY B 4 -31.57 0.07 11.81
N ILE B 5 -32.64 -0.69 11.98
CA ILE B 5 -32.56 -2.15 11.81
C ILE B 5 -32.14 -2.53 10.39
N PHE B 6 -32.51 -1.73 9.40
CA PHE B 6 -32.13 -2.05 8.01
C PHE B 6 -30.87 -1.31 7.52
N SER B 7 -30.05 -0.82 8.46
CA SER B 7 -28.77 -0.17 8.11
C SER B 7 -27.89 -1.10 7.26
N TYR B 8 -27.19 -0.52 6.27
CA TYR B 8 -26.45 -1.31 5.29
C TYR B 8 -25.06 -0.69 5.06
N LYS B 9 -24.02 -1.50 5.23
CA LYS B 9 -22.63 -1.05 5.04
C LYS B 9 -22.35 0.29 5.71
N ASP B 10 -21.76 1.22 4.99
CA ASP B 10 -21.43 2.52 5.60
C ASP B 10 -22.35 3.64 5.12
N LEU B 11 -23.54 3.28 4.63
CA LEU B 11 -24.50 4.28 4.19
C LEU B 11 -25.06 5.04 5.39
N ASP B 12 -25.41 6.30 5.22
CA ASP B 12 -26.06 6.98 6.33
C ASP B 12 -27.49 6.46 6.44
N GLU B 13 -28.16 6.75 7.56
CA GLU B 13 -29.47 6.14 7.83
C GLU B 13 -30.49 6.39 6.72
N ASN B 14 -30.57 7.62 6.24
CA ASN B 14 -31.55 7.94 5.20
C ASN B 14 -31.30 7.17 3.89
N ALA B 15 -30.04 6.99 3.52
CA ALA B 15 -29.72 6.23 2.30
C ALA B 15 -30.02 4.75 2.44
N SER B 16 -29.77 4.19 3.63
CA SER B 16 -30.12 2.79 3.92
C SER B 16 -31.63 2.57 3.85
N LYS B 17 -32.40 3.52 4.37
CA LYS B 17 -33.87 3.43 4.33
C LYS B 17 -34.40 3.45 2.89
N ALA B 18 -33.85 4.34 2.08
CA ALA B 18 -34.22 4.44 0.66
C ALA B 18 -33.89 3.17 -0.11
N LEU B 19 -32.69 2.63 0.15
CA LEU B 19 -32.27 1.36 -0.45
C LEU B 19 -33.22 0.23 -0.09
N PHE B 20 -33.57 0.15 1.21
CA PHE B 20 -34.49 -0.90 1.66
C PHE B 20 -35.85 -0.81 0.96
N SER B 21 -36.37 0.41 0.89
CA SER B 21 -37.65 0.66 0.22
C SER B 21 -37.62 0.18 -1.25
N ASP B 22 -36.57 0.56 -1.96
CA ASP B 22 -36.35 0.06 -3.35
C ASP B 22 -36.26 -1.46 -3.45
N ALA B 23 -35.47 -2.08 -2.58
CA ALA B 23 -35.28 -3.53 -2.63
C ALA B 23 -36.58 -4.27 -2.41
N LEU B 24 -37.34 -3.85 -1.39
CA LEU B 24 -38.59 -4.54 -1.05
C LEU B 24 -39.61 -4.39 -2.19
N ALA B 25 -39.65 -3.21 -2.80
CA ALA B 25 -40.56 -2.99 -3.94
C ALA B 25 -40.23 -3.93 -5.09
N ILE B 26 -38.95 -4.04 -5.47
CA ILE B 26 -38.65 -4.89 -6.64
C ILE B 26 -38.74 -6.38 -6.30
N SER B 27 -38.42 -6.74 -5.06
CA SER B 27 -38.55 -8.13 -4.62
C SER B 27 -40.01 -8.56 -4.69
N THR B 28 -40.92 -7.70 -4.23
CA THR B 28 -42.35 -8.00 -4.24
C THR B 28 -42.86 -8.13 -5.67
N TYR B 29 -42.42 -7.22 -6.54
CA TYR B 29 -42.84 -7.22 -7.94
C TYR B 29 -42.61 -8.54 -8.69
N ALA B 30 -41.52 -9.22 -8.38
CA ALA B 30 -41.16 -10.47 -9.05
C ALA B 30 -42.24 -11.56 -8.92
N TYR B 31 -43.09 -11.44 -7.90
CA TYR B 31 -44.17 -12.42 -7.71
C TYR B 31 -45.47 -12.05 -8.47
N HIS B 32 -45.51 -10.88 -9.08
CA HIS B 32 -46.67 -10.44 -9.90
C HIS B 32 -48.02 -10.66 -9.18
N ASN B 33 -48.05 -10.35 -7.88
CA ASN B 33 -49.31 -10.43 -7.11
C ASN B 33 -49.92 -11.83 -7.01
N ILE B 34 -49.10 -12.87 -7.07
CA ILE B 34 -49.63 -14.24 -7.05
C ILE B 34 -50.42 -14.53 -5.77
N ASP B 35 -50.04 -13.89 -4.67
CA ASP B 35 -50.69 -14.11 -3.37
C ASP B 35 -51.78 -13.08 -3.01
N ASN B 36 -52.25 -12.33 -3.99
CA ASN B 36 -53.33 -11.35 -3.80
C ASN B 36 -54.60 -11.99 -3.20
N GLY B 37 -55.02 -13.13 -3.76
CA GLY B 37 -56.20 -13.83 -3.23
C GLY B 37 -55.96 -14.32 -1.81
N PHE B 38 -54.77 -14.83 -1.55
CA PHE B 38 -54.43 -15.33 -0.20
C PHE B 38 -54.51 -14.18 0.81
N ASP B 39 -53.98 -13.02 0.43
CA ASP B 39 -53.99 -11.80 1.26
C ASP B 39 -55.44 -11.45 1.63
N GLU B 40 -56.33 -11.34 0.63
CA GLU B 40 -57.74 -11.06 0.92
C GLU B 40 -58.39 -12.15 1.78
N GLY B 41 -58.22 -13.41 1.38
CA GLY B 41 -58.80 -14.54 2.13
C GLY B 41 -58.34 -14.56 3.59
N TYR B 42 -57.03 -14.51 3.80
CA TYR B 42 -56.49 -14.52 5.17
C TYR B 42 -57.12 -13.42 6.05
N HIS B 43 -57.17 -12.18 5.53
CA HIS B 43 -57.73 -11.12 6.35
C HIS B 43 -59.23 -11.28 6.63
N GLN B 44 -59.98 -11.81 5.68
CA GLN B 44 -61.44 -11.96 5.82
C GLN B 44 -61.89 -13.18 6.66
N THR B 45 -61.25 -14.34 6.45
CA THR B 45 -61.71 -15.57 7.08
C THR B 45 -60.65 -16.26 7.97
N GLY B 46 -59.43 -15.73 7.98
CA GLY B 46 -58.43 -16.17 8.96
C GLY B 46 -57.76 -17.51 8.72
N PHE B 47 -57.26 -18.10 9.80
CA PHE B 47 -56.43 -19.32 9.71
C PHE B 47 -56.92 -20.41 10.67
N GLY B 48 -58.15 -20.27 11.14
CA GLY B 48 -58.74 -21.21 12.11
C GLY B 48 -59.88 -22.00 11.51
N LEU B 49 -61.07 -21.89 12.10
CA LEU B 49 -62.26 -22.54 11.56
C LEU B 49 -62.57 -22.03 10.15
N GLY B 50 -62.08 -20.84 9.81
CA GLY B 50 -62.30 -20.28 8.47
C GLY B 50 -61.23 -20.63 7.44
N LEU B 51 -60.22 -21.39 7.84
CA LEU B 51 -59.12 -21.76 6.93
C LEU B 51 -59.59 -22.34 5.58
N PRO B 52 -60.60 -23.24 5.59
CA PRO B 52 -61.03 -23.78 4.30
C PRO B 52 -61.43 -22.67 3.32
N LEU B 53 -62.17 -21.68 3.81
CA LEU B 53 -62.59 -20.54 3.00
C LEU B 53 -61.37 -19.73 2.50
N THR B 54 -60.41 -19.49 3.38
CA THR B 54 -59.19 -18.76 3.05
C THR B 54 -58.45 -19.45 1.89
N LEU B 55 -58.37 -20.77 1.93
CA LEU B 55 -57.60 -21.51 0.94
C LEU B 55 -58.27 -21.40 -0.44
N ILE B 56 -59.58 -21.44 -0.45
CA ILE B 56 -60.31 -21.34 -1.71
C ILE B 56 -60.13 -19.95 -2.33
N THR B 57 -60.24 -18.91 -1.52
CA THR B 57 -60.01 -17.54 -2.00
C THR B 57 -58.56 -17.41 -2.51
N ALA B 58 -57.62 -18.11 -1.86
CA ALA B 58 -56.23 -18.10 -2.34
C ALA B 58 -56.14 -18.65 -3.77
N LEU B 59 -57.04 -19.58 -4.10
CA LEU B 59 -56.99 -20.19 -5.42
C LEU B 59 -57.75 -19.42 -6.52
N ILE B 60 -58.94 -18.92 -6.20
CA ILE B 60 -59.79 -18.30 -7.24
C ILE B 60 -60.19 -16.84 -6.98
N GLY B 61 -59.69 -16.27 -5.89
CA GLY B 61 -59.99 -14.87 -5.58
C GLY B 61 -61.47 -14.52 -5.42
N SER B 62 -61.82 -13.30 -5.84
CA SER B 62 -63.18 -12.76 -5.71
C SER B 62 -63.28 -11.62 -6.71
N THR B 63 -64.30 -10.77 -6.57
CA THR B 63 -64.36 -9.58 -7.42
C THR B 63 -63.34 -8.51 -6.97
N GLN B 64 -62.72 -8.71 -5.81
CA GLN B 64 -61.76 -7.74 -5.23
C GLN B 64 -60.29 -8.20 -5.22
N SER B 65 -60.05 -9.48 -5.48
CA SER B 65 -58.68 -10.01 -5.50
C SER B 65 -58.53 -11.13 -6.53
N GLN B 66 -57.30 -11.36 -6.99
CA GLN B 66 -57.02 -12.46 -7.92
C GLN B 66 -56.20 -13.54 -7.24
N GLY B 67 -56.72 -14.78 -7.25
CA GLY B 67 -56.00 -15.92 -6.70
C GLY B 67 -54.96 -16.45 -7.66
N GLY B 68 -54.47 -17.67 -7.39
CA GLY B 68 -53.47 -18.27 -8.27
C GLY B 68 -53.92 -18.62 -9.67
N LEU B 69 -55.23 -18.86 -9.85
CA LEU B 69 -55.73 -19.23 -11.18
C LEU B 69 -55.88 -18.00 -12.10
N PRO B 70 -55.35 -18.08 -13.34
CA PRO B 70 -55.62 -17.03 -14.34
C PRO B 70 -56.93 -17.20 -15.08
N GLY B 71 -57.39 -16.15 -15.76
CA GLY B 71 -58.48 -16.30 -16.73
C GLY B 71 -59.91 -16.17 -16.24
N LEU B 72 -60.10 -15.78 -14.99
CA LEU B 72 -61.46 -15.58 -14.49
C LEU B 72 -61.89 -14.12 -14.70
N PRO B 73 -62.94 -13.90 -15.53
CA PRO B 73 -63.29 -12.55 -15.95
C PRO B 73 -63.75 -11.64 -14.82
N TRP B 74 -64.28 -12.23 -13.75
CA TRP B 74 -64.71 -11.44 -12.59
C TRP B 74 -63.59 -11.10 -11.56
N ASN B 75 -62.39 -11.67 -11.73
CA ASN B 75 -61.26 -11.25 -10.91
C ASN B 75 -60.78 -9.87 -11.39
N PRO B 76 -60.18 -9.06 -10.50
CA PRO B 76 -59.50 -7.87 -11.01
C PRO B 76 -58.13 -8.27 -11.61
N ASP B 77 -57.56 -7.37 -12.42
CA ASP B 77 -56.25 -7.62 -13.03
C ASP B 77 -55.11 -7.31 -12.06
N SER B 78 -54.74 -8.29 -11.23
CA SER B 78 -53.78 -8.04 -10.16
C SER B 78 -52.39 -7.81 -10.71
N GLU B 79 -52.14 -8.27 -11.93
CA GLU B 79 -50.82 -8.09 -12.54
C GLU B 79 -50.61 -6.62 -12.92
N GLN B 80 -51.66 -5.97 -13.40
CA GLN B 80 -51.61 -4.53 -13.63
C GLN B 80 -51.37 -3.77 -12.32
N ALA B 81 -52.01 -4.20 -11.23
CA ALA B 81 -51.80 -3.60 -9.91
C ALA B 81 -50.35 -3.76 -9.45
N ALA B 82 -49.75 -4.91 -9.72
CA ALA B 82 -48.35 -5.14 -9.37
C ALA B 82 -47.42 -4.21 -10.16
N GLN B 83 -47.69 -4.04 -11.45
CA GLN B 83 -46.90 -3.13 -12.28
C GLN B 83 -47.05 -1.67 -11.82
N GLU B 84 -48.29 -1.29 -11.48
CA GLU B 84 -48.55 0.03 -10.95
C GLU B 84 -47.69 0.30 -9.71
N ALA B 85 -47.67 -0.66 -8.79
CA ALA B 85 -46.93 -0.50 -7.54
C ALA B 85 -45.45 -0.27 -7.78
N VAL B 86 -44.84 -1.10 -8.61
CA VAL B 86 -43.39 -0.99 -8.85
C VAL B 86 -43.02 0.29 -9.62
N ASN B 87 -43.81 0.64 -10.63
CA ASN B 87 -43.60 1.87 -11.39
C ASN B 87 -43.70 3.10 -10.49
N ASN B 88 -44.72 3.11 -9.65
CA ASN B 88 -44.92 4.21 -8.70
C ASN B 88 -43.78 4.34 -7.68
N ALA B 89 -43.09 3.23 -7.44
CA ALA B 89 -41.92 3.22 -6.56
C ALA B 89 -40.69 3.74 -7.31
N GLY B 90 -40.87 4.03 -8.60
CA GLY B 90 -39.80 4.62 -9.44
C GLY B 90 -39.08 3.66 -10.38
N TRP B 91 -39.55 2.41 -10.47
CA TRP B 91 -38.87 1.35 -11.25
C TRP B 91 -39.66 0.85 -12.48
N SER B 92 -38.99 0.81 -13.64
CA SER B 92 -39.60 0.41 -14.92
C SER B 92 -38.81 -0.74 -15.54
N VAL B 93 -39.49 -1.75 -16.07
CA VAL B 93 -38.81 -2.88 -16.70
C VAL B 93 -37.94 -2.47 -17.91
N ILE B 94 -36.74 -3.04 -18.00
CA ILE B 94 -35.86 -2.81 -19.14
C ILE B 94 -36.00 -4.01 -20.09
N SER B 95 -36.18 -3.73 -21.37
CA SER B 95 -36.51 -4.77 -22.35
C SER B 95 -35.27 -5.53 -22.85
N ALA B 96 -35.48 -6.73 -23.39
CA ALA B 96 -34.38 -7.52 -23.96
C ALA B 96 -33.70 -6.79 -25.11
N THR B 97 -34.48 -6.03 -25.88
CA THR B 97 -33.95 -5.23 -26.97
C THR B 97 -32.98 -4.18 -26.43
N GLN B 98 -33.37 -3.51 -25.34
CA GLN B 98 -32.53 -2.48 -24.75
C GLN B 98 -31.21 -3.04 -24.23
N LEU B 99 -31.28 -4.22 -23.62
CA LEU B 99 -30.11 -4.89 -23.08
C LEU B 99 -29.26 -5.55 -24.15
N GLY B 100 -29.86 -5.81 -25.31
CA GLY B 100 -29.20 -6.59 -26.35
C GLY B 100 -29.08 -8.04 -25.92
N TYR B 101 -30.08 -8.52 -25.19
CA TYR B 101 -30.14 -9.90 -24.67
C TYR B 101 -30.80 -10.86 -25.64
N ALA B 102 -30.16 -12.01 -25.87
CA ALA B 102 -30.63 -12.97 -26.88
C ALA B 102 -31.47 -14.11 -26.30
N GLY B 103 -31.66 -14.12 -24.99
CA GLY B 103 -32.40 -15.18 -24.31
C GLY B 103 -33.91 -15.06 -24.27
N LYS B 104 -34.54 -15.86 -23.42
CA LYS B 104 -35.99 -15.93 -23.35
C LYS B 104 -36.58 -14.92 -22.39
N THR B 105 -37.56 -14.15 -22.87
CA THR B 105 -38.43 -13.34 -22.01
C THR B 105 -39.89 -13.63 -22.35
N ASP B 106 -40.80 -13.42 -21.41
CA ASP B 106 -42.22 -13.60 -21.72
C ASP B 106 -42.86 -12.25 -22.08
N ALA B 107 -44.17 -12.25 -22.31
CA ALA B 107 -44.88 -11.05 -22.75
C ALA B 107 -44.90 -9.94 -21.70
N ARG B 108 -44.58 -10.28 -20.46
CA ARG B 108 -44.55 -9.29 -19.39
C ARG B 108 -43.15 -8.73 -19.19
N GLY B 109 -42.20 -9.24 -19.96
CA GLY B 109 -40.82 -8.76 -19.90
C GLY B 109 -39.94 -9.47 -18.88
N THR B 110 -40.45 -10.57 -18.31
CA THR B 110 -39.71 -11.35 -17.32
C THR B 110 -38.63 -12.18 -18.02
N TYR B 111 -37.45 -12.30 -17.40
CA TYR B 111 -36.32 -13.09 -17.95
C TYR B 111 -36.32 -14.48 -17.34
N TYR B 112 -36.00 -15.50 -18.15
CA TYR B 112 -36.05 -16.90 -17.71
C TYR B 112 -34.68 -17.55 -17.62
N GLY B 113 -34.53 -18.53 -16.72
CA GLY B 113 -33.25 -19.25 -16.56
C GLY B 113 -32.69 -19.82 -17.86
N GLU B 114 -31.37 -19.80 -17.99
CA GLU B 114 -30.66 -20.07 -19.26
C GLU B 114 -30.16 -21.51 -19.50
N THR B 115 -29.99 -22.27 -18.42
CA THR B 115 -29.32 -23.57 -18.46
C THR B 115 -30.29 -24.68 -18.08
N ALA B 116 -30.14 -25.85 -18.70
CA ALA B 116 -30.93 -27.02 -18.34
C ALA B 116 -30.92 -27.20 -16.83
N GLY B 117 -32.10 -27.40 -16.25
CA GLY B 117 -32.23 -27.55 -14.81
C GLY B 117 -32.50 -26.24 -14.07
N TYR B 118 -32.47 -25.12 -14.81
CA TYR B 118 -32.69 -23.80 -14.23
C TYR B 118 -33.73 -23.00 -15.02
N THR B 119 -34.41 -23.68 -15.94
CA THR B 119 -35.30 -22.97 -16.88
C THR B 119 -36.60 -22.44 -16.28
N THR B 120 -36.88 -22.77 -15.02
CA THR B 120 -38.06 -22.21 -14.34
C THR B 120 -37.68 -21.04 -13.40
N ALA B 121 -36.40 -20.66 -13.40
CA ALA B 121 -35.95 -19.46 -12.68
C ALA B 121 -36.47 -18.22 -13.41
N GLN B 122 -36.80 -17.19 -12.65
CA GLN B 122 -37.29 -15.91 -13.19
C GLN B 122 -36.57 -14.73 -12.56
N ALA B 123 -36.28 -13.72 -13.38
CA ALA B 123 -35.65 -12.49 -12.93
C ALA B 123 -36.27 -11.29 -13.64
N GLU B 124 -36.28 -10.14 -12.96
CA GLU B 124 -36.74 -8.87 -13.51
C GLU B 124 -35.56 -7.91 -13.50
N VAL B 125 -35.43 -7.13 -14.56
CA VAL B 125 -34.40 -6.10 -14.63
C VAL B 125 -35.12 -4.78 -14.84
N LEU B 126 -34.90 -3.85 -13.92
CA LEU B 126 -35.61 -2.59 -13.94
C LEU B 126 -34.69 -1.37 -13.86
N GLY B 127 -35.20 -0.23 -14.29
CA GLY B 127 -34.43 1.00 -14.23
C GLY B 127 -35.15 2.12 -13.49
N LYS B 128 -34.35 3.02 -12.92
CA LYS B 128 -34.84 4.22 -12.26
C LYS B 128 -34.24 5.41 -13.02
N TYR B 129 -35.05 6.44 -13.26
CA TYR B 129 -34.61 7.58 -14.09
C TYR B 129 -34.81 8.94 -13.40
N ASP B 130 -34.02 9.92 -13.81
CA ASP B 130 -34.15 11.28 -13.27
C ASP B 130 -35.18 12.07 -14.06
N SER B 131 -35.47 13.29 -13.59
CA SER B 131 -36.39 14.17 -14.29
C SER B 131 -35.71 14.70 -15.54
N GLU B 132 -35.78 13.90 -16.61
CA GLU B 132 -35.07 14.20 -17.85
C GLU B 132 -34.87 12.92 -18.65
N GLY B 133 -35.06 11.79 -17.99
CA GLY B 133 -34.98 10.50 -18.65
C GLY B 133 -33.62 9.81 -18.58
N ASN B 134 -32.70 10.35 -17.80
CA ASN B 134 -31.41 9.70 -17.64
C ASN B 134 -31.51 8.55 -16.64
N LEU B 135 -30.91 7.43 -17.00
CA LEU B 135 -30.90 6.26 -16.11
C LEU B 135 -29.98 6.53 -14.93
N THR B 136 -30.49 6.38 -13.70
CA THR B 136 -29.68 6.63 -12.52
C THR B 136 -29.36 5.37 -11.69
N ALA B 137 -30.16 4.32 -11.84
CA ALA B 137 -29.96 3.08 -11.10
C ALA B 137 -30.59 1.88 -11.81
N ILE B 138 -30.06 0.70 -11.51
CA ILE B 138 -30.61 -0.53 -12.04
C ILE B 138 -31.02 -1.45 -10.90
N GLY B 139 -32.16 -2.11 -11.05
CA GLY B 139 -32.63 -3.04 -10.04
C GLY B 139 -32.70 -4.42 -10.67
N ILE B 140 -32.19 -5.41 -9.96
CA ILE B 140 -32.26 -6.81 -10.40
C ILE B 140 -33.01 -7.56 -9.32
N SER B 141 -34.08 -8.24 -9.71
CA SER B 141 -34.92 -8.97 -8.75
C SER B 141 -35.15 -10.41 -9.18
N PHE B 142 -34.87 -11.35 -8.27
CA PHE B 142 -35.06 -12.77 -8.55
C PHE B 142 -36.34 -13.29 -7.88
N ARG B 143 -37.14 -14.05 -8.63
CA ARG B 143 -38.39 -14.59 -8.09
C ARG B 143 -38.14 -15.81 -7.20
N GLY B 144 -38.94 -15.93 -6.14
CA GLY B 144 -38.92 -17.12 -5.30
C GLY B 144 -39.68 -18.26 -5.96
N THR B 145 -40.00 -19.29 -5.19
CA THR B 145 -40.72 -20.43 -5.73
C THR B 145 -42.10 -19.98 -6.23
N SER B 146 -42.42 -20.40 -7.45
CA SER B 146 -43.63 -20.10 -8.25
C SER B 146 -43.23 -19.50 -9.60
N GLY B 147 -44.22 -19.24 -10.42
CA GLY B 147 -43.98 -18.68 -11.75
C GLY B 147 -45.26 -18.04 -12.27
N PRO B 148 -45.25 -17.66 -13.54
CA PRO B 148 -46.42 -17.02 -14.13
C PRO B 148 -47.67 -17.90 -13.96
N ARG B 149 -48.81 -17.25 -13.70
CA ARG B 149 -50.06 -17.97 -13.47
C ARG B 149 -50.38 -18.99 -14.55
N GLU B 150 -50.09 -18.65 -15.81
CA GLU B 150 -50.43 -19.48 -16.95
C GLU B 150 -49.67 -20.83 -16.98
N SER B 151 -48.56 -20.89 -16.25
CA SER B 151 -47.78 -22.14 -16.18
C SER B 151 -47.41 -22.46 -14.75
N LEU B 152 -48.30 -22.11 -13.83
CA LEU B 152 -47.99 -22.12 -12.42
C LEU B 152 -47.54 -23.47 -11.86
N ILE B 153 -48.27 -24.53 -12.19
CA ILE B 153 -47.95 -25.83 -11.58
C ILE B 153 -46.62 -26.42 -12.07
N GLY B 154 -46.39 -26.41 -13.39
CA GLY B 154 -45.15 -26.93 -13.97
C GLY B 154 -43.93 -26.10 -13.55
N ASP B 155 -44.12 -24.80 -13.50
CA ASP B 155 -43.01 -23.91 -13.14
C ASP B 155 -42.63 -24.14 -11.66
N THR B 156 -43.63 -24.21 -10.81
CA THR B 156 -43.40 -24.46 -9.39
C THR B 156 -42.68 -25.78 -9.15
N ILE B 157 -43.08 -26.83 -9.88
CA ILE B 157 -42.39 -28.12 -9.72
C ILE B 157 -40.89 -27.99 -10.06
N GLY B 158 -40.56 -27.26 -11.12
CA GLY B 158 -39.14 -27.02 -11.45
C GLY B 158 -38.39 -26.30 -10.33
N ASP B 159 -39.03 -25.28 -9.76
CA ASP B 159 -38.48 -24.52 -8.63
C ASP B 159 -38.25 -25.42 -7.41
N VAL B 160 -39.21 -26.31 -7.15
CA VAL B 160 -39.11 -27.21 -5.99
C VAL B 160 -37.91 -28.15 -6.14
N ILE B 161 -37.62 -28.58 -7.36
CA ILE B 161 -36.42 -29.39 -7.59
C ILE B 161 -35.16 -28.56 -7.25
N ASN B 162 -35.11 -27.30 -7.67
CA ASN B 162 -33.97 -26.44 -7.33
C ASN B 162 -33.88 -26.25 -5.80
N ASP B 163 -35.02 -26.06 -5.14
CA ASP B 163 -35.07 -25.92 -3.69
C ASP B 163 -34.50 -27.17 -2.97
N LEU B 164 -34.86 -28.37 -3.45
CA LEU B 164 -34.37 -29.58 -2.79
C LEU B 164 -32.88 -29.79 -3.02
N LEU B 165 -32.40 -29.43 -4.20
CA LEU B 165 -30.96 -29.54 -4.47
C LEU B 165 -30.14 -28.58 -3.59
N ALA B 166 -30.70 -27.39 -3.33
CA ALA B 166 -30.05 -26.44 -2.41
C ALA B 166 -29.85 -27.07 -1.03
N GLY B 167 -30.87 -27.79 -0.55
CA GLY B 167 -30.80 -28.40 0.78
C GLY B 167 -30.10 -29.75 0.85
N PHE B 168 -30.29 -30.58 -0.17
CA PHE B 168 -29.80 -31.95 -0.12
C PHE B 168 -28.87 -32.35 -1.27
N GLY B 169 -28.52 -31.38 -2.12
CA GLY B 169 -27.70 -31.63 -3.29
C GLY B 169 -26.24 -31.31 -3.09
N PRO B 170 -25.50 -31.09 -4.20
CA PRO B 170 -24.06 -30.85 -4.16
C PRO B 170 -23.68 -29.67 -3.27
N LYS B 171 -22.48 -29.74 -2.68
CA LYS B 171 -22.05 -28.69 -1.73
C LYS B 171 -22.02 -27.29 -2.34
N GLY B 172 -21.78 -27.20 -3.64
CA GLY B 172 -21.70 -25.89 -4.30
C GLY B 172 -22.96 -25.43 -5.03
N TYR B 173 -24.05 -26.19 -4.88
CA TYR B 173 -25.29 -25.88 -5.61
C TYR B 173 -25.87 -24.47 -5.39
N ALA B 174 -26.11 -24.09 -4.14
CA ALA B 174 -26.70 -22.77 -3.86
C ALA B 174 -25.85 -21.65 -4.47
N ASP B 175 -24.54 -21.70 -4.21
CA ASP B 175 -23.61 -20.70 -4.74
C ASP B 175 -23.67 -20.57 -6.26
N GLY B 176 -23.93 -21.67 -6.95
CA GLY B 176 -23.95 -21.68 -8.41
C GLY B 176 -25.27 -21.32 -9.05
N TYR B 177 -26.36 -21.26 -8.27
CA TYR B 177 -27.69 -21.05 -8.84
C TYR B 177 -27.76 -19.86 -9.79
N THR B 178 -27.34 -18.70 -9.32
CA THR B 178 -27.50 -17.47 -10.13
C THR B 178 -26.57 -17.46 -11.33
N LEU B 179 -25.39 -18.02 -11.17
CA LEU B 179 -24.45 -18.13 -12.28
C LEU B 179 -24.98 -19.04 -13.40
N LYS B 180 -25.54 -20.19 -13.02
CA LYS B 180 -26.10 -21.13 -13.99
C LYS B 180 -27.41 -20.61 -14.60
N ALA B 181 -28.23 -19.93 -13.80
CA ALA B 181 -29.51 -19.44 -14.30
C ALA B 181 -29.38 -18.16 -15.14
N PHE B 182 -28.57 -17.22 -14.68
CA PHE B 182 -28.56 -15.89 -15.31
C PHE B 182 -27.16 -15.32 -15.61
N GLY B 183 -26.17 -16.19 -15.74
CA GLY B 183 -24.82 -15.75 -16.04
C GLY B 183 -24.71 -14.83 -17.25
N ASN B 184 -25.34 -15.20 -18.36
CA ASN B 184 -25.28 -14.40 -19.60
C ASN B 184 -26.02 -13.06 -19.42
N LEU B 185 -27.22 -13.13 -18.86
CA LEU B 185 -28.03 -11.92 -18.62
C LEU B 185 -27.26 -10.89 -17.80
N LEU B 186 -26.63 -11.33 -16.72
CA LEU B 186 -25.92 -10.40 -15.84
C LEU B 186 -24.72 -9.76 -16.56
N GLY B 187 -24.13 -10.49 -17.50
CA GLY B 187 -23.07 -9.93 -18.31
C GLY B 187 -23.62 -8.79 -19.17
N ASP B 188 -24.76 -9.03 -19.82
CA ASP B 188 -25.40 -8.02 -20.67
C ASP B 188 -25.84 -6.79 -19.87
N VAL B 189 -26.34 -7.00 -18.65
CA VAL B 189 -26.76 -5.88 -17.79
C VAL B 189 -25.54 -5.02 -17.42
N ALA B 190 -24.43 -5.66 -17.08
CA ALA B 190 -23.19 -4.94 -16.76
C ALA B 190 -22.71 -4.05 -17.91
N LYS B 191 -22.77 -4.58 -19.14
CA LYS B 191 -22.37 -3.83 -20.32
C LYS B 191 -23.30 -2.65 -20.52
N PHE B 192 -24.58 -2.89 -20.32
CA PHE B 192 -25.62 -1.86 -20.41
C PHE B 192 -25.39 -0.78 -19.35
N ALA B 193 -25.12 -1.19 -18.12
CA ALA B 193 -24.82 -0.22 -17.05
C ALA B 193 -23.63 0.67 -17.40
N GLN B 194 -22.53 0.05 -17.81
CA GLN B 194 -21.32 0.82 -18.14
C GLN B 194 -21.55 1.81 -19.27
N ALA B 195 -22.33 1.43 -20.27
CA ALA B 195 -22.62 2.29 -21.41
C ALA B 195 -23.42 3.53 -20.98
N HIS B 196 -24.09 3.42 -19.84
CA HIS B 196 -24.90 4.52 -19.30
C HIS B 196 -24.20 5.25 -18.15
N GLY B 197 -22.91 4.98 -17.97
CA GLY B 197 -22.10 5.67 -16.96
C GLY B 197 -22.33 5.22 -15.54
N LEU B 198 -22.96 4.06 -15.36
CA LEU B 198 -23.19 3.51 -14.02
C LEU B 198 -22.14 2.49 -13.64
N SER B 199 -21.91 2.34 -12.32
CA SER B 199 -21.00 1.31 -11.81
C SER B 199 -21.77 0.37 -10.87
N GLY B 200 -21.06 -0.61 -10.31
CA GLY B 200 -21.69 -1.62 -9.45
C GLY B 200 -22.50 -1.05 -8.30
N GLU B 201 -22.03 0.06 -7.73
CA GLU B 201 -22.72 0.68 -6.59
C GLU B 201 -24.07 1.27 -6.96
N ASP B 202 -24.32 1.44 -8.25
CA ASP B 202 -25.60 1.95 -8.74
C ASP B 202 -26.63 0.84 -8.96
N VAL B 203 -26.31 -0.37 -8.53
CA VAL B 203 -27.21 -1.53 -8.70
C VAL B 203 -27.76 -2.01 -7.37
N VAL B 204 -29.07 -2.23 -7.32
CA VAL B 204 -29.69 -2.90 -6.16
C VAL B 204 -30.16 -4.30 -6.57
N VAL B 205 -29.80 -5.29 -5.78
CA VAL B 205 -30.13 -6.68 -6.07
C VAL B 205 -31.00 -7.22 -4.95
N SER B 206 -32.17 -7.77 -5.28
CA SER B 206 -33.10 -8.23 -4.24
C SER B 206 -33.90 -9.45 -4.70
N GLY B 207 -34.75 -9.95 -3.81
CA GLY B 207 -35.53 -11.16 -4.05
C GLY B 207 -35.91 -11.85 -2.75
N HIS B 208 -36.91 -12.72 -2.81
CA HIS B 208 -37.50 -13.36 -1.62
C HIS B 208 -37.51 -14.88 -1.76
N SER B 209 -37.16 -15.57 -0.68
CA SER B 209 -37.19 -17.05 -0.62
C SER B 209 -36.11 -17.64 -1.52
N LEU B 210 -36.48 -18.46 -2.51
CA LEU B 210 -35.51 -18.90 -3.52
C LEU B 210 -34.85 -17.68 -4.19
N GLY B 211 -35.60 -16.59 -4.32
CA GLY B 211 -35.02 -15.33 -4.83
C GLY B 211 -34.00 -14.71 -3.88
N GLY B 212 -34.19 -14.90 -2.58
CA GLY B 212 -33.24 -14.46 -1.55
C GLY B 212 -31.98 -15.31 -1.64
N LEU B 213 -32.16 -16.61 -1.86
CA LEU B 213 -31.01 -17.50 -2.11
C LEU B 213 -30.24 -17.00 -3.34
N ALA B 214 -30.96 -16.61 -4.38
CA ALA B 214 -30.29 -16.11 -5.60
C ALA B 214 -29.52 -14.82 -5.37
N VAL B 215 -29.99 -13.98 -4.44
CA VAL B 215 -29.27 -12.75 -4.11
C VAL B 215 -27.91 -13.07 -3.47
N ASN B 216 -27.94 -13.99 -2.50
CA ASN B 216 -26.74 -14.44 -1.82
C ASN B 216 -25.78 -15.16 -2.78
N SER B 217 -26.35 -15.93 -3.70
CA SER B 217 -25.56 -16.58 -4.76
C SER B 217 -24.83 -15.58 -5.67
N MET B 218 -25.54 -14.57 -6.13
CA MET B 218 -24.90 -13.53 -6.95
C MET B 218 -23.75 -12.88 -6.19
N ALA B 219 -24.00 -12.50 -4.93
CA ALA B 219 -22.98 -11.90 -4.09
C ALA B 219 -21.75 -12.82 -4.01
N ALA B 220 -21.99 -14.12 -3.82
CA ALA B 220 -20.90 -15.09 -3.68
C ALA B 220 -20.02 -15.22 -4.94
N GLN B 221 -20.61 -14.92 -6.10
CA GLN B 221 -19.91 -15.03 -7.38
C GLN B 221 -19.35 -13.69 -7.88
N SER B 222 -19.63 -12.61 -7.15
CA SER B 222 -19.43 -11.26 -7.68
C SER B 222 -17.99 -10.75 -7.68
N ASP B 223 -17.12 -11.32 -6.87
CA ASP B 223 -15.72 -10.90 -6.91
C ASP B 223 -15.04 -11.45 -8.15
N ALA B 224 -15.41 -12.67 -8.55
CA ALA B 224 -14.71 -13.39 -9.61
C ALA B 224 -15.36 -13.33 -11.00
N ASN B 225 -16.67 -13.13 -11.07
CA ASN B 225 -17.39 -13.17 -12.35
C ASN B 225 -17.78 -11.78 -12.87
N TRP B 226 -18.22 -11.71 -14.13
CA TRP B 226 -18.66 -10.45 -14.75
C TRP B 226 -17.62 -9.34 -14.57
N GLY B 227 -16.35 -9.73 -14.63
CA GLY B 227 -15.24 -8.78 -14.52
C GLY B 227 -15.17 -8.03 -13.21
N GLY B 228 -15.85 -8.55 -12.19
CA GLY B 228 -15.92 -7.89 -10.88
C GLY B 228 -16.91 -6.73 -10.82
N PHE B 229 -17.67 -6.54 -11.88
CA PHE B 229 -18.56 -5.37 -11.95
C PHE B 229 -19.48 -5.19 -10.74
N TYR B 230 -20.02 -6.30 -10.22
CA TYR B 230 -21.02 -6.26 -9.15
C TYR B 230 -20.45 -6.50 -7.75
N ALA B 231 -19.13 -6.47 -7.60
CA ALA B 231 -18.50 -6.71 -6.30
C ALA B 231 -19.08 -5.80 -5.21
N GLN B 232 -19.32 -4.54 -5.57
CA GLN B 232 -19.78 -3.55 -4.62
C GLN B 232 -21.24 -3.17 -4.82
N SER B 233 -22.00 -4.03 -5.47
CA SER B 233 -23.43 -3.80 -5.65
C SER B 233 -24.16 -3.95 -4.30
N ASN B 234 -25.42 -3.52 -4.25
CA ASN B 234 -26.19 -3.48 -3.01
C ASN B 234 -27.12 -4.67 -2.91
N TYR B 235 -26.76 -5.63 -2.06
CA TYR B 235 -27.50 -6.91 -1.98
C TYR B 235 -28.42 -6.95 -0.75
N VAL B 236 -29.72 -6.97 -0.99
CA VAL B 236 -30.71 -7.00 0.07
C VAL B 236 -31.60 -8.23 -0.17
N ALA B 237 -31.45 -9.25 0.68
CA ALA B 237 -32.16 -10.50 0.47
C ALA B 237 -33.25 -10.69 1.51
N PHE B 238 -34.42 -11.15 1.05
CA PHE B 238 -35.56 -11.38 1.93
C PHE B 238 -35.85 -12.87 2.10
N ALA B 239 -36.04 -13.30 3.34
CA ALA B 239 -36.42 -14.69 3.63
C ALA B 239 -35.51 -15.74 2.99
N SER B 240 -34.22 -15.45 2.86
CA SER B 240 -33.30 -16.44 2.29
C SER B 240 -33.01 -17.59 3.25
N PRO B 241 -32.97 -18.84 2.72
CA PRO B 241 -32.50 -19.96 3.53
C PRO B 241 -30.96 -19.92 3.73
N THR B 242 -30.25 -19.23 2.84
CA THR B 242 -28.78 -19.19 2.85
C THR B 242 -28.23 -17.82 3.25
N GLN B 243 -26.97 -17.80 3.68
CA GLN B 243 -26.20 -16.55 3.88
C GLN B 243 -24.82 -16.62 3.23
N TYR B 244 -24.49 -15.59 2.46
CA TYR B 244 -23.12 -15.36 2.04
C TYR B 244 -22.63 -14.14 2.82
N GLU B 245 -21.64 -14.34 3.68
CA GLU B 245 -21.25 -13.30 4.62
C GLU B 245 -19.81 -12.79 4.44
N ALA B 246 -19.02 -13.50 3.65
CA ALA B 246 -17.63 -13.10 3.39
C ALA B 246 -17.60 -11.79 2.62
N GLY B 247 -17.00 -10.75 3.20
CA GLY B 247 -16.90 -9.45 2.51
C GLY B 247 -18.00 -8.46 2.88
N GLY B 248 -18.96 -8.88 3.70
CA GLY B 248 -20.02 -7.97 4.17
C GLY B 248 -20.90 -7.37 3.08
N LYS B 249 -21.19 -8.17 2.05
CA LYS B 249 -21.96 -7.72 0.88
C LYS B 249 -23.49 -7.76 1.03
N VAL B 250 -23.99 -8.66 1.86
CA VAL B 250 -25.43 -8.93 1.91
C VAL B 250 -26.06 -8.62 3.26
N ILE B 251 -27.24 -7.99 3.24
CA ILE B 251 -28.08 -7.94 4.45
C ILE B 251 -29.23 -8.93 4.23
N ASN B 252 -29.42 -9.83 5.19
CA ASN B 252 -30.48 -10.84 5.12
C ASN B 252 -31.63 -10.52 6.09
N ILE B 253 -32.75 -10.08 5.53
CA ILE B 253 -33.88 -9.60 6.31
C ILE B 253 -35.00 -10.62 6.26
N GLY B 254 -35.61 -10.93 7.40
CA GLY B 254 -36.72 -11.91 7.43
C GLY B 254 -37.33 -12.01 8.80
N TYR B 255 -38.39 -12.80 8.92
CA TYR B 255 -39.05 -13.00 10.20
C TYR B 255 -38.52 -14.26 10.88
N GLU B 256 -38.28 -14.19 12.19
CA GLU B 256 -37.68 -15.32 12.90
C GLU B 256 -38.61 -16.55 12.92
N ASN B 257 -39.93 -16.32 12.87
CA ASN B 257 -40.90 -17.44 12.82
C ASN B 257 -41.23 -17.88 11.37
N ASP B 258 -40.47 -17.37 10.40
CA ASP B 258 -40.55 -17.86 9.02
C ASP B 258 -39.60 -19.05 8.89
N PRO B 259 -40.14 -20.27 8.70
CA PRO B 259 -39.27 -21.47 8.78
C PRO B 259 -38.25 -21.57 7.63
N VAL B 260 -38.49 -20.85 6.53
CA VAL B 260 -37.51 -20.83 5.43
C VAL B 260 -36.29 -19.95 5.73
N PHE B 261 -36.53 -18.86 6.48
CA PHE B 261 -35.50 -17.85 6.75
C PHE B 261 -34.37 -18.42 7.63
N ARG B 262 -33.15 -18.43 7.08
CA ARG B 262 -31.96 -19.00 7.75
C ARG B 262 -32.04 -20.51 7.96
N ALA B 263 -32.81 -21.22 7.13
CA ALA B 263 -32.92 -22.68 7.34
C ALA B 263 -31.58 -23.38 7.16
N LEU B 264 -30.73 -22.83 6.30
CA LEU B 264 -29.38 -23.37 6.10
C LEU B 264 -28.34 -22.56 6.87
N ASP B 265 -27.25 -23.20 7.27
CA ASP B 265 -26.20 -22.54 8.05
C ASP B 265 -25.10 -22.21 7.06
N GLY B 266 -25.09 -20.95 6.58
CA GLY B 266 -24.31 -20.58 5.40
C GLY B 266 -25.05 -21.20 4.23
N THR B 267 -24.55 -22.34 3.75
CA THR B 267 -25.28 -23.13 2.76
C THR B 267 -25.50 -24.57 3.25
N SER B 268 -25.11 -24.85 4.49
CA SER B 268 -25.10 -26.22 5.00
C SER B 268 -26.42 -26.69 5.61
N LEU B 269 -26.81 -27.93 5.32
CA LEU B 269 -27.97 -28.55 5.98
C LEU B 269 -27.52 -29.08 7.33
N THR B 270 -28.26 -28.74 8.39
CA THR B 270 -27.99 -29.23 9.76
C THR B 270 -29.29 -29.73 10.39
N LEU B 271 -29.22 -30.36 11.56
CA LEU B 271 -30.47 -30.80 12.19
C LEU B 271 -31.43 -29.63 12.47
N PRO B 272 -30.94 -28.49 12.98
CA PRO B 272 -31.88 -27.36 13.13
C PRO B 272 -32.58 -26.93 11.83
N SER B 273 -32.00 -27.24 10.67
CA SER B 273 -32.67 -26.93 9.39
C SER B 273 -34.09 -27.49 9.37
N LEU B 274 -34.32 -28.61 10.05
CA LEU B 274 -35.65 -29.26 10.02
C LEU B 274 -36.52 -28.92 11.26
N GLY B 275 -36.03 -28.04 12.12
CA GLY B 275 -36.83 -27.57 13.25
C GLY B 275 -36.64 -26.09 13.46
N VAL B 276 -36.38 -25.68 14.71
CA VAL B 276 -36.10 -24.27 15.02
C VAL B 276 -34.63 -23.95 14.72
N HIS B 277 -34.39 -22.93 13.92
CA HIS B 277 -33.03 -22.50 13.55
C HIS B 277 -32.85 -20.98 13.75
N ASP B 278 -32.80 -20.57 15.02
CA ASP B 278 -32.76 -19.15 15.39
C ASP B 278 -31.41 -18.73 15.95
N ALA B 279 -30.34 -19.51 15.74
CA ALA B 279 -29.01 -19.05 16.13
C ALA B 279 -28.74 -17.77 15.33
N PRO B 280 -28.22 -16.72 15.97
CA PRO B 280 -28.12 -15.48 15.17
C PRO B 280 -26.99 -15.49 14.15
N HIS B 281 -27.26 -14.95 12.96
CA HIS B 281 -26.25 -14.80 11.91
C HIS B 281 -25.82 -13.34 11.78
N THR B 282 -24.53 -13.11 11.50
CA THR B 282 -23.99 -11.75 11.47
C THR B 282 -24.69 -10.89 10.41
N SER B 283 -25.07 -11.49 9.28
CA SER B 283 -25.66 -10.70 8.19
C SER B 283 -27.17 -10.47 8.32
N ALA B 284 -27.77 -11.03 9.36
CA ALA B 284 -29.23 -11.12 9.41
C ALA B 284 -29.89 -10.25 10.48
N THR B 285 -31.12 -9.84 10.23
CA THR B 285 -32.00 -9.29 11.27
C THR B 285 -32.60 -10.49 12.00
N ASN B 286 -32.14 -10.80 13.22
CA ASN B 286 -32.48 -12.11 13.81
C ASN B 286 -33.73 -12.20 14.71
N ASN B 287 -34.35 -11.06 14.97
CA ASN B 287 -35.41 -11.00 16.00
C ASN B 287 -36.67 -10.20 15.61
N ILE B 288 -37.07 -10.32 14.35
CA ILE B 288 -38.35 -9.73 13.89
C ILE B 288 -39.48 -10.78 13.89
N VAL B 289 -40.56 -10.53 14.61
CA VAL B 289 -41.66 -11.53 14.68
C VAL B 289 -42.83 -11.15 13.79
N ASN B 290 -43.32 -12.12 13.00
CA ASN B 290 -44.52 -11.97 12.20
C ASN B 290 -45.69 -12.40 13.07
N PHE B 291 -46.32 -11.45 13.76
CA PHE B 291 -47.40 -11.79 14.71
C PHE B 291 -48.70 -12.00 13.94
N ASN B 292 -48.88 -13.22 13.43
CA ASN B 292 -50.06 -13.57 12.65
C ASN B 292 -50.93 -14.62 13.40
N ASP B 293 -52.03 -15.05 12.76
CA ASP B 293 -52.99 -15.94 13.42
C ASP B 293 -52.34 -17.28 13.84
N HIS B 294 -51.37 -17.76 13.05
CA HIS B 294 -50.65 -19.00 13.42
C HIS B 294 -49.77 -18.78 14.67
N TYR B 295 -48.96 -17.72 14.66
CA TYR B 295 -48.07 -17.45 15.78
C TYR B 295 -48.86 -17.23 17.07
N ALA B 296 -50.02 -16.59 16.96
CA ALA B 296 -50.81 -16.25 18.13
C ALA B 296 -51.46 -17.47 18.78
N SER B 297 -51.67 -18.53 17.99
CA SER B 297 -52.50 -19.67 18.39
C SER B 297 -51.77 -20.76 19.18
N ASP B 298 -52.18 -21.01 20.42
CA ASP B 298 -51.62 -22.11 21.20
C ASP B 298 -51.94 -23.45 20.52
N ALA B 299 -53.15 -23.58 19.97
CA ALA B 299 -53.58 -24.82 19.30
C ALA B 299 -52.71 -25.18 18.10
N TRP B 300 -52.47 -24.23 17.21
CA TRP B 300 -51.59 -24.46 16.07
C TRP B 300 -50.20 -24.91 16.53
N ASN B 301 -49.73 -24.32 17.61
CA ASN B 301 -48.36 -24.58 18.04
C ASN B 301 -48.21 -25.78 18.98
N LEU B 302 -49.24 -26.62 19.05
CA LEU B 302 -49.07 -27.96 19.62
C LEU B 302 -48.27 -28.82 18.66
N LEU B 303 -48.24 -28.43 17.39
CA LEU B 303 -47.43 -29.11 16.40
C LEU B 303 -46.01 -28.54 16.42
N PRO B 304 -45.00 -29.41 16.20
CA PRO B 304 -43.64 -28.88 16.24
C PRO B 304 -43.31 -27.92 15.08
N PHE B 305 -42.67 -26.81 15.41
CA PHE B 305 -42.21 -25.84 14.40
C PHE B 305 -41.17 -26.49 13.48
N SER B 306 -41.45 -26.45 12.17
CA SER B 306 -40.58 -27.07 11.18
C SER B 306 -40.95 -26.61 9.77
N ILE B 307 -39.95 -26.53 8.90
CA ILE B 307 -40.16 -26.29 7.48
C ILE B 307 -40.96 -27.44 6.85
N LEU B 308 -41.00 -28.60 7.53
CA LEU B 308 -41.79 -29.77 7.09
C LEU B 308 -43.27 -29.68 7.48
N ASN B 309 -43.58 -28.77 8.40
CA ASN B 309 -44.93 -28.51 8.90
C ASN B 309 -45.56 -27.38 8.06
N ILE B 310 -46.38 -27.74 7.06
CA ILE B 310 -46.84 -26.75 6.06
C ILE B 310 -47.56 -25.49 6.61
N PRO B 311 -48.47 -25.65 7.59
CA PRO B 311 -49.09 -24.46 8.20
C PRO B 311 -48.11 -23.38 8.64
N THR B 312 -46.90 -23.75 9.08
CA THR B 312 -45.93 -22.73 9.54
C THR B 312 -45.47 -21.82 8.41
N TRP B 313 -45.68 -22.25 7.16
CA TRP B 313 -45.30 -21.44 6.01
C TRP B 313 -46.16 -20.17 5.85
N LEU B 314 -47.27 -20.08 6.58
CA LEU B 314 -48.05 -18.83 6.58
C LEU B 314 -47.13 -17.61 6.74
N SER B 315 -46.18 -17.71 7.66
CA SER B 315 -45.32 -16.57 8.02
C SER B 315 -44.34 -16.14 6.91
N HIS B 316 -44.25 -16.95 5.85
CA HIS B 316 -43.31 -16.78 4.74
C HIS B 316 -43.89 -15.93 3.58
N LEU B 317 -45.22 -15.78 3.55
CA LEU B 317 -45.89 -15.23 2.35
C LEU B 317 -45.43 -13.81 2.02
N PRO B 318 -45.18 -13.54 0.73
CA PRO B 318 -44.61 -12.23 0.35
C PRO B 318 -45.43 -11.01 0.78
N PHE B 319 -46.76 -11.10 0.82
CA PHE B 319 -47.54 -9.92 1.24
C PHE B 319 -47.28 -9.52 2.71
N PHE B 320 -46.93 -10.47 3.57
CA PHE B 320 -46.56 -10.16 4.97
C PHE B 320 -45.24 -9.39 5.03
N TYR B 321 -44.32 -9.76 4.13
CA TYR B 321 -43.04 -9.08 4.02
C TYR B 321 -43.26 -7.63 3.56
N GLN B 322 -44.01 -7.47 2.49
CA GLN B 322 -44.24 -6.14 1.91
C GLN B 322 -44.93 -5.22 2.93
N ASP B 323 -46.09 -5.65 3.41
CA ASP B 323 -46.90 -4.80 4.28
C ASP B 323 -46.27 -4.58 5.66
N GLY B 324 -45.81 -5.66 6.29
CA GLY B 324 -45.24 -5.60 7.63
C GLY B 324 -43.94 -4.84 7.70
N LEU B 325 -43.01 -5.15 6.80
CA LEU B 325 -41.68 -4.54 6.88
C LEU B 325 -41.71 -3.06 6.45
N MET B 326 -42.65 -2.68 5.59
CA MET B 326 -42.80 -1.23 5.34
C MET B 326 -43.31 -0.47 6.59
N ARG B 327 -44.16 -1.11 7.39
CA ARG B 327 -44.58 -0.44 8.65
C ARG B 327 -43.41 -0.32 9.60
N VAL B 328 -42.50 -1.29 9.59
CA VAL B 328 -41.30 -1.18 10.41
C VAL B 328 -40.46 0.01 9.93
N LEU B 329 -40.23 0.05 8.61
CA LEU B 329 -39.44 1.14 8.00
C LEU B 329 -40.03 2.52 8.34
N ASN B 330 -41.35 2.61 8.31
CA ASN B 330 -42.03 3.90 8.49
C ASN B 330 -42.39 4.22 9.96
N SER B 331 -41.96 3.38 10.90
CA SER B 331 -42.23 3.60 12.32
C SER B 331 -41.66 4.90 12.88
N GLU B 332 -42.42 5.52 13.78
CA GLU B 332 -41.98 6.69 14.51
C GLU B 332 -40.75 6.36 15.34
N PHE B 333 -40.58 5.08 15.65
CA PHE B 333 -39.47 4.62 16.49
C PHE B 333 -38.29 4.04 15.67
N TYR B 334 -38.36 4.13 14.34
CA TYR B 334 -37.29 3.50 13.51
C TYR B 334 -35.86 3.95 13.91
N SER B 335 -35.67 5.24 14.19
CA SER B 335 -34.31 5.75 14.47
C SER B 335 -33.73 5.25 15.79
N LEU B 336 -34.53 4.52 16.57
CA LEU B 336 -34.04 3.91 17.81
C LEU B 336 -33.65 2.43 17.63
N THR B 337 -33.88 1.88 16.44
CA THR B 337 -33.68 0.43 16.23
C THR B 337 -32.27 0.04 15.76
N ASP B 338 -31.93 -1.23 16.00
CA ASP B 338 -30.67 -1.81 15.57
C ASP B 338 -30.95 -3.12 14.82
N LYS B 339 -29.94 -3.64 14.11
CA LYS B 339 -30.09 -4.87 13.32
C LYS B 339 -30.78 -6.00 14.08
N ASP B 340 -30.41 -6.19 15.35
CA ASP B 340 -30.99 -7.29 16.12
C ASP B 340 -32.02 -6.87 17.18
N SER B 341 -32.60 -5.68 17.02
CA SER B 341 -33.75 -5.27 17.86
C SER B 341 -34.90 -6.27 17.82
N THR B 342 -35.52 -6.49 18.97
CA THR B 342 -36.71 -7.33 19.01
C THR B 342 -37.87 -6.51 18.50
N ILE B 343 -38.43 -6.88 17.35
CA ILE B 343 -39.58 -6.13 16.80
C ILE B 343 -40.76 -7.07 16.54
N ILE B 344 -41.91 -6.77 17.14
CA ILE B 344 -43.11 -7.60 16.97
C ILE B 344 -44.05 -6.87 16.02
N VAL B 345 -44.34 -7.47 14.87
CA VAL B 345 -45.16 -6.80 13.83
C VAL B 345 -46.57 -7.37 13.77
N SER B 346 -47.58 -6.53 14.01
CA SER B 346 -48.97 -7.03 13.99
C SER B 346 -49.42 -7.41 12.58
N ASN B 347 -49.77 -8.68 12.38
CA ASN B 347 -50.20 -9.19 11.09
C ASN B 347 -51.42 -10.09 11.24
N LEU B 348 -52.36 -9.69 12.12
CA LEU B 348 -53.54 -10.51 12.40
C LEU B 348 -54.65 -10.38 11.35
N SER B 349 -55.53 -11.40 11.26
CA SER B 349 -56.71 -11.31 10.41
C SER B 349 -57.79 -10.41 11.06
N ASN B 350 -58.82 -10.05 10.30
CA ASN B 350 -59.95 -9.30 10.87
C ASN B 350 -60.70 -10.15 11.90
N VAL B 351 -60.55 -11.47 11.80
CA VAL B 351 -61.19 -12.43 12.70
C VAL B 351 -60.65 -12.38 14.12
N THR B 352 -59.35 -12.12 14.24
CA THR B 352 -58.65 -12.20 15.52
C THR B 352 -58.20 -10.85 16.08
N ARG B 353 -58.12 -9.83 15.22
CA ARG B 353 -57.53 -8.54 15.64
C ARG B 353 -58.23 -7.94 16.87
N GLY B 354 -59.55 -8.12 16.94
CA GLY B 354 -60.33 -7.56 18.04
C GLY B 354 -60.38 -8.37 19.34
N ASN B 355 -59.75 -9.54 19.35
CA ASN B 355 -59.79 -10.42 20.52
C ASN B 355 -58.45 -11.04 20.89
N THR B 356 -57.37 -10.59 20.24
CA THR B 356 -56.05 -11.16 20.45
C THR B 356 -55.04 -10.07 20.72
N TRP B 357 -54.31 -10.18 21.84
CA TRP B 357 -53.26 -9.18 22.17
C TRP B 357 -51.97 -9.45 21.40
N VAL B 358 -51.43 -8.42 20.74
CA VAL B 358 -50.13 -8.51 20.08
C VAL B 358 -49.07 -8.31 21.16
N GLU B 359 -48.23 -9.33 21.38
CA GLU B 359 -47.28 -9.33 22.48
C GLU B 359 -46.11 -10.25 22.16
N ASP B 360 -45.03 -10.11 22.92
CA ASP B 360 -43.86 -10.97 22.67
C ASP B 360 -44.03 -12.31 23.38
N LEU B 361 -44.61 -13.26 22.69
CA LEU B 361 -44.75 -14.62 23.21
C LEU B 361 -43.40 -15.37 23.24
N ASN B 362 -42.45 -14.91 22.45
CA ASN B 362 -41.12 -15.53 22.34
C ASN B 362 -41.20 -17.00 21.92
N ARG B 363 -42.23 -17.31 21.13
CA ARG B 363 -42.49 -18.67 20.69
C ARG B 363 -41.46 -19.13 19.65
N ASN B 364 -40.96 -20.37 19.81
CA ASN B 364 -40.07 -21.00 18.82
C ASN B 364 -38.88 -20.12 18.41
N ALA B 365 -38.20 -19.57 19.42
CA ALA B 365 -37.08 -18.67 19.19
C ALA B 365 -36.21 -18.63 20.43
N GLU B 366 -34.94 -18.23 20.26
CA GLU B 366 -34.08 -18.02 21.41
C GLU B 366 -34.61 -16.82 22.24
N THR B 367 -34.28 -16.79 23.52
CA THR B 367 -34.82 -15.77 24.42
C THR B 367 -34.43 -14.38 23.95
N HIS B 368 -35.44 -13.50 23.85
CA HIS B 368 -35.22 -12.13 23.40
C HIS B 368 -34.54 -11.30 24.48
N SER B 369 -33.82 -10.25 24.06
CA SER B 369 -33.21 -9.33 25.05
C SER B 369 -33.25 -7.91 24.51
N GLY B 370 -32.93 -6.93 25.36
CA GLY B 370 -32.96 -5.52 24.91
C GLY B 370 -34.38 -4.98 24.88
N PRO B 371 -34.55 -3.74 24.45
CA PRO B 371 -35.91 -3.19 24.37
C PRO B 371 -36.74 -3.91 23.31
N THR B 372 -38.06 -3.86 23.46
CA THR B 372 -38.97 -4.47 22.49
C THR B 372 -39.80 -3.37 21.79
N PHE B 373 -39.90 -3.47 20.47
CA PHE B 373 -40.75 -2.57 19.67
C PHE B 373 -41.97 -3.36 19.18
N ILE B 374 -43.18 -2.84 19.43
CA ILE B 374 -44.38 -3.50 18.92
C ILE B 374 -45.10 -2.55 17.96
N ILE B 375 -45.26 -3.00 16.71
CA ILE B 375 -45.77 -2.15 15.63
C ILE B 375 -47.19 -2.55 15.25
N GLY B 376 -48.16 -1.65 15.46
CA GLY B 376 -49.56 -1.95 15.16
C GLY B 376 -49.91 -1.87 13.68
N SER B 377 -51.21 -1.91 13.38
CA SER B 377 -51.73 -1.80 12.03
C SER B 377 -52.57 -0.53 11.92
N ASP B 378 -53.04 -0.22 10.71
CA ASP B 378 -53.92 0.95 10.62
C ASP B 378 -55.35 0.62 11.03
N GLY B 379 -55.57 -0.62 11.50
CA GLY B 379 -56.84 -1.02 12.12
C GLY B 379 -56.85 -0.85 13.64
N ASN B 380 -57.94 -1.30 14.27
CA ASN B 380 -58.05 -1.23 15.74
C ASN B 380 -57.29 -2.38 16.39
N ASP B 381 -56.18 -2.06 17.08
CA ASP B 381 -55.28 -3.08 17.66
C ASP B 381 -55.36 -3.21 19.16
N LEU B 382 -55.04 -4.41 19.67
CA LEU B 382 -54.82 -4.66 21.09
C LEU B 382 -53.33 -4.98 21.25
N ILE B 383 -52.60 -4.13 21.96
CA ILE B 383 -51.12 -4.23 22.01
C ILE B 383 -50.65 -4.30 23.46
N LYS B 384 -49.86 -5.32 23.81
CA LYS B 384 -49.40 -5.48 25.20
C LYS B 384 -47.87 -5.61 25.29
N GLY B 385 -47.26 -4.66 26.01
CA GLY B 385 -45.82 -4.72 26.31
C GLY B 385 -45.54 -5.56 27.55
N GLY B 386 -44.31 -6.07 27.63
CA GLY B 386 -43.88 -6.92 28.73
C GLY B 386 -43.29 -6.18 29.92
N LYS B 387 -42.66 -6.94 30.82
CA LYS B 387 -42.12 -6.37 32.08
C LYS B 387 -40.87 -5.54 31.87
N GLY B 388 -40.21 -5.71 30.71
CA GLY B 388 -39.05 -4.88 30.37
C GLY B 388 -39.43 -3.58 29.67
N ASN B 389 -38.47 -2.97 28.97
CA ASN B 389 -38.69 -1.67 28.34
C ASN B 389 -39.32 -1.83 26.96
N ASP B 390 -40.41 -1.12 26.70
CA ASP B 390 -41.15 -1.28 25.43
C ASP B 390 -41.43 0.03 24.71
N TYR B 391 -41.50 -0.06 23.38
CA TYR B 391 -41.87 1.05 22.50
C TYR B 391 -43.08 0.57 21.70
N LEU B 392 -44.28 1.07 22.03
CA LEU B 392 -45.52 0.55 21.43
C LEU B 392 -46.15 1.57 20.48
N GLU B 393 -46.43 1.17 19.24
CA GLU B 393 -46.93 2.10 18.21
C GLU B 393 -48.29 1.68 17.64
N GLY B 394 -49.32 2.46 17.91
CA GLY B 394 -50.66 2.08 17.49
C GLY B 394 -51.00 2.34 16.03
N ARG B 395 -50.38 3.38 15.45
CA ARG B 395 -50.77 3.88 14.11
C ARG B 395 -52.27 4.27 14.05
N ASP B 396 -52.83 4.29 12.84
CA ASP B 396 -54.23 4.66 12.67
C ASP B 396 -55.14 3.65 13.40
N GLY B 397 -56.41 4.02 13.56
CA GLY B 397 -57.37 3.16 14.24
C GLY B 397 -57.42 3.37 15.75
N ASP B 398 -58.52 2.89 16.36
CA ASP B 398 -58.73 2.99 17.80
C ASP B 398 -58.01 1.83 18.48
N ASP B 399 -56.90 2.15 19.15
CA ASP B 399 -56.03 1.14 19.72
C ASP B 399 -56.12 1.09 21.26
N ILE B 400 -55.92 -0.09 21.85
CA ILE B 400 -55.83 -0.24 23.30
C ILE B 400 -54.48 -0.84 23.68
N PHE B 401 -53.82 -0.22 24.65
CA PHE B 401 -52.49 -0.65 25.09
C PHE B 401 -52.54 -1.15 26.53
N ARG B 402 -51.73 -2.18 26.79
CA ARG B 402 -51.44 -2.67 28.14
C ARG B 402 -49.93 -2.79 28.22
N ASP B 403 -49.37 -2.75 29.44
CA ASP B 403 -47.91 -2.97 29.63
C ASP B 403 -47.61 -3.45 31.04
N ALA B 404 -46.78 -4.47 31.16
CA ALA B 404 -46.57 -5.16 32.45
C ALA B 404 -45.48 -4.58 33.34
N GLY B 405 -44.73 -3.58 32.87
CA GLY B 405 -43.70 -2.95 33.72
C GLY B 405 -42.56 -2.27 32.97
N GLY B 406 -41.57 -1.80 33.72
CA GLY B 406 -40.38 -1.19 33.13
C GLY B 406 -40.61 0.22 32.64
N TYR B 407 -39.78 0.66 31.69
CA TYR B 407 -39.79 2.05 31.18
C TYR B 407 -40.18 2.02 29.71
N ASN B 408 -41.23 2.76 29.37
CA ASN B 408 -41.89 2.60 28.07
C ASN B 408 -42.28 3.91 27.39
N LEU B 409 -42.30 3.88 26.06
CA LEU B 409 -42.92 4.94 25.25
C LEU B 409 -44.06 4.37 24.46
N ILE B 410 -45.19 5.08 24.46
CA ILE B 410 -46.36 4.66 23.70
C ILE B 410 -46.79 5.78 22.75
N ALA B 411 -46.94 5.45 21.47
CA ALA B 411 -47.50 6.41 20.50
C ALA B 411 -48.86 5.90 20.01
N GLY B 412 -49.94 6.49 20.51
CA GLY B 412 -51.28 6.03 20.13
C GLY B 412 -51.64 6.29 18.68
N GLY B 413 -51.00 7.29 18.08
CA GLY B 413 -51.32 7.70 16.70
C GLY B 413 -52.72 8.31 16.57
N LYS B 414 -53.24 8.35 15.34
CA LYS B 414 -54.60 8.84 15.12
C LYS B 414 -55.62 7.94 15.83
N GLY B 415 -56.85 8.42 15.94
CA GLY B 415 -57.92 7.60 16.48
C GLY B 415 -58.18 7.82 17.97
N HIS B 416 -59.17 7.11 18.50
CA HIS B 416 -59.47 7.17 19.92
C HIS B 416 -58.71 6.04 20.61
N ASN B 417 -57.61 6.38 21.28
CA ASN B 417 -56.74 5.36 21.89
C ASN B 417 -56.85 5.31 23.41
N ILE B 418 -56.68 4.11 23.96
CA ILE B 418 -56.89 3.87 25.38
C ILE B 418 -55.66 3.22 26.00
N PHE B 419 -55.25 3.66 27.19
CA PHE B 419 -54.27 2.88 27.97
C PHE B 419 -54.99 2.19 29.12
N ASP B 420 -54.79 0.88 29.24
CA ASP B 420 -55.46 0.02 30.24
C ASP B 420 -54.46 -0.49 31.28
N THR B 421 -54.59 -0.02 32.53
CA THR B 421 -53.62 -0.41 33.59
C THR B 421 -53.85 -1.80 34.16
N GLN B 422 -55.04 -2.35 33.93
CA GLN B 422 -55.42 -3.67 34.50
C GLN B 422 -55.43 -3.75 36.03
N GLN B 423 -55.44 -2.61 36.72
CA GLN B 423 -55.53 -2.64 38.17
C GLN B 423 -56.08 -1.34 38.75
N ALA B 424 -56.21 -1.28 40.08
CA ALA B 424 -56.78 -0.12 40.75
C ALA B 424 -56.01 1.14 40.36
N LEU B 425 -56.73 2.22 40.04
CA LEU B 425 -56.06 3.47 39.69
C LEU B 425 -55.15 3.98 40.82
N LYS B 426 -55.53 3.72 42.07
CA LYS B 426 -54.71 4.17 43.21
C LYS B 426 -53.28 3.60 43.20
N ASN B 427 -53.05 2.53 42.44
CA ASN B 427 -51.73 1.88 42.37
C ASN B 427 -50.77 2.51 41.35
N THR B 428 -51.25 3.52 40.62
CA THR B 428 -50.49 4.17 39.57
C THR B 428 -50.47 5.69 39.81
N GLU B 429 -49.30 6.31 39.72
CA GLU B 429 -49.22 7.77 39.78
C GLU B 429 -49.43 8.31 38.37
N VAL B 430 -50.38 9.24 38.22
CA VAL B 430 -50.80 9.69 36.90
C VAL B 430 -50.69 11.20 36.76
N ALA B 431 -49.97 11.66 35.74
CA ALA B 431 -49.91 13.09 35.41
C ALA B 431 -49.93 13.33 33.89
N TYR B 432 -50.07 14.59 33.47
CA TYR B 432 -50.31 14.92 32.06
C TYR B 432 -49.69 16.28 31.75
N ASP B 433 -48.88 16.39 30.70
CA ASP B 433 -48.27 17.71 30.41
C ASP B 433 -49.06 18.54 29.40
N GLY B 434 -50.22 18.03 28.98
CA GLY B 434 -51.07 18.70 28.01
C GLY B 434 -51.12 17.93 26.70
N ASN B 435 -50.15 17.04 26.53
CA ASN B 435 -50.03 16.20 25.33
C ASN B 435 -49.68 14.76 25.67
N THR B 436 -48.73 14.61 26.59
CA THR B 436 -48.18 13.32 26.99
C THR B 436 -48.66 12.93 28.37
N LEU B 437 -49.15 11.71 28.49
CA LEU B 437 -49.56 11.14 29.75
C LEU B 437 -48.37 10.43 30.38
N TYR B 438 -48.12 10.70 31.67
CA TYR B 438 -47.03 10.08 32.44
C TYR B 438 -47.61 9.16 33.51
N LEU B 439 -47.18 7.90 33.51
CA LEU B 439 -47.66 6.92 34.49
C LEU B 439 -46.47 6.27 35.19
N ARG B 440 -46.47 6.27 36.52
CA ARG B 440 -45.41 5.58 37.25
C ARG B 440 -46.02 4.45 38.10
N ASP B 441 -45.50 3.23 37.92
CA ASP B 441 -46.06 2.06 38.65
C ASP B 441 -45.45 1.96 40.05
N ALA B 442 -45.84 0.92 40.79
CA ALA B 442 -45.42 0.81 42.20
C ALA B 442 -43.94 0.42 42.35
N LYS B 443 -43.33 -0.08 41.28
CA LYS B 443 -41.90 -0.38 41.31
C LYS B 443 -41.02 0.76 40.77
N GLY B 444 -41.66 1.87 40.39
CA GLY B 444 -40.94 3.05 39.89
C GLY B 444 -40.78 3.13 38.38
N GLY B 445 -41.29 2.14 37.65
CA GLY B 445 -41.24 2.15 36.19
C GLY B 445 -42.09 3.29 35.64
N ILE B 446 -41.59 3.98 34.61
CA ILE B 446 -42.27 5.14 34.03
C ILE B 446 -42.64 4.93 32.55
N THR B 447 -43.89 5.26 32.22
CA THR B 447 -44.39 5.21 30.86
C THR B 447 -44.78 6.62 30.41
N LEU B 448 -44.37 7.01 29.20
CA LEU B 448 -44.85 8.23 28.55
C LEU B 448 -45.74 7.80 27.39
N ALA B 449 -46.97 8.30 27.35
CA ALA B 449 -47.91 7.87 26.29
C ALA B 449 -48.54 9.06 25.60
N ASP B 450 -48.42 9.10 24.28
CA ASP B 450 -48.97 10.18 23.44
C ASP B 450 -50.30 9.80 22.79
N ASP B 451 -51.19 10.78 22.62
CA ASP B 451 -52.47 10.59 21.94
C ASP B 451 -53.38 9.54 22.62
N ILE B 452 -53.38 9.53 23.95
CA ILE B 452 -54.28 8.70 24.73
C ILE B 452 -55.45 9.54 25.21
N SER B 453 -56.66 9.17 24.78
CA SER B 453 -57.89 9.88 25.17
C SER B 453 -58.48 9.40 26.49
N THR B 454 -58.25 8.14 26.82
CA THR B 454 -58.93 7.47 27.92
C THR B 454 -57.94 6.60 28.69
N LEU B 455 -57.95 6.75 30.01
CA LEU B 455 -57.15 5.88 30.88
C LEU B 455 -58.13 4.92 31.54
N ARG B 456 -57.94 3.62 31.30
CA ARG B 456 -58.83 2.61 31.83
C ARG B 456 -58.16 1.87 32.99
N SER B 457 -58.89 1.70 34.09
CA SER B 457 -58.41 0.96 35.25
C SER B 457 -59.37 -0.19 35.55
N LYS B 458 -58.96 -1.12 36.41
CA LYS B 458 -59.83 -2.19 36.87
C LYS B 458 -59.99 -2.04 38.38
N GLU B 459 -61.23 -1.82 38.82
CA GLU B 459 -61.52 -1.54 40.22
C GLU B 459 -62.35 -2.68 40.77
N THR B 460 -62.40 -2.82 42.10
CA THR B 460 -63.22 -3.85 42.72
C THR B 460 -64.21 -3.25 43.70
N SER B 461 -65.47 -3.69 43.60
CA SER B 461 -66.49 -3.33 44.57
C SER B 461 -66.81 -4.54 45.46
N TRP B 462 -67.12 -4.30 46.73
CA TRP B 462 -67.46 -5.38 47.67
C TRP B 462 -66.46 -6.54 47.55
N LEU B 463 -65.18 -6.20 47.43
CA LEU B 463 -64.07 -7.16 47.44
C LEU B 463 -63.93 -8.02 46.18
N ILE B 464 -65.03 -8.61 45.72
CA ILE B 464 -64.93 -9.61 44.65
C ILE B 464 -65.49 -9.23 43.28
N PHE B 465 -66.11 -8.06 43.15
CA PHE B 465 -66.74 -7.70 41.87
C PHE B 465 -65.87 -6.73 41.12
N ASN B 466 -65.22 -7.22 40.05
CA ASN B 466 -64.32 -6.40 39.24
C ASN B 466 -65.05 -5.70 38.11
N LYS B 467 -64.64 -4.48 37.82
CA LYS B 467 -65.23 -3.70 36.73
C LYS B 467 -64.19 -2.78 36.12
N GLU B 468 -64.29 -2.54 34.80
CA GLU B 468 -63.41 -1.59 34.14
C GLU B 468 -63.98 -0.20 34.34
N VAL B 469 -63.11 0.76 34.62
CA VAL B 469 -63.53 2.13 34.82
C VAL B 469 -62.74 3.04 33.90
N ASP B 470 -63.46 3.81 33.08
CA ASP B 470 -62.82 4.71 32.13
C ASP B 470 -62.70 6.13 32.68
N HIS B 471 -61.56 6.75 32.44
CA HIS B 471 -61.26 8.09 32.92
C HIS B 471 -60.81 8.92 31.72
N GLN B 472 -61.57 9.96 31.38
CA GLN B 472 -61.24 10.82 30.25
C GLN B 472 -60.01 11.68 30.58
N VAL B 473 -59.03 11.69 29.68
CA VAL B 473 -57.81 12.45 29.88
C VAL B 473 -58.01 13.88 29.39
N THR B 474 -58.03 14.85 30.32
CA THR B 474 -58.20 16.27 29.94
C THR B 474 -57.09 17.14 30.50
N ALA B 475 -56.93 18.34 29.97
CA ALA B 475 -55.85 19.21 30.44
C ALA B 475 -55.96 19.48 31.94
N ALA B 476 -57.18 19.51 32.45
CA ALA B 476 -57.44 19.85 33.86
C ALA B 476 -57.43 18.66 34.83
N GLY B 477 -57.44 17.44 34.31
CA GLY B 477 -57.44 16.25 35.16
C GLY B 477 -58.16 15.07 34.56
N LEU B 478 -58.25 13.98 35.30
CA LEU B 478 -58.98 12.80 34.83
C LEU B 478 -60.44 13.00 35.16
N LYS B 479 -61.30 12.81 34.15
CA LYS B 479 -62.73 12.96 34.35
C LYS B 479 -63.41 11.60 34.29
N SER B 480 -64.09 11.25 35.38
CA SER B 480 -64.81 10.00 35.45
C SER B 480 -66.22 10.21 35.98
N ASP B 481 -66.95 9.13 36.16
CA ASP B 481 -68.29 9.19 36.74
C ASP B 481 -68.30 9.84 38.13
N SER B 482 -67.16 9.80 38.83
CA SER B 482 -67.08 10.37 40.17
C SER B 482 -66.74 11.87 40.19
N GLY B 483 -66.29 12.41 39.07
CA GLY B 483 -65.99 13.85 38.98
C GLY B 483 -64.66 14.12 38.31
N LEU B 484 -64.11 15.31 38.52
CA LEU B 484 -62.81 15.67 37.95
C LEU B 484 -61.71 15.58 39.01
N LYS B 485 -60.67 14.82 38.70
CA LYS B 485 -59.52 14.65 39.57
C LYS B 485 -58.28 15.37 39.01
N ALA B 486 -57.89 16.48 39.62
CA ALA B 486 -56.74 17.26 39.14
C ALA B 486 -55.45 16.44 39.24
N TYR B 487 -54.49 16.70 38.35
CA TYR B 487 -53.17 16.07 38.44
C TYR B 487 -52.35 16.75 39.55
N ALA B 488 -51.51 15.98 40.23
CA ALA B 488 -50.62 16.56 41.24
C ALA B 488 -49.36 17.09 40.55
N ALA B 489 -49.52 18.18 39.79
CA ALA B 489 -48.42 18.70 38.97
C ALA B 489 -48.57 20.17 38.65
N ALA B 490 -47.43 20.84 38.44
CA ALA B 490 -47.41 22.19 37.93
C ALA B 490 -46.99 22.09 36.48
N THR B 491 -47.75 22.71 35.58
CA THR B 491 -47.54 22.53 34.15
C THR B 491 -47.36 23.85 33.42
N GLY B 492 -46.27 23.97 32.67
CA GLY B 492 -46.01 25.19 31.92
C GLY B 492 -46.55 25.10 30.50
N GLY B 493 -46.17 26.07 29.67
CA GLY B 493 -46.56 26.11 28.27
C GLY B 493 -45.37 26.31 27.34
N ASP B 494 -45.65 26.89 26.16
CA ASP B 494 -44.63 27.12 25.14
C ASP B 494 -43.58 28.16 25.51
N GLY B 495 -43.88 28.97 26.51
CA GLY B 495 -42.95 30.04 26.90
C GLY B 495 -41.88 29.57 27.85
N ASP B 496 -40.99 30.50 28.21
CA ASP B 496 -39.95 30.26 29.21
C ASP B 496 -40.57 30.45 30.59
N ASP B 497 -40.97 29.34 31.22
CA ASP B 497 -41.75 29.39 32.46
C ASP B 497 -40.88 29.22 33.72
N VAL B 498 -41.27 29.90 34.79
CA VAL B 498 -40.71 29.62 36.13
C VAL B 498 -41.74 28.82 36.94
N LEU B 499 -41.40 27.58 37.29
CA LEU B 499 -42.32 26.68 37.99
C LEU B 499 -41.80 26.32 39.37
N GLN B 500 -42.51 26.76 40.39
CA GLN B 500 -42.12 26.46 41.77
C GLN B 500 -43.09 25.45 42.36
N ALA B 501 -42.58 24.28 42.71
CA ALA B 501 -43.42 23.21 43.25
C ALA B 501 -44.20 23.67 44.48
N ARG B 502 -45.45 23.21 44.56
CA ARG B 502 -46.32 23.43 45.71
C ARG B 502 -46.29 22.19 46.60
N SER B 503 -46.82 22.30 47.81
CA SER B 503 -46.63 21.24 48.80
C SER B 503 -47.01 19.83 48.32
N HIS B 504 -48.03 19.72 47.45
CA HIS B 504 -48.47 18.39 47.03
C HIS B 504 -48.21 18.06 45.55
N ASP B 505 -47.44 18.91 44.87
CA ASP B 505 -47.00 18.61 43.51
C ASP B 505 -46.05 17.42 43.52
N ALA B 506 -46.26 16.48 42.61
CA ALA B 506 -45.33 15.35 42.43
C ALA B 506 -44.52 15.46 41.12
N TRP B 507 -44.97 16.31 40.21
CA TRP B 507 -44.30 16.52 38.91
C TRP B 507 -44.25 17.99 38.56
N LEU B 508 -43.20 18.40 37.84
CA LEU B 508 -43.15 19.72 37.20
C LEU B 508 -42.89 19.52 35.70
N PHE B 509 -43.70 20.13 34.84
CA PHE B 509 -43.51 19.98 33.40
C PHE B 509 -43.24 21.33 32.77
N GLY B 510 -42.02 21.55 32.30
CA GLY B 510 -41.72 22.84 31.66
C GLY B 510 -42.35 22.97 30.28
N ASN B 511 -42.49 21.83 29.59
CA ASN B 511 -42.90 21.82 28.18
C ASN B 511 -41.90 22.63 27.33
N ALA B 512 -42.33 23.11 26.17
CA ALA B 512 -41.39 23.80 25.27
C ALA B 512 -40.79 25.03 25.94
N GLY B 513 -39.72 25.56 25.33
CA GLY B 513 -39.04 26.74 25.86
C GLY B 513 -38.05 26.43 26.96
N ASN B 514 -37.38 27.49 27.43
CA ASN B 514 -36.32 27.39 28.46
C ASN B 514 -36.86 27.67 29.86
N ASP B 515 -37.21 26.61 30.57
CA ASP B 515 -37.90 26.74 31.84
C ASP B 515 -36.98 26.59 33.06
N THR B 516 -37.41 27.18 34.18
CA THR B 516 -36.74 27.02 35.46
C THR B 516 -37.69 26.25 36.39
N LEU B 517 -37.29 25.05 36.80
CA LEU B 517 -38.11 24.20 37.66
C LEU B 517 -37.49 24.15 39.04
N ILE B 518 -38.24 24.63 40.03
CA ILE B 518 -37.71 24.77 41.39
C ILE B 518 -38.36 23.79 42.37
N GLY B 519 -37.54 22.94 42.98
CA GLY B 519 -38.05 21.95 43.94
C GLY B 519 -38.53 22.49 45.28
N HIS B 520 -38.87 21.59 46.19
CA HIS B 520 -39.27 21.97 47.54
C HIS B 520 -38.59 21.09 48.60
N ALA B 521 -38.64 21.55 49.84
CA ALA B 521 -37.97 20.91 50.97
C ALA B 521 -38.30 19.42 51.17
N GLY B 522 -39.52 19.03 50.86
CA GLY B 522 -39.94 17.64 51.06
C GLY B 522 -39.42 16.65 50.01
N GLY B 523 -38.77 17.16 48.96
CA GLY B 523 -38.22 16.31 47.91
C GLY B 523 -39.29 15.47 47.22
N ASN B 524 -38.91 14.25 46.81
CA ASN B 524 -39.85 13.32 46.17
C ASN B 524 -40.56 13.91 44.96
N LEU B 525 -39.83 14.73 44.20
CA LEU B 525 -40.41 15.44 43.08
C LEU B 525 -39.79 14.98 41.76
N THR B 526 -40.61 14.87 40.72
CA THR B 526 -40.12 14.48 39.39
C THR B 526 -40.03 15.69 38.45
N PHE B 527 -38.80 15.99 38.01
CA PHE B 527 -38.51 17.15 37.16
C PHE B 527 -38.50 16.76 35.68
N VAL B 528 -39.33 17.43 34.89
CA VAL B 528 -39.41 17.17 33.44
C VAL B 528 -39.30 18.49 32.70
N GLY B 529 -38.08 18.88 32.32
CA GLY B 529 -37.90 20.17 31.65
C GLY B 529 -38.54 20.20 30.26
N GLY B 530 -38.66 19.03 29.65
CA GLY B 530 -39.22 18.90 28.29
C GLY B 530 -38.26 19.43 27.23
N SER B 531 -38.80 19.77 26.05
CA SER B 531 -37.93 20.33 25.02
C SER B 531 -37.35 21.68 25.47
N GLY B 532 -36.33 22.15 24.76
CA GLY B 532 -35.68 23.39 25.17
C GLY B 532 -34.66 23.16 26.28
N ASP B 533 -33.98 24.24 26.65
CA ASP B 533 -32.86 24.19 27.56
C ASP B 533 -33.32 24.67 28.92
N ASP B 534 -33.40 23.74 29.87
CA ASP B 534 -34.05 24.01 31.16
C ASP B 534 -33.09 23.98 32.34
N ILE B 535 -33.45 24.71 33.39
CA ILE B 535 -32.72 24.68 34.65
C ILE B 535 -33.54 23.93 35.69
N LEU B 536 -32.93 22.90 36.29
CA LEU B 536 -33.58 22.03 37.27
C LEU B 536 -32.94 22.21 38.65
N LYS B 537 -33.71 22.73 39.60
CA LYS B 537 -33.18 23.01 40.93
C LYS B 537 -33.69 21.99 41.94
N GLY B 538 -32.92 20.91 42.12
CA GLY B 538 -33.26 19.84 43.06
C GLY B 538 -33.12 20.29 44.52
N VAL B 539 -34.12 19.98 45.32
CA VAL B 539 -34.12 20.33 46.75
C VAL B 539 -34.52 19.11 47.57
N GLY B 540 -33.80 18.84 48.66
CA GLY B 540 -34.12 17.67 49.46
C GLY B 540 -33.81 16.34 48.77
N ASN B 541 -34.47 15.28 49.22
CA ASN B 541 -34.12 13.93 48.79
C ASN B 541 -35.20 13.22 47.98
N GLY B 542 -34.79 12.17 47.28
CA GLY B 542 -35.73 11.29 46.58
C GLY B 542 -36.33 11.86 45.30
N ASN B 543 -35.62 12.81 44.69
CA ASN B 543 -36.07 13.42 43.45
C ASN B 543 -35.70 12.60 42.21
N THR B 544 -36.54 12.69 41.17
CA THR B 544 -36.29 12.04 39.89
C THR B 544 -36.17 13.12 38.81
N PHE B 545 -35.14 13.02 37.97
CA PHE B 545 -34.98 13.93 36.85
C PHE B 545 -35.15 13.12 35.57
N LEU B 546 -36.17 13.48 34.77
CA LEU B 546 -36.64 12.66 33.65
C LEU B 546 -36.42 13.34 32.29
N PHE B 547 -35.85 12.57 31.35
CA PHE B 547 -35.48 13.08 30.03
C PHE B 547 -35.90 12.06 28.96
N SER B 548 -36.53 12.53 27.90
CA SER B 548 -36.94 11.62 26.82
C SER B 548 -36.77 12.23 25.44
N GLY B 549 -36.40 11.42 24.46
CA GLY B 549 -36.27 11.91 23.10
C GLY B 549 -35.25 13.04 22.98
N ASP B 550 -35.58 14.05 22.19
CA ASP B 550 -34.70 15.22 22.05
C ASP B 550 -35.03 16.23 23.15
N PHE B 551 -34.27 16.21 24.23
CA PHE B 551 -34.64 16.96 25.43
C PHE B 551 -33.81 18.25 25.63
N GLY B 552 -33.00 18.61 24.65
CA GLY B 552 -32.25 19.87 24.73
C GLY B 552 -31.08 19.81 25.70
N ARG B 553 -30.63 20.97 26.15
CA ARG B 553 -29.45 21.07 27.00
C ARG B 553 -29.83 21.64 28.36
N ASP B 554 -29.87 20.76 29.36
CA ASP B 554 -30.36 21.13 30.69
C ASP B 554 -29.21 21.32 31.66
N GLN B 555 -29.44 22.08 32.73
CA GLN B 555 -28.51 22.19 33.85
C GLN B 555 -29.19 21.72 35.13
N LEU B 556 -28.53 20.82 35.85
CA LEU B 556 -29.14 20.20 37.02
C LEU B 556 -28.38 20.54 38.31
N TYR B 557 -29.03 21.29 39.19
CA TYR B 557 -28.47 21.65 40.49
C TYR B 557 -29.00 20.77 41.62
N GLY B 558 -28.17 20.52 42.62
CA GLY B 558 -28.61 19.85 43.84
C GLY B 558 -28.71 18.33 43.82
N PHE B 559 -28.12 17.69 42.82
CA PHE B 559 -28.14 16.23 42.75
C PHE B 559 -27.42 15.62 43.96
N ASN B 560 -27.99 14.56 44.52
CA ASN B 560 -27.37 13.87 45.64
C ASN B 560 -27.60 12.34 45.56
N ALA B 561 -27.06 11.61 46.53
CA ALA B 561 -27.06 10.15 46.51
C ALA B 561 -28.45 9.51 46.57
N SER B 562 -29.45 10.28 46.96
CA SER B 562 -30.82 9.75 47.04
C SER B 562 -31.63 9.98 45.76
N ASP B 563 -31.07 10.75 44.82
CA ASP B 563 -31.77 11.15 43.60
C ASP B 563 -31.55 10.16 42.44
N LYS B 564 -32.36 10.31 41.39
CA LYS B 564 -32.33 9.37 40.27
C LYS B 564 -32.44 10.09 38.93
N LEU B 565 -31.70 9.61 37.91
CA LEU B 565 -31.80 10.11 36.53
C LEU B 565 -32.46 9.04 35.68
N VAL B 566 -33.46 9.44 34.89
CA VAL B 566 -34.15 8.50 33.98
C VAL B 566 -34.14 9.01 32.55
N PHE B 567 -33.56 8.21 31.65
CA PHE B 567 -33.48 8.53 30.23
C PHE B 567 -34.24 7.50 29.39
N ILE B 568 -35.24 7.96 28.62
CA ILE B 568 -36.06 7.03 27.83
C ILE B 568 -36.10 7.44 26.37
N GLY B 569 -35.74 6.53 25.47
CA GLY B 569 -35.78 6.81 24.04
C GLY B 569 -34.86 7.97 23.65
N THR B 570 -33.65 7.96 24.19
CA THR B 570 -32.67 9.01 23.88
C THR B 570 -31.58 8.52 22.91
N GLU B 571 -30.87 9.47 22.30
CA GLU B 571 -29.74 9.19 21.44
C GLU B 571 -28.69 8.34 22.14
N GLY B 572 -28.09 7.40 21.40
CA GLY B 572 -27.04 6.54 21.93
C GLY B 572 -27.53 5.13 22.22
N ALA B 573 -26.71 4.13 21.88
CA ALA B 573 -27.07 2.73 22.04
C ALA B 573 -26.62 2.12 23.37
N SER B 574 -25.61 2.71 24.00
CA SER B 574 -25.00 2.14 25.21
C SER B 574 -25.89 2.15 26.46
N GLY B 575 -25.80 1.09 27.25
CA GLY B 575 -26.51 1.02 28.52
C GLY B 575 -25.64 1.36 29.73
N ASN B 576 -24.41 1.82 29.48
CA ASN B 576 -23.48 2.20 30.55
C ASN B 576 -23.30 3.71 30.58
N ILE B 577 -23.72 4.34 31.68
CA ILE B 577 -23.69 5.80 31.75
C ILE B 577 -22.29 6.38 31.63
N ARG B 578 -21.26 5.60 31.95
CA ARG B 578 -19.87 6.08 31.82
C ARG B 578 -19.54 6.48 30.38
N ASP B 579 -20.21 5.84 29.42
CA ASP B 579 -19.98 6.10 28.00
C ASP B 579 -20.44 7.49 27.56
N TYR B 580 -21.32 8.09 28.36
CA TYR B 580 -21.90 9.40 28.04
C TYR B 580 -21.23 10.54 28.78
N ALA B 581 -20.36 10.20 29.73
CA ALA B 581 -19.87 11.19 30.71
C ALA B 581 -18.52 11.82 30.40
N THR B 582 -18.42 13.12 30.67
CA THR B 582 -17.14 13.81 30.70
C THR B 582 -17.18 14.78 31.89
N GLN B 583 -16.08 14.86 32.62
CA GLN B 583 -15.99 15.79 33.74
C GLN B 583 -15.39 17.10 33.27
N GLN B 584 -16.14 18.19 33.47
CA GLN B 584 -15.69 19.53 33.10
C GLN B 584 -15.57 20.38 34.37
N ASN B 585 -14.34 20.53 34.85
CA ASN B 585 -14.12 21.20 36.11
C ASN B 585 -14.97 20.53 37.19
N ASP B 586 -15.73 21.31 37.94
CA ASP B 586 -16.53 20.78 39.03
C ASP B 586 -17.86 20.16 38.56
N ASP B 587 -18.10 20.18 37.24
CA ASP B 587 -19.38 19.73 36.69
C ASP B 587 -19.25 18.46 35.85
N LEU B 588 -20.26 17.59 35.95
CA LEU B 588 -20.34 16.38 35.15
C LEU B 588 -21.29 16.58 33.97
N VAL B 589 -20.81 16.33 32.75
CA VAL B 589 -21.67 16.46 31.58
C VAL B 589 -22.03 15.08 31.02
N LEU B 590 -23.33 14.79 30.94
CA LEU B 590 -23.83 13.58 30.28
C LEU B 590 -24.38 13.97 28.91
N ALA B 591 -23.66 13.59 27.86
CA ALA B 591 -23.96 14.04 26.49
C ALA B 591 -24.69 12.98 25.66
N PHE B 592 -25.78 13.43 25.04
CA PHE B 592 -26.64 12.58 24.24
C PHE B 592 -26.81 13.21 22.84
N GLY B 593 -25.70 13.49 22.18
CA GLY B 593 -25.73 14.11 20.85
C GLY B 593 -26.26 15.52 20.95
N HIS B 594 -27.41 15.77 20.31
CA HIS B 594 -28.05 17.08 20.33
C HIS B 594 -28.61 17.49 21.70
N SER B 595 -28.68 16.55 22.64
CA SER B 595 -29.18 16.84 23.98
C SER B 595 -28.09 16.55 25.01
N GLN B 596 -28.20 17.14 26.20
CA GLN B 596 -27.27 16.84 27.28
C GLN B 596 -27.77 17.37 28.61
N VAL B 597 -27.22 16.84 29.69
CA VAL B 597 -27.49 17.42 31.02
C VAL B 597 -26.17 17.64 31.74
N THR B 598 -26.00 18.83 32.30
CA THR B 598 -24.82 19.17 33.09
C THR B 598 -25.21 19.11 34.56
N LEU B 599 -24.59 18.20 35.31
CA LEU B 599 -24.82 18.12 36.75
C LEU B 599 -23.81 18.97 37.50
N ILE B 600 -24.28 20.10 38.02
CA ILE B 600 -23.40 21.05 38.69
C ILE B 600 -22.88 20.54 40.04
N GLY B 601 -21.56 20.63 40.22
CA GLY B 601 -20.91 20.26 41.47
C GLY B 601 -20.94 18.77 41.78
N VAL B 602 -21.02 17.94 40.73
CA VAL B 602 -21.09 16.49 40.88
C VAL B 602 -19.94 15.79 40.13
N SER B 603 -19.44 14.69 40.67
CA SER B 603 -18.43 13.88 39.95
C SER B 603 -18.93 12.45 39.72
N LEU B 604 -18.46 11.85 38.63
CA LEU B 604 -18.99 10.55 38.19
C LEU B 604 -18.82 9.46 39.25
N ASP B 605 -17.74 9.54 40.00
CA ASP B 605 -17.41 8.51 40.99
C ASP B 605 -18.37 8.47 42.19
N HIS B 606 -19.30 9.43 42.26
CA HIS B 606 -20.25 9.47 43.36
C HIS B 606 -21.65 9.01 42.93
N ILE B 607 -21.78 8.55 41.70
CA ILE B 607 -23.09 8.13 41.20
C ILE B 607 -23.15 6.61 41.08
N SER B 608 -24.03 5.99 41.86
CA SER B 608 -24.12 4.54 41.86
C SER B 608 -24.91 4.05 40.64
N THR B 609 -24.62 2.83 40.20
CA THR B 609 -25.27 2.30 39.02
C THR B 609 -26.80 2.31 39.16
N ASP B 610 -27.30 2.13 40.38
CA ASP B 610 -28.76 2.13 40.58
C ASP B 610 -29.41 3.51 40.51
N GLN B 611 -28.61 4.57 40.42
CA GLN B 611 -29.16 5.94 40.31
C GLN B 611 -29.48 6.37 38.89
N VAL B 612 -29.23 5.51 37.91
CA VAL B 612 -29.40 5.90 36.52
C VAL B 612 -30.11 4.80 35.73
N VAL B 613 -31.13 5.21 35.00
CA VAL B 613 -31.85 4.34 34.08
C VAL B 613 -31.64 4.81 32.63
N LEU B 614 -31.15 3.91 31.79
CA LEU B 614 -31.02 4.16 30.36
C LEU B 614 -31.94 3.18 29.68
N ALA B 615 -33.07 3.67 29.17
CA ALA B 615 -34.13 2.81 28.64
C ALA B 615 -34.47 3.11 27.18
N SER C 1 -0.13 11.30 -30.28
CA SER C 1 -1.56 11.77 -30.33
C SER C 1 -1.76 13.23 -29.89
N HIS C 2 -2.24 14.09 -30.79
CA HIS C 2 -2.47 15.51 -30.45
C HIS C 2 -3.63 15.69 -29.47
N MET C 3 -3.45 16.57 -28.49
CA MET C 3 -4.50 16.90 -27.52
C MET C 3 -4.90 18.38 -27.54
N GLY C 4 -4.27 19.16 -28.42
CA GLY C 4 -4.57 20.59 -28.54
C GLY C 4 -3.60 21.44 -27.73
N ILE C 5 -3.29 22.63 -28.20
CA ILE C 5 -2.27 23.46 -27.55
C ILE C 5 -2.64 23.80 -26.10
N PHE C 6 -3.93 23.97 -25.81
CA PHE C 6 -4.36 24.33 -24.46
C PHE C 6 -4.80 23.11 -23.62
N SER C 7 -4.28 21.93 -23.96
CA SER C 7 -4.59 20.71 -23.20
C SER C 7 -4.15 20.85 -21.73
N TYR C 8 -4.96 20.34 -20.81
CA TYR C 8 -4.68 20.54 -19.38
C TYR C 8 -4.79 19.22 -18.60
N LYS C 9 -3.74 18.89 -17.87
CA LYS C 9 -3.68 17.64 -17.10
C LYS C 9 -4.16 16.45 -17.92
N ASP C 10 -5.15 15.73 -17.38
CA ASP C 10 -5.67 14.53 -18.03
C ASP C 10 -7.09 14.72 -18.55
N LEU C 11 -7.50 15.97 -18.77
CA LEU C 11 -8.81 16.24 -19.34
C LEU C 11 -8.83 15.83 -20.80
N ASP C 12 -10.01 15.46 -21.31
CA ASP C 12 -10.08 15.20 -22.74
C ASP C 12 -10.17 16.54 -23.45
N GLU C 13 -10.00 16.53 -24.76
CA GLU C 13 -9.86 17.75 -25.53
C GLU C 13 -11.02 18.73 -25.38
N ASN C 14 -12.25 18.24 -25.44
CA ASN C 14 -13.38 19.16 -25.31
C ASN C 14 -13.49 19.80 -23.92
N ALA C 15 -13.11 19.06 -22.88
CA ALA C 15 -13.13 19.60 -21.52
C ALA C 15 -12.07 20.66 -21.33
N SER C 16 -10.88 20.42 -21.86
CA SER C 16 -9.80 21.39 -21.72
C SER C 16 -10.09 22.64 -22.57
N LYS C 17 -10.75 22.50 -23.73
CA LYS C 17 -11.13 23.69 -24.53
C LYS C 17 -12.14 24.57 -23.78
N ALA C 18 -13.13 23.92 -23.15
CA ALA C 18 -14.12 24.62 -22.35
C ALA C 18 -13.49 25.31 -21.13
N LEU C 19 -12.56 24.64 -20.46
CA LEU C 19 -11.84 25.25 -19.34
C LEU C 19 -11.09 26.50 -19.81
N PHE C 20 -10.39 26.37 -20.93
CA PHE C 20 -9.63 27.50 -21.47
C PHE C 20 -10.54 28.69 -21.73
N SER C 21 -11.68 28.42 -22.36
CA SER C 21 -12.64 29.47 -22.69
C SER C 21 -13.11 30.22 -21.42
N ASP C 22 -13.46 29.45 -20.38
CA ASP C 22 -13.85 30.03 -19.09
C ASP C 22 -12.73 30.87 -18.48
N ALA C 23 -11.52 30.33 -18.47
CA ALA C 23 -10.39 31.01 -17.85
C ALA C 23 -10.12 32.35 -18.51
N LEU C 24 -10.08 32.36 -19.84
CA LEU C 24 -9.77 33.57 -20.59
C LEU C 24 -10.86 34.62 -20.39
N ALA C 25 -12.12 34.18 -20.31
CA ALA C 25 -13.23 35.09 -20.05
C ALA C 25 -13.09 35.78 -18.70
N ILE C 26 -12.85 35.02 -17.63
CA ILE C 26 -12.75 35.65 -16.29
C ILE C 26 -11.44 36.43 -16.11
N SER C 27 -10.37 35.99 -16.75
CA SER C 27 -9.11 36.72 -16.73
C SER C 27 -9.26 38.13 -17.34
N THR C 28 -9.91 38.17 -18.50
CA THR C 28 -10.18 39.42 -19.22
C THR C 28 -11.09 40.35 -18.39
N TYR C 29 -12.13 39.78 -17.80
CA TYR C 29 -13.10 40.55 -16.99
C TYR C 29 -12.43 41.35 -15.87
N ALA C 30 -11.39 40.78 -15.26
CA ALA C 30 -10.73 41.46 -14.13
C ALA C 30 -10.20 42.85 -14.48
N TYR C 31 -9.96 43.10 -15.77
CA TYR C 31 -9.47 44.41 -16.21
C TYR C 31 -10.58 45.44 -16.47
N HIS C 32 -11.83 45.00 -16.45
CA HIS C 32 -12.98 45.87 -16.69
C HIS C 32 -12.83 46.80 -17.91
N ASN C 33 -12.34 46.26 -19.03
CA ASN C 33 -12.21 47.01 -20.29
C ASN C 33 -11.30 48.25 -20.25
N ILE C 34 -10.32 48.24 -19.33
CA ILE C 34 -9.43 49.39 -19.17
C ILE C 34 -8.71 49.72 -20.50
N ASP C 35 -8.48 48.70 -21.33
CA ASP C 35 -7.75 48.90 -22.61
C ASP C 35 -8.65 49.01 -23.85
N ASN C 36 -9.94 49.26 -23.64
CA ASN C 36 -10.91 49.38 -24.73
C ASN C 36 -10.50 50.50 -25.71
N GLY C 37 -10.13 51.66 -25.17
CA GLY C 37 -9.67 52.78 -26.00
C GLY C 37 -8.39 52.42 -26.76
N PHE C 38 -7.47 51.69 -26.11
CA PHE C 38 -6.22 51.32 -26.77
C PHE C 38 -6.52 50.40 -27.95
N ASP C 39 -7.47 49.48 -27.72
CA ASP C 39 -7.90 48.52 -28.75
C ASP C 39 -8.39 49.28 -30.00
N GLU C 40 -9.31 50.23 -29.82
CA GLU C 40 -9.84 51.00 -30.95
C GLU C 40 -8.75 51.83 -31.61
N GLY C 41 -7.97 52.54 -30.80
CA GLY C 41 -6.88 53.37 -31.29
C GLY C 41 -5.85 52.61 -32.11
N TYR C 42 -5.36 51.51 -31.56
CA TYR C 42 -4.38 50.68 -32.25
C TYR C 42 -4.92 50.22 -33.62
N HIS C 43 -6.14 49.68 -33.66
CA HIS C 43 -6.68 49.23 -34.95
C HIS C 43 -6.91 50.36 -35.97
N GLN C 44 -7.28 51.54 -35.50
CA GLN C 44 -7.59 52.65 -36.41
C GLN C 44 -6.35 53.44 -36.87
N THR C 45 -5.42 53.72 -35.95
CA THR C 45 -4.28 54.60 -36.28
C THR C 45 -2.91 53.91 -36.14
N GLY C 46 -2.87 52.70 -35.61
CA GLY C 46 -1.64 51.91 -35.62
C GLY C 46 -0.57 52.25 -34.60
N PHE C 47 0.68 51.92 -34.94
CA PHE C 47 1.82 52.00 -34.00
C PHE C 47 3.03 52.67 -34.66
N GLY C 48 2.80 53.40 -35.74
CA GLY C 48 3.88 54.10 -36.44
C GLY C 48 3.63 55.60 -36.40
N LEU C 49 3.48 56.21 -37.58
CA LEU C 49 3.25 57.64 -37.67
C LEU C 49 1.95 58.03 -36.95
N GLY C 50 1.03 57.08 -36.84
CA GLY C 50 -0.23 57.32 -36.16
C GLY C 50 -0.23 57.07 -34.64
N LEU C 51 0.91 56.66 -34.10
CA LEU C 51 0.97 56.32 -32.67
C LEU C 51 0.53 57.45 -31.71
N PRO C 52 0.88 58.71 -31.99
CA PRO C 52 0.37 59.74 -31.07
C PRO C 52 -1.15 59.70 -30.95
N LEU C 53 -1.85 59.50 -32.06
CA LEU C 53 -3.32 59.47 -32.05
C LEU C 53 -3.82 58.25 -31.29
N THR C 54 -3.11 57.13 -31.45
CA THR C 54 -3.43 55.88 -30.77
C THR C 54 -3.36 56.07 -29.26
N LEU C 55 -2.32 56.77 -28.80
CA LEU C 55 -2.10 56.95 -27.36
C LEU C 55 -3.16 57.87 -26.75
N ILE C 56 -3.60 58.87 -27.50
CA ILE C 56 -4.67 59.75 -27.03
C ILE C 56 -5.99 59.00 -26.94
N THR C 57 -6.30 58.19 -27.94
CA THR C 57 -7.49 57.33 -27.86
C THR C 57 -7.40 56.35 -26.67
N ALA C 58 -6.20 55.85 -26.39
CA ALA C 58 -6.01 55.00 -25.22
C ALA C 58 -6.40 55.71 -23.90
N LEU C 59 -6.22 57.03 -23.84
CA LEU C 59 -6.52 57.78 -22.62
C LEU C 59 -7.97 58.24 -22.50
N ILE C 60 -8.55 58.74 -23.60
CA ILE C 60 -9.88 59.38 -23.53
C ILE C 60 -10.94 58.75 -24.45
N GLY C 61 -10.57 57.69 -25.17
CA GLY C 61 -11.52 56.95 -26.01
C GLY C 61 -12.19 57.78 -27.11
N SER C 62 -13.44 57.43 -27.43
CA SER C 62 -14.19 58.11 -28.48
C SER C 62 -15.67 57.90 -28.18
N THR C 63 -16.54 58.09 -29.18
CA THR C 63 -17.94 57.72 -28.98
C THR C 63 -18.14 56.20 -29.06
N GLN C 64 -17.12 55.48 -29.52
CA GLN C 64 -17.20 54.01 -29.66
C GLN C 64 -16.37 53.21 -28.66
N SER C 65 -15.49 53.87 -27.93
CA SER C 65 -14.66 53.16 -26.94
C SER C 65 -14.38 54.06 -25.73
N GLN C 66 -14.04 53.45 -24.61
CA GLN C 66 -13.70 54.19 -23.39
C GLN C 66 -12.24 53.94 -23.07
N GLY C 67 -11.47 55.02 -22.94
CA GLY C 67 -10.06 54.91 -22.60
C GLY C 67 -9.89 54.79 -21.09
N GLY C 68 -8.68 55.06 -20.60
CA GLY C 68 -8.39 54.92 -19.18
C GLY C 68 -9.12 55.89 -18.26
N LEU C 69 -9.47 57.08 -18.77
CA LEU C 69 -10.09 58.11 -17.93
C LEU C 69 -11.59 57.88 -17.79
N PRO C 70 -12.09 57.91 -16.54
CA PRO C 70 -13.54 57.80 -16.29
C PRO C 70 -14.28 59.12 -16.41
N GLY C 71 -15.61 59.06 -16.52
CA GLY C 71 -16.44 60.26 -16.40
C GLY C 71 -16.62 61.17 -17.61
N LEU C 72 -16.13 60.73 -18.78
CA LEU C 72 -16.29 61.53 -20.01
C LEU C 72 -17.61 61.18 -20.70
N PRO C 73 -18.49 62.18 -20.85
CA PRO C 73 -19.89 61.99 -21.27
C PRO C 73 -20.04 61.33 -22.65
N TRP C 74 -19.09 61.54 -23.56
CA TRP C 74 -19.21 60.97 -24.90
C TRP C 74 -18.79 59.49 -25.00
N ASN C 75 -18.08 58.97 -24.00
CA ASN C 75 -17.67 57.55 -24.05
C ASN C 75 -18.84 56.61 -23.82
N PRO C 76 -18.79 55.40 -24.42
CA PRO C 76 -19.72 54.34 -24.06
C PRO C 76 -19.37 53.77 -22.69
N ASP C 77 -20.33 53.06 -22.07
CA ASP C 77 -20.09 52.44 -20.76
C ASP C 77 -19.37 51.11 -20.94
N SER C 78 -18.04 51.15 -20.96
CA SER C 78 -17.25 49.95 -21.23
C SER C 78 -17.29 48.94 -20.09
N GLU C 79 -17.63 49.39 -18.88
CA GLU C 79 -17.68 48.45 -17.77
C GLU C 79 -18.92 47.57 -17.88
N GLN C 80 -20.04 48.15 -18.32
CA GLN C 80 -21.24 47.36 -18.60
C GLN C 80 -20.94 46.34 -19.71
N ALA C 81 -20.17 46.75 -20.71
CA ALA C 81 -19.78 45.84 -21.80
C ALA C 81 -18.92 44.67 -21.27
N ALA C 82 -18.01 44.98 -20.34
CA ALA C 82 -17.20 43.94 -19.69
C ALA C 82 -18.10 42.95 -18.96
N GLN C 83 -19.06 43.47 -18.18
CA GLN C 83 -19.95 42.60 -17.43
C GLN C 83 -20.77 41.71 -18.36
N GLU C 84 -21.23 42.29 -19.46
CA GLU C 84 -22.02 41.56 -20.45
C GLU C 84 -21.24 40.38 -21.02
N ALA C 85 -19.98 40.64 -21.34
CA ALA C 85 -19.11 39.62 -21.91
C ALA C 85 -18.92 38.44 -20.94
N VAL C 86 -18.57 38.73 -19.68
CA VAL C 86 -18.33 37.66 -18.71
C VAL C 86 -19.65 36.91 -18.37
N ASN C 87 -20.76 37.65 -18.25
CA ASN C 87 -22.06 37.04 -17.99
C ASN C 87 -22.48 36.11 -19.13
N ASN C 88 -22.22 36.53 -20.35
CA ASN C 88 -22.55 35.72 -21.52
C ASN C 88 -21.72 34.44 -21.61
N ALA C 89 -20.51 34.49 -21.04
CA ALA C 89 -19.63 33.33 -20.96
C ALA C 89 -20.07 32.39 -19.84
N GLY C 90 -21.12 32.78 -19.10
CA GLY C 90 -21.72 31.94 -18.07
C GLY C 90 -21.43 32.27 -16.61
N TRP C 91 -20.76 33.40 -16.38
CA TRP C 91 -20.24 33.74 -15.06
C TRP C 91 -20.86 34.99 -14.44
N SER C 92 -21.33 34.87 -13.19
CA SER C 92 -21.87 36.00 -12.42
C SER C 92 -21.09 36.25 -11.12
N VAL C 93 -20.83 37.51 -10.81
CA VAL C 93 -20.13 37.89 -9.58
C VAL C 93 -20.85 37.42 -8.30
N ILE C 94 -20.09 36.92 -7.35
CA ILE C 94 -20.65 36.50 -6.05
C ILE C 94 -20.32 37.56 -5.00
N SER C 95 -21.33 37.98 -4.25
CA SER C 95 -21.19 39.12 -3.33
C SER C 95 -20.55 38.75 -1.99
N ALA C 96 -19.96 39.76 -1.34
CA ALA C 96 -19.35 39.58 -0.04
C ALA C 96 -20.36 39.03 0.94
N THR C 97 -21.61 39.48 0.83
CA THR C 97 -22.68 38.97 1.68
C THR C 97 -22.89 37.46 1.50
N GLN C 98 -22.90 36.99 0.26
CA GLN C 98 -23.06 35.56 0.00
C GLN C 98 -21.90 34.76 0.58
N LEU C 99 -20.70 35.33 0.51
CA LEU C 99 -19.50 34.65 1.00
C LEU C 99 -19.32 34.78 2.50
N GLY C 100 -20.02 35.73 3.12
CA GLY C 100 -19.81 36.06 4.53
C GLY C 100 -18.45 36.69 4.74
N TYR C 101 -18.00 37.46 3.74
CA TYR C 101 -16.67 38.06 3.74
C TYR C 101 -16.64 39.42 4.44
N ALA C 102 -15.66 39.62 5.31
CA ALA C 102 -15.62 40.81 6.15
C ALA C 102 -14.72 41.91 5.61
N GLY C 103 -14.04 41.63 4.49
CA GLY C 103 -13.10 42.57 3.91
C GLY C 103 -13.68 43.64 2.99
N LYS C 104 -12.80 44.25 2.20
CA LYS C 104 -13.16 45.37 1.35
C LYS C 104 -13.56 44.94 -0.05
N THR C 105 -14.71 45.43 -0.51
CA THR C 105 -15.14 45.31 -1.91
C THR C 105 -15.58 46.67 -2.40
N ASP C 106 -15.59 46.89 -3.71
CA ASP C 106 -16.11 48.15 -4.23
C ASP C 106 -17.54 47.98 -4.77
N ALA C 107 -18.10 49.05 -5.33
CA ALA C 107 -19.49 49.01 -5.77
C ALA C 107 -19.72 48.08 -6.96
N ARG C 108 -18.64 47.67 -7.61
CA ARG C 108 -18.74 46.71 -8.72
C ARG C 108 -18.59 45.27 -8.26
N GLY C 109 -18.35 45.08 -6.97
CA GLY C 109 -18.21 43.74 -6.39
C GLY C 109 -16.78 43.20 -6.39
N THR C 110 -15.83 44.01 -6.87
CA THR C 110 -14.41 43.63 -6.86
C THR C 110 -13.84 43.54 -5.43
N TYR C 111 -13.04 42.51 -5.18
CA TYR C 111 -12.41 42.29 -3.86
C TYR C 111 -11.00 42.89 -3.81
N TYR C 112 -10.65 43.52 -2.69
CA TYR C 112 -9.35 44.20 -2.54
C TYR C 112 -8.34 43.50 -1.62
N GLY C 113 -7.05 43.68 -1.91
CA GLY C 113 -5.98 43.07 -1.11
C GLY C 113 -6.08 43.38 0.38
N GLU C 114 -5.72 42.41 1.21
CA GLU C 114 -6.00 42.43 2.66
C GLU C 114 -4.87 42.92 3.58
N THR C 115 -3.62 42.76 3.17
CA THR C 115 -2.46 43.08 4.01
C THR C 115 -1.78 44.37 3.56
N ALA C 116 -1.15 45.08 4.49
CA ALA C 116 -0.40 46.28 4.12
C ALA C 116 0.66 45.91 3.08
N GLY C 117 0.70 46.67 2.00
CA GLY C 117 1.63 46.43 0.90
C GLY C 117 0.99 45.65 -0.23
N TYR C 118 -0.25 45.21 -0.02
CA TYR C 118 -0.99 44.44 -1.02
C TYR C 118 -2.40 45.01 -1.26
N THR C 119 -2.65 46.22 -0.74
CA THR C 119 -4.01 46.77 -0.77
C THR C 119 -4.46 47.28 -2.16
N THR C 120 -3.56 47.26 -3.15
CA THR C 120 -3.98 47.59 -4.51
C THR C 120 -4.19 46.32 -5.36
N ALA C 121 -4.03 45.14 -4.74
CA ALA C 121 -4.38 43.89 -5.43
C ALA C 121 -5.90 43.84 -5.64
N GLN C 122 -6.36 43.27 -6.76
CA GLN C 122 -7.81 43.08 -7.00
C GLN C 122 -8.12 41.66 -7.44
N ALA C 123 -9.26 41.13 -6.98
CA ALA C 123 -9.73 39.81 -7.42
C ALA C 123 -11.24 39.82 -7.68
N GLU C 124 -11.69 38.92 -8.54
CA GLU C 124 -13.10 38.71 -8.80
C GLU C 124 -13.46 37.28 -8.38
N VAL C 125 -14.65 37.12 -7.81
CA VAL C 125 -15.13 35.78 -7.49
C VAL C 125 -16.48 35.61 -8.18
N LEU C 126 -16.55 34.65 -9.09
CA LEU C 126 -17.75 34.45 -9.90
C LEU C 126 -18.32 33.03 -9.80
N GLY C 127 -19.61 32.91 -10.13
CA GLY C 127 -20.28 31.62 -10.13
C GLY C 127 -20.89 31.25 -11.47
N LYS C 128 -20.97 29.95 -11.73
CA LYS C 128 -21.64 29.40 -12.89
C LYS C 128 -22.75 28.50 -12.40
N TYR C 129 -23.95 28.66 -12.96
CA TYR C 129 -25.14 27.96 -12.48
C TYR C 129 -25.83 27.12 -13.55
N ASP C 130 -26.48 26.04 -13.14
CA ASP C 130 -27.21 25.19 -14.09
C ASP C 130 -28.57 25.78 -14.40
N SER C 131 -29.31 25.12 -15.29
CA SER C 131 -30.65 25.58 -15.64
C SER C 131 -31.64 25.22 -14.54
N GLU C 132 -31.46 25.86 -13.39
CA GLU C 132 -32.28 25.62 -12.21
C GLU C 132 -31.80 26.50 -11.07
N GLY C 133 -30.65 27.14 -11.28
CA GLY C 133 -30.09 28.06 -10.30
C GLY C 133 -29.15 27.42 -9.29
N ASN C 134 -28.73 26.19 -9.55
CA ASN C 134 -27.77 25.52 -8.68
C ASN C 134 -26.33 25.85 -9.08
N LEU C 135 -25.51 26.18 -8.10
CA LEU C 135 -24.10 26.50 -8.35
C LEU C 135 -23.36 25.26 -8.86
N THR C 136 -22.59 25.45 -9.93
CA THR C 136 -21.95 24.34 -10.63
C THR C 136 -20.43 24.45 -10.63
N ALA C 137 -19.93 25.68 -10.67
CA ALA C 137 -18.50 25.95 -10.66
C ALA C 137 -18.27 27.32 -10.06
N ILE C 138 -17.06 27.56 -9.56
CA ILE C 138 -16.65 28.86 -9.07
C ILE C 138 -15.41 29.29 -9.84
N GLY C 139 -15.34 30.58 -10.15
CA GLY C 139 -14.19 31.14 -10.84
C GLY C 139 -13.56 32.24 -10.01
N ILE C 140 -12.24 32.21 -9.91
CA ILE C 140 -11.46 33.19 -9.18
C ILE C 140 -10.49 33.80 -10.17
N SER C 141 -10.57 35.12 -10.38
CA SER C 141 -9.70 35.82 -11.32
C SER C 141 -8.96 36.95 -10.63
N PHE C 142 -7.64 37.01 -10.83
CA PHE C 142 -6.81 38.07 -10.26
C PHE C 142 -6.45 39.09 -11.33
N ARG C 143 -6.56 40.36 -10.98
CA ARG C 143 -6.22 41.44 -11.91
C ARG C 143 -4.69 41.66 -12.04
N GLY C 144 -4.26 42.01 -13.24
CA GLY C 144 -2.86 42.43 -13.49
C GLY C 144 -2.64 43.86 -13.03
N THR C 145 -1.55 44.46 -13.47
CA THR C 145 -1.22 45.83 -13.07
C THR C 145 -2.30 46.78 -13.62
N SER C 146 -2.74 47.69 -12.76
CA SER C 146 -3.83 48.67 -12.98
C SER C 146 -4.95 48.42 -11.94
N GLY C 147 -5.96 49.29 -11.96
CA GLY C 147 -7.08 49.20 -11.02
C GLY C 147 -8.28 49.96 -11.54
N PRO C 148 -9.29 50.19 -10.69
CA PRO C 148 -10.49 50.91 -11.14
C PRO C 148 -10.12 52.26 -11.73
N ARG C 149 -10.81 52.64 -12.80
CA ARG C 149 -10.53 53.91 -13.45
C ARG C 149 -10.49 55.09 -12.48
N GLU C 150 -11.36 55.09 -11.48
CA GLU C 150 -11.48 56.20 -10.55
C GLU C 150 -10.25 56.40 -9.64
N SER C 151 -9.42 55.37 -9.49
CA SER C 151 -8.21 55.48 -8.67
C SER C 151 -7.01 54.90 -9.44
N LEU C 152 -7.06 55.04 -10.75
CA LEU C 152 -6.11 54.38 -11.64
C LEU C 152 -4.63 54.66 -11.33
N ILE C 153 -4.27 55.94 -11.20
CA ILE C 153 -2.83 56.26 -11.03
C ILE C 153 -2.28 55.70 -9.71
N GLY C 154 -2.94 56.03 -8.61
CA GLY C 154 -2.50 55.57 -7.28
C GLY C 154 -2.49 54.05 -7.16
N ASP C 155 -3.53 53.42 -7.70
CA ASP C 155 -3.62 51.95 -7.63
C ASP C 155 -2.49 51.30 -8.44
N THR C 156 -2.26 51.82 -9.64
CA THR C 156 -1.18 51.31 -10.50
C THR C 156 0.20 51.42 -9.83
N ILE C 157 0.46 52.54 -9.14
CA ILE C 157 1.73 52.71 -8.43
C ILE C 157 1.93 51.60 -7.39
N GLY C 158 0.89 51.29 -6.63
CA GLY C 158 0.97 50.18 -5.67
C GLY C 158 1.32 48.87 -6.36
N ASP C 159 0.67 48.61 -7.49
CA ASP C 159 0.88 47.40 -8.27
C ASP C 159 2.34 47.34 -8.78
N VAL C 160 2.85 48.47 -9.26
CA VAL C 160 4.24 48.54 -9.76
C VAL C 160 5.25 48.16 -8.66
N ILE C 161 5.01 48.61 -7.44
CA ILE C 161 5.85 48.25 -6.32
C ILE C 161 5.83 46.73 -6.11
N ASN C 162 4.64 46.13 -6.15
CA ASN C 162 4.56 44.67 -6.05
C ASN C 162 5.32 43.97 -7.20
N ASP C 163 5.19 44.51 -8.41
CA ASP C 163 5.90 43.98 -9.60
C ASP C 163 7.40 44.03 -9.39
N LEU C 164 7.91 45.14 -8.85
CA LEU C 164 9.34 45.31 -8.64
C LEU C 164 9.86 44.38 -7.54
N LEU C 165 9.09 44.21 -6.47
CA LEU C 165 9.46 43.24 -5.44
C LEU C 165 9.50 41.79 -5.97
N ALA C 166 8.61 41.43 -6.88
CA ALA C 166 8.65 40.08 -7.48
C ALA C 166 9.95 39.86 -8.25
N GLY C 167 10.40 40.88 -8.97
CA GLY C 167 11.64 40.78 -9.73
C GLY C 167 12.94 40.93 -8.95
N PHE C 168 12.94 41.85 -7.99
CA PHE C 168 14.19 42.27 -7.36
C PHE C 168 14.17 42.18 -5.83
N GLY C 169 13.07 41.69 -5.27
CA GLY C 169 12.91 41.62 -3.82
C GLY C 169 13.19 40.24 -3.25
N PRO C 170 12.64 39.94 -2.06
CA PRO C 170 12.91 38.68 -1.37
C PRO C 170 12.60 37.43 -2.23
N LYS C 171 13.36 36.37 -2.00
CA LYS C 171 13.24 35.16 -2.82
C LYS C 171 11.85 34.56 -2.77
N GLY C 172 11.15 34.72 -1.65
CA GLY C 172 9.80 34.16 -1.50
C GLY C 172 8.65 35.10 -1.81
N TYR C 173 8.96 36.27 -2.36
CA TYR C 173 7.93 37.29 -2.56
C TYR C 173 6.80 36.87 -3.51
N ALA C 174 7.16 36.45 -4.73
CA ALA C 174 6.16 35.99 -5.70
C ALA C 174 5.27 34.89 -5.11
N ASP C 175 5.86 33.87 -4.49
CA ASP C 175 5.11 32.76 -3.91
C ASP C 175 4.12 33.22 -2.83
N GLY C 176 4.47 34.28 -2.12
CA GLY C 176 3.64 34.77 -1.03
C GLY C 176 2.52 35.73 -1.42
N TYR C 177 2.55 36.23 -2.65
CA TYR C 177 1.65 37.34 -3.03
C TYR C 177 0.17 37.02 -2.77
N THR C 178 -0.29 35.89 -3.26
CA THR C 178 -1.73 35.59 -3.15
C THR C 178 -2.14 35.30 -1.71
N LEU C 179 -1.25 34.67 -0.96
CA LEU C 179 -1.47 34.39 0.45
C LEU C 179 -1.63 35.69 1.24
N LYS C 180 -0.74 36.65 1.00
CA LYS C 180 -0.79 37.93 1.73
C LYS C 180 -1.99 38.77 1.28
N ALA C 181 -2.26 38.75 -0.02
CA ALA C 181 -3.30 39.58 -0.60
C ALA C 181 -4.72 39.07 -0.32
N PHE C 182 -4.92 37.76 -0.47
CA PHE C 182 -6.26 37.17 -0.43
C PHE C 182 -6.40 35.91 0.42
N GLY C 183 -5.52 35.75 1.41
CA GLY C 183 -5.57 34.59 2.29
C GLY C 183 -6.92 34.36 2.94
N ASN C 184 -7.49 35.41 3.51
CA ASN C 184 -8.79 35.27 4.21
C ASN C 184 -9.92 35.00 3.22
N LEU C 185 -9.97 35.78 2.13
CA LEU C 185 -10.96 35.60 1.07
C LEU C 185 -11.03 34.15 0.57
N LEU C 186 -9.88 33.59 0.22
CA LEU C 186 -9.84 32.21 -0.29
C LEU C 186 -10.38 31.19 0.73
N GLY C 187 -10.24 31.51 2.01
CA GLY C 187 -10.80 30.68 3.06
C GLY C 187 -12.31 30.73 3.05
N ASP C 188 -12.87 31.93 2.89
CA ASP C 188 -14.32 32.10 2.84
C ASP C 188 -14.91 31.46 1.57
N VAL C 189 -14.22 31.58 0.45
CA VAL C 189 -14.67 30.98 -0.81
C VAL C 189 -14.73 29.45 -0.70
N ALA C 190 -13.72 28.86 -0.06
CA ALA C 190 -13.68 27.41 0.14
C ALA C 190 -14.86 26.91 0.99
N LYS C 191 -15.13 27.61 2.10
CA LYS C 191 -16.27 27.28 2.95
C LYS C 191 -17.59 27.35 2.17
N PHE C 192 -17.72 28.41 1.37
CA PHE C 192 -18.86 28.64 0.51
C PHE C 192 -19.02 27.48 -0.48
N ALA C 193 -17.92 27.12 -1.14
CA ALA C 193 -17.93 26.01 -2.08
C ALA C 193 -18.36 24.70 -1.41
N GLN C 194 -17.74 24.35 -0.29
CA GLN C 194 -18.08 23.12 0.41
C GLN C 194 -19.55 23.10 0.83
N ALA C 195 -20.08 24.26 1.21
CA ALA C 195 -21.48 24.39 1.63
C ALA C 195 -22.43 24.19 0.46
N HIS C 196 -21.91 24.28 -0.76
CA HIS C 196 -22.74 24.10 -1.95
C HIS C 196 -22.46 22.79 -2.67
N GLY C 197 -21.71 21.90 -2.02
CA GLY C 197 -21.43 20.58 -2.57
C GLY C 197 -20.29 20.51 -3.58
N LEU C 198 -19.50 21.57 -3.66
CA LEU C 198 -18.39 21.63 -4.61
C LEU C 198 -17.05 21.27 -3.97
N SER C 199 -16.13 20.78 -4.78
CA SER C 199 -14.77 20.49 -4.33
C SER C 199 -13.80 21.35 -5.12
N GLY C 200 -12.51 21.22 -4.84
CA GLY C 200 -11.49 22.03 -5.53
C GLY C 200 -11.53 21.91 -7.04
N GLU C 201 -11.86 20.74 -7.55
CA GLU C 201 -11.88 20.51 -9.01
C GLU C 201 -13.01 21.25 -9.72
N ASP C 202 -13.93 21.82 -8.96
CA ASP C 202 -15.02 22.62 -9.52
C ASP C 202 -14.66 24.11 -9.58
N VAL C 203 -13.38 24.43 -9.37
CA VAL C 203 -12.90 25.81 -9.32
C VAL C 203 -11.92 26.09 -10.46
N VAL C 204 -12.14 27.18 -11.18
CA VAL C 204 -11.15 27.65 -12.17
C VAL C 204 -10.52 28.94 -11.66
N VAL C 205 -9.18 29.00 -11.70
CA VAL C 205 -8.42 30.15 -11.22
C VAL C 205 -7.62 30.72 -12.40
N SER C 206 -7.78 32.00 -12.68
CA SER C 206 -7.10 32.59 -13.82
C SER C 206 -6.70 34.04 -13.58
N GLY C 207 -6.08 34.65 -14.58
CA GLY C 207 -5.59 36.02 -14.46
C GLY C 207 -4.43 36.27 -15.39
N HIS C 208 -4.17 37.55 -15.65
CA HIS C 208 -3.17 37.98 -16.63
C HIS C 208 -2.08 38.87 -16.00
N SER C 209 -0.82 38.64 -16.40
CA SER C 209 0.34 39.46 -15.98
C SER C 209 0.63 39.28 -14.49
N LEU C 210 0.57 40.37 -13.72
CA LEU C 210 0.65 40.21 -12.26
C LEU C 210 -0.47 39.26 -11.79
N GLY C 211 -1.58 39.24 -12.52
CA GLY C 211 -2.69 38.34 -12.18
C GLY C 211 -2.28 36.91 -12.45
N GLY C 212 -1.46 36.71 -13.49
CA GLY C 212 -0.91 35.39 -13.81
C GLY C 212 0.11 34.95 -12.76
N LEU C 213 0.93 35.89 -12.28
CA LEU C 213 1.79 35.58 -11.14
C LEU C 213 0.93 35.11 -9.97
N ALA C 214 -0.20 35.79 -9.76
CA ALA C 214 -1.08 35.43 -8.62
C ALA C 214 -1.66 34.02 -8.76
N VAL C 215 -1.86 33.58 -10.01
CA VAL C 215 -2.38 32.23 -10.25
C VAL C 215 -1.33 31.20 -9.83
N ASN C 216 -0.10 31.42 -10.29
CA ASN C 216 1.02 30.54 -9.96
C ASN C 216 1.28 30.54 -8.44
N SER C 217 1.11 31.70 -7.82
CA SER C 217 1.28 31.86 -6.38
C SER C 217 0.27 31.03 -5.60
N MET C 218 -1.00 31.16 -5.96
CA MET C 218 -2.05 30.36 -5.31
C MET C 218 -1.75 28.86 -5.43
N ALA C 219 -1.43 28.41 -6.64
CA ALA C 219 -1.06 27.01 -6.85
C ALA C 219 0.08 26.59 -5.94
N ALA C 220 1.10 27.44 -5.82
CA ALA C 220 2.26 27.13 -4.98
C ALA C 220 1.90 27.01 -3.51
N GLN C 221 0.81 27.67 -3.10
CA GLN C 221 0.38 27.65 -1.70
C GLN C 221 -0.74 26.63 -1.44
N SER C 222 -1.22 25.96 -2.47
CA SER C 222 -2.46 25.19 -2.39
C SER C 222 -2.37 23.82 -1.70
N ASP C 223 -1.18 23.24 -1.62
CA ASP C 223 -1.04 21.95 -0.92
C ASP C 223 -1.15 22.13 0.59
N ALA C 224 -0.59 23.22 1.09
CA ALA C 224 -0.44 23.45 2.53
C ALA C 224 -1.53 24.32 3.18
N ASN C 225 -2.09 25.23 2.40
CA ASN C 225 -3.07 26.19 2.93
C ASN C 225 -4.53 25.90 2.58
N TRP C 226 -5.44 26.57 3.29
CA TRP C 226 -6.88 26.43 3.08
C TRP C 226 -7.31 24.96 3.20
N GLY C 227 -6.67 24.24 4.10
CA GLY C 227 -6.96 22.82 4.32
C GLY C 227 -6.72 21.94 3.11
N GLY C 228 -5.94 22.41 2.15
CA GLY C 228 -5.68 21.67 0.92
C GLY C 228 -6.83 21.69 -0.08
N PHE C 229 -7.83 22.51 0.20
CA PHE C 229 -9.05 22.52 -0.64
C PHE C 229 -8.79 22.73 -2.13
N TYR C 230 -7.82 23.58 -2.44
CA TYR C 230 -7.56 24.03 -3.82
C TYR C 230 -6.42 23.27 -4.49
N ALA C 231 -5.92 22.22 -3.83
CA ALA C 231 -4.80 21.46 -4.37
C ALA C 231 -5.08 20.96 -5.79
N GLN C 232 -6.30 20.49 -6.04
CA GLN C 232 -6.67 19.98 -7.36
C GLN C 232 -7.51 20.96 -8.19
N SER C 233 -7.43 22.26 -7.88
CA SER C 233 -8.15 23.25 -8.68
C SER C 233 -7.50 23.43 -10.06
N ASN C 234 -8.20 24.12 -10.95
CA ASN C 234 -7.77 24.27 -12.35
C ASN C 234 -7.12 25.62 -12.55
N TYR C 235 -5.79 25.63 -12.69
CA TYR C 235 -5.01 26.87 -12.75
C TYR C 235 -4.53 27.17 -14.18
N VAL C 236 -5.09 28.24 -14.75
CA VAL C 236 -4.76 28.67 -16.10
C VAL C 236 -4.27 30.10 -16.01
N ALA C 237 -2.96 30.31 -16.18
CA ALA C 237 -2.38 31.64 -16.05
C ALA C 237 -1.99 32.24 -17.39
N PHE C 238 -2.31 33.53 -17.59
CA PHE C 238 -1.93 34.22 -18.82
C PHE C 238 -0.79 35.23 -18.63
N ALA C 239 0.20 35.19 -19.52
CA ALA C 239 1.28 36.19 -19.52
C ALA C 239 1.97 36.32 -18.15
N SER C 240 2.13 35.20 -17.45
CA SER C 240 2.79 35.26 -16.14
C SER C 240 4.30 35.43 -16.29
N PRO C 241 4.91 36.28 -15.45
CA PRO C 241 6.38 36.29 -15.43
C PRO C 241 6.96 35.05 -14.73
N THR C 242 6.16 34.40 -13.89
CA THR C 242 6.63 33.27 -13.07
C THR C 242 5.97 31.97 -13.45
N GLN C 243 6.58 30.86 -13.04
CA GLN C 243 5.98 29.52 -13.18
C GLN C 243 6.11 28.72 -11.90
N TYR C 244 5.00 28.11 -11.47
CA TYR C 244 5.03 27.08 -10.44
C TYR C 244 4.76 25.75 -11.12
N GLU C 245 5.74 24.85 -11.09
CA GLU C 245 5.66 23.64 -11.92
C GLU C 245 5.67 22.34 -11.12
N ALA C 246 5.92 22.42 -9.83
CA ALA C 246 5.90 21.25 -8.95
C ALA C 246 4.47 20.78 -8.73
N GLY C 247 4.18 19.54 -9.14
CA GLY C 247 2.83 18.97 -9.00
C GLY C 247 1.98 19.01 -10.26
N GLY C 248 2.45 19.72 -11.28
CA GLY C 248 1.73 19.79 -12.56
C GLY C 248 0.40 20.51 -12.50
N LYS C 249 0.32 21.57 -11.71
CA LYS C 249 -0.93 22.26 -11.42
C LYS C 249 -1.32 23.38 -12.39
N VAL C 250 -0.34 24.04 -12.98
CA VAL C 250 -0.59 25.24 -13.77
C VAL C 250 -0.24 25.10 -15.25
N ILE C 251 -1.09 25.65 -16.11
CA ILE C 251 -0.70 25.85 -17.50
C ILE C 251 -0.46 27.33 -17.70
N ASN C 252 0.70 27.67 -18.24
CA ASN C 252 1.12 29.06 -18.45
C ASN C 252 1.08 29.43 -19.93
N ILE C 253 0.04 30.16 -20.32
CA ILE C 253 -0.23 30.51 -21.71
C ILE C 253 0.18 31.97 -22.01
N GLY C 254 0.91 32.19 -23.09
CA GLY C 254 1.33 33.55 -23.42
C GLY C 254 2.00 33.60 -24.79
N TYR C 255 2.29 34.81 -25.23
CA TYR C 255 2.97 35.03 -26.52
C TYR C 255 4.48 35.10 -26.30
N GLU C 256 5.25 34.44 -27.16
CA GLU C 256 6.70 34.43 -26.96
C GLU C 256 7.31 35.84 -27.12
N ASN C 257 6.68 36.73 -27.91
CA ASN C 257 7.21 38.11 -28.03
C ASN C 257 6.61 39.09 -27.00
N ASP C 258 5.90 38.56 -26.02
CA ASP C 258 5.44 39.35 -24.87
C ASP C 258 6.59 39.35 -23.85
N PRO C 259 7.24 40.50 -23.62
CA PRO C 259 8.44 40.50 -22.78
C PRO C 259 8.16 40.17 -21.30
N VAL C 260 6.92 40.27 -20.85
CA VAL C 260 6.59 39.91 -19.46
C VAL C 260 6.52 38.39 -19.29
N PHE C 261 6.04 37.71 -20.33
CA PHE C 261 5.78 36.27 -20.27
C PHE C 261 7.03 35.46 -20.07
N ARG C 262 7.11 34.69 -18.97
CA ARG C 262 8.31 33.89 -18.62
C ARG C 262 9.56 34.73 -18.31
N ALA C 263 9.38 35.99 -17.93
CA ALA C 263 10.53 36.85 -17.64
C ALA C 263 11.40 36.28 -16.52
N LEU C 264 10.75 35.64 -15.54
CA LEU C 264 11.49 34.98 -14.44
C LEU C 264 11.59 33.48 -14.69
N ASP C 265 12.68 32.89 -14.22
CA ASP C 265 12.96 31.47 -14.38
C ASP C 265 12.49 30.77 -13.11
N GLY C 266 11.26 30.26 -13.18
CA GLY C 266 10.55 29.84 -11.98
C GLY C 266 10.10 31.13 -11.29
N THR C 267 10.83 31.54 -10.25
CA THR C 267 10.63 32.84 -9.66
C THR C 267 11.94 33.64 -9.66
N SER C 268 12.98 33.11 -10.30
CA SER C 268 14.31 33.70 -10.20
C SER C 268 14.64 34.72 -11.29
N LEU C 269 15.25 35.83 -10.88
CA LEU C 269 15.80 36.80 -11.81
C LEU C 269 17.11 36.25 -12.38
N THR C 270 17.20 36.15 -13.70
CA THR C 270 18.41 35.66 -14.36
C THR C 270 18.82 36.62 -15.48
N LEU C 271 19.96 36.38 -16.11
CA LEU C 271 20.43 37.31 -17.14
C LEU C 271 19.43 37.46 -18.30
N PRO C 272 18.87 36.35 -18.79
CA PRO C 272 17.81 36.50 -19.83
C PRO C 272 16.58 37.33 -19.40
N SER C 273 16.33 37.51 -18.10
CA SER C 273 15.15 38.26 -17.63
C SER C 273 15.05 39.66 -18.22
N LEU C 274 16.18 40.31 -18.46
CA LEU C 274 16.17 41.68 -19.00
C LEU C 274 16.40 41.74 -20.52
N GLY C 275 16.34 40.59 -21.19
CA GLY C 275 16.51 40.53 -22.63
C GLY C 275 15.53 39.52 -23.21
N VAL C 276 16.00 38.69 -24.14
CA VAL C 276 15.17 37.60 -24.68
C VAL C 276 15.23 36.39 -23.75
N HIS C 277 14.06 35.88 -23.36
CA HIS C 277 13.98 34.76 -22.44
C HIS C 277 13.01 33.71 -22.99
N ASP C 278 13.46 33.03 -24.05
CA ASP C 278 12.60 32.08 -24.76
C ASP C 278 13.03 30.61 -24.56
N ALA C 279 13.89 30.35 -23.59
CA ALA C 279 14.18 28.95 -23.29
C ALA C 279 12.87 28.33 -22.81
N PRO C 280 12.50 27.16 -23.36
CA PRO C 280 11.14 26.67 -23.05
C PRO C 280 10.95 26.18 -21.63
N HIS C 281 9.78 26.46 -21.06
CA HIS C 281 9.38 25.91 -19.77
C HIS C 281 8.34 24.80 -19.95
N THR C 282 8.43 23.78 -19.10
CA THR C 282 7.54 22.61 -19.20
C THR C 282 6.05 22.97 -19.06
N SER C 283 5.72 23.95 -18.22
CA SER C 283 4.30 24.29 -18.01
C SER C 283 3.73 25.27 -19.06
N ALA C 284 4.57 25.74 -19.98
CA ALA C 284 4.20 26.87 -20.82
C ALA C 284 3.98 26.51 -22.30
N THR C 285 3.14 27.31 -22.96
CA THR C 285 3.03 27.30 -24.42
C THR C 285 4.16 28.20 -24.93
N ASN C 286 5.23 27.61 -25.46
CA ASN C 286 6.46 28.39 -25.71
C ASN C 286 6.66 29.04 -27.08
N ASN C 287 5.74 28.79 -28.02
CA ASN C 287 5.94 29.23 -29.39
C ASN C 287 4.74 29.87 -30.09
N ILE C 288 3.94 30.65 -29.36
CA ILE C 288 2.85 31.44 -29.97
C ILE C 288 3.31 32.88 -30.22
N VAL C 289 3.17 33.35 -31.46
CA VAL C 289 3.60 34.69 -31.83
C VAL C 289 2.43 35.66 -31.97
N ASN C 290 2.53 36.82 -31.31
CA ASN C 290 1.60 37.92 -31.46
C ASN C 290 2.06 38.74 -32.66
N PHE C 291 1.51 38.48 -33.85
CA PHE C 291 1.98 39.19 -35.05
C PHE C 291 1.30 40.53 -35.19
N ASN C 292 1.85 41.54 -34.51
CA ASN C 292 1.26 42.89 -34.50
C ASN C 292 2.19 43.89 -35.18
N ASP C 293 1.79 45.16 -35.19
CA ASP C 293 2.57 46.16 -35.94
C ASP C 293 4.02 46.26 -35.44
N HIS C 294 4.24 46.10 -34.13
CA HIS C 294 5.59 46.15 -33.59
C HIS C 294 6.44 44.98 -34.09
N TYR C 295 5.93 43.76 -33.93
CA TYR C 295 6.63 42.55 -34.38
C TYR C 295 6.95 42.60 -35.88
N ALA C 296 6.03 43.12 -36.68
CA ALA C 296 6.22 43.16 -38.12
C ALA C 296 7.29 44.16 -38.56
N SER C 297 7.55 45.18 -37.73
CA SER C 297 8.38 46.31 -38.14
C SER C 297 9.88 46.15 -37.96
N ASP C 298 10.65 46.15 -39.05
CA ASP C 298 12.12 46.15 -38.93
C ASP C 298 12.60 47.36 -38.12
N ALA C 299 12.04 48.53 -38.42
CA ALA C 299 12.40 49.78 -37.73
C ALA C 299 12.24 49.73 -36.20
N TRP C 300 11.10 49.23 -35.73
CA TRP C 300 10.88 49.12 -34.28
C TRP C 300 11.91 48.18 -33.67
N ASN C 301 12.24 47.13 -34.40
CA ASN C 301 13.12 46.11 -33.84
C ASN C 301 14.62 46.39 -34.02
N LEU C 302 14.97 47.60 -34.47
CA LEU C 302 16.36 48.06 -34.39
C LEU C 302 16.71 48.21 -32.92
N LEU C 303 15.71 48.42 -32.07
CA LEU C 303 15.89 48.53 -30.63
C LEU C 303 15.97 47.13 -30.04
N PRO C 304 16.77 46.95 -28.98
CA PRO C 304 16.92 45.64 -28.35
C PRO C 304 15.66 45.20 -27.61
N PHE C 305 15.26 43.93 -27.82
CA PHE C 305 14.10 43.36 -27.16
C PHE C 305 14.36 43.23 -25.67
N SER C 306 13.46 43.79 -24.87
CA SER C 306 13.62 43.82 -23.43
C SER C 306 12.37 44.29 -22.73
N ILE C 307 12.11 43.76 -21.54
CA ILE C 307 11.03 44.26 -20.70
C ILE C 307 11.29 45.73 -20.32
N LEU C 308 12.53 46.20 -20.47
CA LEU C 308 12.89 47.59 -20.19
C LEU C 308 12.59 48.53 -21.36
N ASN C 309 12.27 47.94 -22.52
CA ASN C 309 11.94 48.68 -23.74
C ASN C 309 10.42 48.78 -23.83
N ILE C 310 9.87 49.94 -23.48
CA ILE C 310 8.42 50.09 -23.30
C ILE C 310 7.58 49.75 -24.54
N PRO C 311 7.99 50.23 -25.74
CA PRO C 311 7.24 49.83 -26.94
C PRO C 311 6.96 48.30 -27.06
N THR C 312 7.88 47.44 -26.61
CA THR C 312 7.68 46.00 -26.75
C THR C 312 6.47 45.49 -25.95
N TRP C 313 6.05 46.28 -24.95
CA TRP C 313 4.87 45.92 -24.14
C TRP C 313 3.56 45.89 -24.95
N LEU C 314 3.58 46.41 -26.17
CA LEU C 314 2.40 46.33 -27.01
C LEU C 314 1.87 44.91 -27.00
N SER C 315 2.78 43.95 -27.11
CA SER C 315 2.38 42.54 -27.29
C SER C 315 1.75 41.93 -26.02
N HIS C 316 1.79 42.66 -24.91
CA HIS C 316 1.34 42.19 -23.62
C HIS C 316 -0.14 42.53 -23.38
N LEU C 317 -0.70 43.48 -24.15
CA LEU C 317 -2.03 44.02 -23.81
C LEU C 317 -3.14 42.95 -23.79
N PRO C 318 -4.04 43.03 -22.79
CA PRO C 318 -5.07 41.99 -22.59
C PRO C 318 -6.01 41.76 -23.79
N PHE C 319 -6.34 42.81 -24.53
CA PHE C 319 -7.21 42.58 -25.71
C PHE C 319 -6.56 41.67 -26.78
N PHE C 320 -5.23 41.70 -26.92
CA PHE C 320 -4.54 40.78 -27.86
C PHE C 320 -4.67 39.32 -27.38
N TYR C 321 -4.69 39.14 -26.07
CA TYR C 321 -4.86 37.82 -25.47
C TYR C 321 -6.29 37.31 -25.73
N GLN C 322 -7.27 38.13 -25.38
CA GLN C 322 -8.67 37.75 -25.56
C GLN C 322 -9.00 37.40 -27.01
N ASP C 323 -8.70 38.31 -27.93
CA ASP C 323 -9.16 38.13 -29.31
C ASP C 323 -8.33 37.11 -30.07
N GLY C 324 -7.00 37.20 -29.90
CA GLY C 324 -6.06 36.32 -30.60
C GLY C 324 -6.18 34.87 -30.17
N LEU C 325 -6.18 34.65 -28.86
CA LEU C 325 -6.21 33.27 -28.34
C LEU C 325 -7.58 32.58 -28.54
N MET C 326 -8.67 33.35 -28.60
CA MET C 326 -9.94 32.75 -28.96
C MET C 326 -9.92 32.29 -30.43
N ARG C 327 -9.21 33.01 -31.30
CA ARG C 327 -9.07 32.54 -32.70
C ARG C 327 -8.24 31.25 -32.80
N VAL C 328 -7.24 31.12 -31.92
CA VAL C 328 -6.50 29.85 -31.87
C VAL C 328 -7.43 28.74 -31.39
N LEU C 329 -8.13 28.98 -30.29
CA LEU C 329 -9.07 27.97 -29.78
C LEU C 329 -10.07 27.49 -30.83
N ASN C 330 -10.61 28.43 -31.60
CA ASN C 330 -11.69 28.13 -32.56
C ASN C 330 -11.19 27.78 -33.96
N SER C 331 -9.88 27.60 -34.11
CA SER C 331 -9.29 27.29 -35.41
C SER C 331 -9.75 25.94 -35.94
N GLU C 332 -9.99 25.88 -37.25
CA GLU C 332 -10.29 24.62 -37.92
C GLU C 332 -9.15 23.58 -37.73
N PHE C 333 -7.94 24.07 -37.43
CA PHE C 333 -6.77 23.22 -37.24
C PHE C 333 -6.45 22.91 -35.76
N TYR C 334 -7.29 23.34 -34.82
CA TYR C 334 -6.96 23.18 -33.38
C TYR C 334 -6.60 21.75 -32.98
N SER C 335 -7.33 20.76 -33.49
CA SER C 335 -7.13 19.37 -33.05
C SER C 335 -5.80 18.78 -33.56
N LEU C 336 -5.09 19.53 -34.41
CA LEU C 336 -3.74 19.15 -34.83
C LEU C 336 -2.62 19.77 -33.98
N THR C 337 -2.97 20.63 -33.03
CA THR C 337 -1.95 21.39 -32.28
C THR C 337 -1.48 20.68 -30.99
N ASP C 338 -0.32 21.09 -30.51
CA ASP C 338 0.27 20.61 -29.25
C ASP C 338 0.75 21.82 -28.43
N LYS C 339 1.05 21.60 -27.15
CA LYS C 339 1.52 22.68 -26.26
C LYS C 339 2.59 23.58 -26.89
N ASP C 340 3.55 22.97 -27.58
CA ASP C 340 4.65 23.78 -28.14
C ASP C 340 4.62 23.98 -29.66
N SER C 341 3.45 23.79 -30.27
CA SER C 341 3.26 24.10 -31.70
C SER C 341 3.61 25.56 -31.99
N THR C 342 4.28 25.81 -33.12
CA THR C 342 4.53 27.16 -33.61
C THR C 342 3.22 27.73 -34.18
N ILE C 343 2.68 28.75 -33.53
CA ILE C 343 1.44 29.38 -33.98
C ILE C 343 1.65 30.89 -34.13
N ILE C 344 1.42 31.40 -35.35
CA ILE C 344 1.55 32.83 -35.68
C ILE C 344 0.14 33.42 -35.76
N VAL C 345 -0.18 34.36 -34.87
CA VAL C 345 -1.55 34.90 -34.77
C VAL C 345 -1.61 36.32 -35.33
N SER C 346 -2.38 36.51 -36.41
CA SER C 346 -2.48 37.83 -37.02
C SER C 346 -3.18 38.83 -36.09
N ASN C 347 -2.47 39.91 -35.74
CA ASN C 347 -2.98 40.95 -34.84
C ASN C 347 -2.59 42.35 -35.35
N LEU C 348 -2.66 42.53 -36.67
CA LEU C 348 -2.28 43.79 -37.31
C LEU C 348 -3.38 44.85 -37.20
N SER C 349 -2.98 46.13 -37.26
CA SER C 349 -3.91 47.24 -37.35
C SER C 349 -4.55 47.33 -38.75
N ASN C 350 -5.56 48.19 -38.89
CA ASN C 350 -6.16 48.42 -40.20
C ASN C 350 -5.17 49.12 -41.13
N VAL C 351 -4.22 49.83 -40.54
CA VAL C 351 -3.22 50.57 -41.32
C VAL C 351 -2.21 49.65 -42.01
N THR C 352 -1.94 48.48 -41.42
CA THR C 352 -0.92 47.60 -41.95
C THR C 352 -1.41 46.28 -42.55
N ARG C 353 -2.65 45.89 -42.23
CA ARG C 353 -3.12 44.56 -42.64
C ARG C 353 -3.09 44.38 -44.16
N GLY C 354 -3.35 45.45 -44.91
CA GLY C 354 -3.43 45.36 -46.37
C GLY C 354 -2.12 45.47 -47.11
N ASN C 355 -1.02 45.67 -46.38
CA ASN C 355 0.29 45.81 -47.01
C ASN C 355 1.40 45.02 -46.33
N THR C 356 1.05 44.20 -45.34
CA THR C 356 2.03 43.44 -44.58
C THR C 356 1.70 41.96 -44.56
N TRP C 357 2.68 41.12 -44.90
CA TRP C 357 2.49 39.66 -44.90
C TRP C 357 2.66 39.09 -43.49
N VAL C 358 1.69 38.28 -43.06
CA VAL C 358 1.79 37.54 -41.80
C VAL C 358 2.62 36.30 -42.09
N GLU C 359 3.75 36.19 -41.41
CA GLU C 359 4.74 35.16 -41.70
C GLU C 359 5.61 34.93 -40.47
N ASP C 360 6.27 33.77 -40.42
CA ASP C 360 7.15 33.46 -39.29
C ASP C 360 8.51 34.13 -39.47
N LEU C 361 8.64 35.36 -38.98
CA LEU C 361 9.91 36.07 -38.99
C LEU C 361 10.90 35.47 -37.98
N ASN C 362 10.38 34.75 -36.99
CA ASN C 362 11.21 34.14 -35.93
C ASN C 362 12.07 35.18 -35.18
N ARG C 363 11.55 36.39 -35.06
CA ARG C 363 12.26 37.47 -34.38
C ARG C 363 12.35 37.21 -32.87
N ASN C 364 13.50 37.50 -32.28
CA ASN C 364 13.64 37.53 -30.80
C ASN C 364 13.11 36.27 -30.13
N ALA C 365 13.55 35.12 -30.65
CA ALA C 365 13.09 33.80 -30.19
C ALA C 365 14.02 32.69 -30.64
N GLU C 366 14.01 31.56 -29.94
CA GLU C 366 14.77 30.41 -30.39
C GLU C 366 14.22 29.99 -31.75
N THR C 367 15.04 29.35 -32.57
CA THR C 367 14.58 28.91 -33.89
C THR C 367 13.42 27.91 -33.80
N HIS C 368 12.35 28.18 -34.53
CA HIS C 368 11.14 27.33 -34.49
C HIS C 368 11.35 26.00 -35.20
N SER C 369 10.63 24.97 -34.77
CA SER C 369 10.66 23.66 -35.46
C SER C 369 9.27 23.04 -35.50
N GLY C 370 9.12 21.99 -36.30
CA GLY C 370 7.81 21.34 -36.44
C GLY C 370 6.94 22.14 -37.40
N PRO C 371 5.69 21.70 -37.57
CA PRO C 371 4.77 22.43 -38.46
C PRO C 371 4.43 23.82 -37.93
N THR C 372 4.04 24.71 -38.82
CA THR C 372 3.71 26.08 -38.45
C THR C 372 2.25 26.36 -38.76
N PHE C 373 1.52 26.89 -37.78
CA PHE C 373 0.14 27.28 -37.97
C PHE C 373 0.07 28.80 -38.07
N ILE C 374 -0.60 29.33 -39.08
CA ILE C 374 -0.78 30.79 -39.18
C ILE C 374 -2.28 31.09 -39.23
N ILE C 375 -2.75 31.84 -38.23
CA ILE C 375 -4.17 32.10 -38.01
C ILE C 375 -4.52 33.53 -38.42
N GLY C 376 -5.36 33.67 -39.44
CA GLY C 376 -5.75 35.00 -39.94
C GLY C 376 -6.81 35.68 -39.07
N SER C 377 -7.34 36.78 -39.60
CA SER C 377 -8.45 37.54 -38.97
C SER C 377 -9.71 37.47 -39.79
N ASP C 378 -10.81 38.02 -39.26
CA ASP C 378 -12.02 38.05 -40.07
C ASP C 378 -11.99 39.16 -41.13
N GLY C 379 -10.84 39.86 -41.22
CA GLY C 379 -10.60 40.87 -42.26
C GLY C 379 -9.81 40.29 -43.44
N ASN C 380 -9.39 41.18 -44.36
CA ASN C 380 -8.65 40.75 -45.56
C ASN C 380 -7.16 40.62 -45.27
N ASP C 381 -6.66 39.37 -45.26
CA ASP C 381 -5.31 39.10 -44.81
C ASP C 381 -4.34 38.77 -45.94
N LEU C 382 -3.06 39.05 -45.69
CA LEU C 382 -1.98 38.57 -46.54
C LEU C 382 -1.19 37.58 -45.69
N ILE C 383 -1.19 36.30 -46.09
CA ILE C 383 -0.57 35.23 -45.27
C ILE C 383 0.46 34.46 -46.06
N LYS C 384 1.68 34.33 -45.50
CA LYS C 384 2.75 33.63 -46.21
C LYS C 384 3.38 32.53 -45.37
N GLY C 385 3.31 31.29 -45.87
CA GLY C 385 3.97 30.15 -45.24
C GLY C 385 5.42 29.98 -45.70
N GLY C 386 6.23 29.34 -44.87
CA GLY C 386 7.66 29.11 -45.18
C GLY C 386 7.97 27.83 -45.96
N LYS C 387 9.26 27.50 -46.03
CA LYS C 387 9.74 26.35 -46.83
C LYS C 387 9.35 25.01 -46.20
N GLY C 388 8.97 25.04 -44.94
CA GLY C 388 8.59 23.81 -44.24
C GLY C 388 7.10 23.57 -44.38
N ASN C 389 6.55 22.77 -43.47
CA ASN C 389 5.13 22.40 -43.54
C ASN C 389 4.26 23.43 -42.83
N ASP C 390 3.23 23.91 -43.51
CA ASP C 390 2.37 24.95 -42.95
C ASP C 390 0.87 24.61 -42.99
N TYR C 391 0.14 25.15 -42.01
CA TYR C 391 -1.31 25.08 -41.95
C TYR C 391 -1.81 26.53 -41.89
N LEU C 392 -2.42 27.01 -42.97
CA LEU C 392 -2.73 28.43 -43.11
C LEU C 392 -4.24 28.68 -43.09
N GLU C 393 -4.71 29.49 -42.17
CA GLU C 393 -6.17 29.68 -42.00
C GLU C 393 -6.61 31.13 -42.24
N GLY C 394 -7.36 31.37 -43.31
CA GLY C 394 -7.77 32.74 -43.65
C GLY C 394 -8.95 33.30 -42.86
N ARG C 395 -9.86 32.43 -42.44
CA ARG C 395 -11.12 32.87 -41.83
C ARG C 395 -11.92 33.77 -42.81
N ASP C 396 -12.79 34.61 -42.25
CA ASP C 396 -13.63 35.47 -43.12
C ASP C 396 -12.76 36.52 -43.83
N GLY C 397 -13.35 37.24 -44.79
CA GLY C 397 -12.61 38.22 -45.57
C GLY C 397 -11.94 37.60 -46.79
N ASP C 398 -11.54 38.46 -47.72
CA ASP C 398 -10.85 38.06 -48.93
C ASP C 398 -9.36 37.98 -48.63
N ASP C 399 -8.85 36.76 -48.58
CA ASP C 399 -7.48 36.50 -48.13
C ASP C 399 -6.55 36.11 -49.32
N ILE C 400 -5.28 36.49 -49.24
CA ILE C 400 -4.30 36.09 -50.28
C ILE C 400 -3.22 35.27 -49.57
N PHE C 401 -2.92 34.08 -50.10
CA PHE C 401 -1.93 33.18 -49.52
C PHE C 401 -0.70 33.00 -50.42
N ARG C 402 0.47 32.88 -49.79
CA ARG C 402 1.69 32.47 -50.48
C ARG C 402 2.32 31.38 -49.65
N ASP C 403 3.17 30.54 -50.26
CA ASP C 403 3.89 29.53 -49.47
C ASP C 403 5.17 29.11 -50.19
N ALA C 404 6.27 29.04 -49.45
CA ALA C 404 7.61 28.84 -50.04
C ALA C 404 8.02 27.40 -50.26
N GLY C 405 7.23 26.44 -49.79
CA GLY C 405 7.59 25.04 -50.03
C GLY C 405 6.99 24.05 -49.03
N GLY C 406 7.42 22.79 -49.15
CA GLY C 406 7.03 21.74 -48.21
C GLY C 406 5.60 21.25 -48.43
N TYR C 407 5.00 20.70 -47.38
CA TYR C 407 3.66 20.07 -47.48
C TYR C 407 2.69 20.88 -46.63
N ASN C 408 1.62 21.36 -47.25
CA ASN C 408 0.77 22.38 -46.61
C ASN C 408 -0.75 22.14 -46.73
N LEU C 409 -1.48 22.60 -45.73
CA LEU C 409 -2.95 22.73 -45.82
C LEU C 409 -3.34 24.20 -45.76
N ILE C 410 -4.28 24.60 -46.61
CA ILE C 410 -4.76 25.99 -46.64
C ILE C 410 -6.30 26.03 -46.59
N ALA C 411 -6.85 26.70 -45.58
CA ALA C 411 -8.30 26.92 -45.48
C ALA C 411 -8.64 28.38 -45.76
N GLY C 412 -9.14 28.65 -46.96
CA GLY C 412 -9.41 30.01 -47.36
C GLY C 412 -10.54 30.63 -46.56
N GLY C 413 -11.45 29.79 -46.09
CA GLY C 413 -12.65 30.23 -45.36
C GLY C 413 -13.61 30.97 -46.28
N LYS C 414 -14.51 31.75 -45.68
CA LYS C 414 -15.43 32.57 -46.47
C LYS C 414 -14.68 33.65 -47.26
N GLY C 415 -15.40 34.28 -48.18
CA GLY C 415 -14.87 35.36 -49.01
C GLY C 415 -14.22 34.89 -50.31
N HIS C 416 -13.68 35.85 -51.06
CA HIS C 416 -12.98 35.56 -52.30
C HIS C 416 -11.50 35.43 -52.00
N ASN C 417 -11.02 34.19 -51.97
CA ASN C 417 -9.63 33.92 -51.60
C ASN C 417 -8.73 33.56 -52.79
N ILE C 418 -7.47 33.98 -52.71
CA ILE C 418 -6.49 33.79 -53.79
C ILE C 418 -5.27 33.01 -53.31
N PHE C 419 -4.76 32.08 -54.12
CA PHE C 419 -3.42 31.52 -53.86
C PHE C 419 -2.45 32.03 -54.92
N ASP C 420 -1.34 32.63 -54.44
CA ASP C 420 -0.33 33.27 -55.30
C ASP C 420 0.96 32.42 -55.38
N THR C 421 1.28 31.88 -56.55
CA THR C 421 2.48 31.01 -56.66
C THR C 421 3.80 31.78 -56.76
N GLN C 422 3.69 33.06 -57.11
CA GLN C 422 4.85 33.93 -57.31
C GLN C 422 5.78 33.52 -58.44
N GLN C 423 5.34 32.62 -59.31
CA GLN C 423 6.19 32.23 -60.43
C GLN C 423 5.37 31.66 -61.58
N ALA C 424 6.06 31.27 -62.64
CA ALA C 424 5.39 30.75 -63.84
C ALA C 424 4.54 29.54 -63.51
N LEU C 425 3.33 29.50 -64.06
CA LEU C 425 2.40 28.39 -63.79
C LEU C 425 2.97 27.04 -64.24
N LYS C 426 3.79 27.04 -65.30
CA LYS C 426 4.38 25.80 -65.80
C LYS C 426 5.23 25.08 -64.75
N ASN C 427 5.65 25.80 -63.71
CA ASN C 427 6.52 25.25 -62.67
C ASN C 427 5.75 24.52 -61.56
N THR C 428 4.43 24.58 -61.62
CA THR C 428 3.56 23.96 -60.63
C THR C 428 2.56 23.00 -61.29
N GLU C 429 2.42 21.78 -60.74
CA GLU C 429 1.35 20.89 -61.20
C GLU C 429 0.06 21.24 -60.45
N VAL C 430 -1.02 21.45 -61.20
CA VAL C 430 -2.29 21.88 -60.62
C VAL C 430 -3.45 20.95 -60.95
N ALA C 431 -4.18 20.51 -59.92
CA ALA C 431 -5.38 19.70 -60.13
C ALA C 431 -6.46 20.12 -59.11
N TYR C 432 -7.68 19.61 -59.26
CA TYR C 432 -8.82 20.07 -58.48
C TYR C 432 -9.80 18.93 -58.37
N ASP C 433 -10.26 18.62 -57.15
CA ASP C 433 -11.17 17.50 -56.97
C ASP C 433 -12.64 17.96 -56.97
N GLY C 434 -12.84 19.25 -57.25
CA GLY C 434 -14.18 19.86 -57.26
C GLY C 434 -14.41 20.79 -56.08
N ASN C 435 -13.56 20.66 -55.06
CA ASN C 435 -13.64 21.46 -53.84
C ASN C 435 -12.25 21.91 -53.39
N THR C 436 -11.29 21.00 -53.51
CA THR C 436 -9.93 21.22 -53.04
C THR C 436 -8.96 21.33 -54.22
N LEU C 437 -8.14 22.37 -54.19
CA LEU C 437 -7.06 22.59 -55.14
C LEU C 437 -5.77 21.87 -54.67
N TYR C 438 -5.16 21.10 -55.57
CA TYR C 438 -3.92 20.37 -55.29
C TYR C 438 -2.79 20.99 -56.10
N LEU C 439 -1.73 21.41 -55.42
CA LEU C 439 -0.57 21.99 -56.12
C LEU C 439 0.68 21.24 -55.73
N ARG C 440 1.46 20.79 -56.70
CA ARG C 440 2.74 20.11 -56.43
C ARG C 440 3.90 20.87 -57.05
N ASP C 441 4.87 21.26 -56.22
CA ASP C 441 6.01 22.04 -56.69
C ASP C 441 7.12 21.16 -57.29
N ALA C 442 8.19 21.79 -57.76
CA ALA C 442 9.19 21.06 -58.50
C ALA C 442 9.99 20.11 -57.61
N LYS C 443 9.96 20.33 -56.30
CA LYS C 443 10.66 19.44 -55.36
C LYS C 443 9.77 18.33 -54.82
N GLY C 444 8.51 18.30 -55.27
CA GLY C 444 7.56 17.28 -54.84
C GLY C 444 6.64 17.69 -53.70
N GLY C 445 6.84 18.89 -53.14
CA GLY C 445 6.01 19.37 -52.03
C GLY C 445 4.57 19.54 -52.49
N ILE C 446 3.62 19.10 -51.67
CA ILE C 446 2.21 19.14 -52.04
C ILE C 446 1.40 20.04 -51.11
N THR C 447 0.57 20.90 -51.71
CA THR C 447 -0.35 21.79 -51.01
C THR C 447 -1.80 21.43 -51.35
N LEU C 448 -2.63 21.27 -50.33
CA LEU C 448 -4.09 21.17 -50.50
C LEU C 448 -4.74 22.48 -50.01
N ALA C 449 -5.53 23.12 -50.87
CA ALA C 449 -6.13 24.40 -50.53
C ALA C 449 -7.63 24.44 -50.79
N ASP C 450 -8.40 24.76 -49.75
CA ASP C 450 -9.86 24.84 -49.83
C ASP C 450 -10.36 26.28 -49.97
N ASP C 451 -11.46 26.45 -50.68
CA ASP C 451 -12.12 27.75 -50.87
C ASP C 451 -11.25 28.81 -51.54
N ILE C 452 -10.42 28.35 -52.49
CA ILE C 452 -9.65 29.25 -53.35
C ILE C 452 -10.39 29.47 -54.65
N SER C 453 -10.75 30.73 -54.93
CA SER C 453 -11.44 31.10 -56.19
C SER C 453 -10.52 31.43 -57.37
N THR C 454 -9.31 31.91 -57.05
CA THR C 454 -8.36 32.37 -58.05
C THR C 454 -6.96 31.86 -57.73
N LEU C 455 -6.29 31.29 -58.74
CA LEU C 455 -4.88 30.93 -58.67
C LEU C 455 -4.09 31.98 -59.44
N ARG C 456 -3.16 32.66 -58.76
CA ARG C 456 -2.37 33.74 -59.35
C ARG C 456 -0.93 33.25 -59.60
N SER C 457 -0.42 33.51 -60.79
CA SER C 457 0.95 33.14 -61.14
C SER C 457 1.66 34.41 -61.62
N LYS C 458 2.98 34.32 -61.80
CA LYS C 458 3.77 35.42 -62.33
C LYS C 458 4.48 34.96 -63.60
N GLU C 459 4.13 35.56 -64.74
CA GLU C 459 4.66 35.16 -66.03
C GLU C 459 5.58 36.24 -66.59
N THR C 460 6.37 35.89 -67.62
CA THR C 460 7.25 36.85 -68.25
C THR C 460 7.12 36.77 -69.76
N SER C 461 6.80 37.89 -70.39
CA SER C 461 6.75 38.02 -71.85
C SER C 461 7.97 38.77 -72.35
N TRP C 462 8.36 38.52 -73.58
CA TRP C 462 9.50 39.20 -74.21
C TRP C 462 10.70 39.23 -73.26
N LEU C 463 10.97 38.08 -72.64
CA LEU C 463 12.17 37.86 -71.80
C LEU C 463 12.10 38.34 -70.35
N ILE C 464 11.87 39.63 -70.13
CA ILE C 464 11.96 40.18 -68.76
C ILE C 464 10.73 40.95 -68.26
N PHE C 465 9.73 41.14 -69.13
CA PHE C 465 8.54 41.90 -68.76
C PHE C 465 7.58 41.06 -67.94
N ASN C 466 7.58 41.29 -66.62
CA ASN C 466 6.76 40.48 -65.69
C ASN C 466 5.31 40.91 -65.59
N LYS C 467 4.45 39.93 -65.30
CA LYS C 467 3.02 40.13 -65.33
C LYS C 467 2.34 39.15 -64.39
N GLU C 468 1.45 39.67 -63.54
CA GLU C 468 0.62 38.78 -62.72
C GLU C 468 -0.51 38.30 -63.59
N VAL C 469 -0.84 37.02 -63.49
CA VAL C 469 -1.90 36.43 -64.28
C VAL C 469 -2.85 35.64 -63.39
N ASP C 470 -4.12 36.01 -63.41
CA ASP C 470 -5.12 35.34 -62.59
C ASP C 470 -5.85 34.25 -63.37
N HIS C 471 -5.99 33.09 -62.74
CA HIS C 471 -6.68 31.97 -63.34
C HIS C 471 -7.86 31.61 -62.43
N GLN C 472 -9.07 31.69 -62.97
CA GLN C 472 -10.27 31.34 -62.22
C GLN C 472 -10.35 29.84 -61.99
N VAL C 473 -10.54 29.42 -60.74
CA VAL C 473 -10.60 28.00 -60.42
C VAL C 473 -12.02 27.47 -60.63
N THR C 474 -12.20 26.66 -61.68
CA THR C 474 -13.54 26.13 -61.99
C THR C 474 -13.53 24.60 -62.09
N ALA C 475 -14.71 24.00 -62.05
CA ALA C 475 -14.81 22.55 -62.19
C ALA C 475 -14.20 22.07 -63.50
N ALA C 476 -14.39 22.84 -64.57
CA ALA C 476 -13.93 22.44 -65.91
C ALA C 476 -12.44 22.69 -66.13
N GLY C 477 -11.80 23.44 -65.23
CA GLY C 477 -10.38 23.75 -65.39
C GLY C 477 -10.05 25.17 -64.96
N LEU C 478 -8.82 25.59 -65.21
CA LEU C 478 -8.38 26.94 -64.91
C LEU C 478 -8.76 27.88 -66.04
N LYS C 479 -9.55 28.90 -65.72
CA LYS C 479 -10.03 29.85 -66.73
C LYS C 479 -9.26 31.16 -66.69
N SER C 480 -8.65 31.50 -67.83
CA SER C 480 -7.84 32.71 -67.93
C SER C 480 -8.17 33.46 -69.20
N ASP C 481 -7.41 34.53 -69.47
CA ASP C 481 -7.53 35.28 -70.71
C ASP C 481 -7.19 34.43 -71.93
N SER C 482 -6.24 33.50 -71.79
CA SER C 482 -5.82 32.66 -72.91
C SER C 482 -6.76 31.48 -73.14
N GLY C 483 -7.71 31.28 -72.23
CA GLY C 483 -8.67 30.21 -72.40
C GLY C 483 -8.78 29.30 -71.20
N LEU C 484 -9.20 28.06 -71.45
CA LEU C 484 -9.44 27.06 -70.41
C LEU C 484 -8.39 25.95 -70.47
N LYS C 485 -7.84 25.62 -69.31
CA LYS C 485 -6.83 24.58 -69.19
C LYS C 485 -7.37 23.50 -68.27
N ALA C 486 -7.67 22.33 -68.83
CA ALA C 486 -8.29 21.25 -68.07
C ALA C 486 -7.31 20.67 -67.07
N TYR C 487 -7.83 20.04 -66.01
CA TYR C 487 -6.98 19.36 -65.04
C TYR C 487 -6.65 17.96 -65.58
N ALA C 488 -5.43 17.48 -65.34
CA ALA C 488 -5.07 16.14 -65.80
C ALA C 488 -5.45 15.14 -64.71
N ALA C 489 -6.76 14.92 -64.56
CA ALA C 489 -7.27 14.08 -63.48
C ALA C 489 -8.60 13.42 -63.84
N ALA C 490 -8.86 12.28 -63.20
CA ALA C 490 -10.19 11.66 -63.26
C ALA C 490 -10.85 11.90 -61.91
N THR C 491 -12.06 12.45 -61.94
CA THR C 491 -12.71 12.91 -60.71
C THR C 491 -14.05 12.23 -60.49
N GLY C 492 -14.20 11.59 -59.32
CA GLY C 492 -15.47 10.96 -58.97
C GLY C 492 -16.36 11.91 -58.19
N GLY C 493 -17.42 11.38 -57.61
CA GLY C 493 -18.33 12.17 -56.78
C GLY C 493 -18.65 11.54 -55.43
N ASP C 494 -19.78 11.92 -54.85
CA ASP C 494 -20.20 11.44 -53.54
C ASP C 494 -20.48 9.94 -53.48
N GLY C 495 -20.47 9.28 -54.63
CA GLY C 495 -20.78 7.86 -54.69
C GLY C 495 -19.59 6.91 -54.76
N ASP C 496 -19.89 5.61 -54.78
CA ASP C 496 -18.88 4.59 -54.92
C ASP C 496 -18.47 4.50 -56.38
N ASP C 497 -17.43 5.24 -56.75
CA ASP C 497 -17.00 5.35 -58.14
C ASP C 497 -15.89 4.36 -58.47
N VAL C 498 -15.81 3.99 -59.75
CA VAL C 498 -14.70 3.20 -60.27
C VAL C 498 -13.92 4.11 -61.22
N LEU C 499 -12.69 4.45 -60.86
CA LEU C 499 -11.88 5.38 -61.66
C LEU C 499 -10.66 4.70 -62.29
N GLN C 500 -10.63 4.67 -63.61
CA GLN C 500 -9.49 4.17 -64.36
C GLN C 500 -8.71 5.33 -64.97
N ALA C 501 -7.40 5.34 -64.73
CA ALA C 501 -6.55 6.43 -65.22
C ALA C 501 -6.35 6.38 -66.73
N ARG C 502 -6.54 7.52 -67.38
CA ARG C 502 -6.23 7.65 -68.81
C ARG C 502 -4.74 7.90 -68.97
N SER C 503 -4.27 7.88 -70.20
CA SER C 503 -2.85 8.00 -70.51
C SER C 503 -2.17 9.19 -69.81
N HIS C 504 -2.75 10.38 -69.93
CA HIS C 504 -2.12 11.57 -69.37
C HIS C 504 -2.74 12.05 -68.05
N ASP C 505 -3.52 11.19 -67.41
CA ASP C 505 -3.99 11.51 -66.06
C ASP C 505 -2.82 11.44 -65.08
N ALA C 506 -2.66 12.48 -64.27
CA ALA C 506 -1.64 12.46 -63.23
C ALA C 506 -2.27 12.26 -61.85
N TRP C 507 -3.59 12.41 -61.77
CA TRP C 507 -4.32 12.33 -60.49
C TRP C 507 -5.64 11.56 -60.61
N LEU C 508 -5.96 10.80 -59.56
CA LEU C 508 -7.28 10.18 -59.41
C LEU C 508 -7.89 10.67 -58.10
N PHE C 509 -9.10 11.22 -58.16
CA PHE C 509 -9.78 11.72 -56.95
C PHE C 509 -11.09 10.97 -56.74
N GLY C 510 -11.12 10.05 -55.77
CA GLY C 510 -12.35 9.32 -55.52
C GLY C 510 -13.40 10.20 -54.88
N ASN C 511 -12.93 11.19 -54.13
CA ASN C 511 -13.82 12.01 -53.31
C ASN C 511 -14.57 11.11 -52.32
N ALA C 512 -15.75 11.54 -51.90
CA ALA C 512 -16.51 10.80 -50.90
C ALA C 512 -16.93 9.44 -51.41
N GLY C 513 -17.08 8.49 -50.48
CA GLY C 513 -17.51 7.15 -50.82
C GLY C 513 -16.36 6.17 -50.88
N ASN C 514 -16.72 4.90 -51.02
CA ASN C 514 -15.75 3.84 -51.17
C ASN C 514 -15.47 3.64 -52.64
N ASP C 515 -14.32 4.14 -53.08
CA ASP C 515 -14.00 4.17 -54.50
C ASP C 515 -12.93 3.14 -54.82
N THR C 516 -12.83 2.80 -56.11
CA THR C 516 -11.76 1.95 -56.59
C THR C 516 -10.91 2.72 -57.60
N LEU C 517 -9.65 2.96 -57.25
CA LEU C 517 -8.74 3.72 -58.10
C LEU C 517 -7.77 2.78 -58.78
N ILE C 518 -7.90 2.66 -60.10
CA ILE C 518 -7.07 1.73 -60.88
C ILE C 518 -5.99 2.48 -61.66
N GLY C 519 -4.73 2.12 -61.41
CA GLY C 519 -3.60 2.76 -62.07
C GLY C 519 -3.34 2.27 -63.49
N HIS C 520 -2.27 2.78 -64.10
CA HIS C 520 -1.90 2.42 -65.46
C HIS C 520 -0.43 2.06 -65.57
N ALA C 521 -0.10 1.39 -66.67
CA ALA C 521 1.23 0.82 -66.94
C ALA C 521 2.40 1.79 -66.71
N GLY C 522 2.25 3.02 -67.18
CA GLY C 522 3.33 4.00 -67.09
C GLY C 522 3.60 4.59 -65.71
N GLY C 523 2.81 4.22 -64.71
CA GLY C 523 2.96 4.74 -63.35
C GLY C 523 2.83 6.26 -63.25
N ASN C 524 3.61 6.86 -62.35
CA ASN C 524 3.62 8.31 -62.15
C ASN C 524 2.23 8.89 -61.87
N LEU C 525 1.43 8.14 -61.13
CA LEU C 525 0.07 8.52 -60.85
C LEU C 525 -0.12 8.81 -59.36
N THR C 526 -0.85 9.87 -59.05
CA THR C 526 -1.13 10.20 -57.66
C THR C 526 -2.57 9.78 -57.30
N PHE C 527 -2.67 8.90 -56.30
CA PHE C 527 -3.95 8.31 -55.86
C PHE C 527 -4.50 9.06 -54.66
N VAL C 528 -5.74 9.56 -54.78
CA VAL C 528 -6.37 10.30 -53.68
C VAL C 528 -7.75 9.71 -53.45
N GLY C 529 -7.83 8.68 -52.61
CA GLY C 529 -9.10 8.01 -52.35
C GLY C 529 -10.09 8.96 -51.73
N GLY C 530 -9.58 9.93 -50.98
CA GLY C 530 -10.42 10.87 -50.29
C GLY C 530 -11.04 10.23 -49.07
N SER C 531 -12.13 10.83 -48.60
CA SER C 531 -12.85 10.23 -47.50
C SER C 531 -13.47 8.91 -47.94
N GLY C 532 -13.84 8.11 -46.96
CA GLY C 532 -14.32 6.76 -47.22
C GLY C 532 -13.15 5.81 -47.35
N ASP C 533 -13.50 4.53 -47.42
CA ASP C 533 -12.54 3.44 -47.52
C ASP C 533 -12.38 3.07 -48.99
N ASP C 534 -11.15 3.21 -49.48
CA ASP C 534 -10.93 3.11 -50.92
C ASP C 534 -9.94 2.00 -51.26
N ILE C 535 -10.09 1.45 -52.46
CA ILE C 535 -9.13 0.49 -52.97
C ILE C 535 -8.20 1.22 -53.94
N LEU C 536 -6.91 1.10 -53.70
CA LEU C 536 -5.91 1.79 -54.51
C LEU C 536 -5.06 0.73 -55.21
N LYS C 537 -5.19 0.65 -56.53
CA LYS C 537 -4.48 -0.36 -57.30
C LYS C 537 -3.26 0.22 -58.01
N GLY C 538 -2.10 0.15 -57.34
CA GLY C 538 -0.85 0.66 -57.91
C GLY C 538 -0.36 -0.16 -59.08
N VAL C 539 0.01 0.53 -60.16
CA VAL C 539 0.57 -0.11 -61.35
C VAL C 539 1.82 0.63 -61.82
N GLY C 540 2.91 -0.11 -62.06
CA GLY C 540 4.15 0.51 -62.51
C GLY C 540 4.91 1.23 -61.41
N ASN C 541 5.85 2.09 -61.81
CA ASN C 541 6.73 2.78 -60.88
C ASN C 541 6.43 4.27 -60.74
N GLY C 542 6.89 4.88 -59.64
CA GLY C 542 6.79 6.33 -59.47
C GLY C 542 5.44 6.86 -59.05
N ASN C 543 4.61 6.00 -58.47
CA ASN C 543 3.29 6.41 -57.99
C ASN C 543 3.34 7.05 -56.61
N THR C 544 2.40 7.96 -56.37
CA THR C 544 2.24 8.59 -55.05
C THR C 544 0.86 8.28 -54.50
N PHE C 545 0.80 7.93 -53.22
CA PHE C 545 -0.46 7.66 -52.55
C PHE C 545 -0.65 8.72 -51.47
N LEU C 546 -1.69 9.54 -51.64
CA LEU C 546 -1.89 10.76 -50.84
C LEU C 546 -3.10 10.65 -49.90
N PHE C 547 -2.88 11.04 -48.64
CA PHE C 547 -3.87 10.91 -47.57
C PHE C 547 -3.86 12.15 -46.69
N SER C 548 -5.04 12.68 -46.36
CA SER C 548 -5.11 13.90 -45.56
C SER C 548 -6.30 13.90 -44.61
N GLY C 549 -6.14 14.49 -43.43
CA GLY C 549 -7.20 14.56 -42.46
C GLY C 549 -7.76 13.19 -42.13
N ASP C 550 -9.08 13.10 -42.02
CA ASP C 550 -9.73 11.81 -41.76
C ASP C 550 -9.98 11.06 -43.07
N PHE C 551 -9.01 10.24 -43.49
CA PHE C 551 -9.06 9.61 -44.82
C PHE C 551 -9.67 8.20 -44.86
N GLY C 552 -10.17 7.73 -43.72
CA GLY C 552 -10.83 6.42 -43.64
C GLY C 552 -9.87 5.25 -43.69
N ARG C 553 -10.37 4.09 -44.10
CA ARG C 553 -9.52 2.89 -44.17
C ARG C 553 -9.33 2.43 -45.61
N ASP C 554 -8.10 2.52 -46.09
CA ASP C 554 -7.81 2.23 -47.49
C ASP C 554 -6.96 0.96 -47.65
N GLN C 555 -7.07 0.32 -48.81
CA GLN C 555 -6.22 -0.82 -49.14
C GLN C 555 -5.33 -0.47 -50.34
N LEU C 556 -4.04 -0.77 -50.21
CA LEU C 556 -3.06 -0.36 -51.21
C LEU C 556 -2.32 -1.56 -51.83
N TYR C 557 -2.60 -1.77 -53.12
CA TYR C 557 -2.00 -2.86 -53.90
C TYR C 557 -0.88 -2.38 -54.79
N GLY C 558 0.13 -3.22 -54.98
CA GLY C 558 1.20 -2.96 -55.94
C GLY C 558 2.30 -2.01 -55.49
N PHE C 559 2.39 -1.77 -54.19
CA PHE C 559 3.42 -0.87 -53.65
C PHE C 559 4.83 -1.42 -53.91
N ASN C 560 5.74 -0.56 -54.33
CA ASN C 560 7.13 -1.00 -54.56
C ASN C 560 8.16 0.08 -54.21
N ALA C 561 9.44 -0.28 -54.32
CA ALA C 561 10.55 0.59 -53.91
C ALA C 561 10.54 1.99 -54.55
N SER C 562 9.88 2.14 -55.70
CA SER C 562 9.88 3.42 -56.40
C SER C 562 8.72 4.33 -56.00
N ASP C 563 7.76 3.77 -55.26
CA ASP C 563 6.54 4.49 -54.89
C ASP C 563 6.74 5.38 -53.66
N LYS C 564 5.77 6.24 -53.40
CA LYS C 564 5.81 7.18 -52.29
C LYS C 564 4.48 7.28 -51.55
N LEU C 565 4.54 7.51 -50.23
CA LEU C 565 3.34 7.74 -49.45
C LEU C 565 3.42 9.13 -48.83
N VAL C 566 2.32 9.89 -48.88
CA VAL C 566 2.27 11.24 -48.29
C VAL C 566 1.06 11.41 -47.37
N PHE C 567 1.33 11.79 -46.12
CA PHE C 567 0.30 12.05 -45.12
C PHE C 567 0.38 13.49 -44.64
N ILE C 568 -0.67 14.27 -44.88
CA ILE C 568 -0.70 15.67 -44.44
C ILE C 568 -1.86 15.94 -43.48
N GLY C 569 -1.56 16.47 -42.31
CA GLY C 569 -2.60 16.80 -41.33
C GLY C 569 -3.37 15.57 -40.86
N THR C 570 -2.65 14.50 -40.54
CA THR C 570 -3.26 13.26 -40.07
C THR C 570 -3.09 13.06 -38.55
N GLU C 571 -3.88 12.14 -37.99
CA GLU C 571 -3.79 11.82 -36.56
C GLU C 571 -2.38 11.37 -36.19
N GLY C 572 -1.94 11.69 -34.97
CA GLY C 572 -0.64 11.25 -34.47
C GLY C 572 0.45 12.28 -34.63
N ALA C 573 1.35 12.36 -33.65
CA ALA C 573 2.36 13.42 -33.61
C ALA C 573 3.76 12.99 -34.06
N SER C 574 4.00 11.69 -34.11
CA SER C 574 5.31 11.17 -34.48
C SER C 574 5.67 11.41 -35.95
N GLY C 575 6.94 11.71 -36.21
CA GLY C 575 7.42 11.90 -37.57
C GLY C 575 8.15 10.70 -38.14
N ASN C 576 8.18 9.60 -37.37
CA ASN C 576 8.82 8.37 -37.80
C ASN C 576 7.77 7.31 -38.16
N ILE C 577 7.65 6.99 -39.44
CA ILE C 577 6.60 6.09 -39.88
C ILE C 577 6.65 4.74 -39.17
N ARG C 578 7.82 4.31 -38.74
CA ARG C 578 7.94 3.01 -38.08
C ARG C 578 7.17 2.99 -36.75
N ASP C 579 6.87 4.18 -36.23
CA ASP C 579 6.01 4.32 -35.05
C ASP C 579 4.54 4.00 -35.37
N TYR C 580 4.21 3.91 -36.66
CA TYR C 580 2.83 3.66 -37.09
C TYR C 580 2.64 2.26 -37.67
N ALA C 581 3.74 1.53 -37.83
CA ALA C 581 3.73 0.31 -38.64
C ALA C 581 3.67 -0.98 -37.81
N THR C 582 2.82 -1.89 -38.25
CA THR C 582 2.73 -3.22 -37.66
C THR C 582 2.53 -4.25 -38.76
N GLN C 583 3.27 -5.35 -38.68
CA GLN C 583 3.12 -6.43 -39.65
C GLN C 583 1.93 -7.28 -39.29
N GLN C 584 1.11 -7.59 -40.29
CA GLN C 584 -0.08 -8.42 -40.09
C GLN C 584 -0.17 -9.40 -41.24
N ASN C 585 0.17 -10.65 -40.97
CA ASN C 585 0.32 -11.62 -42.03
C ASN C 585 1.31 -11.09 -43.06
N ASP C 586 0.95 -11.21 -44.34
CA ASP C 586 1.83 -10.76 -45.41
C ASP C 586 1.64 -9.28 -45.72
N ASP C 587 0.84 -8.59 -44.90
CA ASP C 587 0.51 -7.19 -45.13
C ASP C 587 1.16 -6.26 -44.11
N LEU C 588 1.46 -5.03 -44.53
CA LEU C 588 1.97 -4.00 -43.61
C LEU C 588 0.93 -2.90 -43.35
N VAL C 589 0.56 -2.76 -42.09
CA VAL C 589 -0.49 -1.81 -41.69
C VAL C 589 0.05 -0.52 -41.07
N LEU C 590 -0.31 0.62 -41.67
CA LEU C 590 0.04 1.92 -41.13
C LEU C 590 -1.21 2.54 -40.51
N ALA C 591 -1.24 2.61 -39.18
CA ALA C 591 -2.45 2.99 -38.44
C ALA C 591 -2.44 4.42 -37.94
N PHE C 592 -3.49 5.16 -38.29
CA PHE C 592 -3.67 6.57 -37.92
C PHE C 592 -4.99 6.77 -37.15
N GLY C 593 -5.17 6.04 -36.07
CA GLY C 593 -6.40 6.15 -35.28
C GLY C 593 -7.65 5.73 -36.04
N HIS C 594 -8.55 6.68 -36.26
CA HIS C 594 -9.76 6.44 -37.04
C HIS C 594 -9.48 6.10 -38.51
N SER C 595 -8.25 6.36 -38.96
CA SER C 595 -7.87 6.09 -40.35
C SER C 595 -6.70 5.12 -40.42
N GLN C 596 -6.51 4.47 -41.57
CA GLN C 596 -5.36 3.61 -41.77
C GLN C 596 -5.19 3.17 -43.21
N VAL C 597 -3.97 2.77 -43.57
CA VAL C 597 -3.71 2.20 -44.89
C VAL C 597 -3.03 0.83 -44.77
N THR C 598 -3.62 -0.17 -45.40
CA THR C 598 -3.05 -1.51 -45.41
C THR C 598 -2.28 -1.72 -46.70
N LEU C 599 -0.98 -1.94 -46.59
CA LEU C 599 -0.16 -2.22 -47.76
C LEU C 599 -0.08 -3.72 -47.99
N ILE C 600 -0.89 -4.22 -48.92
CA ILE C 600 -0.96 -5.65 -49.19
C ILE C 600 0.36 -6.21 -49.72
N GLY C 601 0.86 -7.25 -49.06
CA GLY C 601 2.04 -7.97 -49.52
C GLY C 601 3.37 -7.25 -49.32
N VAL C 602 3.42 -6.35 -48.34
CA VAL C 602 4.65 -5.63 -48.05
C VAL C 602 5.12 -5.93 -46.62
N SER C 603 6.42 -6.18 -46.46
CA SER C 603 6.98 -6.45 -45.13
C SER C 603 7.67 -5.22 -44.56
N LEU C 604 8.02 -5.28 -43.29
CA LEU C 604 8.59 -4.14 -42.57
C LEU C 604 9.96 -3.72 -43.13
N ASP C 605 10.78 -4.71 -43.50
CA ASP C 605 12.08 -4.43 -44.08
C ASP C 605 11.97 -4.15 -45.58
N HIS C 606 10.80 -3.66 -46.01
CA HIS C 606 10.57 -3.36 -47.42
C HIS C 606 9.99 -1.97 -47.61
N ILE C 607 9.81 -1.24 -46.52
CA ILE C 607 9.45 0.16 -46.57
C ILE C 607 10.64 0.98 -46.07
N SER C 608 11.02 2.01 -46.82
CA SER C 608 12.07 2.92 -46.37
C SER C 608 11.44 4.20 -45.86
N THR C 609 12.01 4.76 -44.80
CA THR C 609 11.46 5.99 -44.26
C THR C 609 11.47 7.09 -45.31
N ASP C 610 12.43 7.05 -46.24
CA ASP C 610 12.48 8.13 -47.23
C ASP C 610 11.52 7.91 -48.40
N GLN C 611 10.75 6.83 -48.36
CA GLN C 611 9.62 6.66 -49.26
C GLN C 611 8.37 7.31 -48.67
N VAL C 612 8.49 7.90 -47.48
CA VAL C 612 7.31 8.37 -46.75
C VAL C 612 7.44 9.80 -46.25
N VAL C 613 6.38 10.59 -46.46
CA VAL C 613 6.31 11.93 -45.89
C VAL C 613 5.23 12.02 -44.82
N LEU C 614 5.61 12.50 -43.64
CA LEU C 614 4.70 12.76 -42.54
C LEU C 614 4.70 14.26 -42.27
N ALA C 615 3.59 14.92 -42.61
CA ALA C 615 3.53 16.38 -42.55
C ALA C 615 2.30 16.93 -41.83
N SER D 1 -7.33 28.66 15.99
CA SER D 1 -6.80 28.37 17.37
C SER D 1 -5.37 28.88 17.57
N HIS D 2 -5.11 29.56 18.69
CA HIS D 2 -3.75 29.99 19.03
C HIS D 2 -2.95 28.79 19.56
N MET D 3 -1.70 28.65 19.12
CA MET D 3 -0.84 27.56 19.60
C MET D 3 0.40 28.07 20.36
N GLY D 4 0.58 29.39 20.42
CA GLY D 4 1.76 29.97 21.10
C GLY D 4 2.81 30.37 20.09
N ILE D 5 3.53 31.46 20.37
CA ILE D 5 4.51 31.96 19.42
C ILE D 5 5.62 30.93 19.15
N PHE D 6 5.90 30.06 20.12
CA PHE D 6 6.98 29.10 19.93
C PHE D 6 6.47 27.70 19.54
N SER D 7 5.25 27.66 19.01
CA SER D 7 4.66 26.41 18.55
C SER D 7 5.53 25.73 17.49
N TYR D 8 5.66 24.40 17.58
CA TYR D 8 6.56 23.63 16.70
C TYR D 8 5.86 22.41 16.09
N LYS D 9 5.89 22.32 14.77
CA LYS D 9 5.28 21.19 14.05
C LYS D 9 3.89 20.89 14.58
N ASP D 10 3.64 19.64 14.97
CA ASP D 10 2.30 19.25 15.42
C ASP D 10 2.22 18.96 16.92
N LEU D 11 3.21 19.42 17.67
CA LEU D 11 3.22 19.21 19.11
C LEU D 11 2.07 19.97 19.75
N ASP D 12 1.55 19.49 20.87
CA ASP D 12 0.55 20.32 21.54
C ASP D 12 1.30 21.43 22.26
N GLU D 13 0.56 22.42 22.71
CA GLU D 13 1.17 23.62 23.28
C GLU D 13 2.15 23.35 24.43
N ASN D 14 1.78 22.47 25.36
CA ASN D 14 2.66 22.21 26.51
C ASN D 14 3.98 21.56 26.09
N ALA D 15 3.93 20.68 25.09
CA ALA D 15 5.11 20.02 24.55
C ALA D 15 6.03 21.01 23.83
N SER D 16 5.45 21.93 23.06
CA SER D 16 6.22 22.97 22.39
C SER D 16 6.93 23.90 23.39
N LYS D 17 6.24 24.25 24.47
CA LYS D 17 6.82 25.13 25.50
C LYS D 17 8.02 24.47 26.19
N ALA D 18 7.88 23.18 26.48
CA ALA D 18 8.97 22.44 27.13
C ALA D 18 10.16 22.28 26.19
N LEU D 19 9.88 21.99 24.92
CA LEU D 19 10.94 21.91 23.92
C LEU D 19 11.68 23.24 23.85
N PHE D 20 10.92 24.32 23.83
CA PHE D 20 11.53 25.65 23.73
C PHE D 20 12.45 25.92 24.91
N SER D 21 11.96 25.60 26.11
CA SER D 21 12.74 25.82 27.33
C SER D 21 14.05 25.02 27.28
N ASP D 22 13.97 23.77 26.86
CA ASP D 22 15.17 22.93 26.71
C ASP D 22 16.14 23.51 25.70
N ALA D 23 15.64 23.87 24.53
CA ALA D 23 16.48 24.42 23.47
C ALA D 23 17.23 25.68 23.93
N LEU D 24 16.51 26.58 24.56
CA LEU D 24 17.08 27.85 24.97
C LEU D 24 18.15 27.60 26.03
N ALA D 25 17.87 26.67 26.95
CA ALA D 25 18.86 26.35 27.99
C ALA D 25 20.15 25.84 27.38
N ILE D 26 20.05 24.87 26.47
CA ILE D 26 21.30 24.29 25.92
C ILE D 26 22.04 25.25 24.96
N SER D 27 21.27 26.06 24.22
CA SER D 27 21.87 27.09 23.35
C SER D 27 22.71 28.09 24.16
N THR D 28 22.15 28.53 25.28
CA THR D 28 22.82 29.50 26.16
C THR D 28 24.08 28.89 26.76
N TYR D 29 24.00 27.63 27.16
CA TYR D 29 25.11 26.93 27.82
C TYR D 29 26.36 26.90 26.94
N ALA D 30 26.16 26.78 25.64
CA ALA D 30 27.31 26.66 24.72
C ALA D 30 28.25 27.87 24.77
N TYR D 31 27.75 29.00 25.27
CA TYR D 31 28.59 30.20 25.42
C TYR D 31 29.35 30.27 26.76
N HIS D 32 29.04 29.35 27.66
CA HIS D 32 29.70 29.29 28.99
C HIS D 32 29.80 30.65 29.70
N ASN D 33 28.72 31.43 29.66
CA ASN D 33 28.63 32.72 30.38
C ASN D 33 29.65 33.79 29.94
N ILE D 34 30.07 33.72 28.67
CA ILE D 34 31.09 34.65 28.19
C ILE D 34 30.64 36.11 28.28
N ASP D 35 29.32 36.34 28.18
CA ASP D 35 28.75 37.70 28.26
C ASP D 35 28.22 38.08 29.66
N ASN D 36 28.64 37.35 30.69
CA ASN D 36 28.23 37.65 32.06
C ASN D 36 28.62 39.10 32.47
N GLY D 37 29.86 39.49 32.18
CA GLY D 37 30.32 40.86 32.49
C GLY D 37 29.51 41.90 31.71
N PHE D 38 29.23 41.61 30.44
CA PHE D 38 28.45 42.54 29.63
C PHE D 38 27.05 42.75 30.21
N ASP D 39 26.43 41.66 30.64
CA ASP D 39 25.12 41.69 31.32
C ASP D 39 25.14 42.67 32.53
N GLU D 40 26.12 42.50 33.44
CA GLU D 40 26.21 43.39 34.59
C GLU D 40 26.46 44.84 34.17
N GLY D 41 27.46 45.03 33.31
CA GLY D 41 27.85 46.37 32.86
C GLY D 41 26.68 47.09 32.21
N TYR D 42 26.06 46.44 31.24
CA TYR D 42 24.92 47.03 30.53
C TYR D 42 23.83 47.49 31.53
N HIS D 43 23.45 46.62 32.47
CA HIS D 43 22.37 47.01 33.39
C HIS D 43 22.76 48.14 34.35
N GLN D 44 24.03 48.18 34.78
CA GLN D 44 24.49 49.20 35.72
C GLN D 44 24.80 50.54 35.08
N THR D 45 25.46 50.54 33.91
CA THR D 45 25.89 51.80 33.30
C THR D 45 25.31 52.10 31.90
N GLY D 46 24.60 51.16 31.29
CA GLY D 46 23.84 51.46 30.07
C GLY D 46 24.62 51.54 28.77
N PHE D 47 24.10 52.32 27.82
CA PHE D 47 24.61 52.33 26.43
C PHE D 47 24.73 53.76 25.90
N GLY D 48 24.74 54.73 26.81
CA GLY D 48 24.85 56.14 26.45
C GLY D 48 26.15 56.71 26.96
N LEU D 49 26.05 57.73 27.79
CA LEU D 49 27.23 58.35 28.39
C LEU D 49 28.03 57.34 29.22
N GLY D 50 27.37 56.29 29.68
CA GLY D 50 28.08 55.24 30.42
C GLY D 50 28.65 54.10 29.60
N LEU D 51 28.52 54.16 28.27
CA LEU D 51 28.99 53.05 27.44
C LEU D 51 30.46 52.66 27.69
N PRO D 52 31.37 53.66 27.83
CA PRO D 52 32.76 53.29 28.12
C PRO D 52 32.86 52.34 29.31
N LEU D 53 32.16 52.67 30.40
CA LEU D 53 32.14 51.84 31.62
C LEU D 53 31.57 50.44 31.37
N THR D 54 30.47 50.37 30.61
CA THR D 54 29.86 49.10 30.23
C THR D 54 30.87 48.20 29.50
N LEU D 55 31.62 48.79 28.57
CA LEU D 55 32.56 48.01 27.76
C LEU D 55 33.70 47.44 28.60
N ILE D 56 34.16 48.20 29.60
CA ILE D 56 35.24 47.71 30.44
C ILE D 56 34.76 46.55 31.35
N THR D 57 33.57 46.70 31.93
CA THR D 57 32.99 45.62 32.72
C THR D 57 32.78 44.37 31.84
N ALA D 58 32.44 44.59 30.58
CA ALA D 58 32.30 43.46 29.65
C ALA D 58 33.62 42.66 29.51
N LEU D 59 34.74 43.36 29.60
CA LEU D 59 36.06 42.72 29.46
C LEU D 59 36.61 42.07 30.74
N ILE D 60 36.48 42.76 31.88
CA ILE D 60 37.12 42.27 33.12
C ILE D 60 36.15 42.03 34.30
N GLY D 61 34.86 42.22 34.06
CA GLY D 61 33.84 41.96 35.09
C GLY D 61 34.04 42.74 36.38
N SER D 62 33.71 42.09 37.50
CA SER D 62 33.78 42.70 38.83
C SER D 62 33.85 41.58 39.86
N THR D 63 33.57 41.89 41.13
CA THR D 63 33.41 40.82 42.13
C THR D 63 32.09 40.04 41.97
N GLN D 64 31.17 40.57 41.15
CA GLN D 64 29.86 39.92 40.93
C GLN D 64 29.66 39.33 39.55
N SER D 65 30.55 39.61 38.60
CA SER D 65 30.42 39.04 37.27
C SER D 65 31.79 38.79 36.67
N GLN D 66 31.84 37.89 35.68
CA GLN D 66 33.10 37.59 34.99
C GLN D 66 33.02 38.05 33.53
N GLY D 67 33.98 38.86 33.12
CA GLY D 67 34.01 39.37 31.77
C GLY D 67 34.67 38.38 30.81
N GLY D 68 35.06 38.85 29.64
CA GLY D 68 35.70 38.00 28.64
C GLY D 68 37.04 37.40 29.07
N LEU D 69 37.80 38.13 29.89
CA LEU D 69 39.14 37.68 30.30
C LEU D 69 39.08 36.62 31.40
N PRO D 70 39.83 35.52 31.22
CA PRO D 70 39.92 34.52 32.29
C PRO D 70 41.02 34.83 33.32
N GLY D 71 41.00 34.11 34.44
CA GLY D 71 42.12 34.13 35.37
C GLY D 71 42.21 35.22 36.41
N LEU D 72 41.16 36.02 36.57
CA LEU D 72 41.19 37.06 37.62
C LEU D 72 40.55 36.48 38.88
N PRO D 73 41.34 36.34 39.96
CA PRO D 73 40.85 35.62 41.14
C PRO D 73 39.68 36.31 41.86
N TRP D 74 39.47 37.59 41.59
CA TRP D 74 38.35 38.30 42.22
C TRP D 74 37.03 38.24 41.44
N ASN D 75 37.05 37.71 40.22
CA ASN D 75 35.82 37.40 39.49
C ASN D 75 35.17 36.15 40.09
N PRO D 76 33.84 36.06 40.04
CA PRO D 76 33.18 34.80 40.34
C PRO D 76 33.44 33.79 39.23
N ASP D 77 33.25 32.49 39.53
CA ASP D 77 33.42 31.44 38.53
C ASP D 77 32.16 31.29 37.68
N SER D 78 32.07 32.05 36.59
CA SER D 78 30.85 32.10 35.80
C SER D 78 30.63 30.81 34.99
N GLU D 79 31.70 30.09 34.75
CA GLU D 79 31.56 28.82 34.00
C GLU D 79 30.88 27.77 34.88
N GLN D 80 31.20 27.78 36.18
CA GLN D 80 30.51 26.94 37.14
C GLN D 80 29.03 27.33 37.19
N ALA D 81 28.73 28.62 37.16
CA ALA D 81 27.32 29.06 37.17
C ALA D 81 26.59 28.60 35.90
N ALA D 82 27.27 28.63 34.77
CA ALA D 82 26.69 28.18 33.50
C ALA D 82 26.34 26.69 33.58
N GLN D 83 27.24 25.89 34.15
CA GLN D 83 26.97 24.46 34.30
C GLN D 83 25.80 24.18 35.26
N GLU D 84 25.75 24.92 36.36
CA GLU D 84 24.63 24.75 37.30
C GLU D 84 23.30 25.00 36.61
N ALA D 85 23.25 26.05 35.79
CA ALA D 85 22.03 26.41 35.09
C ALA D 85 21.58 25.31 34.14
N VAL D 86 22.51 24.79 33.33
CA VAL D 86 22.11 23.77 32.35
C VAL D 86 21.77 22.45 33.06
N ASN D 87 22.50 22.11 34.14
CA ASN D 87 22.21 20.89 34.91
C ASN D 87 20.82 20.97 35.57
N ASN D 88 20.53 22.13 36.15
CA ASN D 88 19.23 22.37 36.78
C ASN D 88 18.08 22.38 35.77
N ALA D 89 18.38 22.67 34.50
CA ALA D 89 17.39 22.55 33.41
C ALA D 89 17.17 21.08 33.01
N GLY D 90 17.98 20.19 33.58
CA GLY D 90 17.80 18.75 33.37
C GLY D 90 18.83 18.07 32.47
N TRP D 91 19.87 18.81 32.09
CA TRP D 91 20.83 18.39 31.07
C TRP D 91 22.27 18.27 31.59
N SER D 92 22.93 17.15 31.29
CA SER D 92 24.33 16.98 31.71
C SER D 92 25.20 16.47 30.55
N VAL D 93 26.45 16.93 30.51
CA VAL D 93 27.34 16.61 29.39
C VAL D 93 27.63 15.11 29.27
N ILE D 94 27.67 14.63 28.03
CA ILE D 94 28.03 13.24 27.73
C ILE D 94 29.49 13.18 27.25
N SER D 95 30.26 12.26 27.80
CA SER D 95 31.72 12.21 27.54
C SER D 95 32.07 11.56 26.20
N ALA D 96 33.27 11.87 25.71
CA ALA D 96 33.76 11.26 24.47
C ALA D 96 33.88 9.76 24.62
N THR D 97 34.26 9.32 25.82
CA THR D 97 34.37 7.89 26.11
C THR D 97 33.02 7.19 25.93
N GLN D 98 31.97 7.80 26.44
CA GLN D 98 30.63 7.23 26.30
C GLN D 98 30.23 7.13 24.82
N LEU D 99 30.58 8.15 24.04
CA LEU D 99 30.24 8.16 22.62
C LEU D 99 31.15 7.29 21.77
N GLY D 100 32.29 6.90 22.31
CA GLY D 100 33.32 6.23 21.52
C GLY D 100 33.90 7.17 20.47
N TYR D 101 33.93 8.46 20.78
CA TYR D 101 34.40 9.50 19.86
C TYR D 101 35.93 9.65 19.88
N ALA D 102 36.55 9.66 18.70
CA ALA D 102 38.01 9.73 18.59
C ALA D 102 38.56 11.14 18.35
N GLY D 103 37.68 12.13 18.36
CA GLY D 103 38.07 13.50 18.04
C GLY D 103 38.52 14.31 19.24
N LYS D 104 38.49 15.63 19.10
CA LYS D 104 39.02 16.52 20.12
C LYS D 104 37.95 17.06 21.07
N THR D 105 38.23 17.00 22.37
CA THR D 105 37.40 17.70 23.37
C THR D 105 38.31 18.43 24.34
N ASP D 106 37.76 19.43 25.04
CA ASP D 106 38.57 20.14 26.04
C ASP D 106 38.20 19.70 27.47
N ALA D 107 38.78 20.35 28.46
CA ALA D 107 38.63 19.87 29.84
C ALA D 107 37.21 20.03 30.36
N ARG D 108 36.43 20.89 29.71
CA ARG D 108 35.03 21.11 30.10
C ARG D 108 34.07 20.17 29.34
N GLY D 109 34.64 19.34 28.46
CA GLY D 109 33.84 18.37 27.72
C GLY D 109 33.28 18.89 26.40
N THR D 110 33.71 20.08 26.00
CA THR D 110 33.25 20.66 24.74
C THR D 110 33.91 19.95 23.56
N TYR D 111 33.13 19.73 22.50
CA TYR D 111 33.61 19.09 21.27
C TYR D 111 34.05 20.14 20.23
N TYR D 112 35.15 19.87 19.52
CA TYR D 112 35.72 20.83 18.55
C TYR D 112 35.58 20.38 17.10
N GLY D 113 35.46 21.35 16.19
CA GLY D 113 35.34 21.07 14.76
C GLY D 113 36.44 20.19 14.21
N GLU D 114 36.07 19.35 13.24
CA GLU D 114 36.90 18.22 12.80
C GLU D 114 37.77 18.44 11.54
N THR D 115 37.32 19.34 10.66
CA THR D 115 37.95 19.56 9.37
C THR D 115 38.77 20.83 9.36
N ALA D 116 39.89 20.84 8.63
CA ALA D 116 40.68 22.06 8.50
C ALA D 116 39.75 23.18 8.04
N GLY D 117 39.85 24.35 8.68
CA GLY D 117 38.99 25.48 8.34
C GLY D 117 37.75 25.55 9.21
N TYR D 118 37.54 24.52 10.02
CA TYR D 118 36.38 24.47 10.91
C TYR D 118 36.78 24.14 12.33
N THR D 119 38.07 24.21 12.62
CA THR D 119 38.58 23.73 13.91
C THR D 119 38.28 24.65 15.10
N THR D 120 37.68 25.81 14.84
CA THR D 120 37.23 26.71 15.91
C THR D 120 35.73 26.55 16.19
N ALA D 121 35.09 25.61 15.52
CA ALA D 121 33.68 25.30 15.81
C ALA D 121 33.60 24.57 17.14
N GLN D 122 32.53 24.81 17.90
CA GLN D 122 32.31 24.12 19.19
C GLN D 122 30.86 23.60 19.31
N ALA D 123 30.71 22.41 19.88
CA ALA D 123 29.40 21.80 20.14
C ALA D 123 29.38 21.16 21.51
N GLU D 124 28.18 21.07 22.09
CA GLU D 124 27.97 20.37 23.33
C GLU D 124 27.00 19.23 23.07
N VAL D 125 27.26 18.08 23.68
CA VAL D 125 26.34 16.97 23.61
C VAL D 125 25.91 16.65 25.03
N LEU D 126 24.61 16.71 25.28
CA LEU D 126 24.07 16.54 26.63
C LEU D 126 22.95 15.51 26.70
N GLY D 127 22.72 14.96 27.88
CA GLY D 127 21.64 13.99 28.07
C GLY D 127 20.67 14.39 29.18
N LYS D 128 19.43 13.94 29.04
CA LYS D 128 18.41 14.08 30.07
C LYS D 128 18.04 12.67 30.57
N TYR D 129 17.85 12.50 31.88
CA TYR D 129 17.66 11.17 32.48
C TYR D 129 16.43 11.09 33.39
N ASP D 130 15.80 9.91 33.45
CA ASP D 130 14.66 9.73 34.34
C ASP D 130 15.13 9.37 35.75
N SER D 131 14.19 9.27 36.68
CA SER D 131 14.52 8.81 38.02
C SER D 131 14.84 7.33 37.90
N GLU D 132 16.11 6.98 38.03
CA GLU D 132 16.57 5.61 37.83
C GLU D 132 17.80 5.61 36.91
N GLY D 133 18.03 6.75 36.27
CA GLY D 133 19.24 6.96 35.47
C GLY D 133 19.18 6.49 34.03
N ASN D 134 17.98 6.26 33.51
CA ASN D 134 17.81 5.92 32.10
C ASN D 134 17.82 7.15 31.22
N LEU D 135 18.60 7.12 30.15
CA LEU D 135 18.66 8.23 29.20
C LEU D 135 17.33 8.37 28.47
N THR D 136 16.78 9.58 28.46
CA THR D 136 15.46 9.79 27.85
C THR D 136 15.48 10.78 26.66
N ALA D 137 16.51 11.62 26.60
CA ALA D 137 16.66 12.56 25.50
C ALA D 137 18.10 12.99 25.34
N ILE D 138 18.46 13.44 24.14
CA ILE D 138 19.79 13.96 23.84
C ILE D 138 19.66 15.39 23.33
N GLY D 139 20.57 16.26 23.75
CA GLY D 139 20.58 17.65 23.29
C GLY D 139 21.90 17.92 22.59
N ILE D 140 21.84 18.60 21.45
CA ILE D 140 23.02 18.98 20.72
C ILE D 140 22.98 20.50 20.55
N SER D 141 24.00 21.18 21.06
CA SER D 141 24.03 22.63 20.97
C SER D 141 25.29 23.10 20.27
N PHE D 142 25.14 23.99 19.31
CA PHE D 142 26.28 24.55 18.60
C PHE D 142 26.58 25.97 19.08
N ARG D 143 27.86 26.25 19.34
CA ARG D 143 28.25 27.57 19.82
C ARG D 143 28.27 28.59 18.68
N GLY D 144 27.89 29.83 19.00
CA GLY D 144 27.98 30.96 18.07
C GLY D 144 29.42 31.45 17.98
N THR D 145 29.61 32.64 17.41
CA THR D 145 30.95 33.20 17.30
C THR D 145 31.47 33.46 18.72
N SER D 146 32.72 33.04 18.91
CA SER D 146 33.51 33.08 20.17
C SER D 146 33.93 31.64 20.54
N GLY D 147 34.72 31.53 21.61
CA GLY D 147 35.24 30.24 22.06
C GLY D 147 35.62 30.33 23.53
N PRO D 148 36.29 29.30 24.05
CA PRO D 148 36.71 29.30 25.46
C PRO D 148 37.50 30.56 25.77
N ARG D 149 37.32 31.11 26.97
CA ARG D 149 38.05 32.33 27.36
C ARG D 149 39.56 32.23 27.15
N GLU D 150 40.14 31.07 27.44
CA GLU D 150 41.59 30.88 27.35
C GLU D 150 42.16 31.03 25.93
N SER D 151 41.31 30.89 24.92
CA SER D 151 41.77 31.08 23.52
C SER D 151 40.80 31.96 22.77
N LEU D 152 40.22 32.93 23.48
CA LEU D 152 39.13 33.74 22.93
C LEU D 152 39.45 34.44 21.60
N ILE D 153 40.56 35.17 21.52
CA ILE D 153 40.83 35.94 20.30
C ILE D 153 41.06 35.06 19.05
N GLY D 154 41.96 34.10 19.15
CA GLY D 154 42.29 33.23 18.03
C GLY D 154 41.07 32.45 17.57
N ASP D 155 40.30 31.95 18.54
CA ASP D 155 39.11 31.16 18.23
C ASP D 155 38.06 32.02 17.51
N THR D 156 37.81 33.22 18.04
CA THR D 156 36.85 34.14 17.41
C THR D 156 37.24 34.46 15.97
N ILE D 157 38.54 34.62 15.71
CA ILE D 157 39.00 34.94 14.34
C ILE D 157 38.64 33.82 13.37
N GLY D 158 38.88 32.57 13.78
CA GLY D 158 38.45 31.41 12.98
C GLY D 158 36.95 31.44 12.67
N ASP D 159 36.14 31.72 13.69
CA ASP D 159 34.68 31.78 13.55
C ASP D 159 34.26 32.89 12.56
N VAL D 160 34.93 34.02 12.64
CA VAL D 160 34.63 35.15 11.75
C VAL D 160 34.93 34.81 10.30
N ILE D 161 35.96 34.00 10.06
CA ILE D 161 36.22 33.53 8.71
C ILE D 161 35.04 32.66 8.22
N ASN D 162 34.57 31.74 9.06
CA ASN D 162 33.38 30.93 8.74
C ASN D 162 32.14 31.82 8.45
N ASP D 163 31.93 32.84 9.29
CA ASP D 163 30.83 33.81 9.10
C ASP D 163 30.92 34.51 7.75
N LEU D 164 32.12 34.97 7.40
CA LEU D 164 32.33 35.71 6.16
C LEU D 164 32.10 34.82 4.94
N LEU D 165 32.54 33.57 5.01
CA LEU D 165 32.36 32.64 3.90
C LEU D 165 30.88 32.22 3.73
N ALA D 166 30.13 32.24 4.83
CA ALA D 166 28.70 31.96 4.75
C ALA D 166 28.01 33.03 3.89
N GLY D 167 28.45 34.27 4.04
CA GLY D 167 27.89 35.37 3.26
C GLY D 167 28.48 35.60 1.88
N PHE D 168 29.76 35.26 1.71
CA PHE D 168 30.48 35.66 0.50
C PHE D 168 31.27 34.54 -0.16
N GLY D 169 31.16 33.32 0.37
CA GLY D 169 31.99 32.22 -0.11
C GLY D 169 31.39 31.33 -1.18
N PRO D 170 31.88 30.09 -1.27
CA PRO D 170 31.47 29.16 -2.30
C PRO D 170 30.04 28.66 -2.12
N LYS D 171 29.48 28.16 -3.21
CA LYS D 171 28.14 27.58 -3.19
C LYS D 171 28.03 26.53 -2.11
N GLY D 172 26.96 26.61 -1.34
CA GLY D 172 26.65 25.58 -0.36
C GLY D 172 27.43 25.62 0.93
N TYR D 173 28.20 26.70 1.13
CA TYR D 173 29.05 26.82 2.31
C TYR D 173 28.26 26.72 3.63
N ALA D 174 27.20 27.51 3.77
CA ALA D 174 26.40 27.45 5.01
C ALA D 174 25.81 26.06 5.20
N ASP D 175 25.23 25.50 4.13
CA ASP D 175 24.66 24.15 4.18
C ASP D 175 25.68 23.11 4.64
N GLY D 176 26.93 23.31 4.25
CA GLY D 176 27.96 22.32 4.55
C GLY D 176 28.65 22.45 5.90
N TYR D 177 28.39 23.54 6.63
CA TYR D 177 29.16 23.82 7.85
C TYR D 177 29.10 22.69 8.90
N THR D 178 27.91 22.25 9.28
CA THR D 178 27.78 21.24 10.32
C THR D 178 28.33 19.87 9.89
N LEU D 179 28.20 19.55 8.61
CA LEU D 179 28.74 18.29 8.11
C LEU D 179 30.28 18.31 8.21
N LYS D 180 30.88 19.42 7.79
CA LYS D 180 32.34 19.50 7.85
C LYS D 180 32.86 19.66 9.28
N ALA D 181 32.11 20.36 10.13
CA ALA D 181 32.55 20.57 11.51
C ALA D 181 32.36 19.32 12.37
N PHE D 182 31.19 18.68 12.28
CA PHE D 182 30.85 17.62 13.22
C PHE D 182 30.24 16.34 12.61
N GLY D 183 30.53 16.09 11.33
CA GLY D 183 30.00 14.90 10.65
C GLY D 183 30.27 13.61 11.39
N ASN D 184 31.51 13.43 11.82
CA ASN D 184 31.88 12.20 12.52
C ASN D 184 31.20 12.08 13.88
N LEU D 185 31.24 13.18 14.65
CA LEU D 185 30.62 13.25 15.96
C LEU D 185 29.13 12.89 15.90
N LEU D 186 28.42 13.48 14.94
CA LEU D 186 26.97 13.23 14.84
C LEU D 186 26.66 11.78 14.49
N GLY D 187 27.56 11.14 13.75
CA GLY D 187 27.41 9.72 13.47
C GLY D 187 27.51 8.93 14.76
N ASP D 188 28.51 9.26 15.58
CA ASP D 188 28.72 8.59 16.86
C ASP D 188 27.52 8.82 17.81
N VAL D 189 27.01 10.04 17.84
CA VAL D 189 25.87 10.36 18.71
C VAL D 189 24.62 9.56 18.30
N ALA D 190 24.45 9.36 16.99
CA ALA D 190 23.31 8.58 16.48
C ALA D 190 23.38 7.11 16.91
N LYS D 191 24.55 6.52 16.78
CA LYS D 191 24.74 5.13 17.20
C LYS D 191 24.52 4.97 18.71
N PHE D 192 25.00 5.96 19.46
CA PHE D 192 24.82 6.00 20.92
C PHE D 192 23.34 6.05 21.27
N ALA D 193 22.62 6.97 20.64
CA ALA D 193 21.18 7.11 20.83
C ALA D 193 20.47 5.80 20.57
N GLN D 194 20.75 5.20 19.42
CA GLN D 194 20.11 3.95 19.04
C GLN D 194 20.38 2.85 20.06
N ALA D 195 21.61 2.83 20.58
CA ALA D 195 21.98 1.83 21.56
C ALA D 195 21.15 1.97 22.83
N HIS D 196 20.69 3.20 23.11
CA HIS D 196 19.90 3.47 24.32
C HIS D 196 18.39 3.51 24.04
N GLY D 197 17.99 2.99 22.88
CA GLY D 197 16.57 2.87 22.54
C GLY D 197 15.90 4.17 22.12
N LEU D 198 16.70 5.17 21.77
CA LEU D 198 16.18 6.49 21.35
C LEU D 198 16.13 6.63 19.83
N SER D 199 15.21 7.45 19.34
CA SER D 199 15.14 7.77 17.90
C SER D 199 15.38 9.26 17.68
N GLY D 200 15.40 9.68 16.41
CA GLY D 200 15.63 11.09 16.08
C GLY D 200 14.71 12.06 16.79
N GLU D 201 13.46 11.67 17.01
CA GLU D 201 12.50 12.55 17.65
C GLU D 201 12.82 12.81 19.13
N ASP D 202 13.77 12.05 19.66
CA ASP D 202 14.21 12.21 21.04
C ASP D 202 15.40 13.14 21.19
N VAL D 203 15.73 13.85 20.10
CA VAL D 203 16.89 14.73 20.08
C VAL D 203 16.43 16.17 19.90
N VAL D 204 16.97 17.07 20.72
CA VAL D 204 16.76 18.50 20.51
C VAL D 204 18.08 19.14 20.02
N VAL D 205 17.99 19.91 18.95
CA VAL D 205 19.16 20.53 18.34
C VAL D 205 18.98 22.05 18.42
N SER D 206 19.94 22.76 19.01
CA SER D 206 19.80 24.20 19.15
C SER D 206 21.14 24.94 19.04
N GLY D 207 21.12 26.26 19.20
CA GLY D 207 22.30 27.07 19.01
C GLY D 207 21.91 28.49 18.64
N HIS D 208 22.85 29.43 18.83
CA HIS D 208 22.60 30.86 18.65
C HIS D 208 23.64 31.45 17.67
N SER D 209 23.17 32.30 16.76
CA SER D 209 24.03 33.03 15.84
C SER D 209 24.69 32.07 14.83
N LEU D 210 26.01 32.03 14.78
CA LEU D 210 26.65 30.99 13.96
C LEU D 210 26.17 29.60 14.41
N GLY D 211 25.83 29.46 15.70
CA GLY D 211 25.24 28.22 16.23
C GLY D 211 23.86 27.95 15.62
N GLY D 212 23.10 29.02 15.42
CA GLY D 212 21.79 28.93 14.73
C GLY D 212 21.96 28.50 13.27
N LEU D 213 22.96 29.08 12.60
CA LEU D 213 23.30 28.65 11.24
C LEU D 213 23.59 27.15 11.24
N ALA D 214 24.32 26.70 12.25
CA ALA D 214 24.67 25.28 12.37
C ALA D 214 23.44 24.39 12.56
N VAL D 215 22.42 24.91 13.26
CA VAL D 215 21.17 24.15 13.44
C VAL D 215 20.49 23.97 12.07
N ASN D 216 20.39 25.05 11.32
CA ASN D 216 19.76 25.01 10.00
C ASN D 216 20.53 24.11 9.02
N SER D 217 21.85 24.17 9.12
CA SER D 217 22.75 23.32 8.33
C SER D 217 22.54 21.84 8.62
N MET D 218 22.52 21.46 9.89
CA MET D 218 22.25 20.07 10.27
C MET D 218 20.91 19.60 9.71
N ALA D 219 19.87 20.42 9.90
CA ALA D 219 18.57 20.10 9.33
C ALA D 219 18.63 19.89 7.82
N ALA D 220 19.37 20.77 7.12
CA ALA D 220 19.49 20.68 5.66
C ALA D 220 20.17 19.39 5.18
N GLN D 221 21.00 18.81 6.04
CA GLN D 221 21.73 17.58 5.72
C GLN D 221 21.08 16.30 6.29
N SER D 222 20.05 16.47 7.10
CA SER D 222 19.48 15.37 7.91
C SER D 222 18.70 14.29 7.13
N ASP D 223 18.17 14.63 5.96
CA ASP D 223 17.46 13.62 5.16
C ASP D 223 18.42 12.59 4.56
N ALA D 224 19.60 13.06 4.14
CA ALA D 224 20.55 12.22 3.38
C ALA D 224 21.69 11.62 4.19
N ASN D 225 22.10 12.31 5.27
CA ASN D 225 23.26 11.89 6.05
C ASN D 225 22.88 11.15 7.33
N TRP D 226 23.87 10.50 7.93
CA TRP D 226 23.70 9.77 9.18
C TRP D 226 22.51 8.79 9.09
N GLY D 227 22.33 8.19 7.93
CA GLY D 227 21.29 7.17 7.74
C GLY D 227 19.87 7.68 7.90
N GLY D 228 19.70 9.00 7.87
CA GLY D 228 18.38 9.61 8.03
C GLY D 228 17.94 9.72 9.48
N PHE D 229 18.84 9.34 10.40
CA PHE D 229 18.48 9.27 11.82
C PHE D 229 17.87 10.55 12.41
N TYR D 230 18.41 11.70 12.01
CA TYR D 230 17.99 12.99 12.57
C TYR D 230 16.94 13.70 11.71
N ALA D 231 16.37 13.00 10.72
CA ALA D 231 15.41 13.65 9.83
C ALA D 231 14.24 14.26 10.58
N GLN D 232 13.80 13.58 11.64
CA GLN D 232 12.66 14.05 12.43
C GLN D 232 13.06 14.63 13.79
N SER D 233 14.32 15.04 13.91
CA SER D 233 14.78 15.67 15.15
C SER D 233 14.16 17.07 15.35
N ASN D 234 14.29 17.60 16.56
CA ASN D 234 13.63 18.86 16.89
C ASN D 234 14.61 20.03 16.79
N TYR D 235 14.50 20.83 15.73
CA TYR D 235 15.46 21.91 15.43
C TYR D 235 14.93 23.30 15.80
N VAL D 236 15.55 23.88 16.82
CA VAL D 236 15.18 25.20 17.32
C VAL D 236 16.41 26.11 17.25
N ALA D 237 16.38 27.06 16.31
CA ALA D 237 17.55 27.91 16.04
C ALA D 237 17.34 29.34 16.54
N PHE D 238 18.31 29.89 17.26
CA PHE D 238 18.21 31.29 17.71
C PHE D 238 19.11 32.24 16.93
N ALA D 239 18.55 33.39 16.53
CA ALA D 239 19.33 34.44 15.88
C ALA D 239 20.13 33.95 14.67
N SER D 240 19.58 33.00 13.92
CA SER D 240 20.30 32.49 12.74
C SER D 240 20.27 33.49 11.59
N PRO D 241 21.40 33.65 10.89
CA PRO D 241 21.36 34.46 9.68
C PRO D 241 20.67 33.73 8.53
N THR D 242 20.61 32.40 8.61
CA THR D 242 20.04 31.55 7.53
C THR D 242 18.75 30.84 7.93
N GLN D 243 17.98 30.37 6.92
CA GLN D 243 16.84 29.49 7.15
C GLN D 243 16.87 28.29 6.21
N TYR D 244 16.68 27.10 6.77
CA TYR D 244 16.38 25.92 5.97
C TYR D 244 14.91 25.60 6.20
N GLU D 245 14.11 25.68 5.13
CA GLU D 245 12.66 25.63 5.28
C GLU D 245 11.97 24.47 4.54
N ALA D 246 12.70 23.81 3.66
CA ALA D 246 12.19 22.61 2.99
C ALA D 246 11.90 21.51 4.01
N GLY D 247 10.66 21.03 4.07
CA GLY D 247 10.29 19.96 4.99
C GLY D 247 9.77 20.38 6.37
N GLY D 248 9.80 21.68 6.65
CA GLY D 248 9.27 22.22 7.91
C GLY D 248 9.98 21.73 9.17
N LYS D 249 11.30 21.62 9.11
CA LYS D 249 12.10 21.04 10.19
C LYS D 249 12.55 22.04 11.26
N VAL D 250 12.69 23.31 10.90
CA VAL D 250 13.31 24.29 11.81
C VAL D 250 12.36 25.43 12.21
N ILE D 251 12.37 25.79 13.50
CA ILE D 251 11.79 27.07 13.90
C ILE D 251 12.92 28.05 14.16
N ASN D 252 12.85 29.22 13.51
CA ASN D 252 13.88 30.24 13.64
C ASN D 252 13.40 31.41 14.52
N ILE D 253 13.91 31.45 15.75
CA ILE D 253 13.47 32.44 16.74
C ILE D 253 14.50 33.55 16.93
N GLY D 254 14.04 34.80 16.93
CA GLY D 254 14.97 35.91 17.11
C GLY D 254 14.24 37.23 17.21
N TYR D 255 15.00 38.29 17.50
CA TYR D 255 14.45 39.63 17.60
C TYR D 255 14.59 40.36 16.26
N GLU D 256 13.55 41.09 15.87
CA GLU D 256 13.55 41.74 14.55
C GLU D 256 14.62 42.83 14.45
N ASN D 257 15.00 43.41 15.59
CA ASN D 257 16.05 44.46 15.58
C ASN D 257 17.46 43.91 15.85
N ASP D 258 17.59 42.58 15.85
CA ASP D 258 18.89 41.90 15.85
C ASP D 258 19.38 41.83 14.39
N PRO D 259 20.48 42.55 14.06
CA PRO D 259 20.87 42.64 12.64
C PRO D 259 21.42 41.33 12.04
N VAL D 260 21.80 40.37 12.88
CA VAL D 260 22.25 39.07 12.38
C VAL D 260 21.06 38.19 11.98
N PHE D 261 19.95 38.32 12.71
CA PHE D 261 18.80 37.44 12.55
C PHE D 261 18.15 37.64 11.19
N ARG D 262 18.13 36.57 10.37
CA ARG D 262 17.59 36.63 8.99
C ARG D 262 18.39 37.52 8.03
N ALA D 263 19.66 37.79 8.33
CA ALA D 263 20.50 38.60 7.43
C ALA D 263 20.59 37.99 6.02
N LEU D 264 20.53 36.67 5.94
CA LEU D 264 20.53 36.00 4.63
C LEU D 264 19.12 35.52 4.29
N ASP D 265 18.83 35.43 3.00
CA ASP D 265 17.52 35.08 2.47
C ASP D 265 17.62 33.61 2.04
N GLY D 266 17.20 32.70 2.93
CA GLY D 266 17.53 31.29 2.77
C GLY D 266 18.98 31.18 3.18
N THR D 267 19.86 31.07 2.18
CA THR D 267 21.30 31.20 2.43
C THR D 267 21.93 32.27 1.52
N SER D 268 21.09 33.08 0.87
CA SER D 268 21.56 34.03 -0.14
C SER D 268 21.85 35.43 0.38
N LEU D 269 22.95 36.02 -0.08
CA LEU D 269 23.24 37.42 0.19
C LEU D 269 22.39 38.30 -0.73
N THR D 270 21.66 39.25 -0.15
CA THR D 270 20.87 40.19 -0.96
C THR D 270 21.10 41.62 -0.49
N LEU D 271 20.59 42.61 -1.22
CA LEU D 271 20.83 44.01 -0.81
C LEU D 271 20.41 44.26 0.64
N PRO D 272 19.21 43.80 1.03
CA PRO D 272 18.81 43.99 2.43
C PRO D 272 19.75 43.35 3.47
N SER D 273 20.61 42.41 3.09
CA SER D 273 21.55 41.80 4.05
C SER D 273 22.39 42.85 4.75
N LEU D 274 22.65 43.96 4.07
CA LEU D 274 23.49 45.02 4.64
C LEU D 274 22.69 46.18 5.23
N GLY D 275 21.38 46.04 5.30
CA GLY D 275 20.51 47.06 5.89
C GLY D 275 19.43 46.43 6.75
N VAL D 276 18.21 46.96 6.65
CA VAL D 276 17.05 46.36 7.31
C VAL D 276 16.57 45.19 6.45
N HIS D 277 16.41 44.03 7.07
CA HIS D 277 15.94 42.82 6.38
C HIS D 277 14.82 42.15 7.18
N ASP D 278 13.64 42.76 7.14
CA ASP D 278 12.48 42.34 7.96
C ASP D 278 11.37 41.75 7.10
N ALA D 279 11.69 41.35 5.87
CA ALA D 279 10.69 40.63 5.09
C ALA D 279 10.38 39.33 5.84
N PRO D 280 9.09 38.99 6.00
CA PRO D 280 8.83 37.81 6.84
C PRO D 280 9.21 36.47 6.22
N HIS D 281 9.78 35.57 7.04
CA HIS D 281 10.07 34.21 6.62
C HIS D 281 9.12 33.20 7.26
N THR D 282 8.78 32.15 6.52
CA THR D 282 7.78 31.17 6.95
C THR D 282 8.15 30.46 8.25
N SER D 283 9.42 30.17 8.45
CA SER D 283 9.89 29.43 9.64
C SER D 283 10.24 30.32 10.84
N ALA D 284 10.13 31.64 10.69
CA ALA D 284 10.67 32.56 11.70
C ALA D 284 9.58 33.26 12.50
N THR D 285 9.91 33.62 13.75
CA THR D 285 9.12 34.57 14.53
C THR D 285 9.52 35.97 14.04
N ASN D 286 8.69 36.61 13.23
CA ASN D 286 9.12 37.84 12.53
C ASN D 286 8.96 39.20 13.21
N ASN D 287 8.27 39.24 14.36
CA ASN D 287 7.89 40.51 14.99
C ASN D 287 8.13 40.65 16.50
N ILE D 288 9.23 40.07 17.00
CA ILE D 288 9.62 40.26 18.40
C ILE D 288 10.67 41.39 18.54
N VAL D 289 10.37 42.39 19.38
CA VAL D 289 11.28 43.52 19.55
C VAL D 289 12.10 43.40 20.84
N ASN D 290 13.41 43.58 20.73
CA ASN D 290 14.28 43.67 21.89
C ASN D 290 14.31 45.15 22.28
N PHE D 291 13.46 45.54 23.24
CA PHE D 291 13.37 46.95 23.60
C PHE D 291 14.48 47.33 24.58
N ASN D 292 15.65 47.64 24.04
CA ASN D 292 16.82 47.97 24.88
C ASN D 292 17.23 49.43 24.70
N ASP D 293 18.32 49.84 25.37
CA ASP D 293 18.71 51.26 25.32
C ASP D 293 19.00 51.74 23.89
N HIS D 294 19.53 50.86 23.05
CA HIS D 294 19.82 51.25 21.66
C HIS D 294 18.52 51.51 20.88
N TYR D 295 17.60 50.53 20.91
CA TYR D 295 16.33 50.65 20.22
C TYR D 295 15.54 51.88 20.66
N ALA D 296 15.60 52.19 21.97
CA ALA D 296 14.83 53.29 22.51
C ALA D 296 15.40 54.66 22.13
N SER D 297 16.68 54.72 21.76
CA SER D 297 17.37 56.01 21.57
C SER D 297 17.22 56.63 20.18
N ASP D 298 16.56 57.79 20.10
CA ASP D 298 16.52 58.52 18.82
C ASP D 298 17.93 58.86 18.30
N ALA D 299 18.82 59.25 19.22
CA ALA D 299 20.19 59.62 18.84
C ALA D 299 20.97 58.47 18.21
N TRP D 300 20.93 57.29 18.83
CA TRP D 300 21.62 56.13 18.25
C TRP D 300 21.10 55.84 16.87
N ASN D 301 19.79 56.03 16.69
CA ASN D 301 19.16 55.62 15.44
C ASN D 301 19.19 56.68 14.33
N LEU D 302 19.98 57.74 14.55
CA LEU D 302 20.34 58.66 13.48
C LEU D 302 21.30 57.95 12.52
N LEU D 303 21.93 56.87 13.00
CA LEU D 303 22.80 56.08 12.14
C LEU D 303 21.94 55.01 11.45
N PRO D 304 22.29 54.62 10.22
CA PRO D 304 21.51 53.59 9.53
C PRO D 304 21.64 52.21 10.18
N PHE D 305 20.53 51.51 10.29
CA PHE D 305 20.51 50.14 10.80
C PHE D 305 21.21 49.20 9.81
N SER D 306 22.18 48.44 10.33
CA SER D 306 23.00 47.58 9.47
C SER D 306 23.87 46.66 10.29
N ILE D 307 24.04 45.42 9.82
CA ILE D 307 24.99 44.50 10.42
C ILE D 307 26.42 45.07 10.43
N LEU D 308 26.67 46.10 9.59
CA LEU D 308 27.99 46.74 9.54
C LEU D 308 28.11 47.84 10.61
N ASN D 309 26.98 48.17 11.25
CA ASN D 309 26.89 49.17 12.30
C ASN D 309 27.03 48.49 13.64
N ILE D 310 28.24 48.48 14.19
CA ILE D 310 28.54 47.65 15.36
C ILE D 310 27.63 47.88 16.59
N PRO D 311 27.35 49.13 16.94
CA PRO D 311 26.40 49.36 18.04
C PRO D 311 25.05 48.61 17.93
N THR D 312 24.57 48.32 16.71
CA THR D 312 23.29 47.61 16.59
C THR D 312 23.38 46.16 17.07
N TRP D 313 24.61 45.64 17.18
CA TRP D 313 24.79 44.26 17.66
C TRP D 313 24.40 44.09 19.14
N LEU D 314 24.16 45.19 19.85
CA LEU D 314 23.69 45.09 21.23
C LEU D 314 22.53 44.10 21.32
N SER D 315 21.60 44.17 20.36
CA SER D 315 20.36 43.39 20.40
C SER D 315 20.55 41.88 20.16
N HIS D 316 21.78 41.47 19.80
CA HIS D 316 22.08 40.08 19.42
C HIS D 316 22.63 39.28 20.61
N LEU D 317 23.02 39.95 21.69
CA LEU D 317 23.77 39.27 22.76
C LEU D 317 22.93 38.17 23.42
N PRO D 318 23.57 37.02 23.71
CA PRO D 318 22.87 35.82 24.21
C PRO D 318 22.08 36.06 25.50
N PHE D 319 22.54 36.95 26.38
CA PHE D 319 21.80 37.13 27.64
C PHE D 319 20.43 37.77 27.41
N PHE D 320 20.31 38.62 26.39
CA PHE D 320 18.99 39.17 26.02
C PHE D 320 18.04 38.06 25.52
N TYR D 321 18.59 37.10 24.76
CA TYR D 321 17.81 35.93 24.30
C TYR D 321 17.33 35.08 25.49
N GLN D 322 18.25 34.69 26.35
CA GLN D 322 17.91 33.86 27.52
C GLN D 322 16.85 34.53 28.41
N ASP D 323 17.13 35.75 28.87
CA ASP D 323 16.24 36.40 29.84
C ASP D 323 14.94 36.91 29.22
N GLY D 324 15.05 37.55 28.06
CA GLY D 324 13.87 38.09 27.38
C GLY D 324 12.91 37.01 26.89
N LEU D 325 13.42 36.01 26.19
CA LEU D 325 12.51 35.00 25.62
C LEU D 325 11.89 34.06 26.68
N MET D 326 12.56 33.87 27.81
CA MET D 326 11.92 33.11 28.90
C MET D 326 10.75 33.90 29.50
N ARG D 327 10.86 35.23 29.53
CA ARG D 327 9.73 36.05 30.00
C ARG D 327 8.53 35.96 29.04
N VAL D 328 8.82 35.87 27.74
CA VAL D 328 7.77 35.64 26.75
C VAL D 328 7.12 34.28 27.01
N LEU D 329 7.95 33.25 27.13
CA LEU D 329 7.44 31.90 27.37
C LEU D 329 6.54 31.84 28.61
N ASN D 330 6.96 32.52 29.67
CA ASN D 330 6.28 32.46 30.98
C ASN D 330 5.17 33.50 31.14
N SER D 331 4.86 34.23 30.07
CA SER D 331 3.85 35.31 30.13
C SER D 331 2.44 34.79 30.43
N GLU D 332 1.69 35.54 31.23
CA GLU D 332 0.28 35.20 31.47
C GLU D 332 -0.50 35.17 30.17
N PHE D 333 0.00 35.88 29.16
CA PHE D 333 -0.68 36.01 27.88
C PHE D 333 -0.16 35.02 26.81
N TYR D 334 0.77 34.13 27.16
CA TYR D 334 1.39 33.27 26.14
C TYR D 334 0.38 32.52 25.26
N SER D 335 -0.69 32.00 25.87
CA SER D 335 -1.65 31.16 25.15
C SER D 335 -2.45 31.92 24.07
N LEU D 336 -2.36 33.26 24.08
CA LEU D 336 -2.99 34.10 23.05
C LEU D 336 -2.06 34.42 21.87
N THR D 337 -0.80 34.02 21.96
CA THR D 337 0.19 34.41 20.95
C THR D 337 0.30 33.46 19.75
N ASP D 338 0.82 33.97 18.64
CA ASP D 338 1.07 33.21 17.41
C ASP D 338 2.50 33.49 16.93
N LYS D 339 2.99 32.68 16.00
CA LYS D 339 4.35 32.81 15.46
C LYS D 339 4.71 34.26 15.13
N ASP D 340 3.78 34.97 14.51
CA ASP D 340 4.06 36.34 14.08
C ASP D 340 3.36 37.43 14.89
N SER D 341 2.96 37.10 16.11
CA SER D 341 2.45 38.13 17.02
C SER D 341 3.50 39.25 17.25
N THR D 342 3.03 40.49 17.31
CA THR D 342 3.92 41.60 17.69
C THR D 342 4.16 41.58 19.20
N ILE D 343 5.41 41.37 19.61
CA ILE D 343 5.77 41.29 21.03
C ILE D 343 6.94 42.22 21.35
N ILE D 344 6.74 43.14 22.30
CA ILE D 344 7.76 44.10 22.68
C ILE D 344 8.32 43.65 24.04
N VAL D 345 9.60 43.28 24.09
CA VAL D 345 10.20 42.76 25.31
C VAL D 345 11.07 43.83 25.99
N SER D 346 10.70 44.23 27.21
CA SER D 346 11.47 45.24 27.93
C SER D 346 12.85 44.71 28.31
N ASN D 347 13.89 45.37 27.80
CA ASN D 347 15.27 44.98 28.07
C ASN D 347 16.14 46.22 28.36
N LEU D 348 15.58 47.18 29.10
CA LEU D 348 16.27 48.45 29.40
C LEU D 348 17.30 48.32 30.52
N SER D 349 18.28 49.21 30.55
CA SER D 349 19.24 49.26 31.65
C SER D 349 18.63 49.94 32.88
N ASN D 350 19.34 49.91 34.01
CA ASN D 350 18.89 50.62 35.21
C ASN D 350 18.93 52.14 35.02
N VAL D 351 19.71 52.59 34.05
CA VAL D 351 19.87 54.02 33.77
C VAL D 351 18.64 54.61 33.08
N THR D 352 17.98 53.80 32.25
CA THR D 352 16.85 54.28 31.45
C THR D 352 15.48 53.78 31.92
N ARG D 353 15.43 52.68 32.67
CA ARG D 353 14.13 52.06 32.97
C ARG D 353 13.15 53.05 33.61
N GLY D 354 13.66 53.93 34.47
CA GLY D 354 12.76 54.81 35.22
C GLY D 354 12.33 56.08 34.49
N ASN D 355 12.81 56.25 33.26
CA ASN D 355 12.53 57.47 32.53
C ASN D 355 12.18 57.24 31.06
N THR D 356 12.10 55.97 30.67
CA THR D 356 11.82 55.61 29.27
C THR D 356 10.60 54.70 29.14
N TRP D 357 9.64 55.07 28.31
CA TRP D 357 8.43 54.26 28.08
C TRP D 357 8.70 53.10 27.12
N VAL D 358 8.36 51.88 27.53
CA VAL D 358 8.37 50.72 26.63
C VAL D 358 7.10 50.78 25.77
N GLU D 359 7.30 50.95 24.47
CA GLU D 359 6.21 51.15 23.51
C GLU D 359 6.61 50.63 22.13
N ASP D 360 5.63 50.41 21.28
CA ASP D 360 5.93 49.97 19.92
C ASP D 360 6.33 51.14 19.04
N LEU D 361 7.63 51.42 18.98
CA LEU D 361 8.13 52.47 18.09
C LEU D 361 8.10 52.03 16.62
N ASN D 362 8.03 50.72 16.39
CA ASN D 362 8.06 50.15 15.02
C ASN D 362 9.31 50.60 14.22
N ARG D 363 10.40 50.83 14.93
CA ARG D 363 11.65 51.29 14.33
C ARG D 363 12.31 50.19 13.49
N ASN D 364 12.80 50.56 12.29
CA ASN D 364 13.60 49.66 11.44
C ASN D 364 12.94 48.30 11.20
N ALA D 365 11.67 48.33 10.80
CA ALA D 365 10.88 47.11 10.61
C ALA D 365 9.64 47.38 9.78
N GLU D 366 9.09 46.34 9.16
CA GLU D 366 7.82 46.49 8.46
C GLU D 366 6.73 46.92 9.43
N THR D 367 5.72 47.65 8.95
CA THR D 367 4.62 48.04 9.83
C THR D 367 3.99 46.84 10.54
N HIS D 368 3.82 46.94 11.86
CA HIS D 368 3.21 45.87 12.65
C HIS D 368 1.68 45.85 12.51
N SER D 369 1.06 44.68 12.66
CA SER D 369 -0.41 44.61 12.67
C SER D 369 -0.87 43.60 13.70
N GLY D 370 -2.17 43.51 13.93
CA GLY D 370 -2.70 42.55 14.92
C GLY D 370 -2.51 43.11 16.32
N PRO D 371 -2.86 42.32 17.35
CA PRO D 371 -2.68 42.83 18.72
C PRO D 371 -1.21 42.97 19.09
N THR D 372 -0.92 43.81 20.09
CA THR D 372 0.47 44.00 20.53
C THR D 372 0.60 43.52 21.97
N PHE D 373 1.63 42.72 22.23
CA PHE D 373 1.92 42.23 23.58
C PHE D 373 3.17 42.96 24.07
N ILE D 374 3.09 43.58 25.24
CA ILE D 374 4.26 44.23 25.83
C ILE D 374 4.59 43.54 27.16
N ILE D 375 5.81 43.01 27.24
CA ILE D 375 6.26 42.21 28.39
C ILE D 375 7.24 42.99 29.26
N GLY D 376 6.84 43.30 30.48
CA GLY D 376 7.70 44.07 31.40
C GLY D 376 8.81 43.23 32.00
N SER D 377 9.50 43.81 32.96
CA SER D 377 10.58 43.14 33.70
C SER D 377 10.18 42.98 35.18
N ASP D 378 11.00 42.28 35.96
CA ASP D 378 10.68 42.19 37.40
C ASP D 378 11.06 43.46 38.18
N GLY D 379 11.54 44.47 37.46
CA GLY D 379 11.75 45.80 38.05
C GLY D 379 10.58 46.75 37.81
N ASN D 380 10.79 48.02 38.17
CA ASN D 380 9.75 49.06 38.01
C ASN D 380 9.72 49.58 36.58
N ASP D 381 8.66 49.25 35.84
CA ASP D 381 8.56 49.55 34.41
C ASP D 381 7.60 50.68 34.09
N LEU D 382 7.87 51.36 32.98
CA LEU D 382 6.92 52.32 32.40
C LEU D 382 6.48 51.73 31.05
N ILE D 383 5.20 51.38 30.93
CA ILE D 383 4.72 50.66 29.76
C ILE D 383 3.57 51.40 29.09
N LYS D 384 3.68 51.62 27.78
CA LYS D 384 2.64 52.36 27.05
C LYS D 384 2.11 51.61 25.82
N GLY D 385 0.82 51.29 25.82
CA GLY D 385 0.18 50.68 24.65
C GLY D 385 -0.34 51.71 23.65
N GLY D 386 -0.48 51.30 22.39
CA GLY D 386 -0.94 52.19 21.33
C GLY D 386 -2.44 52.28 21.15
N LYS D 387 -2.85 52.87 20.02
CA LYS D 387 -4.27 53.14 19.77
C LYS D 387 -5.06 51.89 19.40
N GLY D 388 -4.35 50.82 19.07
CA GLY D 388 -5.02 49.55 18.75
C GLY D 388 -5.16 48.68 19.98
N ASN D 389 -5.31 47.37 19.77
CA ASN D 389 -5.50 46.45 20.90
C ASN D 389 -4.20 45.94 21.52
N ASP D 390 -4.10 46.09 22.85
CA ASP D 390 -2.87 45.76 23.59
C ASP D 390 -3.04 44.79 24.77
N TYR D 391 -2.00 44.00 25.02
CA TYR D 391 -1.95 43.09 26.18
C TYR D 391 -0.67 43.48 26.91
N LEU D 392 -0.82 44.14 28.06
CA LEU D 392 0.31 44.74 28.75
C LEU D 392 0.59 43.99 30.06
N GLU D 393 1.83 43.50 30.22
CA GLU D 393 2.19 42.67 31.38
C GLU D 393 3.33 43.28 32.22
N GLY D 394 3.02 43.68 33.45
CA GLY D 394 4.01 44.34 34.32
C GLY D 394 5.01 43.44 35.03
N ARG D 395 4.57 42.24 35.40
CA ARG D 395 5.33 41.33 36.28
C ARG D 395 5.63 42.00 37.64
N ASP D 396 6.69 41.54 38.30
CA ASP D 396 7.05 42.09 39.62
C ASP D 396 7.45 43.56 39.50
N GLY D 397 7.53 44.23 40.65
CA GLY D 397 7.91 45.64 40.67
C GLY D 397 6.70 46.55 40.55
N ASP D 398 6.93 47.83 40.89
CA ASP D 398 5.90 48.87 40.86
C ASP D 398 5.88 49.45 39.44
N ASP D 399 4.85 49.08 38.68
CA ASP D 399 4.77 49.42 37.27
C ASP D 399 3.72 50.52 37.00
N ILE D 400 3.95 51.37 36.00
CA ILE D 400 2.97 52.39 35.58
C ILE D 400 2.59 52.11 34.13
N PHE D 401 1.28 52.09 33.84
CA PHE D 401 0.76 51.83 32.50
C PHE D 401 0.05 53.05 31.90
N ARG D 402 0.23 53.21 30.59
CA ARG D 402 -0.54 54.14 29.77
C ARG D 402 -1.05 53.40 28.54
N ASP D 403 -2.16 53.85 27.97
CA ASP D 403 -2.65 53.25 26.71
C ASP D 403 -3.46 54.25 25.88
N ALA D 404 -3.17 54.29 24.58
CA ALA D 404 -3.73 55.35 23.71
C ALA D 404 -5.11 55.07 23.10
N GLY D 405 -5.63 53.85 23.26
CA GLY D 405 -6.96 53.54 22.74
C GLY D 405 -7.22 52.05 22.52
N GLY D 406 -8.37 51.74 21.94
CA GLY D 406 -8.68 50.36 21.57
C GLY D 406 -9.19 49.53 22.72
N TYR D 407 -9.04 48.21 22.59
CA TYR D 407 -9.53 47.22 23.56
C TYR D 407 -8.32 46.49 24.12
N ASN D 408 -8.18 46.51 25.45
CA ASN D 408 -6.90 46.14 26.09
C ASN D 408 -7.05 45.29 27.35
N LEU D 409 -6.05 44.44 27.62
CA LEU D 409 -5.94 43.73 28.90
C LEU D 409 -4.64 44.13 29.56
N ILE D 410 -4.69 44.41 30.86
CA ILE D 410 -3.50 44.81 31.61
C ILE D 410 -3.33 43.93 32.86
N ALA D 411 -2.13 43.36 33.02
CA ALA D 411 -1.83 42.56 34.20
C ALA D 411 -0.73 43.26 35.01
N GLY D 412 -1.14 43.94 36.08
CA GLY D 412 -0.17 44.70 36.87
C GLY D 412 0.87 43.82 37.56
N GLY D 413 0.48 42.60 37.88
CA GLY D 413 1.37 41.67 38.61
C GLY D 413 1.52 42.08 40.06
N LYS D 414 2.55 41.55 40.72
CA LYS D 414 2.88 41.96 42.07
C LYS D 414 3.30 43.44 42.10
N GLY D 415 3.33 44.02 43.29
CA GLY D 415 3.80 45.38 43.45
C GLY D 415 2.69 46.42 43.53
N HIS D 416 3.07 47.68 43.68
CA HIS D 416 2.12 48.78 43.65
C HIS D 416 2.06 49.31 42.23
N ASN D 417 0.98 48.96 41.51
CA ASN D 417 0.88 49.36 40.10
C ASN D 417 -0.13 50.47 39.87
N ILE D 418 0.16 51.30 38.86
CA ILE D 418 -0.64 52.49 38.56
C ILE D 418 -1.12 52.47 37.09
N PHE D 419 -2.37 52.88 36.85
CA PHE D 419 -2.79 53.16 35.46
C PHE D 419 -2.98 54.66 35.32
N ASP D 420 -2.31 55.25 34.33
CA ASP D 420 -2.30 56.70 34.09
C ASP D 420 -3.13 57.02 32.82
N THR D 421 -4.24 57.73 32.97
CA THR D 421 -5.13 58.02 31.83
C THR D 421 -4.64 59.21 31.00
N GLN D 422 -3.77 60.00 31.60
CA GLN D 422 -3.22 61.21 30.97
C GLN D 422 -4.22 62.31 30.65
N GLN D 423 -5.42 62.27 31.23
CA GLN D 423 -6.43 63.29 30.96
C GLN D 423 -7.45 63.37 32.09
N ALA D 424 -8.43 64.28 31.96
CA ALA D 424 -9.43 64.48 33.01
C ALA D 424 -10.22 63.21 33.31
N LEU D 425 -10.39 62.91 34.59
CA LEU D 425 -11.08 61.68 34.98
C LEU D 425 -12.50 61.64 34.42
N LYS D 426 -13.13 62.81 34.28
CA LYS D 426 -14.51 62.87 33.75
C LYS D 426 -14.62 62.32 32.32
N ASN D 427 -13.50 62.18 31.62
CA ASN D 427 -13.51 61.67 30.24
C ASN D 427 -13.49 60.13 30.14
N THR D 428 -13.39 59.45 31.27
CA THR D 428 -13.29 57.99 31.32
C THR D 428 -14.37 57.41 32.22
N GLU D 429 -15.09 56.38 31.76
CA GLU D 429 -16.01 55.66 32.63
C GLU D 429 -15.22 54.63 33.41
N VAL D 430 -15.36 54.63 34.73
CA VAL D 430 -14.55 53.73 35.58
C VAL D 430 -15.45 52.86 36.46
N ALA D 431 -15.25 51.54 36.39
CA ALA D 431 -15.91 50.62 37.33
C ALA D 431 -14.91 49.55 37.78
N TYR D 432 -15.33 48.71 38.73
CA TYR D 432 -14.43 47.78 39.39
C TYR D 432 -15.24 46.61 39.92
N ASP D 433 -14.81 45.38 39.65
CA ASP D 433 -15.54 44.19 40.09
C ASP D 433 -15.04 43.61 41.42
N GLY D 434 -14.10 44.32 42.05
CA GLY D 434 -13.47 43.86 43.29
C GLY D 434 -12.05 43.40 43.07
N ASN D 435 -11.70 43.14 41.82
CA ASN D 435 -10.37 42.68 41.44
C ASN D 435 -9.85 43.38 40.19
N THR D 436 -10.74 43.50 39.22
CA THR D 436 -10.42 44.04 37.91
C THR D 436 -11.05 45.42 37.74
N LEU D 437 -10.26 46.37 37.27
CA LEU D 437 -10.69 47.72 36.95
C LEU D 437 -11.15 47.75 35.48
N TYR D 438 -12.33 48.33 35.22
CA TYR D 438 -12.87 48.45 33.85
C TYR D 438 -12.88 49.91 33.46
N LEU D 439 -12.23 50.24 32.35
CA LEU D 439 -12.16 51.63 31.89
C LEU D 439 -12.70 51.76 30.47
N ARG D 440 -13.66 52.65 30.25
CA ARG D 440 -14.19 52.84 28.90
C ARG D 440 -13.99 54.27 28.43
N ASP D 441 -13.32 54.42 27.29
CA ASP D 441 -12.99 55.77 26.77
C ASP D 441 -14.14 56.35 25.94
N ALA D 442 -13.98 57.58 25.47
CA ALA D 442 -15.08 58.28 24.81
C ALA D 442 -15.49 57.64 23.49
N LYS D 443 -14.60 56.85 22.91
CA LYS D 443 -14.88 56.17 21.65
C LYS D 443 -15.42 54.75 21.87
N GLY D 444 -15.60 54.37 23.13
CA GLY D 444 -16.14 53.04 23.45
C GLY D 444 -15.11 51.94 23.67
N GLY D 445 -13.83 52.26 23.52
CA GLY D 445 -12.78 51.27 23.77
C GLY D 445 -12.74 50.86 25.23
N ILE D 446 -12.62 49.55 25.50
CA ILE D 446 -12.65 49.06 26.88
C ILE D 446 -11.33 48.44 27.30
N THR D 447 -10.86 48.82 28.49
CA THR D 447 -9.67 48.24 29.10
C THR D 447 -10.03 47.48 30.39
N LEU D 448 -9.53 46.25 30.53
CA LEU D 448 -9.62 45.51 31.79
C LEU D 448 -8.23 45.46 32.42
N ALA D 449 -8.11 45.93 33.67
CA ALA D 449 -6.80 45.98 34.33
C ALA D 449 -6.81 45.33 35.73
N ASP D 450 -5.98 44.31 35.89
CA ASP D 450 -5.82 43.59 37.16
C ASP D 450 -4.67 44.14 38.01
N ASP D 451 -4.84 44.09 39.32
CA ASP D 451 -3.80 44.48 40.28
C ASP D 451 -3.34 45.94 40.15
N ILE D 452 -4.27 46.83 39.84
CA ILE D 452 -4.02 48.26 39.86
C ILE D 452 -4.48 48.85 41.19
N SER D 453 -3.57 49.50 41.91
CA SER D 453 -3.89 50.10 43.23
C SER D 453 -4.27 51.57 43.12
N THR D 454 -3.77 52.23 42.07
CA THR D 454 -3.95 53.67 41.92
C THR D 454 -4.32 53.98 40.47
N LEU D 455 -5.38 54.77 40.29
CA LEU D 455 -5.75 55.32 39.00
C LEU D 455 -5.32 56.79 38.99
N ARG D 456 -4.44 57.16 38.07
CA ARG D 456 -3.92 58.52 37.98
C ARG D 456 -4.56 59.25 36.81
N SER D 457 -5.02 60.47 37.05
CA SER D 457 -5.59 61.30 35.98
C SER D 457 -4.80 62.61 35.88
N LYS D 458 -5.05 63.37 34.83
CA LYS D 458 -4.43 64.69 34.67
C LYS D 458 -5.53 65.75 34.61
N GLU D 459 -5.58 66.63 35.59
CA GLU D 459 -6.63 67.63 35.71
C GLU D 459 -6.07 69.03 35.46
N THR D 460 -6.95 69.99 35.25
CA THR D 460 -6.51 71.34 34.90
C THR D 460 -7.49 72.35 35.46
N SER D 461 -7.05 73.60 35.51
CA SER D 461 -7.92 74.71 35.84
C SER D 461 -7.44 75.94 35.09
N TRP D 462 -8.25 76.99 35.13
CA TRP D 462 -7.86 78.27 34.57
C TRP D 462 -6.52 78.66 35.14
N LEU D 463 -6.23 78.12 36.32
CA LEU D 463 -5.06 78.48 37.10
C LEU D 463 -3.85 77.60 36.74
N ILE D 464 -3.90 76.32 37.10
CA ILE D 464 -2.79 75.42 36.77
C ILE D 464 -3.17 74.50 35.63
N PHE D 465 -2.54 74.73 34.48
CA PHE D 465 -2.87 74.00 33.25
C PHE D 465 -2.68 72.48 33.32
N ASN D 466 -1.97 72.00 34.33
CA ASN D 466 -1.85 70.55 34.52
C ASN D 466 -1.50 70.14 35.96
N LYS D 467 -2.13 69.06 36.41
CA LYS D 467 -1.90 68.55 37.76
C LYS D 467 -2.23 67.07 37.80
N GLU D 468 -1.29 66.26 38.29
CA GLU D 468 -1.53 64.82 38.40
C GLU D 468 -2.34 64.55 39.65
N VAL D 469 -3.39 63.75 39.50
CA VAL D 469 -4.25 63.43 40.62
C VAL D 469 -4.37 61.93 40.79
N ASP D 470 -3.96 61.43 41.95
CA ASP D 470 -4.07 60.00 42.24
C ASP D 470 -5.36 59.64 42.98
N HIS D 471 -5.97 58.54 42.54
CA HIS D 471 -7.21 58.02 43.12
C HIS D 471 -6.96 56.55 43.51
N GLN D 472 -7.02 56.29 44.82
CA GLN D 472 -6.85 54.93 45.36
C GLN D 472 -8.03 54.04 44.95
N VAL D 473 -7.73 52.88 44.38
CA VAL D 473 -8.75 51.95 43.95
C VAL D 473 -9.18 51.10 45.14
N THR D 474 -10.39 51.32 45.63
CA THR D 474 -10.92 50.48 46.71
C THR D 474 -12.21 49.76 46.32
N ALA D 475 -12.56 48.74 47.10
CA ALA D 475 -13.79 47.99 46.87
C ALA D 475 -15.03 48.90 46.83
N ALA D 476 -15.01 49.97 47.62
CA ALA D 476 -16.17 50.84 47.77
C ALA D 476 -16.21 52.00 46.77
N GLY D 477 -15.11 52.25 46.07
CA GLY D 477 -15.05 53.34 45.10
C GLY D 477 -13.64 53.90 44.98
N LEU D 478 -13.50 54.97 44.21
CA LEU D 478 -12.22 55.67 44.08
C LEU D 478 -12.06 56.69 45.19
N LYS D 479 -10.94 56.60 45.89
CA LYS D 479 -10.68 57.47 47.05
C LYS D 479 -9.60 58.50 46.72
N SER D 480 -9.96 59.78 46.85
CA SER D 480 -9.04 60.87 46.53
C SER D 480 -9.07 61.98 47.57
N ASP D 481 -8.28 63.03 47.33
CA ASP D 481 -8.27 64.22 48.18
C ASP D 481 -9.65 64.85 48.31
N SER D 482 -10.58 64.44 47.45
CA SER D 482 -11.92 65.04 47.43
C SER D 482 -12.98 64.15 48.08
N GLY D 483 -12.62 62.90 48.40
CA GLY D 483 -13.56 61.99 49.04
C GLY D 483 -13.66 60.67 48.31
N LEU D 484 -14.69 59.88 48.66
CA LEU D 484 -14.94 58.59 48.03
C LEU D 484 -16.01 58.69 46.94
N LYS D 485 -15.66 58.21 45.75
CA LYS D 485 -16.54 58.24 44.59
C LYS D 485 -16.95 56.80 44.25
N ALA D 486 -18.21 56.46 44.52
CA ALA D 486 -18.69 55.09 44.32
C ALA D 486 -18.73 54.72 42.83
N TYR D 487 -18.62 53.42 42.52
CA TYR D 487 -18.76 52.93 41.16
C TYR D 487 -20.25 52.81 40.80
N ALA D 488 -20.57 53.04 39.53
CA ALA D 488 -21.95 52.91 39.08
C ALA D 488 -22.18 51.46 38.66
N ALA D 489 -22.18 50.55 39.63
CA ALA D 489 -22.23 49.12 39.33
C ALA D 489 -22.84 48.29 40.45
N ALA D 490 -23.46 47.17 40.09
CA ALA D 490 -23.88 46.15 41.05
C ALA D 490 -22.93 44.98 40.93
N THR D 491 -22.36 44.57 42.06
CA THR D 491 -21.28 43.59 42.07
C THR D 491 -21.63 42.35 42.89
N GLY D 492 -21.46 41.19 42.29
CA GLY D 492 -21.71 39.92 42.98
C GLY D 492 -20.42 39.37 43.55
N GLY D 493 -20.47 38.17 44.11
CA GLY D 493 -19.31 37.52 44.69
C GLY D 493 -19.01 36.16 44.08
N ASP D 494 -18.35 35.32 44.87
CA ASP D 494 -17.99 33.94 44.47
C ASP D 494 -19.19 33.04 44.23
N GLY D 495 -20.34 33.41 44.79
CA GLY D 495 -21.54 32.56 44.72
C GLY D 495 -22.39 32.77 43.48
N ASP D 496 -23.48 32.02 43.40
CA ASP D 496 -24.44 32.17 42.31
C ASP D 496 -25.40 33.31 42.64
N ASP D 497 -25.12 34.48 42.09
CA ASP D 497 -25.81 35.72 42.44
C ASP D 497 -26.91 36.11 41.46
N VAL D 498 -27.97 36.74 41.98
CA VAL D 498 -28.98 37.35 41.11
C VAL D 498 -28.81 38.86 41.22
N LEU D 499 -28.39 39.50 40.14
CA LEU D 499 -28.17 40.95 40.14
C LEU D 499 -29.17 41.69 39.28
N GLN D 500 -29.97 42.55 39.90
CA GLN D 500 -30.92 43.39 39.15
C GLN D 500 -30.42 44.83 39.08
N ALA D 501 -30.32 45.36 37.86
CA ALA D 501 -29.80 46.70 37.66
C ALA D 501 -30.68 47.79 38.29
N ARG D 502 -30.03 48.75 38.96
CA ARG D 502 -30.73 49.90 39.53
C ARG D 502 -30.68 51.06 38.54
N SER D 503 -31.38 52.15 38.87
CA SER D 503 -31.56 53.29 37.95
C SER D 503 -30.27 53.83 37.33
N HIS D 504 -29.23 53.98 38.14
CA HIS D 504 -27.99 54.58 37.65
C HIS D 504 -26.85 53.58 37.53
N ASP D 505 -27.15 52.30 37.63
CA ASP D 505 -26.16 51.27 37.35
C ASP D 505 -25.76 51.31 35.89
N ALA D 506 -24.46 51.33 35.60
CA ALA D 506 -23.97 51.25 34.23
C ALA D 506 -23.32 49.89 33.95
N TRP D 507 -23.02 49.12 35.00
CA TRP D 507 -22.35 47.82 34.87
C TRP D 507 -22.94 46.79 35.83
N LEU D 508 -22.98 45.52 35.42
CA LEU D 508 -23.33 44.40 36.29
C LEU D 508 -22.19 43.39 36.26
N PHE D 509 -21.63 43.07 37.42
CA PHE D 509 -20.52 42.13 37.53
C PHE D 509 -20.93 40.88 38.32
N GLY D 510 -21.12 39.75 37.61
CA GLY D 510 -21.47 38.50 38.31
C GLY D 510 -20.31 37.92 39.09
N ASN D 511 -19.09 38.15 38.58
CA ASN D 511 -17.89 37.50 39.10
C ASN D 511 -17.99 35.95 39.02
N ALA D 512 -17.31 35.22 39.89
CA ALA D 512 -17.33 33.76 39.77
C ALA D 512 -18.72 33.22 40.06
N GLY D 513 -18.95 31.95 39.71
CA GLY D 513 -20.26 31.35 39.91
C GLY D 513 -21.20 31.59 38.74
N ASN D 514 -22.35 30.91 38.81
CA ASN D 514 -23.37 30.96 37.79
C ASN D 514 -24.41 32.01 38.17
N ASP D 515 -24.28 33.20 37.59
CA ASP D 515 -25.06 34.36 38.00
C ASP D 515 -26.19 34.66 37.03
N THR D 516 -27.25 35.30 37.52
CA THR D 516 -28.29 35.85 36.65
C THR D 516 -28.23 37.38 36.66
N LEU D 517 -27.98 37.99 35.50
CA LEU D 517 -27.88 39.44 35.38
C LEU D 517 -29.11 39.99 34.67
N ILE D 518 -29.88 40.82 35.37
CA ILE D 518 -31.15 41.32 34.85
C ILE D 518 -31.07 42.81 34.54
N GLY D 519 -31.39 43.19 33.31
CA GLY D 519 -31.29 44.59 32.88
C GLY D 519 -32.47 45.48 33.27
N HIS D 520 -32.44 46.73 32.83
CA HIS D 520 -33.54 47.67 33.09
C HIS D 520 -34.04 48.39 31.83
N ALA D 521 -35.24 48.97 31.95
CA ALA D 521 -35.95 49.62 30.84
C ALA D 521 -35.11 50.66 30.09
N GLY D 522 -34.26 51.39 30.80
CA GLY D 522 -33.49 52.46 30.19
C GLY D 522 -32.31 51.99 29.36
N GLY D 523 -32.07 50.67 29.32
CA GLY D 523 -30.94 50.13 28.55
C GLY D 523 -29.59 50.70 28.97
N ASN D 524 -28.67 50.84 28.00
CA ASN D 524 -27.33 51.41 28.23
C ASN D 524 -26.57 50.75 29.38
N LEU D 525 -26.72 49.42 29.48
CA LEU D 525 -26.10 48.66 30.57
C LEU D 525 -25.05 47.70 30.02
N THR D 526 -23.95 47.52 30.75
CA THR D 526 -22.90 46.61 30.33
C THR D 526 -22.91 45.38 31.23
N PHE D 527 -23.15 44.24 30.61
CA PHE D 527 -23.28 42.96 31.30
C PHE D 527 -21.95 42.21 31.33
N VAL D 528 -21.48 41.85 32.52
CA VAL D 528 -20.24 41.08 32.64
C VAL D 528 -20.48 39.87 33.54
N GLY D 529 -20.87 38.73 32.95
CA GLY D 529 -21.14 37.53 33.73
C GLY D 529 -19.92 37.04 34.48
N GLY D 530 -18.74 37.31 33.93
CA GLY D 530 -17.48 36.82 34.51
C GLY D 530 -17.28 35.32 34.30
N SER D 531 -16.40 34.73 35.11
CA SER D 531 -16.22 33.29 35.02
C SER D 531 -17.52 32.58 35.43
N GLY D 532 -17.61 31.29 35.13
CA GLY D 532 -18.84 30.55 35.37
C GLY D 532 -19.85 30.71 34.24
N ASP D 533 -20.96 30.01 34.37
CA ASP D 533 -21.99 29.93 33.35
C ASP D 533 -23.16 30.83 33.73
N ASP D 534 -23.27 31.95 33.03
CA ASP D 534 -24.11 33.07 33.43
C ASP D 534 -25.34 33.30 32.50
N ILE D 535 -26.43 33.79 33.08
CA ILE D 535 -27.63 34.19 32.33
C ILE D 535 -27.70 35.71 32.24
N LEU D 536 -27.83 36.22 31.02
CA LEU D 536 -27.80 37.66 30.76
C LEU D 536 -29.14 38.08 30.15
N LYS D 537 -29.93 38.87 30.89
CA LYS D 537 -31.25 39.29 30.41
C LYS D 537 -31.24 40.75 29.95
N GLY D 538 -31.00 40.94 28.66
CA GLY D 538 -31.00 42.27 28.07
C GLY D 538 -32.38 42.87 28.05
N VAL D 539 -32.47 44.14 28.43
CA VAL D 539 -33.73 44.89 28.41
C VAL D 539 -33.46 46.25 27.78
N GLY D 540 -34.32 46.67 26.84
CA GLY D 540 -34.16 47.96 26.18
C GLY D 540 -33.00 48.00 25.20
N ASN D 541 -32.51 49.21 24.92
CA ASN D 541 -31.53 49.42 23.87
C ASN D 541 -30.15 49.87 24.34
N GLY D 542 -29.15 49.64 23.50
CA GLY D 542 -27.81 50.18 23.76
C GLY D 542 -27.03 49.47 24.85
N ASN D 543 -27.35 48.20 25.07
CA ASN D 543 -26.60 47.40 26.04
C ASN D 543 -25.35 46.78 25.41
N THR D 544 -24.32 46.58 26.24
CA THR D 544 -23.09 45.93 25.86
C THR D 544 -22.95 44.62 26.66
N PHE D 545 -22.62 43.53 25.96
CA PHE D 545 -22.35 42.26 26.61
C PHE D 545 -20.85 41.92 26.46
N LEU D 546 -20.17 41.84 27.59
CA LEU D 546 -18.69 41.78 27.61
C LEU D 546 -18.17 40.44 28.13
N PHE D 547 -17.20 39.88 27.40
CA PHE D 547 -16.65 38.55 27.65
C PHE D 547 -15.11 38.60 27.50
N SER D 548 -14.38 38.09 28.48
CA SER D 548 -12.91 38.08 28.40
C SER D 548 -12.31 36.78 28.93
N GLY D 549 -11.22 36.33 28.32
CA GLY D 549 -10.53 35.13 28.77
C GLY D 549 -11.42 33.90 28.73
N ASP D 550 -11.33 33.07 29.77
CA ASP D 550 -12.17 31.89 29.88
C ASP D 550 -13.43 32.36 30.60
N PHE D 551 -14.47 32.67 29.83
CA PHE D 551 -15.70 33.23 30.38
C PHE D 551 -16.87 32.24 30.54
N GLY D 552 -16.59 30.95 30.35
CA GLY D 552 -17.59 29.90 30.58
C GLY D 552 -18.70 29.87 29.53
N ARG D 553 -19.85 29.31 29.89
CA ARG D 553 -20.94 29.12 28.94
C ARG D 553 -22.14 29.98 29.34
N ASP D 554 -22.37 31.05 28.59
CA ASP D 554 -23.41 32.01 28.93
C ASP D 554 -24.64 31.90 28.04
N GLN D 555 -25.79 32.32 28.57
CA GLN D 555 -27.03 32.41 27.79
C GLN D 555 -27.48 33.87 27.74
N LEU D 556 -27.71 34.39 26.54
CA LEU D 556 -28.02 35.82 26.37
C LEU D 556 -29.42 36.03 25.77
N TYR D 557 -30.34 36.57 26.57
CA TYR D 557 -31.70 36.84 26.14
C TYR D 557 -31.89 38.31 25.78
N GLY D 558 -32.76 38.58 24.81
CA GLY D 558 -33.18 39.94 24.49
C GLY D 558 -32.23 40.80 23.66
N PHE D 559 -31.34 40.14 22.91
CA PHE D 559 -30.40 40.85 22.04
C PHE D 559 -31.17 41.53 20.90
N ASN D 560 -30.76 42.75 20.55
CA ASN D 560 -31.37 43.48 19.43
C ASN D 560 -30.35 44.30 18.65
N ALA D 561 -30.80 44.98 17.60
CA ALA D 561 -29.91 45.68 16.65
C ALA D 561 -29.15 46.87 17.24
N SER D 562 -29.55 47.31 18.43
CA SER D 562 -28.88 48.43 19.10
C SER D 562 -27.82 47.97 20.13
N ASP D 563 -27.73 46.66 20.36
CA ASP D 563 -26.81 46.09 21.35
C ASP D 563 -25.46 45.71 20.74
N LYS D 564 -24.46 45.50 21.60
CA LYS D 564 -23.08 45.22 21.17
C LYS D 564 -22.49 44.01 21.92
N LEU D 565 -21.67 43.22 21.23
CA LEU D 565 -20.92 42.13 21.86
C LEU D 565 -19.45 42.47 21.82
N VAL D 566 -18.75 42.33 22.93
CA VAL D 566 -17.31 42.62 23.00
C VAL D 566 -16.55 41.44 23.58
N PHE D 567 -15.58 40.94 22.82
CA PHE D 567 -14.77 39.79 23.21
C PHE D 567 -13.32 40.24 23.28
N ILE D 568 -12.69 40.10 24.46
CA ILE D 568 -11.30 40.54 24.61
C ILE D 568 -10.44 39.40 25.16
N GLY D 569 -9.39 39.02 24.44
CA GLY D 569 -8.46 37.98 24.91
C GLY D 569 -9.16 36.63 25.07
N THR D 570 -9.90 36.24 24.03
CA THR D 570 -10.64 34.96 24.01
C THR D 570 -10.02 33.94 23.06
N GLU D 571 -10.31 32.66 23.28
CA GLU D 571 -9.82 31.60 22.39
C GLU D 571 -10.19 31.90 20.92
N GLY D 572 -9.27 31.60 20.00
CA GLY D 572 -9.54 31.77 18.57
C GLY D 572 -8.80 32.96 17.98
N ALA D 573 -8.30 32.80 16.75
CA ALA D 573 -7.50 33.82 16.09
C ALA D 573 -8.28 34.68 15.08
N SER D 574 -9.38 34.15 14.56
CA SER D 574 -10.15 34.84 13.52
C SER D 574 -10.77 36.15 14.00
N GLY D 575 -10.77 37.16 13.14
CA GLY D 575 -11.47 38.40 13.44
C GLY D 575 -12.86 38.47 12.81
N ASN D 576 -13.31 37.36 12.24
CA ASN D 576 -14.63 37.29 11.63
C ASN D 576 -15.54 36.45 12.51
N ILE D 577 -16.51 37.10 13.14
CA ILE D 577 -17.40 36.37 14.06
C ILE D 577 -18.14 35.21 13.38
N ARG D 578 -18.25 35.25 12.05
CA ARG D 578 -18.97 34.19 11.36
C ARG D 578 -18.24 32.84 11.51
N ASP D 579 -16.94 32.92 11.76
CA ASP D 579 -16.10 31.74 11.92
C ASP D 579 -16.35 31.03 13.25
N TYR D 580 -17.03 31.71 14.17
CA TYR D 580 -17.36 31.16 15.48
C TYR D 580 -18.80 30.69 15.60
N ALA D 581 -19.58 30.89 14.55
CA ALA D 581 -21.04 30.83 14.69
C ALA D 581 -21.68 29.56 14.15
N THR D 582 -22.69 29.07 14.87
CA THR D 582 -23.55 27.99 14.38
C THR D 582 -24.99 28.24 14.82
N GLN D 583 -25.93 28.08 13.91
CA GLN D 583 -27.34 28.26 14.24
C GLN D 583 -27.92 26.94 14.73
N GLN D 584 -28.46 26.96 15.95
CA GLN D 584 -29.13 25.78 16.50
C GLN D 584 -30.58 26.13 16.77
N ASN D 585 -31.46 25.65 15.90
CA ASN D 585 -32.86 26.05 15.93
C ASN D 585 -32.96 27.57 15.86
N ASP D 586 -33.70 28.18 16.78
CA ASP D 586 -33.88 29.63 16.77
C ASP D 586 -32.79 30.39 17.54
N ASP D 587 -31.73 29.68 17.95
CA ASP D 587 -30.67 30.31 18.75
C ASP D 587 -29.33 30.32 18.03
N LEU D 588 -28.53 31.34 18.30
CA LEU D 588 -27.21 31.46 17.70
C LEU D 588 -26.14 31.17 18.73
N VAL D 589 -25.26 30.20 18.41
CA VAL D 589 -24.19 29.85 19.31
C VAL D 589 -22.85 30.34 18.78
N LEU D 590 -22.20 31.18 19.59
CA LEU D 590 -20.88 31.70 19.29
C LEU D 590 -19.91 30.96 20.20
N ALA D 591 -19.15 30.05 19.61
CA ALA D 591 -18.32 29.12 20.37
C ALA D 591 -16.85 29.51 20.36
N PHE D 592 -16.27 29.57 21.55
CA PHE D 592 -14.88 29.95 21.75
C PHE D 592 -14.15 28.85 22.51
N GLY D 593 -14.10 27.65 21.94
CA GLY D 593 -13.46 26.51 22.60
C GLY D 593 -14.19 26.13 23.88
N HIS D 594 -13.54 26.35 25.02
CA HIS D 594 -14.14 26.01 26.31
C HIS D 594 -15.23 27.01 26.74
N SER D 595 -15.26 28.19 26.12
CA SER D 595 -16.27 29.18 26.43
C SER D 595 -17.23 29.34 25.26
N GLN D 596 -18.41 29.90 25.52
CA GLN D 596 -19.37 30.18 24.46
C GLN D 596 -20.51 31.05 24.95
N VAL D 597 -21.21 31.71 24.02
CA VAL D 597 -22.42 32.42 24.39
C VAL D 597 -23.52 32.04 23.41
N THR D 598 -24.68 31.67 23.96
CA THR D 598 -25.84 31.34 23.16
C THR D 598 -26.79 32.54 23.16
N LEU D 599 -27.06 33.07 21.97
CA LEU D 599 -28.00 34.18 21.85
C LEU D 599 -29.39 33.63 21.52
N ILE D 600 -30.30 33.69 22.49
CA ILE D 600 -31.62 33.12 22.31
C ILE D 600 -32.47 33.90 21.30
N GLY D 601 -33.06 33.19 20.34
CA GLY D 601 -33.98 33.78 19.38
C GLY D 601 -33.35 34.76 18.41
N VAL D 602 -32.06 34.54 18.10
CA VAL D 602 -31.31 35.42 17.21
C VAL D 602 -30.71 34.62 16.05
N SER D 603 -30.63 35.24 14.87
CA SER D 603 -29.93 34.61 13.74
C SER D 603 -28.82 35.53 13.25
N LEU D 604 -27.76 34.91 12.74
CA LEU D 604 -26.52 35.61 12.39
C LEU D 604 -26.72 36.71 11.33
N ASP D 605 -27.67 36.50 10.42
CA ASP D 605 -27.91 37.47 9.34
C ASP D 605 -28.54 38.77 9.83
N HIS D 606 -28.83 38.86 11.12
CA HIS D 606 -29.40 40.08 11.69
C HIS D 606 -28.40 40.89 12.53
N ILE D 607 -27.16 40.43 12.58
CA ILE D 607 -26.09 41.11 13.30
C ILE D 607 -25.16 41.83 12.33
N SER D 608 -25.01 43.14 12.48
CA SER D 608 -24.15 43.90 11.60
C SER D 608 -22.73 43.96 12.15
N THR D 609 -21.78 44.40 11.33
CA THR D 609 -20.38 44.39 11.73
C THR D 609 -20.07 45.22 12.97
N ASP D 610 -20.66 46.42 13.04
CA ASP D 610 -20.40 47.32 14.17
C ASP D 610 -20.94 46.79 15.51
N GLN D 611 -21.74 45.72 15.46
CA GLN D 611 -22.30 45.14 16.67
C GLN D 611 -21.35 44.20 17.40
N VAL D 612 -20.21 43.90 16.78
CA VAL D 612 -19.29 42.92 17.36
C VAL D 612 -17.84 43.39 17.33
N VAL D 613 -17.19 43.28 18.50
CA VAL D 613 -15.75 43.52 18.59
C VAL D 613 -15.06 42.24 19.00
N LEU D 614 -14.08 41.82 18.19
CA LEU D 614 -13.18 40.71 18.52
C LEU D 614 -11.77 41.27 18.68
N ALA D 615 -11.29 41.36 19.93
CA ALA D 615 -10.01 42.01 20.23
C ALA D 615 -9.05 41.10 20.99
N SER E 1 12.93 -25.63 15.89
CA SER E 1 13.21 -25.11 17.27
C SER E 1 12.07 -25.44 18.24
N HIS E 2 12.40 -26.08 19.37
CA HIS E 2 11.40 -26.41 20.39
C HIS E 2 10.91 -25.13 21.06
N MET E 3 9.60 -25.00 21.25
CA MET E 3 9.06 -23.82 21.92
C MET E 3 8.37 -24.13 23.26
N GLY E 4 8.33 -25.40 23.65
CA GLY E 4 7.68 -25.79 24.91
C GLY E 4 6.27 -26.27 24.65
N ILE E 5 5.80 -27.25 25.43
CA ILE E 5 4.50 -27.87 25.16
C ILE E 5 3.34 -26.87 25.31
N PHE E 6 3.50 -25.86 26.15
CA PHE E 6 2.44 -24.87 26.37
C PHE E 6 2.68 -23.57 25.56
N SER E 7 3.46 -23.67 24.49
CA SER E 7 3.70 -22.53 23.59
C SER E 7 2.39 -21.98 23.01
N TYR E 8 2.29 -20.66 22.95
CA TYR E 8 1.05 -20.02 22.52
C TYR E 8 1.33 -18.98 21.44
N LYS E 9 0.63 -19.10 20.31
CA LYS E 9 0.72 -18.14 19.21
C LYS E 9 2.18 -17.87 18.83
N ASP E 10 2.57 -16.59 18.83
CA ASP E 10 3.95 -16.26 18.46
C ASP E 10 4.73 -15.73 19.65
N LEU E 11 4.27 -16.02 20.86
CA LEU E 11 4.97 -15.57 22.07
C LEU E 11 6.30 -16.30 22.15
N ASP E 12 7.29 -15.68 22.78
CA ASP E 12 8.52 -16.42 23.00
C ASP E 12 8.29 -17.31 24.21
N GLU E 13 9.19 -18.26 24.43
CA GLU E 13 8.99 -19.30 25.44
C GLU E 13 8.72 -18.75 26.83
N ASN E 14 9.54 -17.81 27.28
CA ASN E 14 9.33 -17.21 28.61
C ASN E 14 7.93 -16.59 28.78
N ALA E 15 7.45 -15.87 27.76
CA ALA E 15 6.11 -15.28 27.82
C ALA E 15 5.00 -16.33 27.86
N SER E 16 5.16 -17.40 27.08
CA SER E 16 4.19 -18.48 27.04
C SER E 16 4.09 -19.20 28.38
N LYS E 17 5.24 -19.45 29.00
CA LYS E 17 5.26 -20.10 30.33
C LYS E 17 4.53 -19.26 31.38
N ALA E 18 4.77 -17.95 31.36
CA ALA E 18 4.11 -17.02 32.29
C ALA E 18 2.61 -16.94 32.08
N LEU E 19 2.17 -16.91 30.83
CA LEU E 19 0.76 -16.91 30.50
C LEU E 19 0.11 -18.19 31.02
N PHE E 20 0.78 -19.31 30.77
CA PHE E 20 0.26 -20.59 31.24
C PHE E 20 0.10 -20.61 32.75
N SER E 21 1.11 -20.15 33.47
CA SER E 21 1.06 -20.14 34.94
C SER E 21 -0.10 -19.29 35.42
N ASP E 22 -0.27 -18.12 34.81
CA ASP E 22 -1.40 -17.23 35.11
C ASP E 22 -2.76 -17.90 34.85
N ALA E 23 -2.89 -18.51 33.68
CA ALA E 23 -4.14 -19.16 33.32
C ALA E 23 -4.52 -20.28 34.28
N LEU E 24 -3.56 -21.14 34.62
CA LEU E 24 -3.84 -22.29 35.49
C LEU E 24 -4.24 -21.82 36.89
N ALA E 25 -3.56 -20.78 37.38
CA ALA E 25 -3.87 -20.16 38.66
C ALA E 25 -5.32 -19.68 38.73
N ILE E 26 -5.77 -18.91 37.73
CA ILE E 26 -7.13 -18.36 37.79
C ILE E 26 -8.20 -19.44 37.49
N SER E 27 -7.85 -20.41 36.64
CA SER E 27 -8.74 -21.55 36.34
C SER E 27 -9.02 -22.34 37.60
N THR E 28 -7.95 -22.62 38.35
CA THR E 28 -8.06 -23.34 39.62
C THR E 28 -8.89 -22.53 40.62
N TYR E 29 -8.64 -21.23 40.71
CA TYR E 29 -9.32 -20.38 41.70
C TYR E 29 -10.86 -20.45 41.58
N ALA E 30 -11.36 -20.58 40.35
CA ALA E 30 -12.80 -20.57 40.10
C ALA E 30 -13.53 -21.68 40.86
N TYR E 31 -12.83 -22.74 41.23
CA TYR E 31 -13.44 -23.87 41.95
C TYR E 31 -13.44 -23.66 43.47
N HIS E 32 -12.72 -22.64 43.93
CA HIS E 32 -12.66 -22.33 45.37
C HIS E 32 -12.37 -23.56 46.25
N ASN E 33 -11.43 -24.40 45.81
CA ASN E 33 -10.97 -25.55 46.59
C ASN E 33 -12.03 -26.60 46.91
N ILE E 34 -13.06 -26.68 46.06
CA ILE E 34 -14.12 -27.67 46.29
C ILE E 34 -13.59 -29.11 46.37
N ASP E 35 -12.48 -29.41 45.68
CA ASP E 35 -11.89 -30.76 45.66
C ASP E 35 -10.71 -30.94 46.63
N ASN E 36 -10.61 -30.05 47.62
CA ASN E 36 -9.53 -30.10 48.61
C ASN E 36 -9.58 -31.42 49.39
N GLY E 37 -10.78 -31.80 49.83
CA GLY E 37 -10.91 -33.06 50.59
C GLY E 37 -10.61 -34.25 49.70
N PHE E 38 -11.03 -34.16 48.44
CA PHE E 38 -10.79 -35.26 47.49
C PHE E 38 -9.27 -35.46 47.29
N ASP E 39 -8.55 -34.34 47.16
CA ASP E 39 -7.08 -34.32 47.06
C ASP E 39 -6.45 -35.07 48.25
N GLU E 40 -6.77 -34.67 49.48
CA GLU E 40 -6.24 -35.36 50.66
C GLU E 40 -6.62 -36.86 50.67
N GLY E 41 -7.91 -37.14 50.49
CA GLY E 41 -8.40 -38.52 50.52
C GLY E 41 -7.72 -39.43 49.50
N TYR E 42 -7.68 -38.98 48.24
CA TYR E 42 -7.03 -39.78 47.19
C TYR E 42 -5.59 -40.12 47.57
N HIS E 43 -4.83 -39.14 48.03
CA HIS E 43 -3.42 -39.38 48.30
C HIS E 43 -3.21 -40.31 49.51
N GLN E 44 -4.11 -40.21 50.49
CA GLN E 44 -4.02 -41.00 51.72
C GLN E 44 -4.47 -42.45 51.55
N THR E 45 -5.62 -42.64 50.89
CA THR E 45 -6.27 -43.96 50.86
C THR E 45 -6.49 -44.55 49.45
N GLY E 46 -6.22 -43.75 48.41
CA GLY E 46 -6.21 -44.29 47.06
C GLY E 46 -7.56 -44.53 46.40
N PHE E 47 -7.62 -45.50 45.48
CA PHE E 47 -8.79 -45.67 44.62
C PHE E 47 -9.13 -47.16 44.47
N GLY E 48 -8.60 -47.99 45.38
CA GLY E 48 -8.85 -49.42 45.35
C GLY E 48 -9.64 -49.82 46.57
N LEU E 49 -9.10 -50.70 47.39
CA LEU E 49 -9.73 -51.09 48.65
C LEU E 49 -10.07 -49.89 49.54
N GLY E 50 -9.29 -48.82 49.45
CA GLY E 50 -9.53 -47.62 50.28
C GLY E 50 -10.49 -46.59 49.69
N LEU E 51 -11.11 -46.92 48.57
CA LEU E 51 -12.00 -46.01 47.86
C LEU E 51 -13.12 -45.42 48.74
N PRO E 52 -13.77 -46.25 49.56
CA PRO E 52 -14.82 -45.71 50.44
C PRO E 52 -14.28 -44.61 51.38
N LEU E 53 -13.07 -44.81 51.89
CA LEU E 53 -12.44 -43.82 52.78
C LEU E 53 -12.10 -42.53 52.01
N THR E 54 -11.60 -42.70 50.79
CA THR E 54 -11.32 -41.57 49.91
C THR E 54 -12.59 -40.74 49.69
N LEU E 55 -13.71 -41.42 49.43
CA LEU E 55 -14.98 -40.71 49.18
C LEU E 55 -15.52 -39.97 50.42
N ILE E 56 -15.36 -40.56 51.60
CA ILE E 56 -15.78 -39.88 52.83
C ILE E 56 -14.98 -38.58 53.00
N THR E 57 -13.67 -38.65 52.82
CA THR E 57 -12.84 -37.45 52.95
C THR E 57 -13.20 -36.41 51.87
N ALA E 58 -13.54 -36.87 50.67
CA ALA E 58 -14.01 -35.95 49.63
C ALA E 58 -15.26 -35.16 50.05
N LEU E 59 -16.13 -35.81 50.82
CA LEU E 59 -17.38 -35.19 51.25
C LEU E 59 -17.22 -34.27 52.47
N ILE E 60 -16.46 -34.70 53.47
CA ILE E 60 -16.41 -33.95 54.72
C ILE E 60 -15.01 -33.47 55.16
N GLY E 61 -14.01 -33.73 54.33
CA GLY E 61 -12.63 -33.34 54.67
C GLY E 61 -12.09 -33.96 55.95
N SER E 62 -11.27 -33.20 56.68
CA SER E 62 -10.64 -33.68 57.91
C SER E 62 -10.20 -32.46 58.68
N THR E 63 -9.24 -32.62 59.60
CA THR E 63 -8.67 -31.43 60.27
C THR E 63 -7.64 -30.73 59.36
N GLN E 64 -7.27 -31.39 58.25
CA GLN E 64 -6.27 -30.86 57.29
C GLN E 64 -6.81 -30.47 55.91
N SER E 65 -8.08 -30.76 55.63
CA SER E 65 -8.68 -30.40 54.34
C SER E 65 -10.18 -30.14 54.48
N GLN E 66 -10.76 -29.44 53.51
CA GLN E 66 -12.20 -29.18 53.49
C GLN E 66 -12.82 -29.92 52.31
N GLY E 67 -13.83 -30.74 52.58
CA GLY E 67 -14.58 -31.44 51.54
C GLY E 67 -15.72 -30.59 50.99
N GLY E 68 -16.70 -31.24 50.37
CA GLY E 68 -17.83 -30.53 49.76
C GLY E 68 -18.73 -29.81 50.74
N LEU E 69 -18.88 -30.33 51.94
CA LEU E 69 -19.75 -29.75 52.98
C LEU E 69 -19.18 -28.50 53.63
N PRO E 70 -19.98 -27.41 53.70
CA PRO E 70 -19.52 -26.21 54.38
C PRO E 70 -19.82 -26.25 55.86
N GLY E 71 -19.23 -25.34 56.63
CA GLY E 71 -19.65 -25.13 58.00
C GLY E 71 -19.16 -26.08 59.08
N LEU E 72 -18.19 -26.93 58.75
CA LEU E 72 -17.61 -27.79 59.80
C LEU E 72 -16.42 -27.09 60.42
N PRO E 73 -16.52 -26.74 61.72
CA PRO E 73 -15.52 -25.87 62.35
C PRO E 73 -14.13 -26.49 62.48
N TRP E 74 -14.04 -27.82 62.41
CA TRP E 74 -12.73 -28.49 62.48
C TRP E 74 -12.03 -28.59 61.11
N ASN E 75 -12.73 -28.26 60.02
CA ASN E 75 -12.10 -28.21 58.70
C ASN E 75 -11.31 -26.90 58.64
N PRO E 76 -10.20 -26.88 57.90
CA PRO E 76 -9.52 -25.62 57.60
C PRO E 76 -10.37 -24.78 56.65
N ASP E 77 -10.14 -23.47 56.62
CA ASP E 77 -10.88 -22.59 55.71
C ASP E 77 -10.26 -22.65 54.30
N SER E 78 -10.71 -23.61 53.49
CA SER E 78 -10.08 -23.80 52.16
C SER E 78 -10.39 -22.68 51.17
N GLU E 79 -11.47 -21.94 51.42
CA GLU E 79 -11.79 -20.83 50.53
C GLU E 79 -10.78 -19.68 50.73
N GLN E 80 -10.37 -19.45 51.96
CA GLN E 80 -9.30 -18.48 52.23
C GLN E 80 -7.96 -18.95 51.63
N ALA E 81 -7.68 -20.24 51.68
CA ALA E 81 -6.46 -20.78 51.09
C ALA E 81 -6.46 -20.58 49.58
N ALA E 82 -7.63 -20.75 48.96
CA ALA E 82 -7.77 -20.51 47.51
C ALA E 82 -7.52 -19.05 47.14
N GLN E 83 -8.03 -18.13 47.95
CA GLN E 83 -7.79 -16.70 47.71
C GLN E 83 -6.30 -16.39 47.88
N GLU E 84 -5.69 -16.95 48.91
CA GLU E 84 -4.28 -16.71 49.14
C GLU E 84 -3.45 -17.17 47.95
N ALA E 85 -3.78 -18.33 47.39
CA ALA E 85 -3.03 -18.86 46.27
C ALA E 85 -3.11 -17.93 45.05
N VAL E 86 -4.32 -17.49 44.72
CA VAL E 86 -4.51 -16.66 43.52
C VAL E 86 -3.91 -15.26 43.73
N ASN E 87 -4.06 -14.71 44.94
CA ASN E 87 -3.47 -13.40 45.28
C ASN E 87 -1.95 -13.45 45.19
N ASN E 88 -1.37 -14.53 45.68
CA ASN E 88 0.07 -14.68 45.67
C ASN E 88 0.60 -14.87 44.25
N ALA E 89 -0.27 -15.34 43.36
CA ALA E 89 0.06 -15.50 41.95
C ALA E 89 -0.11 -14.18 41.18
N GLY E 90 -0.50 -13.13 41.91
CA GLY E 90 -0.55 -11.77 41.35
C GLY E 90 -1.94 -11.26 41.03
N TRP E 91 -2.98 -12.08 41.26
CA TRP E 91 -4.35 -11.74 40.85
C TRP E 91 -5.30 -11.44 42.00
N SER E 92 -6.07 -10.35 41.91
CA SER E 92 -7.11 -10.06 42.91
C SER E 92 -8.45 -9.69 42.27
N VAL E 93 -9.54 -10.12 42.91
CA VAL E 93 -10.89 -9.88 42.42
C VAL E 93 -11.24 -8.41 42.20
N ILE E 94 -11.90 -8.13 41.07
CA ILE E 94 -12.39 -6.79 40.75
C ILE E 94 -13.89 -6.76 41.07
N SER E 95 -14.32 -5.75 41.80
CA SER E 95 -15.70 -5.67 42.30
C SER E 95 -16.70 -5.17 41.26
N ALA E 96 -17.97 -5.52 41.46
CA ALA E 96 -19.05 -5.07 40.57
C ALA E 96 -19.13 -3.55 40.47
N THR E 97 -18.89 -2.88 41.59
CA THR E 97 -18.91 -1.41 41.60
C THR E 97 -17.82 -0.88 40.68
N GLN E 98 -16.62 -1.43 40.78
CA GLN E 98 -15.53 -1.00 39.91
C GLN E 98 -15.93 -1.13 38.45
N LEU E 99 -16.60 -2.23 38.12
CA LEU E 99 -16.98 -2.50 36.73
C LEU E 99 -18.22 -1.73 36.28
N GLY E 100 -18.98 -1.19 37.24
CA GLY E 100 -20.27 -0.57 36.94
C GLY E 100 -21.29 -1.61 36.48
N TYR E 101 -21.16 -2.82 37.01
CA TYR E 101 -22.01 -3.95 36.60
C TYR E 101 -23.30 -4.01 37.41
N ALA E 102 -24.43 -4.22 36.73
CA ALA E 102 -25.74 -4.23 37.40
C ALA E 102 -26.26 -5.63 37.69
N GLY E 103 -25.43 -6.64 37.47
CA GLY E 103 -25.86 -8.03 37.67
C GLY E 103 -25.60 -8.62 39.04
N LYS E 104 -25.65 -9.94 39.12
CA LYS E 104 -25.56 -10.64 40.39
C LYS E 104 -24.13 -11.05 40.75
N THR E 105 -23.71 -10.72 41.97
CA THR E 105 -22.46 -11.24 42.56
C THR E 105 -22.72 -11.82 43.94
N ASP E 106 -21.87 -12.73 44.41
CA ASP E 106 -22.06 -13.26 45.78
C ASP E 106 -21.07 -12.61 46.76
N ALA E 107 -21.09 -13.07 48.01
CA ALA E 107 -20.24 -12.48 49.06
C ALA E 107 -18.75 -12.66 48.79
N ARG E 108 -18.38 -13.63 47.96
CA ARG E 108 -16.98 -13.84 47.60
C ARG E 108 -16.56 -13.06 46.35
N GLY E 109 -17.51 -12.35 45.74
CA GLY E 109 -17.20 -11.53 44.59
C GLY E 109 -17.34 -12.29 43.27
N THR E 110 -17.86 -13.50 43.33
CA THR E 110 -18.12 -14.31 42.12
C THR E 110 -19.34 -13.81 41.32
N TYR E 111 -19.21 -13.80 39.99
CA TYR E 111 -20.28 -13.33 39.07
C TYR E 111 -21.13 -14.51 38.58
N TYR E 112 -22.45 -14.29 38.45
CA TYR E 112 -23.38 -15.37 38.12
C TYR E 112 -24.02 -15.16 36.76
N GLY E 113 -24.38 -16.28 36.11
CA GLY E 113 -25.02 -16.24 34.78
C GLY E 113 -26.25 -15.36 34.71
N GLU E 114 -26.43 -14.70 33.57
CA GLU E 114 -27.40 -13.60 33.42
C GLU E 114 -28.75 -13.98 32.81
N THR E 115 -28.79 -15.08 32.06
CA THR E 115 -29.97 -15.44 31.25
C THR E 115 -30.63 -16.69 31.80
N ALA E 116 -31.97 -16.77 31.73
CA ALA E 116 -32.70 -17.97 32.17
C ALA E 116 -32.07 -19.20 31.55
N GLY E 117 -31.77 -20.20 32.37
CA GLY E 117 -31.14 -21.43 31.90
C GLY E 117 -29.64 -21.43 32.06
N TYR E 118 -29.08 -20.27 32.43
CA TYR E 118 -27.62 -20.12 32.60
C TYR E 118 -27.27 -19.55 33.97
N THR E 119 -28.25 -19.50 34.88
CA THR E 119 -28.08 -18.83 36.16
C THR E 119 -27.17 -19.55 37.17
N THR E 120 -26.75 -20.78 36.86
CA THR E 120 -25.78 -21.50 37.70
C THR E 120 -24.37 -21.41 37.14
N ALA E 121 -24.17 -20.65 36.05
CA ALA E 121 -22.82 -20.37 35.55
C ALA E 121 -22.13 -19.41 36.53
N GLN E 122 -20.82 -19.58 36.69
CA GLN E 122 -20.00 -18.72 37.57
C GLN E 122 -18.75 -18.24 36.84
N ALA E 123 -18.37 -16.98 37.08
CA ALA E 123 -17.14 -16.43 36.52
C ALA E 123 -16.43 -15.55 37.55
N GLU E 124 -15.10 -15.44 37.39
CA GLU E 124 -14.29 -14.57 38.21
C GLU E 124 -13.63 -13.55 37.30
N VAL E 125 -13.54 -12.31 37.77
CA VAL E 125 -12.83 -11.27 37.05
C VAL E 125 -11.77 -10.71 37.98
N LEU E 126 -10.50 -10.80 37.57
CA LEU E 126 -9.39 -10.41 38.44
C LEU E 126 -8.44 -9.45 37.76
N GLY E 127 -7.67 -8.71 38.55
CA GLY E 127 -6.68 -7.78 38.00
C GLY E 127 -5.28 -8.05 38.50
N LYS E 128 -4.30 -7.66 37.70
CA LYS E 128 -2.89 -7.70 38.09
C LYS E 128 -2.40 -6.25 38.12
N TYR E 129 -1.59 -5.89 39.10
CA TYR E 129 -1.13 -4.51 39.24
C TYR E 129 0.39 -4.40 39.35
N ASP E 130 0.95 -3.29 38.89
CA ASP E 130 2.38 -3.06 39.04
C ASP E 130 2.68 -2.50 40.42
N SER E 131 3.96 -2.21 40.68
CA SER E 131 4.41 -1.77 42.00
C SER E 131 3.80 -0.44 42.42
N GLU E 132 3.24 0.30 41.47
CA GLU E 132 2.68 1.62 41.76
C GLU E 132 1.15 1.60 41.85
N GLY E 133 0.56 0.41 41.72
CA GLY E 133 -0.87 0.26 41.85
C GLY E 133 -1.68 0.40 40.57
N ASN E 134 -0.98 0.51 39.43
CA ASN E 134 -1.65 0.59 38.13
C ASN E 134 -2.04 -0.80 37.60
N LEU E 135 -3.20 -0.90 36.99
CA LEU E 135 -3.67 -2.15 36.40
C LEU E 135 -2.87 -2.46 35.13
N THR E 136 -2.34 -3.68 35.04
CA THR E 136 -1.52 -4.09 33.88
C THR E 136 -2.12 -5.23 33.08
N ALA E 137 -3.01 -6.00 33.70
CA ALA E 137 -3.63 -7.15 33.04
C ALA E 137 -4.94 -7.53 33.70
N ILE E 138 -5.82 -8.18 32.93
CA ILE E 138 -7.10 -8.66 33.43
C ILE E 138 -7.24 -10.16 33.18
N GLY E 139 -7.86 -10.85 34.13
CA GLY E 139 -8.06 -12.29 34.00
C GLY E 139 -9.53 -12.64 34.17
N ILE E 140 -10.03 -13.46 33.27
CA ILE E 140 -11.41 -13.91 33.31
C ILE E 140 -11.40 -15.42 33.38
N SER E 141 -12.01 -15.97 34.41
CA SER E 141 -12.02 -17.41 34.61
C SER E 141 -13.44 -17.91 34.78
N PHE E 142 -13.77 -19.00 34.08
CA PHE E 142 -15.09 -19.60 34.13
C PHE E 142 -15.03 -20.90 34.94
N ARG E 143 -15.99 -21.08 35.83
CA ARG E 143 -16.03 -22.28 36.69
C ARG E 143 -16.57 -23.48 35.91
N GLY E 144 -16.05 -24.67 36.18
CA GLY E 144 -16.61 -25.88 35.59
C GLY E 144 -17.86 -26.31 36.36
N THR E 145 -18.30 -27.54 36.13
CA THR E 145 -19.46 -28.07 36.83
C THR E 145 -19.21 -28.05 38.37
N SER E 146 -20.17 -27.43 39.06
CA SER E 146 -20.22 -27.27 40.53
C SER E 146 -20.50 -25.78 40.83
N GLY E 147 -20.64 -25.46 42.12
CA GLY E 147 -20.95 -24.11 42.55
C GLY E 147 -20.54 -23.94 44.00
N PRO E 148 -20.89 -22.79 44.60
CA PRO E 148 -20.56 -22.57 46.01
C PRO E 148 -21.05 -23.73 46.91
N ARG E 149 -20.29 -24.03 47.96
CA ARG E 149 -20.64 -25.10 48.87
C ARG E 149 -22.05 -24.94 49.43
N GLU E 150 -22.44 -23.69 49.71
CA GLU E 150 -23.75 -23.40 50.31
C GLU E 150 -24.96 -23.70 49.42
N SER E 151 -24.75 -23.90 48.13
CA SER E 151 -25.86 -24.27 47.22
C SER E 151 -25.42 -25.34 46.24
N LEU E 152 -24.57 -26.26 46.71
CA LEU E 152 -23.84 -27.15 45.81
C LEU E 152 -24.72 -28.04 44.94
N ILE E 153 -25.72 -28.69 45.53
CA ILE E 153 -26.49 -29.68 44.77
C ILE E 153 -27.37 -29.03 43.70
N GLY E 154 -28.14 -28.02 44.09
CA GLY E 154 -29.01 -27.32 43.14
C GLY E 154 -28.16 -26.68 42.05
N ASP E 155 -27.02 -26.11 42.42
CA ASP E 155 -26.19 -25.45 41.42
C ASP E 155 -25.62 -26.46 40.42
N THR E 156 -25.15 -27.60 40.93
CA THR E 156 -24.61 -28.65 40.07
C THR E 156 -25.66 -29.19 39.09
N ILE E 157 -26.89 -29.39 39.55
CA ILE E 157 -27.96 -29.84 38.66
C ILE E 157 -28.13 -28.89 37.46
N GLY E 158 -28.11 -27.58 37.74
CA GLY E 158 -28.24 -26.59 36.68
C GLY E 158 -27.10 -26.71 35.67
N ASP E 159 -25.89 -26.92 36.18
CA ASP E 159 -24.69 -27.07 35.35
C ASP E 159 -24.79 -28.35 34.48
N VAL E 160 -25.27 -29.44 35.07
CA VAL E 160 -25.40 -30.73 34.35
C VAL E 160 -26.40 -30.60 33.20
N ILE E 161 -27.44 -29.79 33.40
CA ILE E 161 -28.39 -29.55 32.32
C ILE E 161 -27.69 -28.84 31.15
N ASN E 162 -26.88 -27.83 31.47
CA ASN E 162 -26.07 -27.13 30.48
C ASN E 162 -25.10 -28.13 29.79
N ASP E 163 -24.42 -28.96 30.59
CA ASP E 163 -23.50 -29.99 30.05
C ASP E 163 -24.20 -30.91 29.04
N LEU E 164 -25.40 -31.37 29.39
CA LEU E 164 -26.14 -32.29 28.54
C LEU E 164 -26.63 -31.63 27.24
N LEU E 165 -27.06 -30.37 27.33
CA LEU E 165 -27.47 -29.64 26.15
C LEU E 165 -26.29 -29.41 25.20
N ALA E 166 -25.09 -29.21 25.76
CA ALA E 166 -23.91 -29.03 24.93
C ALA E 166 -23.59 -30.30 24.14
N GLY E 167 -23.76 -31.45 24.77
CA GLY E 167 -23.47 -32.71 24.09
C GLY E 167 -24.61 -33.25 23.24
N PHE E 168 -25.84 -33.13 23.73
CA PHE E 168 -26.97 -33.80 23.11
C PHE E 168 -28.10 -32.87 22.66
N GLY E 169 -27.90 -31.56 22.77
CA GLY E 169 -28.93 -30.58 22.41
C GLY E 169 -28.77 -29.95 21.04
N PRO E 170 -29.31 -28.74 20.85
CA PRO E 170 -29.27 -28.12 19.54
C PRO E 170 -27.84 -27.80 19.12
N LYS E 171 -27.53 -27.89 17.83
CA LYS E 171 -26.21 -27.49 17.36
C LYS E 171 -26.06 -26.00 17.65
N GLY E 172 -24.87 -25.57 18.04
CA GLY E 172 -24.65 -24.16 18.37
C GLY E 172 -24.84 -23.84 19.84
N TYR E 173 -25.32 -24.82 20.61
CA TYR E 173 -25.53 -24.59 22.03
C TYR E 173 -24.23 -24.26 22.74
N ALA E 174 -23.19 -25.07 22.52
CA ALA E 174 -21.90 -24.78 23.16
C ALA E 174 -21.39 -23.40 22.75
N ASP E 175 -21.48 -23.09 21.46
CA ASP E 175 -21.05 -21.77 20.97
C ASP E 175 -21.71 -20.60 21.69
N GLY E 176 -22.97 -20.77 22.09
CA GLY E 176 -23.71 -19.67 22.69
C GLY E 176 -23.54 -19.50 24.18
N TYR E 177 -22.94 -20.47 24.86
CA TYR E 177 -22.96 -20.52 26.33
C TYR E 177 -22.43 -19.23 26.99
N THR E 178 -21.23 -18.80 26.63
CA THR E 178 -20.61 -17.65 27.31
C THR E 178 -21.33 -16.35 26.99
N LEU E 179 -21.83 -16.25 25.77
CA LEU E 179 -22.58 -15.06 25.36
C LEU E 179 -23.87 -14.94 26.16
N LYS E 180 -24.59 -16.05 26.32
CA LYS E 180 -25.84 -16.03 27.08
C LYS E 180 -25.62 -15.88 28.60
N ALA E 181 -24.57 -16.50 29.11
CA ALA E 181 -24.29 -16.44 30.55
C ALA E 181 -23.70 -15.09 30.97
N PHE E 182 -22.75 -14.57 30.19
CA PHE E 182 -21.97 -13.42 30.65
C PHE E 182 -21.79 -12.30 29.61
N GLY E 183 -22.69 -12.23 28.64
CA GLY E 183 -22.60 -11.20 27.60
C GLY E 183 -22.50 -9.78 28.14
N ASN E 184 -23.34 -9.45 29.10
CA ASN E 184 -23.35 -8.08 29.65
C ASN E 184 -22.08 -7.80 30.44
N LEU E 185 -21.72 -8.72 31.33
CA LEU E 185 -20.51 -8.62 32.11
C LEU E 185 -19.29 -8.39 31.24
N LEU E 186 -19.16 -9.17 30.17
CA LEU E 186 -17.97 -9.06 29.32
C LEU E 186 -17.92 -7.71 28.58
N GLY E 187 -19.07 -7.14 28.27
CA GLY E 187 -19.10 -5.77 27.73
C GLY E 187 -18.59 -4.77 28.75
N ASP E 188 -19.04 -4.91 30.00
CA ASP E 188 -18.58 -4.01 31.07
C ASP E 188 -17.07 -4.15 31.32
N VAL E 189 -16.56 -5.39 31.32
CA VAL E 189 -15.12 -5.63 31.51
C VAL E 189 -14.29 -4.97 30.40
N ALA E 190 -14.78 -5.02 29.16
CA ALA E 190 -14.06 -4.42 28.04
C ALA E 190 -13.96 -2.89 28.17
N LYS E 191 -15.05 -2.27 28.60
CA LYS E 191 -15.07 -0.81 28.78
C LYS E 191 -14.13 -0.41 29.92
N PHE E 192 -14.15 -1.20 30.98
CA PHE E 192 -13.27 -1.03 32.14
C PHE E 192 -11.81 -1.12 31.72
N ALA E 193 -11.48 -2.15 30.94
CA ALA E 193 -10.12 -2.32 30.43
C ALA E 193 -9.68 -1.09 29.62
N GLN E 194 -10.55 -0.65 28.70
CA GLN E 194 -10.22 0.49 27.85
C GLN E 194 -9.98 1.75 28.68
N ALA E 195 -10.79 1.95 29.72
CA ALA E 195 -10.64 3.12 30.60
C ALA E 195 -9.28 3.12 31.29
N HIS E 196 -8.68 1.94 31.41
CA HIS E 196 -7.38 1.77 32.04
C HIS E 196 -6.23 1.58 31.06
N GLY E 197 -6.48 1.92 29.79
CA GLY E 197 -5.44 1.86 28.76
C GLY E 197 -5.00 0.47 28.33
N LEU E 198 -5.82 -0.54 28.64
CA LEU E 198 -5.54 -1.93 28.25
C LEU E 198 -6.27 -2.29 26.98
N SER E 199 -5.72 -3.25 26.24
CA SER E 199 -6.38 -3.77 25.05
C SER E 199 -6.63 -5.27 25.21
N GLY E 200 -7.22 -5.88 24.19
CA GLY E 200 -7.54 -7.30 24.26
C GLY E 200 -6.38 -8.20 24.59
N GLU E 201 -5.19 -7.89 24.06
CA GLU E 201 -4.00 -8.73 24.31
C GLU E 201 -3.55 -8.70 25.78
N ASP E 202 -4.14 -7.79 26.57
CA ASP E 202 -3.83 -7.69 28.00
C ASP E 202 -4.78 -8.53 28.87
N VAL E 203 -5.57 -9.38 28.23
CA VAL E 203 -6.57 -10.20 28.93
C VAL E 203 -6.23 -11.69 28.81
N VAL E 204 -6.23 -12.41 29.93
CA VAL E 204 -6.11 -13.88 29.89
C VAL E 204 -7.45 -14.51 30.26
N VAL E 205 -7.92 -15.46 29.45
CA VAL E 205 -9.20 -16.10 29.66
C VAL E 205 -8.94 -17.60 29.90
N SER E 206 -9.49 -18.14 30.98
CA SER E 206 -9.22 -19.57 31.28
C SER E 206 -10.39 -20.22 32.00
N GLY E 207 -10.27 -21.51 32.27
CA GLY E 207 -11.32 -22.28 32.94
C GLY E 207 -11.13 -23.74 32.63
N HIS E 208 -11.79 -24.58 33.43
CA HIS E 208 -11.60 -26.03 33.36
C HIS E 208 -12.95 -26.74 33.15
N SER E 209 -12.99 -27.72 32.26
CA SER E 209 -14.18 -28.55 32.02
C SER E 209 -15.27 -27.74 31.33
N LEU E 210 -16.44 -27.60 31.96
CA LEU E 210 -17.46 -26.69 31.44
C LEU E 210 -16.87 -25.29 31.35
N GLY E 211 -15.96 -24.96 32.27
CA GLY E 211 -15.24 -23.68 32.19
C GLY E 211 -14.33 -23.60 30.97
N GLY E 212 -13.74 -24.73 30.56
CA GLY E 212 -12.94 -24.80 29.31
C GLY E 212 -13.80 -24.66 28.06
N LEU E 213 -14.97 -25.26 28.11
CA LEU E 213 -15.98 -25.04 27.07
C LEU E 213 -16.30 -23.54 26.94
N ALA E 214 -16.47 -22.87 28.07
CA ALA E 214 -16.79 -21.44 28.08
C ALA E 214 -15.66 -20.59 27.50
N VAL E 215 -14.42 -21.03 27.71
CA VAL E 215 -13.28 -20.33 27.10
C VAL E 215 -13.36 -20.42 25.57
N ASN E 216 -13.58 -21.63 25.07
CA ASN E 216 -13.73 -21.84 23.62
C ASN E 216 -14.93 -21.08 23.02
N SER E 217 -16.02 -21.06 23.77
CA SER E 217 -17.24 -20.32 23.39
C SER E 217 -16.97 -18.81 23.29
N MET E 218 -16.30 -18.24 24.28
CA MET E 218 -15.95 -16.81 24.21
C MET E 218 -15.09 -16.51 22.98
N ALA E 219 -14.06 -17.33 22.77
CA ALA E 219 -13.21 -17.20 21.58
C ALA E 219 -14.04 -17.21 20.30
N ALA E 220 -14.98 -18.16 20.22
CA ALA E 220 -15.83 -18.30 19.04
C ALA E 220 -16.71 -17.07 18.78
N GLN E 221 -17.01 -16.31 19.83
CA GLN E 221 -17.88 -15.11 19.69
C GLN E 221 -17.09 -13.80 19.59
N SER E 222 -15.77 -13.91 19.74
CA SER E 222 -14.92 -12.72 19.96
C SER E 222 -14.64 -11.83 18.74
N ASP E 223 -14.79 -12.37 17.54
CA ASP E 223 -14.56 -11.58 16.33
C ASP E 223 -15.71 -10.58 16.15
N ALA E 224 -16.93 -11.04 16.41
CA ALA E 224 -18.13 -10.24 16.10
C ALA E 224 -18.77 -9.51 17.29
N ASN E 225 -18.58 -10.01 18.50
CA ASN E 225 -19.21 -9.41 19.68
C ASN E 225 -18.27 -8.51 20.47
N TRP E 226 -18.84 -7.72 21.38
CA TRP E 226 -18.06 -6.78 22.22
C TRP E 226 -17.13 -5.87 21.40
N GLY E 227 -17.61 -5.46 20.22
CA GLY E 227 -16.84 -4.59 19.34
C GLY E 227 -15.51 -5.16 18.87
N GLY E 228 -15.37 -6.48 18.96
CA GLY E 228 -14.12 -7.16 18.63
C GLY E 228 -13.02 -6.98 19.65
N PHE E 229 -13.35 -6.40 20.81
CA PHE E 229 -12.33 -6.10 21.82
C PHE E 229 -11.45 -7.31 22.17
N TYR E 230 -12.08 -8.47 22.31
CA TYR E 230 -11.40 -9.68 22.79
C TYR E 230 -10.87 -10.58 21.68
N ALA E 231 -10.90 -10.10 20.44
CA ALA E 231 -10.47 -10.95 19.31
C ALA E 231 -9.04 -11.50 19.48
N GLN E 232 -8.16 -10.68 20.03
CA GLN E 232 -6.75 -11.05 20.21
C GLN E 232 -6.39 -11.35 21.68
N SER E 233 -7.40 -11.61 22.52
CA SER E 233 -7.12 -12.01 23.91
C SER E 233 -6.45 -13.39 23.97
N ASN E 234 -5.90 -13.72 25.14
CA ASN E 234 -5.15 -14.96 25.30
C ASN E 234 -6.02 -16.06 25.91
N TYR E 235 -6.45 -17.01 25.07
CA TYR E 235 -7.38 -18.07 25.50
C TYR E 235 -6.67 -19.38 25.82
N VAL E 236 -6.70 -19.77 27.08
CA VAL E 236 -6.08 -21.02 27.55
C VAL E 236 -7.13 -21.86 28.25
N ALA E 237 -7.58 -22.92 27.59
CA ALA E 237 -8.68 -23.77 28.11
C ALA E 237 -8.17 -25.10 28.66
N PHE E 238 -8.66 -25.48 29.83
CA PHE E 238 -8.27 -26.76 30.44
C PHE E 238 -9.39 -27.80 30.38
N ALA E 239 -9.05 -29.01 29.96
CA ALA E 239 -10.01 -30.13 29.98
C ALA E 239 -11.34 -29.83 29.29
N SER E 240 -11.28 -29.03 28.22
CA SER E 240 -12.49 -28.70 27.48
C SER E 240 -12.96 -29.87 26.62
N PRO E 241 -14.28 -30.12 26.60
CA PRO E 241 -14.80 -31.09 25.63
C PRO E 241 -14.83 -30.56 24.17
N THR E 242 -14.82 -29.24 24.01
CA THR E 242 -14.94 -28.61 22.69
C THR E 242 -13.64 -27.94 22.25
N GLN E 243 -13.52 -27.66 20.95
CA GLN E 243 -12.46 -26.82 20.42
C GLN E 243 -13.02 -25.78 19.46
N TYR E 244 -12.59 -24.53 19.62
CA TYR E 244 -12.76 -23.51 18.60
C TYR E 244 -11.37 -23.26 18.01
N GLU E 245 -11.19 -23.58 16.73
CA GLU E 245 -9.87 -23.52 16.11
C GLU E 245 -9.72 -22.51 14.94
N ALA E 246 -10.82 -22.00 14.42
CA ALA E 246 -10.74 -20.96 13.38
C ALA E 246 -10.02 -19.74 13.91
N GLY E 247 -8.94 -19.31 13.26
CA GLY E 247 -8.19 -18.13 13.68
C GLY E 247 -7.07 -18.36 14.70
N GLY E 248 -6.92 -19.60 15.15
CA GLY E 248 -5.81 -19.97 16.05
C GLY E 248 -5.77 -19.24 17.40
N LYS E 249 -6.95 -19.06 18.01
CA LYS E 249 -7.11 -18.27 19.25
C LYS E 249 -6.91 -19.03 20.55
N VAL E 250 -7.20 -20.33 20.54
CA VAL E 250 -7.25 -21.11 21.77
C VAL E 250 -6.22 -22.23 21.83
N ILE E 251 -5.55 -22.37 22.97
CA ILE E 251 -4.80 -23.60 23.26
C ILE E 251 -5.61 -24.45 24.23
N ASN E 252 -5.83 -25.71 23.85
CA ASN E 252 -6.61 -26.66 24.63
C ASN E 252 -5.70 -27.68 25.33
N ILE E 253 -5.51 -27.49 26.63
CA ILE E 253 -4.61 -28.33 27.44
C ILE E 253 -5.35 -29.35 28.30
N GLY E 254 -4.91 -30.60 28.27
CA GLY E 254 -5.61 -31.63 29.04
C GLY E 254 -4.87 -32.95 29.00
N TYR E 255 -5.35 -33.90 29.78
CA TYR E 255 -4.78 -35.25 29.82
C TYR E 255 -5.52 -36.18 28.86
N GLU E 256 -4.78 -37.01 28.13
CA GLU E 256 -5.44 -37.84 27.10
C GLU E 256 -6.35 -38.90 27.74
N ASN E 257 -6.07 -39.28 28.99
CA ASN E 257 -6.92 -40.25 29.69
C ASN E 257 -8.04 -39.59 30.53
N ASP E 258 -8.22 -38.28 30.36
CA ASP E 258 -9.36 -37.56 30.94
C ASP E 258 -10.50 -37.68 29.93
N PRO E 259 -11.59 -38.40 30.28
CA PRO E 259 -12.61 -38.69 29.25
C PRO E 259 -13.40 -37.45 28.79
N VAL E 260 -13.39 -36.37 29.57
CA VAL E 260 -14.08 -35.17 29.16
C VAL E 260 -13.29 -34.38 28.09
N PHE E 261 -11.96 -34.48 28.18
CA PHE E 261 -11.06 -33.71 27.31
C PHE E 261 -11.18 -34.12 25.84
N ARG E 262 -11.59 -33.18 24.99
CA ARG E 262 -11.79 -33.46 23.54
C ARG E 262 -12.95 -34.43 23.26
N ALA E 263 -13.91 -34.56 24.18
CA ALA E 263 -15.02 -35.51 23.95
C ALA E 263 -15.83 -35.14 22.69
N LEU E 264 -15.92 -33.85 22.38
CA LEU E 264 -16.62 -33.40 21.18
C LEU E 264 -15.62 -33.07 20.08
N ASP E 265 -16.04 -33.21 18.83
CA ASP E 265 -15.18 -32.96 17.69
C ASP E 265 -15.55 -31.57 17.18
N GLY E 266 -14.81 -30.56 17.63
CA GLY E 266 -15.23 -29.16 17.46
C GLY E 266 -16.29 -28.94 18.52
N THR E 267 -17.55 -28.99 18.11
CA THR E 267 -18.67 -29.02 19.06
C THR E 267 -19.62 -30.19 18.78
N SER E 268 -19.22 -31.11 17.89
CA SER E 268 -20.07 -32.18 17.39
C SER E 268 -19.95 -33.49 18.18
N LEU E 269 -21.09 -34.10 18.47
CA LEU E 269 -21.13 -35.41 19.14
C LEU E 269 -20.92 -36.51 18.11
N THR E 270 -19.95 -37.39 18.35
CA THR E 270 -19.69 -38.50 17.43
C THR E 270 -19.62 -39.81 18.23
N LEU E 271 -19.50 -40.95 17.55
CA LEU E 271 -19.41 -42.23 18.28
C LEU E 271 -18.23 -42.25 19.29
N PRO E 272 -17.03 -41.83 18.85
CA PRO E 272 -15.91 -41.75 19.80
C PRO E 272 -16.17 -40.88 21.05
N SER E 273 -17.10 -39.93 20.97
CA SER E 273 -17.41 -39.10 22.15
C SER E 273 -17.78 -39.95 23.36
N LEU E 274 -18.36 -41.12 23.11
CA LEU E 274 -18.80 -41.99 24.20
C LEU E 274 -17.78 -43.07 24.58
N GLY E 275 -16.63 -43.07 23.92
CA GLY E 275 -15.55 -43.99 24.25
C GLY E 275 -14.21 -43.30 24.22
N VAL E 276 -13.23 -43.93 23.59
CA VAL E 276 -11.92 -43.33 23.40
C VAL E 276 -11.96 -42.32 22.25
N HIS E 277 -11.49 -41.10 22.50
CA HIS E 277 -11.49 -40.05 21.46
C HIS E 277 -10.14 -39.33 21.44
N ASP E 278 -9.12 -40.03 20.97
CA ASP E 278 -7.73 -39.55 21.02
C ASP E 278 -7.20 -39.12 19.63
N ALA E 279 -8.08 -38.91 18.65
CA ALA E 279 -7.62 -38.33 17.38
C ALA E 279 -7.06 -36.95 17.68
N PRO E 280 -5.85 -36.65 17.18
CA PRO E 280 -5.23 -35.38 17.58
C PRO E 280 -5.88 -34.14 16.97
N HIS E 281 -6.10 -33.12 17.80
CA HIS E 281 -6.61 -31.82 17.32
C HIS E 281 -5.51 -30.78 17.25
N THR E 282 -5.60 -29.87 16.28
CA THR E 282 -4.53 -28.90 16.06
C THR E 282 -4.33 -27.98 17.27
N SER E 283 -5.40 -27.63 17.97
CA SER E 283 -5.27 -26.70 19.11
C SER E 283 -4.86 -27.38 20.42
N ALA E 284 -4.81 -28.71 20.44
CA ALA E 284 -4.69 -29.48 21.71
C ALA E 284 -3.31 -30.08 21.99
N THR E 285 -2.97 -30.19 23.27
CA THR E 285 -1.86 -31.03 23.72
C THR E 285 -2.41 -32.46 23.74
N ASN E 286 -2.05 -33.28 22.75
CA ASN E 286 -2.76 -34.56 22.54
C ASN E 286 -2.24 -35.79 23.28
N ASN E 287 -1.07 -35.66 23.92
CA ASN E 287 -0.40 -36.85 24.44
C ASN E 287 0.18 -36.73 25.87
N ILE E 288 -0.53 -36.04 26.76
CA ILE E 288 -0.14 -35.99 28.18
C ILE E 288 -0.92 -37.00 29.02
N VAL E 289 -0.21 -37.87 29.73
CA VAL E 289 -0.88 -38.91 30.56
C VAL E 289 -0.94 -38.54 32.04
N ASN E 290 -2.14 -38.64 32.62
CA ASN E 290 -2.32 -38.51 34.07
C ASN E 290 -2.13 -39.90 34.69
N PHE E 291 -0.89 -40.20 35.11
CA PHE E 291 -0.58 -41.55 35.62
C PHE E 291 -1.01 -41.70 37.08
N ASN E 292 -2.28 -42.05 37.27
CA ASN E 292 -2.89 -42.17 38.60
C ASN E 292 -3.29 -43.61 38.90
N ASP E 293 -3.88 -43.83 40.07
CA ASP E 293 -4.18 -45.20 40.50
C ASP E 293 -5.15 -45.89 39.52
N HIS E 294 -6.08 -45.14 38.93
CA HIS E 294 -7.02 -45.73 37.97
C HIS E 294 -6.31 -46.13 36.67
N TYR E 295 -5.51 -45.23 36.13
CA TYR E 295 -4.76 -45.51 34.88
C TYR E 295 -3.83 -46.73 35.06
N ALA E 296 -3.19 -46.81 36.22
CA ALA E 296 -2.24 -47.89 36.48
C ALA E 296 -2.90 -49.28 36.65
N SER E 297 -4.20 -49.31 36.97
CA SER E 297 -4.88 -50.55 37.38
C SER E 297 -5.46 -51.37 36.25
N ASP E 298 -4.89 -52.57 36.01
CA ASP E 298 -5.48 -53.45 35.02
C ASP E 298 -6.94 -53.77 35.38
N ALA E 299 -7.22 -53.98 36.66
CA ALA E 299 -8.57 -54.32 37.12
C ALA E 299 -9.64 -53.25 36.83
N TRP E 300 -9.37 -51.99 37.15
CA TRP E 300 -10.33 -50.93 36.86
C TRP E 300 -10.57 -50.87 35.37
N ASN E 301 -9.51 -51.13 34.60
CA ASN E 301 -9.60 -51.00 33.14
C ASN E 301 -10.19 -52.22 32.40
N LEU E 302 -10.71 -53.18 33.16
CA LEU E 302 -11.58 -54.20 32.58
C LEU E 302 -12.95 -53.59 32.23
N LEU E 303 -13.24 -52.41 32.80
CA LEU E 303 -14.44 -51.67 32.43
C LEU E 303 -14.11 -50.74 31.25
N PRO E 304 -15.12 -50.42 30.43
CA PRO E 304 -14.88 -49.57 29.25
C PRO E 304 -14.49 -48.13 29.56
N PHE E 305 -13.49 -47.60 28.84
CA PHE E 305 -13.15 -46.19 28.94
C PHE E 305 -14.26 -45.37 28.31
N SER E 306 -14.96 -44.56 29.11
CA SER E 306 -16.10 -43.78 28.63
C SER E 306 -16.43 -42.64 29.58
N ILE E 307 -16.81 -41.50 29.01
CA ILE E 307 -17.34 -40.38 29.79
C ILE E 307 -18.60 -40.80 30.56
N LEU E 308 -19.21 -41.91 30.15
CA LEU E 308 -20.41 -42.43 30.81
C LEU E 308 -20.08 -43.41 31.94
N ASN E 309 -18.80 -43.72 32.09
CA ASN E 309 -18.31 -44.63 33.13
C ASN E 309 -17.63 -43.83 34.23
N ILE E 310 -18.33 -43.62 35.35
CA ILE E 310 -17.92 -42.63 36.37
C ILE E 310 -16.49 -42.73 36.95
N PRO E 311 -16.01 -43.96 37.24
CA PRO E 311 -14.63 -44.10 37.73
C PRO E 311 -13.56 -43.47 36.81
N THR E 312 -13.82 -43.41 35.51
CA THR E 312 -12.86 -42.82 34.58
C THR E 312 -12.68 -41.31 34.83
N TRP E 313 -13.65 -40.70 35.51
CA TRP E 313 -13.59 -39.27 35.81
C TRP E 313 -12.51 -38.91 36.83
N LEU E 314 -11.91 -39.89 37.50
CA LEU E 314 -10.85 -39.56 38.45
C LEU E 314 -9.83 -38.65 37.76
N SER E 315 -9.50 -38.97 36.53
CA SER E 315 -8.41 -38.29 35.83
C SER E 315 -8.71 -36.82 35.46
N HIS E 316 -9.95 -36.41 35.69
CA HIS E 316 -10.46 -35.07 35.31
C HIS E 316 -10.34 -34.04 36.43
N LEU E 317 -10.14 -34.50 37.66
CA LEU E 317 -10.25 -33.65 38.85
C LEU E 317 -9.26 -32.47 38.79
N PRO E 318 -9.70 -31.26 39.16
CA PRO E 318 -8.89 -30.06 39.01
C PRO E 318 -7.54 -30.11 39.74
N PHE E 319 -7.46 -30.80 40.88
CA PHE E 319 -6.18 -30.82 41.61
C PHE E 319 -5.08 -31.54 40.80
N PHE E 320 -5.45 -32.54 40.00
CA PHE E 320 -4.47 -33.22 39.14
C PHE E 320 -3.93 -32.26 38.06
N TYR E 321 -4.81 -31.38 37.55
CA TYR E 321 -4.42 -30.37 36.59
C TYR E 321 -3.45 -29.38 37.22
N GLN E 322 -3.83 -28.82 38.36
CA GLN E 322 -2.98 -27.82 39.01
C GLN E 322 -1.61 -28.39 39.34
N ASP E 323 -1.59 -29.50 40.07
CA ASP E 323 -0.31 -30.04 40.58
C ASP E 323 0.56 -30.62 39.47
N GLY E 324 -0.06 -31.49 38.66
CA GLY E 324 0.65 -32.20 37.59
C GLY E 324 1.19 -31.28 36.51
N LEU E 325 0.38 -30.35 36.03
CA LEU E 325 0.81 -29.50 34.91
C LEU E 325 1.84 -28.45 35.33
N MET E 326 1.80 -28.03 36.59
CA MET E 326 2.87 -27.15 37.08
C MET E 326 4.20 -27.91 37.14
N ARG E 327 4.18 -29.21 37.49
CA ARG E 327 5.43 -30.00 37.45
C ARG E 327 5.97 -30.11 36.03
N VAL E 328 5.07 -30.23 35.05
CA VAL E 328 5.47 -30.21 33.64
C VAL E 328 6.11 -28.86 33.32
N LEU E 329 5.43 -27.78 33.65
CA LEU E 329 5.95 -26.43 33.37
C LEU E 329 7.34 -26.20 34.00
N ASN E 330 7.53 -26.69 35.22
CA ASN E 330 8.76 -26.46 35.97
C ASN E 330 9.82 -27.54 35.75
N SER E 331 9.57 -28.45 34.81
CA SER E 331 10.51 -29.54 34.53
C SER E 331 11.87 -29.08 33.98
N GLU E 332 12.94 -29.76 34.40
CA GLU E 332 14.26 -29.51 33.84
C GLU E 332 14.29 -29.64 32.32
N PHE E 333 13.37 -30.44 31.81
CA PHE E 333 13.32 -30.79 30.40
C PHE E 333 12.28 -29.98 29.60
N TYR E 334 11.63 -29.01 30.25
CA TYR E 334 10.57 -28.27 29.57
C TYR E 334 11.00 -27.71 28.20
N SER E 335 12.21 -27.15 28.12
CA SER E 335 12.62 -26.47 26.89
C SER E 335 12.86 -27.43 25.71
N LEU E 336 12.76 -28.73 25.96
CA LEU E 336 12.86 -29.74 24.91
C LEU E 336 11.48 -30.22 24.41
N THR E 337 10.40 -29.78 25.08
CA THR E 337 9.07 -30.31 24.75
C THR E 337 8.36 -29.53 23.62
N ASP E 338 7.38 -30.20 22.99
CA ASP E 338 6.51 -29.62 21.96
C ASP E 338 5.04 -29.91 22.31
N LYS E 339 4.13 -29.21 21.64
CA LYS E 339 2.67 -29.36 21.86
C LYS E 339 2.26 -30.84 21.95
N ASP E 340 2.78 -31.67 21.06
CA ASP E 340 2.35 -33.08 21.05
C ASP E 340 3.37 -34.07 21.63
N SER E 341 4.32 -33.57 22.43
CA SER E 341 5.25 -34.48 23.13
C SER E 341 4.51 -35.46 24.03
N THR E 342 4.98 -36.71 24.07
CA THR E 342 4.46 -37.69 25.02
C THR E 342 5.02 -37.37 26.39
N ILE E 343 4.14 -37.00 27.33
CA ILE E 343 4.54 -36.72 28.70
C ILE E 343 3.72 -37.54 29.68
N ILE E 344 4.39 -38.37 30.49
CA ILE E 344 3.74 -39.18 31.52
C ILE E 344 3.95 -38.51 32.87
N VAL E 345 2.87 -38.08 33.51
CA VAL E 345 2.96 -37.35 34.78
C VAL E 345 2.58 -38.25 35.98
N SER E 346 3.51 -38.48 36.89
CA SER E 346 3.21 -39.33 38.04
C SER E 346 2.21 -38.66 38.96
N ASN E 347 1.07 -39.32 39.14
CA ASN E 347 0.01 -38.83 40.03
C ASN E 347 -0.53 -39.95 40.92
N LEU E 348 0.35 -40.81 41.42
CA LEU E 348 -0.06 -41.96 42.24
C LEU E 348 -0.37 -41.56 43.68
N SER E 349 -1.19 -42.38 44.34
CA SER E 349 -1.48 -42.18 45.74
C SER E 349 -0.32 -42.72 46.60
N ASN E 350 -0.37 -42.47 47.89
CA ASN E 350 0.61 -43.05 48.82
C ASN E 350 0.49 -44.58 48.90
N VAL E 351 -0.67 -45.11 48.57
CA VAL E 351 -0.89 -46.56 48.63
C VAL E 351 -0.14 -47.32 47.53
N THR E 352 0.04 -46.68 46.37
CA THR E 352 0.58 -47.36 45.20
C THR E 352 1.95 -46.86 44.78
N ARG E 353 2.37 -45.70 45.28
CA ARG E 353 3.60 -45.08 44.76
C ARG E 353 4.83 -46.00 44.95
N GLY E 354 4.85 -46.73 46.06
CA GLY E 354 6.03 -47.57 46.39
C GLY E 354 6.07 -48.96 45.77
N ASN E 355 5.05 -49.31 44.99
CA ASN E 355 4.98 -50.64 44.40
C ASN E 355 4.48 -50.65 42.96
N THR E 356 4.41 -49.47 42.35
CA THR E 356 3.90 -49.32 40.99
C THR E 356 4.90 -48.51 40.13
N TRP E 357 5.33 -49.08 39.01
CA TRP E 357 6.25 -48.38 38.08
C TRP E 357 5.50 -47.36 37.22
N VAL E 358 5.98 -46.12 37.19
CA VAL E 358 5.44 -45.11 36.26
C VAL E 358 6.11 -45.36 34.89
N GLU E 359 5.28 -45.71 33.91
CA GLU E 359 5.76 -46.13 32.59
C GLU E 359 4.69 -45.83 31.55
N ASP E 360 5.08 -45.78 30.28
CA ASP E 360 4.12 -45.56 29.19
C ASP E 360 3.35 -46.83 28.84
N LEU E 361 2.24 -47.06 29.53
CA LEU E 361 1.36 -48.19 29.22
C LEU E 361 0.62 -47.97 27.89
N ASN E 362 0.53 -46.70 27.45
CA ASN E 362 -0.20 -46.35 26.20
C ASN E 362 -1.66 -46.83 26.22
N ARG E 363 -2.24 -46.92 27.42
CA ARG E 363 -3.60 -47.41 27.59
C ARG E 363 -4.65 -46.42 27.04
N ASN E 364 -5.66 -46.96 26.36
CA ASN E 364 -6.81 -46.14 25.88
C ASN E 364 -6.41 -44.87 25.12
N ALA E 365 -5.51 -45.05 24.15
CA ALA E 365 -4.95 -43.94 23.40
C ALA E 365 -4.30 -44.43 22.11
N GLU E 366 -4.18 -43.55 21.13
CA GLU E 366 -3.43 -43.89 19.91
C GLU E 366 -1.95 -44.14 20.28
N THR E 367 -1.27 -44.93 19.47
CA THR E 367 0.14 -45.26 19.74
C THR E 367 1.02 -44.01 19.83
N HIS E 368 1.79 -43.90 20.91
CA HIS E 368 2.68 -42.76 21.10
C HIS E 368 3.89 -42.85 20.16
N SER E 369 4.49 -41.71 19.86
CA SER E 369 5.72 -41.66 19.08
C SER E 369 6.60 -40.49 19.52
N GLY E 370 7.83 -40.43 19.03
CA GLY E 370 8.76 -39.38 19.45
C GLY E 370 9.36 -39.71 20.80
N PRO E 371 10.16 -38.79 21.37
CA PRO E 371 10.72 -39.09 22.69
C PRO E 371 9.64 -39.06 23.77
N THR E 372 9.92 -39.71 24.89
CA THR E 372 8.98 -39.76 26.01
C THR E 372 9.56 -39.05 27.22
N PHE E 373 8.77 -38.17 27.84
CA PHE E 373 9.14 -37.48 29.06
C PHE E 373 8.35 -38.12 30.19
N ILE E 374 9.04 -38.54 31.27
CA ILE E 374 8.33 -39.06 32.45
C ILE E 374 8.70 -38.19 33.66
N ILE E 375 7.69 -37.54 34.23
CA ILE E 375 7.88 -36.57 35.31
C ILE E 375 7.48 -37.15 36.66
N GLY E 376 8.46 -37.31 37.56
CA GLY E 376 8.20 -37.83 38.89
C GLY E 376 7.52 -36.84 39.84
N SER E 377 7.40 -37.25 41.10
CA SER E 377 6.82 -36.42 42.15
C SER E 377 7.92 -36.08 43.16
N ASP E 378 7.60 -35.24 44.14
CA ASP E 378 8.61 -34.96 45.17
C ASP E 378 8.71 -36.08 46.21
N GLY E 379 7.97 -37.16 46.00
CA GLY E 379 8.10 -38.36 46.83
C GLY E 379 9.04 -39.40 46.21
N ASN E 380 9.08 -40.60 46.81
CA ASN E 380 9.95 -41.68 46.33
C ASN E 380 9.27 -42.41 45.16
N ASP E 381 9.82 -42.25 43.95
CA ASP E 381 9.20 -42.79 42.74
C ASP E 381 9.89 -44.02 42.18
N LEU E 382 9.11 -44.84 41.48
CA LEU E 382 9.64 -45.91 40.64
C LEU E 382 9.29 -45.54 39.19
N ILE E 383 10.33 -45.27 38.39
CA ILE E 383 10.15 -44.74 37.03
C ILE E 383 10.82 -45.65 35.99
N LYS E 384 10.06 -46.08 34.99
CA LYS E 384 10.64 -46.95 33.95
C LYS E 384 10.45 -46.44 32.54
N GLY E 385 11.56 -46.18 31.83
CA GLY E 385 11.51 -45.78 30.43
C GLY E 385 11.50 -46.97 29.47
N GLY E 386 10.97 -46.74 28.27
CA GLY E 386 10.86 -47.81 27.27
C GLY E 386 12.08 -47.96 26.38
N LYS E 387 11.90 -48.73 25.31
CA LYS E 387 13.00 -49.09 24.39
C LYS E 387 13.45 -47.94 23.50
N GLY E 388 12.61 -46.91 23.42
CA GLY E 388 12.93 -45.71 22.64
C GLY E 388 13.70 -44.70 23.49
N ASN E 389 13.74 -43.46 23.04
CA ASN E 389 14.48 -42.41 23.73
C ASN E 389 13.63 -41.74 24.82
N ASP E 390 14.17 -41.69 26.04
CA ASP E 390 13.43 -41.20 27.19
C ASP E 390 14.16 -40.10 27.94
N TYR E 391 13.37 -39.19 28.54
CA TYR E 391 13.85 -38.16 29.46
C TYR E 391 13.13 -38.37 30.79
N LEU E 392 13.85 -38.85 31.81
CA LEU E 392 13.22 -39.27 33.08
C LEU E 392 13.62 -38.31 34.18
N GLU E 393 12.62 -37.72 34.86
CA GLU E 393 12.89 -36.73 35.92
C GLU E 393 12.37 -37.16 37.28
N GLY E 394 13.28 -37.41 38.22
CA GLY E 394 12.90 -37.88 39.55
C GLY E 394 12.36 -36.82 40.50
N ARG E 395 12.89 -35.60 40.38
CA ARG E 395 12.63 -34.54 41.38
C ARG E 395 13.09 -34.99 42.80
N ASP E 396 12.49 -34.39 43.83
CA ASP E 396 12.86 -34.71 45.21
C ASP E 396 12.52 -36.18 45.53
N GLY E 397 12.99 -36.66 46.68
CA GLY E 397 12.72 -38.03 47.09
C GLY E 397 13.74 -39.02 46.54
N ASP E 398 13.78 -40.20 47.17
CA ASP E 398 14.69 -41.29 46.78
C ASP E 398 14.05 -42.09 45.67
N ASP E 399 14.54 -41.90 44.44
CA ASP E 399 13.89 -42.44 43.24
C ASP E 399 14.66 -43.63 42.64
N ILE E 400 13.94 -44.58 42.04
CA ILE E 400 14.60 -45.71 41.35
C ILE E 400 14.19 -45.70 39.88
N PHE E 401 15.20 -45.77 39.01
CA PHE E 401 14.96 -45.74 37.57
C PHE E 401 15.30 -47.06 36.88
N ARG E 402 14.50 -47.41 35.87
CA ARG E 402 14.81 -48.50 34.93
C ARG E 402 14.65 -47.94 33.54
N ASP E 403 15.34 -48.50 32.55
CA ASP E 403 15.08 -48.11 31.13
C ASP E 403 15.45 -49.25 30.17
N ALA E 404 14.55 -49.52 29.23
CA ALA E 404 14.64 -50.69 28.35
C ALA E 404 15.53 -50.53 27.10
N GLY E 405 16.00 -49.32 26.80
CA GLY E 405 16.94 -49.13 25.70
C GLY E 405 16.93 -47.73 25.09
N GLY E 406 17.62 -47.56 23.97
CA GLY E 406 17.64 -46.28 23.27
C GLY E 406 18.62 -45.29 23.89
N TYR E 407 18.41 -44.01 23.59
CA TYR E 407 19.27 -42.91 24.06
C TYR E 407 18.47 -42.06 25.05
N ASN E 408 18.99 -41.89 26.27
CA ASN E 408 18.20 -41.33 27.36
C ASN E 408 18.94 -40.31 28.23
N LEU E 409 18.16 -39.41 28.85
CA LEU E 409 18.68 -38.50 29.87
C LEU E 409 17.91 -38.75 31.14
N ILE E 410 18.62 -38.88 32.27
CA ILE E 410 17.97 -39.10 33.54
C ILE E 410 18.44 -38.04 34.53
N ALA E 411 17.48 -37.38 35.18
CA ALA E 411 17.78 -36.38 36.20
C ALA E 411 17.25 -36.91 37.52
N GLY E 412 18.15 -37.41 38.37
CA GLY E 412 17.72 -38.00 39.62
C GLY E 412 17.20 -36.98 40.62
N GLY E 413 17.66 -35.74 40.48
CA GLY E 413 17.32 -34.67 41.40
C GLY E 413 17.88 -34.91 42.79
N LYS E 414 17.25 -34.29 43.79
CA LYS E 414 17.65 -34.49 45.17
C LYS E 414 17.36 -35.92 45.64
N GLY E 415 17.91 -36.29 46.80
CA GLY E 415 17.67 -37.61 47.39
C GLY E 415 18.70 -38.66 47.04
N HIS E 416 18.53 -39.87 47.58
CA HIS E 416 19.36 -41.00 47.22
C HIS E 416 18.68 -41.72 46.07
N ASN E 417 19.25 -41.60 44.86
CA ASN E 417 18.62 -42.14 43.65
C ASN E 417 19.42 -43.32 43.10
N ILE E 418 18.69 -44.29 42.53
CA ILE E 418 19.29 -45.54 42.05
C ILE E 418 18.98 -45.77 40.57
N PHE E 419 19.95 -46.24 39.80
CA PHE E 419 19.65 -46.77 38.46
C PHE E 419 19.83 -48.28 38.44
N ASP E 420 18.80 -48.99 38.00
CA ASP E 420 18.74 -50.46 38.03
C ASP E 420 18.79 -51.00 36.61
N THR E 421 19.89 -51.66 36.25
CA THR E 421 20.05 -52.19 34.89
C THR E 421 19.26 -53.47 34.64
N GLN E 422 18.87 -54.18 35.70
CA GLN E 422 18.12 -55.45 35.58
C GLN E 422 18.87 -56.60 34.89
N GLN E 423 20.19 -56.47 34.73
CA GLN E 423 20.99 -57.54 34.14
C GLN E 423 22.44 -57.50 34.60
N ALA E 424 23.26 -58.43 34.12
CA ALA E 424 24.66 -58.52 34.54
C ALA E 424 25.42 -57.23 34.22
N LEU E 425 26.22 -56.76 35.18
CA LEU E 425 26.99 -55.52 34.98
C LEU E 425 27.92 -55.58 33.77
N LYS E 426 28.45 -56.77 33.48
CA LYS E 426 29.38 -56.94 32.36
C LYS E 426 28.74 -56.61 31.00
N ASN E 427 27.41 -56.54 30.95
CA ASN E 427 26.69 -56.25 29.71
C ASN E 427 26.56 -54.76 29.45
N THR E 428 27.01 -53.94 30.40
CA THR E 428 26.87 -52.49 30.29
C THR E 428 28.24 -51.81 30.43
N GLU E 429 28.56 -50.88 29.53
CA GLU E 429 29.79 -50.08 29.68
C GLU E 429 29.47 -48.91 30.61
N VAL E 430 30.25 -48.75 31.66
CA VAL E 430 29.97 -47.72 32.67
C VAL E 430 31.14 -46.75 32.87
N ALA E 431 30.86 -45.45 32.74
CA ALA E 431 31.85 -44.41 33.07
C ALA E 431 31.17 -43.26 33.82
N TYR E 432 31.97 -42.33 34.34
CA TYR E 432 31.49 -41.27 35.23
C TYR E 432 32.38 -40.04 35.08
N ASP E 433 31.79 -38.86 34.90
CA ASP E 433 32.60 -37.65 34.73
C ASP E 433 32.81 -36.87 36.02
N GLY E 434 32.35 -37.43 37.14
CA GLY E 434 32.42 -36.74 38.42
C GLY E 434 31.06 -36.30 38.93
N ASN E 435 30.10 -36.20 38.01
CA ASN E 435 28.73 -35.83 38.34
C ASN E 435 27.71 -36.65 37.56
N THR E 436 28.03 -36.91 36.31
CA THR E 436 27.13 -37.63 35.40
C THR E 436 27.64 -39.03 35.11
N LEU E 437 26.73 -40.00 35.20
CA LEU E 437 27.00 -41.39 34.91
C LEU E 437 26.64 -41.67 33.44
N TYR E 438 27.56 -42.30 32.70
CA TYR E 438 27.36 -42.69 31.31
C TYR E 438 27.26 -44.20 31.19
N LEU E 439 26.17 -44.67 30.59
CA LEU E 439 25.94 -46.11 30.44
C LEU E 439 25.68 -46.43 28.98
N ARG E 440 26.48 -47.32 28.40
CA ARG E 440 26.26 -47.74 27.02
C ARG E 440 25.89 -49.22 26.95
N ASP E 441 24.76 -49.52 26.31
CA ASP E 441 24.28 -50.92 26.23
C ASP E 441 24.87 -51.66 25.03
N ALA E 442 24.55 -52.94 24.92
CA ALA E 442 25.17 -53.78 23.90
C ALA E 442 24.84 -53.34 22.47
N LYS E 443 23.74 -52.61 22.32
CA LYS E 443 23.34 -52.13 21.00
C LYS E 443 23.83 -50.72 20.72
N GLY E 444 24.59 -50.16 21.65
CA GLY E 444 25.18 -48.83 21.46
C GLY E 444 24.37 -47.67 22.01
N GLY E 445 23.21 -47.99 22.60
CA GLY E 445 22.36 -46.97 23.19
C GLY E 445 23.04 -46.35 24.40
N ILE E 446 23.01 -45.02 24.49
CA ILE E 446 23.72 -44.30 25.57
C ILE E 446 22.76 -43.56 26.48
N THR E 447 22.97 -43.72 27.79
CA THR E 447 22.20 -43.05 28.83
C THR E 447 23.13 -42.13 29.64
N LEU E 448 22.70 -40.89 29.84
CA LEU E 448 23.40 -39.97 30.75
C LEU E 448 22.54 -39.78 31.99
N ALA E 449 23.12 -40.01 33.16
CA ALA E 449 22.30 -39.99 34.38
C ALA E 449 22.94 -39.17 35.48
N ASP E 450 22.23 -38.11 35.89
CA ASP E 450 22.71 -37.21 36.94
C ASP E 450 22.18 -37.60 38.31
N ASP E 451 23.02 -37.38 39.33
CA ASP E 451 22.62 -37.53 40.73
C ASP E 451 22.21 -38.98 41.07
N ILE E 452 22.93 -39.92 40.47
CA ILE E 452 22.79 -41.34 40.79
C ILE E 452 23.84 -41.76 41.82
N SER E 453 23.39 -42.16 43.00
CA SER E 453 24.29 -42.63 44.06
C SER E 453 24.65 -44.12 43.98
N THR E 454 23.75 -44.91 43.40
CA THR E 454 23.90 -46.35 43.38
C THR E 454 23.50 -46.93 42.02
N LEU E 455 24.37 -47.77 41.46
CA LEU E 455 24.05 -48.50 40.23
C LEU E 455 23.75 -49.95 40.62
N ARG E 456 22.57 -50.43 40.28
CA ARG E 456 22.15 -51.77 40.70
C ARG E 456 22.12 -52.70 39.50
N SER E 457 22.71 -53.88 39.65
CA SER E 457 22.72 -54.88 38.56
C SER E 457 22.07 -56.16 39.06
N LYS E 458 21.83 -57.09 38.14
CA LYS E 458 21.30 -58.41 38.51
C LYS E 458 22.29 -59.46 38.04
N GLU E 459 22.87 -60.18 38.99
CA GLU E 459 23.92 -61.14 38.70
C GLU E 459 23.42 -62.55 38.96
N THR E 460 24.09 -63.55 38.39
CA THR E 460 23.65 -64.92 38.67
C THR E 460 24.83 -65.82 38.97
N SER E 461 24.68 -66.64 40.03
CA SER E 461 25.68 -67.63 40.46
C SER E 461 25.16 -69.06 40.23
N TRP E 462 26.08 -70.01 40.11
CA TRP E 462 25.70 -71.42 39.86
C TRP E 462 24.61 -71.32 38.82
N LEU E 463 24.94 -70.46 37.84
CA LEU E 463 24.14 -69.71 36.84
C LEU E 463 22.60 -69.75 36.72
N ILE E 464 21.86 -70.15 37.74
CA ILE E 464 20.41 -69.90 37.70
C ILE E 464 19.94 -69.05 38.89
N PHE E 465 20.80 -68.91 39.90
CA PHE E 465 20.43 -68.20 41.12
C PHE E 465 20.78 -66.73 41.01
N ASN E 466 19.74 -65.90 40.88
CA ASN E 466 19.86 -64.46 40.70
C ASN E 466 19.96 -63.68 42.00
N LYS E 467 20.61 -62.52 41.91
CA LYS E 467 20.90 -61.71 43.07
C LYS E 467 21.06 -60.26 42.64
N GLU E 468 20.46 -59.34 43.40
CA GLU E 468 20.67 -57.91 43.15
C GLU E 468 21.98 -57.49 43.76
N VAL E 469 22.77 -56.74 43.01
CA VAL E 469 24.07 -56.29 43.49
C VAL E 469 24.16 -54.77 43.35
N ASP E 470 24.43 -54.09 44.47
CA ASP E 470 24.52 -52.63 44.45
C ASP E 470 25.96 -52.15 44.35
N HIS E 471 26.18 -51.14 43.51
CA HIS E 471 27.50 -50.57 43.31
C HIS E 471 27.44 -49.08 43.62
N GLN E 472 28.18 -48.65 44.65
CA GLN E 472 28.23 -47.22 45.00
C GLN E 472 29.00 -46.43 43.94
N VAL E 473 28.39 -45.37 43.44
CA VAL E 473 29.01 -44.53 42.43
C VAL E 473 29.91 -43.51 43.11
N THR E 474 31.23 -43.63 42.91
CA THR E 474 32.17 -42.67 43.51
C THR E 474 33.09 -42.08 42.45
N ALA E 475 33.79 -41.01 42.80
CA ALA E 475 34.69 -40.35 41.87
C ALA E 475 35.75 -41.32 41.36
N ALA E 476 36.20 -42.20 42.24
CA ALA E 476 37.29 -43.12 41.92
C ALA E 476 36.86 -44.42 41.23
N GLY E 477 35.57 -44.70 41.19
CA GLY E 477 35.08 -45.93 40.57
C GLY E 477 33.85 -46.48 41.26
N LEU E 478 33.35 -47.60 40.78
CA LEU E 478 32.21 -48.26 41.40
C LEU E 478 32.73 -49.07 42.57
N LYS E 479 32.10 -48.93 43.73
CA LYS E 479 32.52 -49.66 44.91
C LYS E 479 31.44 -50.65 45.35
N SER E 480 31.81 -51.92 45.47
CA SER E 480 30.89 -52.95 45.90
C SER E 480 31.57 -53.93 46.85
N ASP E 481 30.89 -55.02 47.16
CA ASP E 481 31.43 -56.04 48.07
C ASP E 481 32.68 -56.73 47.53
N SER E 482 32.97 -56.54 46.24
CA SER E 482 34.17 -57.13 45.66
C SER E 482 35.34 -56.15 45.66
N GLY E 483 35.05 -54.87 45.83
CA GLY E 483 36.10 -53.86 45.90
C GLY E 483 35.82 -52.65 45.01
N LEU E 484 36.87 -51.89 44.70
CA LEU E 484 36.73 -50.70 43.87
C LEU E 484 37.17 -50.99 42.44
N LYS E 485 36.31 -50.64 41.49
CA LYS E 485 36.55 -50.87 40.08
C LYS E 485 36.63 -49.53 39.37
N ALA E 486 37.82 -49.17 38.91
CA ALA E 486 38.02 -47.87 38.26
C ALA E 486 37.29 -47.77 36.92
N TYR E 487 36.90 -46.57 36.54
CA TYR E 487 36.30 -46.32 35.23
C TYR E 487 37.42 -46.30 34.19
N ALA E 488 37.15 -46.83 32.99
CA ALA E 488 38.12 -46.77 31.89
C ALA E 488 38.00 -45.41 31.21
N ALA E 489 38.39 -44.35 31.91
CA ALA E 489 38.21 -43.00 31.40
C ALA E 489 39.27 -42.03 31.93
N ALA E 490 39.52 -40.96 31.17
CA ALA E 490 40.35 -39.87 31.64
C ALA E 490 39.44 -38.67 31.90
N THR E 491 39.56 -38.05 33.07
CA THR E 491 38.58 -37.04 33.47
C THR E 491 39.20 -35.68 33.84
N GLY E 492 38.69 -34.64 33.22
CA GLY E 492 39.15 -33.29 33.49
C GLY E 492 38.36 -32.62 34.60
N GLY E 493 38.64 -31.34 34.83
CA GLY E 493 37.94 -30.58 35.84
C GLY E 493 37.38 -29.27 35.32
N ASP E 494 37.15 -28.33 36.23
CA ASP E 494 36.57 -27.01 35.93
C ASP E 494 37.39 -26.19 34.94
N GLY E 495 38.70 -26.44 34.89
CA GLY E 495 39.57 -25.65 34.04
C GLY E 495 39.77 -26.17 32.63
N ASP E 496 40.65 -25.49 31.89
CA ASP E 496 41.01 -25.89 30.54
C ASP E 496 42.03 -27.02 30.60
N ASP E 497 41.57 -28.23 30.32
CA ASP E 497 42.39 -29.43 30.47
C ASP E 497 42.87 -30.00 29.14
N VAL E 498 44.04 -30.63 29.18
CA VAL E 498 44.52 -31.41 28.04
C VAL E 498 44.51 -32.89 28.41
N LEU E 499 43.69 -33.65 27.70
CA LEU E 499 43.48 -35.06 28.02
C LEU E 499 43.94 -35.96 26.88
N GLN E 500 45.01 -36.72 27.11
CA GLN E 500 45.48 -37.68 26.13
C GLN E 500 45.06 -39.10 26.55
N ALA E 501 44.37 -39.79 25.65
CA ALA E 501 43.89 -41.14 25.93
C ALA E 501 45.02 -42.13 26.20
N ARG E 502 44.84 -42.96 27.23
CA ARG E 502 45.75 -44.05 27.53
C ARG E 502 45.25 -45.32 26.87
N SER E 503 46.09 -46.34 26.78
CA SER E 503 45.75 -47.53 25.98
C SER E 503 44.37 -48.12 26.31
N HIS E 504 43.99 -48.11 27.59
CA HIS E 504 42.71 -48.74 27.97
C HIS E 504 41.57 -47.75 28.25
N ASP E 505 41.83 -46.47 28.04
CA ASP E 505 40.75 -45.49 28.14
C ASP E 505 39.69 -45.75 27.06
N ALA E 506 38.42 -45.67 27.45
CA ALA E 506 37.31 -45.78 26.51
C ALA E 506 36.56 -44.46 26.40
N TRP E 507 36.79 -43.57 27.37
CA TRP E 507 36.13 -42.27 27.42
C TRP E 507 37.10 -41.13 27.78
N LEU E 508 36.83 -39.94 27.24
CA LEU E 508 37.52 -38.72 27.65
C LEU E 508 36.46 -37.68 28.05
N PHE E 509 36.52 -37.20 29.29
CA PHE E 509 35.57 -36.19 29.79
C PHE E 509 36.23 -34.84 30.08
N GLY E 510 36.02 -33.85 29.23
CA GLY E 510 36.64 -32.54 29.47
C GLY E 510 35.99 -31.80 30.62
N ASN E 511 34.70 -32.05 30.80
CA ASN E 511 33.89 -31.29 31.73
C ASN E 511 33.93 -29.79 31.40
N ALA E 512 33.77 -28.94 32.41
CA ALA E 512 33.71 -27.51 32.18
C ALA E 512 35.02 -26.96 31.63
N GLY E 513 34.95 -25.75 31.09
CA GLY E 513 36.13 -25.14 30.48
C GLY E 513 36.39 -25.62 29.05
N ASN E 514 37.41 -24.98 28.46
CA ASN E 514 37.82 -25.25 27.10
C ASN E 514 38.94 -26.29 27.08
N ASP E 515 38.59 -27.50 26.70
CA ASP E 515 39.49 -28.65 26.81
C ASP E 515 39.99 -29.16 25.47
N THR E 516 41.14 -29.81 25.47
CA THR E 516 41.65 -30.48 24.28
C THR E 516 41.66 -31.98 24.53
N LEU E 517 40.89 -32.72 23.75
CA LEU E 517 40.80 -34.17 23.90
C LEU E 517 41.53 -34.86 22.76
N ILE E 518 42.59 -35.59 23.09
CA ILE E 518 43.43 -36.24 22.07
C ILE E 518 43.27 -37.76 22.07
N GLY E 519 42.92 -38.32 20.91
CA GLY E 519 42.72 -39.76 20.78
C GLY E 519 43.99 -40.59 20.67
N HIS E 520 43.82 -41.87 20.37
CA HIS E 520 44.96 -42.78 20.24
C HIS E 520 44.79 -43.73 19.05
N ALA E 521 45.89 -44.33 18.64
CA ALA E 521 45.96 -45.14 17.42
C ALA E 521 44.89 -46.23 17.34
N GLY E 522 44.52 -46.81 18.47
CA GLY E 522 43.54 -47.89 18.48
C GLY E 522 42.10 -47.45 18.30
N GLY E 523 41.85 -46.16 18.37
CA GLY E 523 40.48 -45.64 18.22
C GLY E 523 39.53 -46.24 19.25
N ASN E 524 38.27 -46.44 18.83
CA ASN E 524 37.21 -46.92 19.71
C ASN E 524 37.08 -46.09 20.98
N LEU E 525 37.26 -44.78 20.82
CA LEU E 525 37.23 -43.85 21.95
C LEU E 525 36.01 -42.95 21.91
N THR E 526 35.39 -42.71 23.07
CA THR E 526 34.25 -41.79 23.13
C THR E 526 34.69 -40.44 23.67
N PHE E 527 34.51 -39.39 22.85
CA PHE E 527 34.95 -38.03 23.19
C PHE E 527 33.79 -37.23 23.79
N VAL E 528 33.94 -36.72 25.01
CA VAL E 528 32.90 -35.89 25.61
C VAL E 528 33.47 -34.54 26.07
N GLY E 529 33.43 -33.53 25.21
CA GLY E 529 34.02 -32.23 25.53
C GLY E 529 33.36 -31.55 26.71
N GLY E 530 32.07 -31.85 26.91
CA GLY E 530 31.28 -31.21 27.96
C GLY E 530 30.96 -29.75 27.63
N SER E 531 30.56 -28.99 28.64
CA SER E 531 30.35 -27.57 28.43
C SER E 531 31.67 -26.89 28.03
N GLY E 532 31.56 -25.67 27.51
CA GLY E 532 32.73 -24.96 27.02
C GLY E 532 33.07 -25.32 25.59
N ASP E 533 34.05 -24.61 25.05
CA ASP E 533 34.47 -24.77 23.66
C ASP E 533 35.67 -25.72 23.58
N ASP E 534 35.42 -26.93 23.12
CA ASP E 534 36.39 -28.01 23.24
C ASP E 534 37.01 -28.38 21.88
N ILE E 535 38.27 -28.82 21.89
CA ILE E 535 38.93 -29.33 20.68
C ILE E 535 38.97 -30.86 20.77
N LEU E 536 38.46 -31.52 19.75
CA LEU E 536 38.38 -32.99 19.74
C LEU E 536 39.23 -33.55 18.60
N LYS E 537 40.31 -34.23 18.95
CA LYS E 537 41.21 -34.77 17.94
C LYS E 537 41.03 -36.28 17.77
N GLY E 538 40.24 -36.68 16.79
CA GLY E 538 40.03 -38.09 16.49
C GLY E 538 41.25 -38.74 15.86
N VAL E 539 41.54 -39.97 16.30
CA VAL E 539 42.65 -40.76 15.76
C VAL E 539 42.15 -42.17 15.51
N GLY E 540 42.46 -42.73 14.35
CA GLY E 540 42.02 -44.08 14.02
C GLY E 540 40.50 -44.21 13.85
N ASN E 541 39.99 -45.43 14.04
CA ASN E 541 38.62 -45.75 13.67
C ASN E 541 37.70 -46.11 14.85
N GLY E 542 36.40 -46.05 14.61
CA GLY E 542 35.41 -46.48 15.59
C GLY E 542 35.22 -45.56 16.77
N ASN E 543 35.56 -44.28 16.60
CA ASN E 543 35.34 -43.29 17.65
C ASN E 543 33.90 -42.78 17.69
N THR E 544 33.45 -42.36 18.88
CA THR E 544 32.16 -41.71 19.06
C THR E 544 32.38 -40.32 19.62
N PHE E 545 31.69 -39.34 19.04
CA PHE E 545 31.74 -37.98 19.53
C PHE E 545 30.37 -37.64 20.09
N LEU E 546 30.33 -37.36 21.39
CA LEU E 546 29.07 -37.24 22.12
C LEU E 546 28.82 -35.82 22.63
N PHE E 547 27.59 -35.32 22.41
CA PHE E 547 27.20 -33.96 22.75
C PHE E 547 25.81 -33.96 23.39
N SER E 548 25.62 -33.22 24.48
CA SER E 548 24.32 -33.20 25.16
C SER E 548 24.00 -31.82 25.75
N GLY E 549 22.72 -31.44 25.72
CA GLY E 549 22.31 -30.15 26.27
C GLY E 549 23.06 -28.99 25.61
N ASP E 550 23.38 -27.97 26.39
CA ASP E 550 24.15 -26.84 25.87
C ASP E 550 25.62 -27.27 25.88
N PHE E 551 26.16 -27.67 24.73
CA PHE E 551 27.52 -28.24 24.72
C PHE E 551 28.62 -27.29 24.21
N GLY E 552 28.27 -26.01 24.02
CA GLY E 552 29.23 -25.01 23.59
C GLY E 552 29.62 -25.13 22.12
N ARG E 553 30.74 -24.54 21.76
CA ARG E 553 31.19 -24.57 20.37
C ARG E 553 32.49 -25.36 20.23
N ASP E 554 32.37 -26.55 19.67
CA ASP E 554 33.48 -27.48 19.54
C ASP E 554 34.06 -27.51 18.11
N GLN E 555 35.32 -27.92 18.01
CA GLN E 555 35.96 -28.20 16.72
C GLN E 555 36.40 -29.66 16.70
N LEU E 556 36.06 -30.38 15.64
CA LEU E 556 36.29 -31.80 15.56
C LEU E 556 37.23 -32.15 14.40
N TYR E 557 38.42 -32.66 14.74
CA TYR E 557 39.44 -33.03 13.75
C TYR E 557 39.49 -34.55 13.56
N GLY E 558 39.78 -34.97 12.33
CA GLY E 558 40.01 -36.38 12.02
C GLY E 558 38.81 -37.29 11.86
N PHE E 559 37.63 -36.70 11.65
CA PHE E 559 36.41 -37.51 11.47
C PHE E 559 36.55 -38.39 10.23
N ASN E 560 36.02 -39.61 10.27
CA ASN E 560 36.04 -40.51 9.10
C ASN E 560 34.81 -41.41 9.03
N ALA E 561 34.74 -42.24 7.99
CA ALA E 561 33.55 -43.06 7.71
C ALA E 561 33.20 -44.08 8.80
N SER E 562 34.14 -44.37 9.69
CA SER E 562 33.91 -45.35 10.76
C SER E 562 33.47 -44.71 12.08
N ASP E 563 33.51 -43.37 12.13
CA ASP E 563 33.17 -42.64 13.34
C ASP E 563 31.66 -42.33 13.46
N LYS E 564 31.24 -41.91 14.65
CA LYS E 564 29.82 -41.68 14.95
C LYS E 564 29.65 -40.39 15.76
N LEU E 565 28.58 -39.64 15.47
CA LEU E 565 28.16 -38.49 16.25
C LEU E 565 26.87 -38.83 17.01
N VAL E 566 26.78 -38.43 18.27
CA VAL E 566 25.56 -38.66 19.05
C VAL E 566 25.19 -37.37 19.77
N PHE E 567 23.98 -36.89 19.48
CA PHE E 567 23.39 -35.70 20.09
C PHE E 567 22.17 -36.10 20.90
N ILE E 568 22.18 -35.81 22.21
CA ILE E 568 21.05 -36.16 23.06
C ILE E 568 20.52 -34.95 23.82
N GLY E 569 19.23 -34.67 23.67
CA GLY E 569 18.61 -33.52 24.33
C GLY E 569 19.25 -32.20 23.91
N THR E 570 19.41 -32.01 22.61
CA THR E 570 20.02 -30.79 22.07
C THR E 570 18.98 -29.90 21.37
N GLU E 571 19.36 -28.64 21.12
CA GLU E 571 18.44 -27.69 20.48
C GLU E 571 18.01 -28.20 19.11
N GLY E 572 16.76 -27.92 18.73
CA GLY E 572 16.22 -28.31 17.44
C GLY E 572 15.35 -29.54 17.48
N ALA E 573 14.27 -29.54 16.70
CA ALA E 573 13.28 -30.62 16.71
C ALA E 573 13.52 -31.65 15.59
N SER E 574 14.23 -31.24 14.56
CA SER E 574 14.45 -32.10 13.39
C SER E 574 15.26 -33.35 13.71
N GLY E 575 14.87 -34.47 13.11
CA GLY E 575 15.63 -35.71 13.22
C GLY E 575 16.58 -35.94 12.05
N ASN E 576 16.70 -34.94 11.17
CA ASN E 576 17.58 -35.02 9.98
C ASN E 576 18.80 -34.11 10.09
N ILE E 577 19.99 -34.70 10.17
CA ILE E 577 21.19 -33.93 10.44
C ILE E 577 21.42 -32.84 9.38
N ARG E 578 20.91 -33.08 8.17
CA ARG E 578 21.09 -32.15 7.05
C ARG E 578 20.50 -30.78 7.33
N ASP E 579 19.45 -30.75 8.14
CA ASP E 579 18.78 -29.51 8.47
C ASP E 579 19.64 -28.62 9.38
N TYR E 580 20.70 -29.22 9.94
CA TYR E 580 21.59 -28.49 10.84
C TYR E 580 22.88 -28.08 10.14
N ALA E 581 23.11 -28.62 8.95
CA ALA E 581 24.43 -28.55 8.31
C ALA E 581 24.62 -27.41 7.31
N THR E 582 25.80 -26.81 7.33
CA THR E 582 26.20 -25.85 6.31
C THR E 582 27.68 -26.01 6.00
N GLN E 583 28.02 -25.96 4.72
CA GLN E 583 29.40 -26.12 4.30
C GLN E 583 30.08 -24.76 4.34
N GLN E 584 31.15 -24.66 5.12
CA GLN E 584 32.01 -23.49 5.12
C GLN E 584 33.35 -23.92 4.57
N ASN E 585 33.56 -23.69 3.27
CA ASN E 585 34.80 -24.10 2.64
C ASN E 585 35.01 -25.60 2.78
N ASP E 586 36.15 -25.99 3.35
CA ASP E 586 36.46 -27.42 3.52
C ASP E 586 35.94 -27.97 4.86
N ASP E 587 35.17 -27.18 5.59
CA ASP E 587 34.65 -27.61 6.89
C ASP E 587 33.12 -27.67 6.91
N LEU E 588 32.58 -28.57 7.72
CA LEU E 588 31.14 -28.75 7.85
C LEU E 588 30.67 -28.30 9.22
N VAL E 589 29.82 -27.28 9.26
CA VAL E 589 29.31 -26.75 10.53
C VAL E 589 27.91 -27.28 10.87
N LEU E 590 27.81 -28.01 11.98
CA LEU E 590 26.53 -28.47 12.48
C LEU E 590 26.06 -27.56 13.62
N ALA E 591 25.04 -26.75 13.34
CA ALA E 591 24.63 -25.68 14.26
C ALA E 591 23.40 -26.06 15.09
N PHE E 592 23.55 -25.95 16.40
CA PHE E 592 22.48 -26.27 17.34
C PHE E 592 22.14 -25.05 18.18
N GLY E 593 21.82 -23.94 17.52
CA GLY E 593 21.53 -22.71 18.22
C GLY E 593 22.74 -22.16 18.94
N HIS E 594 22.70 -22.18 20.27
CA HIS E 594 23.81 -21.66 21.05
C HIS E 594 25.04 -22.58 21.01
N SER E 595 24.83 -23.83 20.60
CA SER E 595 25.91 -24.79 20.49
C SER E 595 26.15 -25.16 19.04
N GLN E 596 27.35 -25.68 18.75
CA GLN E 596 27.65 -26.17 17.40
C GLN E 596 28.92 -26.99 17.43
N VAL E 597 29.08 -27.85 16.43
CA VAL E 597 30.36 -28.51 16.24
C VAL E 597 30.80 -28.36 14.78
N THR E 598 32.05 -27.97 14.59
CA THR E 598 32.62 -27.83 13.25
C THR E 598 33.50 -29.04 12.96
N LEU E 599 33.16 -29.78 11.91
CA LEU E 599 33.97 -30.91 11.51
C LEU E 599 34.96 -30.45 10.45
N ILE E 600 36.24 -30.48 10.78
CA ILE E 600 37.26 -29.97 9.87
C ILE E 600 37.59 -30.95 8.75
N GLY E 601 37.66 -30.44 7.53
CA GLY E 601 38.02 -31.25 6.36
C GLY E 601 36.97 -32.27 5.98
N VAL E 602 35.72 -31.98 6.30
CA VAL E 602 34.62 -32.90 6.02
C VAL E 602 33.52 -32.21 5.20
N SER E 603 32.88 -32.98 4.32
CA SER E 603 31.70 -32.49 3.60
C SER E 603 30.53 -33.44 3.85
N LEU E 604 29.32 -32.88 3.86
CA LEU E 604 28.11 -33.62 4.21
C LEU E 604 27.88 -34.86 3.36
N ASP E 605 28.23 -34.80 2.07
CA ASP E 605 28.00 -35.93 1.18
C ASP E 605 28.75 -37.20 1.60
N HIS E 606 29.69 -37.07 2.53
CA HIS E 606 30.46 -38.23 2.98
C HIS E 606 30.02 -38.76 4.35
N ILE E 607 28.93 -38.22 4.88
CA ILE E 607 28.40 -38.69 6.16
C ILE E 607 27.17 -39.57 5.93
N SER E 608 27.27 -40.84 6.31
CA SER E 608 26.16 -41.77 6.16
C SER E 608 25.16 -41.62 7.32
N THR E 609 23.89 -41.91 7.04
CA THR E 609 22.84 -41.73 8.05
C THR E 609 23.11 -42.51 9.32
N ASP E 610 23.70 -43.69 9.20
CA ASP E 610 23.98 -44.50 10.39
C ASP E 610 25.14 -43.95 11.22
N GLN E 611 25.81 -42.91 10.71
CA GLN E 611 26.88 -42.26 11.47
C GLN E 611 26.37 -41.20 12.47
N VAL E 612 25.08 -40.89 12.42
CA VAL E 612 24.55 -39.85 13.30
C VAL E 612 23.30 -40.27 14.09
N VAL E 613 23.29 -39.95 15.38
CA VAL E 613 22.08 -40.12 16.20
C VAL E 613 21.64 -38.77 16.72
N LEU E 614 20.38 -38.44 16.44
CA LEU E 614 19.72 -37.28 17.01
C LEU E 614 18.61 -37.81 17.90
N ALA E 615 18.78 -37.64 19.22
CA ALA E 615 17.86 -38.22 20.20
C ALA E 615 17.39 -37.19 21.23
N SER F 1 29.86 -2.09 3.80
CA SER F 1 30.77 -2.93 2.95
C SER F 1 31.17 -2.25 1.62
N HIS F 2 32.32 -2.64 1.08
CA HIS F 2 32.82 -2.08 -0.19
C HIS F 2 32.21 -2.78 -1.41
N MET F 3 31.79 -2.00 -2.40
CA MET F 3 31.26 -2.58 -3.64
C MET F 3 32.14 -2.30 -4.87
N GLY F 4 33.24 -1.57 -4.68
CA GLY F 4 34.15 -1.25 -5.79
C GLY F 4 33.89 0.16 -6.30
N ILE F 5 34.94 0.84 -6.77
CA ILE F 5 34.83 2.25 -7.16
C ILE F 5 33.80 2.43 -8.30
N PHE F 6 33.70 1.43 -9.17
CA PHE F 6 32.81 1.53 -10.34
C PHE F 6 31.46 0.80 -10.13
N SER F 7 31.08 0.62 -8.86
CA SER F 7 29.79 -0.01 -8.54
C SER F 7 28.65 0.79 -9.16
N TYR F 8 27.62 0.10 -9.65
CA TYR F 8 26.51 0.74 -10.38
C TYR F 8 25.15 0.24 -9.88
N LYS F 9 24.28 1.18 -9.50
CA LYS F 9 22.92 0.84 -9.03
C LYS F 9 22.96 -0.29 -8.01
N ASP F 10 22.17 -1.34 -8.22
CA ASP F 10 22.14 -2.46 -7.28
C ASP F 10 22.77 -3.72 -7.87
N LEU F 11 23.61 -3.57 -8.88
CA LEU F 11 24.33 -4.70 -9.45
C LEU F 11 25.30 -5.27 -8.41
N ASP F 12 25.54 -6.58 -8.45
CA ASP F 12 26.58 -7.09 -7.56
C ASP F 12 27.92 -6.72 -8.18
N GLU F 13 28.99 -6.91 -7.41
CA GLU F 13 30.29 -6.41 -7.81
C GLU F 13 30.78 -6.94 -9.17
N ASN F 14 30.71 -8.25 -9.38
CA ASN F 14 31.16 -8.80 -10.66
C ASN F 14 30.36 -8.26 -11.85
N ALA F 15 29.05 -8.06 -11.67
CA ALA F 15 28.22 -7.48 -12.72
C ALA F 15 28.61 -6.04 -13.05
N SER F 16 28.84 -5.23 -12.02
CA SER F 16 29.31 -3.86 -12.21
C SER F 16 30.65 -3.80 -12.92
N LYS F 17 31.56 -4.71 -12.57
CA LYS F 17 32.90 -4.76 -13.22
C LYS F 17 32.79 -5.09 -14.72
N ALA F 18 31.94 -6.07 -15.05
CA ALA F 18 31.70 -6.42 -16.45
C ALA F 18 31.08 -5.25 -17.24
N LEU F 19 30.08 -4.60 -16.65
CA LEU F 19 29.48 -3.43 -17.27
C LEU F 19 30.53 -2.36 -17.56
N PHE F 20 31.34 -2.04 -16.54
CA PHE F 20 32.36 -1.00 -16.73
C PHE F 20 33.29 -1.35 -17.89
N SER F 21 33.76 -2.59 -17.93
CA SER F 21 34.65 -3.03 -19.00
C SER F 21 34.05 -2.83 -20.40
N ASP F 22 32.79 -3.21 -20.56
CA ASP F 22 32.07 -3.04 -21.84
C ASP F 22 31.94 -1.57 -22.20
N ALA F 23 31.51 -0.77 -21.24
CA ALA F 23 31.34 0.67 -21.43
C ALA F 23 32.64 1.34 -21.88
N LEU F 24 33.74 1.05 -21.19
CA LEU F 24 35.01 1.70 -21.53
C LEU F 24 35.46 1.24 -22.93
N ALA F 25 35.22 -0.02 -23.27
CA ALA F 25 35.62 -0.51 -24.59
C ALA F 25 34.86 0.22 -25.71
N ILE F 26 33.55 0.35 -25.58
CA ILE F 26 32.78 1.01 -26.65
C ILE F 26 33.02 2.54 -26.68
N SER F 27 33.26 3.13 -25.51
CA SER F 27 33.56 4.57 -25.45
C SER F 27 34.86 4.86 -26.20
N THR F 28 35.87 4.04 -25.96
CA THR F 28 37.16 4.20 -26.62
C THR F 28 37.04 4.01 -28.14
N TYR F 29 36.31 2.97 -28.53
CA TYR F 29 36.14 2.64 -29.95
C TYR F 29 35.60 3.82 -30.78
N ALA F 30 34.72 4.61 -30.18
CA ALA F 30 34.10 5.74 -30.89
C ALA F 30 35.14 6.73 -31.44
N TYR F 31 36.34 6.76 -30.84
CA TYR F 31 37.41 7.65 -31.34
C TYR F 31 38.23 7.06 -32.49
N HIS F 32 38.04 5.77 -32.79
CA HIS F 32 38.79 5.10 -33.86
C HIS F 32 40.31 5.35 -33.83
N ASN F 33 40.90 5.32 -32.63
CA ASN F 33 42.36 5.44 -32.44
C ASN F 33 42.96 6.76 -32.91
N ILE F 34 42.17 7.83 -32.86
CA ILE F 34 42.65 9.14 -33.33
C ILE F 34 43.91 9.63 -32.58
N ASP F 35 44.01 9.24 -31.30
CA ASP F 35 45.15 9.60 -30.45
C ASP F 35 46.25 8.53 -30.33
N ASN F 36 46.27 7.58 -31.26
CA ASN F 36 47.28 6.53 -31.27
C ASN F 36 48.68 7.15 -31.35
N GLY F 37 48.86 8.11 -32.25
CA GLY F 37 50.16 8.79 -32.40
C GLY F 37 50.54 9.57 -31.13
N PHE F 38 49.56 10.26 -30.53
CA PHE F 38 49.80 10.99 -29.27
C PHE F 38 50.26 10.02 -28.18
N ASP F 39 49.64 8.84 -28.10
CA ASP F 39 50.03 7.78 -27.15
C ASP F 39 51.53 7.41 -27.30
N GLU F 40 51.95 7.06 -28.52
CA GLU F 40 53.37 6.73 -28.75
C GLU F 40 54.26 7.91 -28.41
N GLY F 41 53.90 9.08 -28.93
CA GLY F 41 54.71 10.28 -28.75
C GLY F 41 54.90 10.62 -27.28
N TYR F 42 53.81 10.68 -26.53
CA TYR F 42 53.87 11.04 -25.12
C TYR F 42 54.78 10.08 -24.36
N HIS F 43 54.60 8.79 -24.60
CA HIS F 43 55.41 7.82 -23.85
C HIS F 43 56.90 7.88 -24.23
N GLN F 44 57.17 8.16 -25.50
CA GLN F 44 58.56 8.21 -26.01
C GLN F 44 59.32 9.49 -25.60
N THR F 45 58.68 10.65 -25.77
CA THR F 45 59.38 11.93 -25.60
C THR F 45 58.78 12.87 -24.54
N GLY F 46 57.64 12.49 -23.98
CA GLY F 46 57.09 13.19 -22.82
C GLY F 46 56.45 14.55 -23.08
N PHE F 47 56.57 15.45 -22.09
CA PHE F 47 55.80 16.68 -22.10
C PHE F 47 56.62 17.90 -21.65
N GLY F 48 57.95 17.74 -21.64
CA GLY F 48 58.85 18.82 -21.26
C GLY F 48 59.67 19.28 -22.45
N LEU F 49 60.99 19.15 -22.36
CA LEU F 49 61.88 19.52 -23.48
C LEU F 49 61.46 18.79 -24.76
N GLY F 50 60.92 17.58 -24.60
CA GLY F 50 60.51 16.76 -25.77
C GLY F 50 59.11 17.06 -26.32
N LEU F 51 58.43 18.03 -25.76
CA LEU F 51 57.06 18.33 -26.20
C LEU F 51 56.90 18.51 -27.73
N PRO F 52 57.79 19.28 -28.38
CA PRO F 52 57.66 19.41 -29.85
C PRO F 52 57.67 18.07 -30.59
N LEU F 53 58.54 17.15 -30.15
CA LEU F 53 58.61 15.83 -30.78
C LEU F 53 57.34 15.03 -30.51
N THR F 54 56.80 15.17 -29.30
CA THR F 54 55.54 14.53 -28.94
C THR F 54 54.42 15.00 -29.86
N LEU F 55 54.36 16.31 -30.12
CA LEU F 55 53.28 16.85 -30.97
C LEU F 55 53.42 16.41 -32.44
N ILE F 56 54.65 16.35 -32.94
CA ILE F 56 54.88 15.83 -34.30
C ILE F 56 54.33 14.42 -34.43
N THR F 57 54.66 13.57 -33.47
CA THR F 57 54.18 12.19 -33.50
C THR F 57 52.64 12.13 -33.37
N ALA F 58 52.06 13.05 -32.59
CA ALA F 58 50.60 13.14 -32.48
C ALA F 58 49.96 13.42 -33.85
N LEU F 59 50.61 14.25 -34.65
CA LEU F 59 50.09 14.62 -35.97
C LEU F 59 50.27 13.56 -37.06
N ILE F 60 51.45 12.93 -37.13
CA ILE F 60 51.77 12.06 -38.27
C ILE F 60 52.16 10.61 -37.91
N GLY F 61 52.13 10.28 -36.61
CA GLY F 61 52.48 8.93 -36.18
C GLY F 61 53.90 8.52 -36.52
N SER F 62 54.10 7.23 -36.78
CA SER F 62 55.42 6.70 -37.08
C SER F 62 55.24 5.40 -37.85
N THR F 63 56.24 4.53 -37.88
CA THR F 63 56.03 3.21 -38.48
C THR F 63 55.25 2.33 -37.50
N GLN F 64 55.11 2.80 -36.25
CA GLN F 64 54.44 2.04 -35.17
C GLN F 64 53.11 2.59 -34.67
N SER F 65 52.74 3.80 -35.10
CA SER F 65 51.49 4.40 -34.66
C SER F 65 50.93 5.29 -35.78
N GLN F 66 49.63 5.56 -35.74
CA GLN F 66 48.99 6.47 -36.70
C GLN F 66 48.52 7.73 -35.98
N GLY F 67 48.98 8.89 -36.45
CA GLY F 67 48.58 10.16 -35.86
C GLY F 67 47.28 10.67 -36.47
N GLY F 68 47.03 11.98 -36.38
CA GLY F 68 45.77 12.56 -36.87
C GLY F 68 45.58 12.50 -38.39
N LEU F 69 46.68 12.46 -39.14
CA LEU F 69 46.60 12.51 -40.60
C LEU F 69 46.31 11.13 -41.18
N PRO F 70 45.39 11.06 -42.15
CA PRO F 70 45.13 9.80 -42.83
C PRO F 70 46.04 9.59 -44.04
N GLY F 71 46.04 8.37 -44.56
CA GLY F 71 46.64 8.11 -45.86
C GLY F 71 48.16 8.02 -45.97
N LEU F 72 48.87 7.94 -44.85
CA LEU F 72 50.33 7.78 -44.90
C LEU F 72 50.64 6.27 -44.93
N PRO F 73 51.23 5.77 -46.02
CA PRO F 73 51.32 4.30 -46.18
C PRO F 73 52.25 3.61 -45.18
N TRP F 74 53.18 4.35 -44.59
CA TRP F 74 54.10 3.76 -43.59
C TRP F 74 53.52 3.70 -42.16
N ASN F 75 52.35 4.32 -41.94
CA ASN F 75 51.65 4.22 -40.67
C ASN F 75 50.94 2.87 -40.62
N PRO F 76 50.81 2.28 -39.43
CA PRO F 76 49.95 1.10 -39.32
C PRO F 76 48.48 1.50 -39.43
N ASP F 77 47.61 0.54 -39.70
CA ASP F 77 46.17 0.82 -39.80
C ASP F 77 45.53 0.82 -38.41
N SER F 78 45.50 2.00 -37.78
CA SER F 78 45.05 2.09 -36.39
C SER F 78 43.53 1.91 -36.29
N GLU F 79 42.84 2.14 -37.40
CA GLU F 79 41.38 1.99 -37.37
C GLU F 79 41.04 0.49 -37.36
N GLN F 80 41.81 -0.31 -38.09
CA GLN F 80 41.65 -1.75 -38.02
C GLN F 80 41.98 -2.26 -36.60
N ALA F 81 43.05 -1.73 -35.99
CA ALA F 81 43.40 -2.06 -34.60
C ALA F 81 42.25 -1.73 -33.62
N ALA F 82 41.61 -0.58 -33.81
CA ALA F 82 40.47 -0.18 -32.99
C ALA F 82 39.30 -1.16 -33.11
N GLN F 83 39.01 -1.60 -34.34
CA GLN F 83 37.94 -2.57 -34.56
C GLN F 83 38.25 -3.91 -33.89
N GLU F 84 39.51 -4.34 -33.99
CA GLU F 84 39.94 -5.59 -33.38
C GLU F 84 39.73 -5.57 -31.87
N ALA F 85 40.04 -4.44 -31.24
CA ALA F 85 39.91 -4.30 -29.80
C ALA F 85 38.45 -4.38 -29.35
N VAL F 86 37.58 -3.64 -30.02
CA VAL F 86 36.17 -3.63 -29.62
C VAL F 86 35.53 -5.01 -29.90
N ASN F 87 35.91 -5.63 -31.01
CA ASN F 87 35.46 -6.98 -31.34
C ASN F 87 35.95 -8.01 -30.32
N ASN F 88 37.19 -7.86 -29.85
CA ASN F 88 37.75 -8.74 -28.83
C ASN F 88 37.00 -8.58 -27.51
N ALA F 89 36.47 -7.39 -27.27
CA ALA F 89 35.68 -7.11 -26.09
C ALA F 89 34.26 -7.69 -26.20
N GLY F 90 33.95 -8.28 -27.36
CA GLY F 90 32.68 -8.97 -27.58
C GLY F 90 31.63 -8.21 -28.39
N TRP F 91 32.00 -7.06 -28.92
CA TRP F 91 31.07 -6.12 -29.60
C TRP F 91 31.35 -5.93 -31.08
N SER F 92 30.32 -6.00 -31.90
CA SER F 92 30.47 -5.71 -33.33
C SER F 92 29.39 -4.75 -33.83
N VAL F 93 29.75 -3.92 -34.80
CA VAL F 93 28.85 -2.90 -35.31
C VAL F 93 27.58 -3.46 -35.95
N ILE F 94 26.44 -2.82 -35.68
CA ILE F 94 25.17 -3.19 -36.29
C ILE F 94 24.88 -2.23 -37.44
N SER F 95 24.51 -2.78 -38.60
CA SER F 95 24.36 -1.96 -39.82
C SER F 95 23.05 -1.19 -39.87
N ALA F 96 23.04 -0.12 -40.67
CA ALA F 96 21.82 0.66 -40.86
C ALA F 96 20.72 -0.21 -41.47
N THR F 97 21.08 -1.11 -42.36
CA THR F 97 20.11 -2.02 -42.95
C THR F 97 19.42 -2.88 -41.87
N GLN F 98 20.20 -3.36 -40.90
CA GLN F 98 19.65 -4.15 -39.80
C GLN F 98 18.64 -3.35 -38.98
N LEU F 99 18.93 -2.06 -38.81
CA LEU F 99 18.09 -1.15 -38.01
C LEU F 99 16.93 -0.52 -38.78
N GLY F 100 16.91 -0.69 -40.10
CA GLY F 100 15.90 -0.02 -40.91
C GLY F 100 16.05 1.50 -40.87
N TYR F 101 17.28 1.96 -40.72
CA TYR F 101 17.59 3.38 -40.54
C TYR F 101 18.04 4.00 -41.85
N ALA F 102 17.34 5.06 -42.26
CA ALA F 102 17.60 5.72 -43.55
C ALA F 102 18.48 6.98 -43.43
N GLY F 103 19.08 7.20 -42.26
CA GLY F 103 19.92 8.37 -42.06
C GLY F 103 21.35 8.18 -42.55
N LYS F 104 22.24 9.08 -42.15
CA LYS F 104 23.60 9.05 -42.66
C LYS F 104 24.54 8.15 -41.87
N THR F 105 25.29 7.30 -42.59
CA THR F 105 26.40 6.53 -42.01
C THR F 105 27.62 6.67 -42.92
N ASP F 106 28.81 6.41 -42.39
CA ASP F 106 30.02 6.43 -43.24
C ASP F 106 30.51 5.02 -43.54
N ALA F 107 31.68 4.91 -44.16
CA ALA F 107 32.16 3.60 -44.64
C ALA F 107 32.52 2.66 -43.50
N ARG F 108 32.75 3.22 -42.32
CA ARG F 108 33.10 2.44 -41.12
C ARG F 108 31.86 2.05 -40.32
N GLY F 109 30.70 2.50 -40.78
CA GLY F 109 29.41 2.19 -40.15
C GLY F 109 29.01 3.16 -39.04
N THR F 110 29.72 4.26 -38.92
CA THR F 110 29.45 5.27 -37.89
C THR F 110 28.20 6.06 -38.27
N TYR F 111 27.34 6.36 -37.29
CA TYR F 111 26.09 7.11 -37.53
C TYR F 111 26.32 8.61 -37.28
N TYR F 112 25.68 9.47 -38.07
CA TYR F 112 25.89 10.92 -37.95
C TYR F 112 24.65 11.65 -37.44
N GLY F 113 24.88 12.78 -36.75
CA GLY F 113 23.79 13.61 -36.22
C GLY F 113 22.76 14.02 -37.25
N GLU F 114 21.49 14.05 -36.84
CA GLU F 114 20.35 14.15 -37.75
C GLU F 114 19.78 15.56 -38.00
N THR F 115 20.02 16.50 -37.07
CA THR F 115 19.41 17.83 -37.09
C THR F 115 20.42 18.91 -37.45
N ALA F 116 20.00 19.96 -38.15
CA ALA F 116 20.92 21.07 -38.46
C ALA F 116 21.55 21.58 -37.17
N GLY F 117 22.87 21.72 -37.18
CA GLY F 117 23.62 22.17 -35.99
C GLY F 117 24.19 21.01 -35.20
N TYR F 118 23.80 19.79 -35.57
CA TYR F 118 24.26 18.59 -34.87
C TYR F 118 24.88 17.56 -35.84
N THR F 119 25.13 17.98 -37.08
CA THR F 119 25.58 17.04 -38.14
C THR F 119 27.01 16.52 -37.97
N THR F 120 27.77 17.06 -37.01
CA THR F 120 29.12 16.55 -36.73
C THR F 120 29.13 15.65 -35.51
N ALA F 121 27.96 15.39 -34.93
CA ALA F 121 27.86 14.39 -33.88
C ALA F 121 28.07 13.00 -34.48
N GLN F 122 28.71 12.10 -33.72
CA GLN F 122 28.89 10.71 -34.17
C GLN F 122 28.48 9.72 -33.07
N ALA F 123 27.83 8.63 -33.47
CA ALA F 123 27.50 7.53 -32.55
C ALA F 123 27.82 6.16 -33.16
N GLU F 124 28.09 5.18 -32.30
CA GLU F 124 28.27 3.79 -32.72
C GLU F 124 27.18 2.93 -32.09
N VAL F 125 26.64 1.99 -32.86
CA VAL F 125 25.67 1.03 -32.34
C VAL F 125 26.23 -0.38 -32.53
N LEU F 126 26.42 -1.10 -31.43
CA LEU F 126 27.06 -2.44 -31.49
C LEU F 126 26.23 -3.52 -30.77
N GLY F 127 26.47 -4.77 -31.14
CA GLY F 127 25.81 -5.89 -30.48
C GLY F 127 26.78 -6.90 -29.90
N LYS F 128 26.31 -7.60 -28.87
CA LYS F 128 27.02 -8.73 -28.27
C LYS F 128 26.18 -9.98 -28.48
N TYR F 129 26.83 -11.09 -28.81
CA TYR F 129 26.10 -12.31 -29.19
C TYR F 129 26.53 -13.54 -28.39
N ASP F 130 25.60 -14.46 -28.14
CA ASP F 130 25.95 -15.68 -27.41
C ASP F 130 26.55 -16.71 -28.35
N SER F 131 26.88 -17.89 -27.81
CA SER F 131 27.36 -18.99 -28.63
C SER F 131 26.18 -19.60 -29.38
N GLU F 132 25.97 -19.15 -30.61
CA GLU F 132 24.84 -19.59 -31.44
C GLU F 132 24.30 -18.42 -32.26
N GLY F 133 24.84 -17.24 -32.01
CA GLY F 133 24.52 -16.06 -32.80
C GLY F 133 23.34 -15.23 -32.33
N ASN F 134 22.81 -15.56 -31.15
CA ASN F 134 21.71 -14.79 -30.57
C ASN F 134 22.21 -13.47 -29.97
N LEU F 135 21.53 -12.37 -30.29
CA LEU F 135 21.88 -11.08 -29.72
C LEU F 135 21.52 -11.08 -28.25
N THR F 136 22.45 -10.66 -27.40
CA THR F 136 22.24 -10.71 -25.96
C THR F 136 22.33 -9.34 -25.29
N ALA F 137 22.96 -8.39 -25.99
CA ALA F 137 23.09 -7.03 -25.48
C ALA F 137 23.33 -6.04 -26.63
N ILE F 138 23.03 -4.77 -26.36
CA ILE F 138 23.28 -3.69 -27.30
C ILE F 138 24.10 -2.59 -26.62
N GLY F 139 25.04 -2.03 -27.36
CA GLY F 139 25.88 -0.95 -26.85
C GLY F 139 25.73 0.26 -27.76
N ILE F 140 25.54 1.41 -27.15
CA ILE F 140 25.46 2.69 -27.86
C ILE F 140 26.58 3.58 -27.36
N SER F 141 27.47 4.05 -28.25
CA SER F 141 28.60 4.89 -27.83
C SER F 141 28.58 6.22 -28.58
N PHE F 142 28.74 7.32 -27.86
CA PHE F 142 28.77 8.64 -28.47
C PHE F 142 30.20 9.17 -28.50
N ARG F 143 30.62 9.69 -29.65
CA ARG F 143 31.98 10.22 -29.79
C ARG F 143 32.13 11.61 -29.13
N GLY F 144 33.28 11.85 -28.49
CA GLY F 144 33.63 13.20 -27.99
C GLY F 144 34.03 14.12 -29.13
N THR F 145 34.59 15.27 -28.80
CA THR F 145 35.02 16.24 -29.79
C THR F 145 36.09 15.63 -30.70
N SER F 146 35.87 15.81 -32.00
CA SER F 146 36.66 15.28 -33.14
C SER F 146 35.78 14.41 -34.05
N GLY F 147 36.38 13.94 -35.15
CA GLY F 147 35.65 13.14 -36.13
C GLY F 147 36.63 12.32 -36.97
N PRO F 148 36.12 11.68 -38.03
CA PRO F 148 36.96 10.86 -38.90
C PRO F 148 38.17 11.64 -39.38
N ARG F 149 39.30 10.96 -39.51
CA ARG F 149 40.52 11.61 -39.98
C ARG F 149 40.29 12.38 -41.28
N GLU F 150 39.47 11.82 -42.17
CA GLU F 150 39.24 12.40 -43.50
C GLU F 150 38.50 13.75 -43.49
N SER F 151 37.87 14.11 -42.37
CA SER F 151 37.18 15.40 -42.28
C SER F 151 37.41 16.02 -40.90
N LEU F 152 38.60 15.79 -40.35
CA LEU F 152 38.89 16.10 -38.96
C LEU F 152 38.68 17.58 -38.56
N ILE F 153 39.25 18.51 -39.32
CA ILE F 153 39.20 19.92 -38.93
C ILE F 153 37.76 20.48 -38.96
N GLY F 154 37.06 20.31 -40.07
CA GLY F 154 35.68 20.79 -40.17
C GLY F 154 34.76 20.15 -39.14
N ASP F 155 34.95 18.85 -38.93
CA ASP F 155 34.09 18.12 -38.01
C ASP F 155 34.32 18.64 -36.59
N THR F 156 35.60 18.85 -36.27
CA THR F 156 35.99 19.34 -34.93
C THR F 156 35.44 20.73 -34.67
N ILE F 157 35.52 21.63 -35.65
CA ILE F 157 34.92 22.96 -35.51
C ILE F 157 33.45 22.88 -35.15
N GLY F 158 32.71 22.03 -35.88
CA GLY F 158 31.30 21.81 -35.56
C GLY F 158 31.07 21.36 -34.12
N ASP F 159 31.88 20.40 -33.65
CA ASP F 159 31.82 19.89 -32.27
C ASP F 159 32.12 21.02 -31.26
N VAL F 160 33.12 21.85 -31.55
CA VAL F 160 33.48 22.96 -30.63
C VAL F 160 32.33 23.95 -30.49
N ILE F 161 31.62 24.21 -31.59
CA ILE F 161 30.45 25.06 -31.52
C ILE F 161 29.40 24.44 -30.58
N ASN F 162 29.18 23.13 -30.69
CA ASN F 162 28.27 22.44 -29.77
C ASN F 162 28.76 22.59 -28.32
N ASP F 163 30.07 22.37 -28.11
CA ASP F 163 30.71 22.48 -26.78
C ASP F 163 30.47 23.86 -26.15
N LEU F 164 30.67 24.90 -26.94
CA LEU F 164 30.50 26.27 -26.50
C LEU F 164 29.03 26.57 -26.14
N LEU F 165 28.10 26.07 -26.96
CA LEU F 165 26.68 26.28 -26.65
C LEU F 165 26.28 25.57 -25.35
N ALA F 166 26.93 24.45 -25.06
CA ALA F 166 26.60 23.72 -23.83
C ALA F 166 27.03 24.54 -22.62
N GLY F 167 28.06 25.35 -22.79
CA GLY F 167 28.58 26.18 -21.70
C GLY F 167 28.05 27.60 -21.62
N PHE F 168 27.84 28.23 -22.77
CA PHE F 168 27.46 29.65 -22.79
C PHE F 168 26.15 29.94 -23.53
N GLY F 169 25.47 28.89 -23.97
CA GLY F 169 24.27 29.05 -24.77
C GLY F 169 22.96 28.97 -23.99
N PRO F 170 21.86 28.65 -24.68
CA PRO F 170 20.53 28.64 -24.07
C PRO F 170 20.43 27.62 -22.95
N LYS F 171 19.65 27.94 -21.93
CA LYS F 171 19.38 26.96 -20.89
C LYS F 171 18.70 25.76 -21.53
N GLY F 172 19.12 24.57 -21.16
CA GLY F 172 18.55 23.34 -21.72
C GLY F 172 19.31 22.74 -22.91
N TYR F 173 20.33 23.45 -23.39
CA TYR F 173 21.05 22.98 -24.57
C TYR F 173 21.70 21.60 -24.39
N ALA F 174 22.43 21.42 -23.30
CA ALA F 174 23.07 20.12 -23.04
C ALA F 174 22.03 19.01 -22.97
N ASP F 175 20.92 19.26 -22.28
CA ASP F 175 19.89 18.24 -22.16
C ASP F 175 19.33 17.82 -23.52
N GLY F 176 19.28 18.76 -24.45
CA GLY F 176 18.68 18.48 -25.76
C GLY F 176 19.59 17.81 -26.77
N TYR F 177 20.88 17.78 -26.49
CA TYR F 177 21.86 17.33 -27.49
C TYR F 177 21.57 15.96 -28.11
N THR F 178 21.41 14.93 -27.27
CA THR F 178 21.24 13.58 -27.82
C THR F 178 19.90 13.42 -28.56
N LEU F 179 18.86 14.07 -28.05
CA LEU F 179 17.55 14.03 -28.70
C LEU F 179 17.61 14.63 -30.12
N LYS F 180 18.26 15.78 -30.26
CA LYS F 180 18.37 16.45 -31.55
C LYS F 180 19.35 15.74 -32.49
N ALA F 181 20.41 15.17 -31.93
CA ALA F 181 21.40 14.48 -32.75
C ALA F 181 20.95 13.09 -33.22
N PHE F 182 20.32 12.31 -32.34
CA PHE F 182 20.06 10.90 -32.63
C PHE F 182 18.69 10.40 -32.20
N GLY F 183 17.72 11.31 -32.08
CA GLY F 183 16.38 10.91 -31.67
C GLY F 183 15.77 9.80 -32.50
N ASN F 184 15.87 9.90 -33.82
CA ASN F 184 15.26 8.89 -34.70
C ASN F 184 16.02 7.56 -34.65
N LEU F 185 17.35 7.64 -34.67
CA LEU F 185 18.20 6.45 -34.55
C LEU F 185 17.85 5.66 -33.30
N LEU F 186 17.77 6.34 -32.15
CA LEU F 186 17.48 5.66 -30.90
C LEU F 186 16.09 4.99 -30.91
N GLY F 187 15.13 5.59 -31.61
CA GLY F 187 13.83 4.95 -31.79
C GLY F 187 13.95 3.63 -32.53
N ASP F 188 14.76 3.61 -33.58
CA ASP F 188 14.95 2.41 -34.39
C ASP F 188 15.72 1.33 -33.61
N VAL F 189 16.72 1.76 -32.85
CA VAL F 189 17.49 0.81 -32.03
C VAL F 189 16.57 0.12 -31.01
N ALA F 190 15.64 0.88 -30.44
CA ALA F 190 14.72 0.30 -29.45
C ALA F 190 13.81 -0.75 -30.07
N LYS F 191 13.34 -0.49 -31.30
CA LYS F 191 12.46 -1.43 -31.99
C LYS F 191 13.22 -2.70 -32.34
N PHE F 192 14.48 -2.52 -32.73
CA PHE F 192 15.38 -3.61 -33.06
C PHE F 192 15.61 -4.47 -31.82
N ALA F 193 15.93 -3.82 -30.70
CA ALA F 193 16.08 -4.52 -29.42
C ALA F 193 14.85 -5.35 -29.07
N GLN F 194 13.67 -4.75 -29.19
CA GLN F 194 12.42 -5.43 -28.84
C GLN F 194 12.15 -6.64 -29.71
N ALA F 195 12.54 -6.55 -30.98
CA ALA F 195 12.35 -7.63 -31.94
C ALA F 195 13.23 -8.83 -31.60
N HIS F 196 14.28 -8.58 -30.83
CA HIS F 196 15.20 -9.63 -30.41
C HIS F 196 15.01 -10.02 -28.94
N GLY F 197 13.90 -9.59 -28.36
CA GLY F 197 13.54 -9.97 -27.00
C GLY F 197 14.34 -9.30 -25.91
N LEU F 198 15.01 -8.20 -26.23
CA LEU F 198 15.77 -7.44 -25.23
C LEU F 198 14.93 -6.32 -24.63
N SER F 199 15.30 -5.89 -23.42
CA SER F 199 14.67 -4.73 -22.80
C SER F 199 15.73 -3.67 -22.51
N GLY F 200 15.31 -2.54 -21.95
CA GLY F 200 16.25 -1.45 -21.67
C GLY F 200 17.47 -1.84 -20.85
N GLU F 201 17.28 -2.76 -19.91
CA GLU F 201 18.36 -3.17 -19.02
C GLU F 201 19.45 -3.97 -19.76
N ASP F 202 19.18 -4.35 -21.01
CA ASP F 202 20.14 -5.06 -21.85
C ASP F 202 20.96 -4.08 -22.72
N VAL F 203 20.87 -2.80 -22.41
CA VAL F 203 21.58 -1.78 -23.18
C VAL F 203 22.62 -1.07 -22.32
N VAL F 204 23.85 -0.95 -22.84
CA VAL F 204 24.89 -0.15 -22.19
C VAL F 204 25.10 1.09 -23.05
N VAL F 205 25.07 2.26 -22.41
CA VAL F 205 25.27 3.53 -23.10
C VAL F 205 26.55 4.21 -22.55
N SER F 206 27.50 4.55 -23.42
CA SER F 206 28.75 5.16 -22.93
C SER F 206 29.29 6.23 -23.90
N GLY F 207 30.43 6.80 -23.56
CA GLY F 207 31.04 7.87 -24.34
C GLY F 207 31.90 8.77 -23.47
N HIS F 208 32.81 9.51 -24.10
CA HIS F 208 33.84 10.29 -23.40
C HIS F 208 33.76 11.78 -23.79
N SER F 209 33.87 12.69 -22.82
CA SER F 209 33.91 14.14 -23.06
C SER F 209 32.56 14.66 -23.57
N LEU F 210 32.53 15.27 -24.75
CA LEU F 210 31.23 15.60 -25.35
C LEU F 210 30.38 14.33 -25.47
N GLY F 211 31.02 13.18 -25.62
CA GLY F 211 30.29 11.90 -25.68
C GLY F 211 29.69 11.54 -24.31
N GLY F 212 30.40 11.91 -23.24
CA GLY F 212 29.89 11.74 -21.87
C GLY F 212 28.72 12.71 -21.60
N LEU F 213 28.82 13.92 -22.12
CA LEU F 213 27.65 14.81 -22.10
C LEU F 213 26.44 14.13 -22.76
N ALA F 214 26.66 13.51 -23.91
CA ALA F 214 25.58 12.86 -24.67
C ALA F 214 24.95 11.71 -23.89
N VAL F 215 25.76 11.02 -23.08
CA VAL F 215 25.26 9.94 -22.21
C VAL F 215 24.29 10.50 -21.15
N ASN F 216 24.72 11.57 -20.49
CA ASN F 216 23.90 12.23 -19.46
C ASN F 216 22.64 12.84 -20.08
N SER F 217 22.79 13.34 -21.32
CA SER F 217 21.67 13.89 -22.09
C SER F 217 20.63 12.81 -22.39
N MET F 218 21.08 11.69 -22.94
CA MET F 218 20.16 10.58 -23.18
C MET F 218 19.40 10.16 -21.92
N ALA F 219 20.10 10.02 -20.80
CA ALA F 219 19.45 9.60 -19.56
C ALA F 219 18.42 10.62 -19.11
N ALA F 220 18.76 11.90 -19.26
CA ALA F 220 17.86 13.00 -18.92
C ALA F 220 16.55 12.96 -19.73
N GLN F 221 16.60 12.39 -20.93
CA GLN F 221 15.43 12.29 -21.81
C GLN F 221 14.74 10.93 -21.78
N SER F 222 15.31 9.98 -21.04
CA SER F 222 14.90 8.57 -21.16
C SER F 222 13.56 8.17 -20.50
N ASP F 223 13.10 8.95 -19.53
CA ASP F 223 11.81 8.62 -18.89
C ASP F 223 10.67 8.94 -19.85
N ALA F 224 10.82 10.03 -20.59
CA ALA F 224 9.75 10.56 -21.42
C ALA F 224 9.79 10.19 -22.91
N ASN F 225 10.97 9.91 -23.45
CA ASN F 225 11.13 9.65 -24.88
C ASN F 225 11.28 8.17 -25.21
N TRP F 226 11.08 7.82 -26.48
CA TRP F 226 11.25 6.46 -26.97
C TRP F 226 10.40 5.46 -26.17
N GLY F 227 9.21 5.90 -25.76
CA GLY F 227 8.26 5.07 -25.04
C GLY F 227 8.76 4.56 -23.71
N GLY F 228 9.77 5.26 -23.17
CA GLY F 228 10.39 4.88 -21.90
C GLY F 228 11.30 3.67 -22.00
N PHE F 229 11.60 3.22 -23.22
CA PHE F 229 12.38 1.99 -23.42
C PHE F 229 13.72 2.00 -22.66
N TYR F 230 14.41 3.13 -22.71
CA TYR F 230 15.76 3.25 -22.14
C TYR F 230 15.80 3.78 -20.71
N ALA F 231 14.65 3.88 -20.04
CA ALA F 231 14.62 4.45 -18.69
C ALA F 231 15.54 3.71 -17.71
N GLN F 232 15.60 2.39 -17.84
CA GLN F 232 16.43 1.53 -16.99
C GLN F 232 17.67 0.99 -17.70
N SER F 233 18.10 1.65 -18.77
CA SER F 233 19.37 1.29 -19.41
C SER F 233 20.60 1.65 -18.53
N ASN F 234 21.76 1.12 -18.90
CA ASN F 234 22.95 1.26 -18.09
C ASN F 234 23.83 2.39 -18.61
N TYR F 235 23.86 3.52 -17.91
CA TYR F 235 24.56 4.73 -18.39
C TYR F 235 25.90 4.95 -17.68
N VAL F 236 26.98 4.79 -18.43
CA VAL F 236 28.33 4.96 -17.90
C VAL F 236 29.04 6.05 -18.72
N ALA F 237 29.21 7.23 -18.11
CA ALA F 237 29.79 8.39 -18.82
C ALA F 237 31.22 8.71 -18.37
N PHE F 238 32.11 8.89 -19.35
CA PHE F 238 33.51 9.22 -19.05
C PHE F 238 33.85 10.70 -19.32
N ALA F 239 34.51 11.34 -18.36
CA ALA F 239 34.99 12.72 -18.52
C ALA F 239 33.87 13.69 -18.94
N SER F 240 32.67 13.51 -18.44
CA SER F 240 31.55 14.39 -18.82
C SER F 240 31.69 15.74 -18.10
N PRO F 241 31.47 16.85 -18.83
CA PRO F 241 31.37 18.15 -18.16
C PRO F 241 30.07 18.30 -17.34
N THR F 242 29.05 17.49 -17.68
CA THR F 242 27.72 17.60 -17.07
C THR F 242 27.36 16.37 -16.25
N GLN F 243 26.37 16.53 -15.37
CA GLN F 243 25.76 15.41 -14.63
C GLN F 243 24.24 15.47 -14.65
N TYR F 244 23.62 14.33 -14.98
CA TYR F 244 22.20 14.14 -14.74
C TYR F 244 22.08 13.14 -13.61
N GLU F 245 21.49 13.55 -12.50
CA GLU F 245 21.55 12.74 -11.29
C GLU F 245 20.17 12.31 -10.78
N ALA F 246 19.12 12.86 -11.37
CA ALA F 246 17.75 12.51 -10.94
C ALA F 246 17.39 11.09 -11.40
N GLY F 247 17.01 10.23 -10.45
CA GLY F 247 16.67 8.84 -10.76
C GLY F 247 17.83 7.87 -10.61
N GLY F 248 19.02 8.41 -10.34
CA GLY F 248 20.24 7.59 -10.15
C GLY F 248 20.64 6.77 -11.37
N LYS F 249 20.46 7.31 -12.56
CA LYS F 249 20.67 6.57 -13.81
C LYS F 249 22.13 6.50 -14.28
N VAL F 250 22.95 7.49 -13.90
CA VAL F 250 24.28 7.64 -14.51
C VAL F 250 25.40 7.57 -13.51
N ILE F 251 26.47 6.86 -13.85
CA ILE F 251 27.72 6.98 -13.11
C ILE F 251 28.70 7.79 -13.98
N ASN F 252 29.24 8.86 -13.39
CA ASN F 252 30.18 9.75 -14.05
C ASN F 252 31.62 9.52 -13.57
N ILE F 253 32.41 8.90 -14.44
CA ILE F 253 33.76 8.46 -14.11
C ILE F 253 34.79 9.34 -14.81
N GLY F 254 35.78 9.81 -14.07
CA GLY F 254 36.82 10.65 -14.66
C GLY F 254 37.93 10.95 -13.68
N TYR F 255 38.97 11.61 -14.17
CA TYR F 255 40.12 12.00 -13.35
C TYR F 255 39.92 13.41 -12.78
N GLU F 256 40.27 13.61 -11.51
CA GLU F 256 40.00 14.90 -10.88
C GLU F 256 40.84 16.02 -11.49
N ASN F 257 42.02 15.69 -12.02
CA ASN F 257 42.85 16.70 -12.70
C ASN F 257 42.58 16.86 -14.21
N ASP F 258 41.50 16.25 -14.69
CA ASP F 258 40.99 16.47 -16.05
C ASP F 258 40.04 17.67 -15.99
N PRO F 259 40.44 18.78 -16.61
CA PRO F 259 39.66 20.03 -16.46
C PRO F 259 38.27 19.99 -17.08
N VAL F 260 38.03 19.10 -18.04
CA VAL F 260 36.70 18.96 -18.61
C VAL F 260 35.73 18.26 -17.66
N PHE F 261 36.26 17.34 -16.86
CA PHE F 261 35.42 16.49 -16.02
C PHE F 261 34.73 17.28 -14.91
N ARG F 262 33.39 17.29 -14.92
CA ARG F 262 32.57 18.04 -13.94
C ARG F 262 32.73 19.57 -14.08
N ALA F 263 33.11 20.05 -15.27
CA ALA F 263 33.27 21.49 -15.47
C ALA F 263 31.97 22.25 -15.17
N LEU F 264 30.84 21.65 -15.52
CA LEU F 264 29.54 22.27 -15.26
C LEU F 264 28.89 21.67 -14.00
N ASP F 265 28.05 22.47 -13.34
CA ASP F 265 27.38 22.06 -12.11
C ASP F 265 25.96 21.63 -12.50
N GLY F 266 25.81 20.32 -12.69
CA GLY F 266 24.60 19.80 -13.34
C GLY F 266 24.79 20.11 -14.81
N THR F 267 24.08 21.12 -15.31
CA THR F 267 24.36 21.62 -16.65
C THR F 267 24.73 23.11 -16.65
N SER F 268 24.94 23.67 -15.45
CA SER F 268 25.11 25.12 -15.26
C SER F 268 26.57 25.58 -15.24
N LEU F 269 26.84 26.71 -15.90
CA LEU F 269 28.14 27.35 -15.86
C LEU F 269 28.25 28.18 -14.59
N THR F 270 29.31 27.98 -13.82
CA THR F 270 29.51 28.74 -12.59
C THR F 270 30.95 29.19 -12.49
N LEU F 271 31.28 29.96 -11.45
CA LEU F 271 32.65 30.50 -11.36
C LEU F 271 33.72 29.40 -11.41
N PRO F 272 33.56 28.30 -10.64
CA PRO F 272 34.55 27.22 -10.69
C PRO F 272 34.71 26.55 -12.06
N SER F 273 33.73 26.70 -12.96
CA SER F 273 33.82 26.08 -14.31
C SER F 273 35.11 26.42 -15.05
N LEU F 274 35.61 27.63 -14.85
CA LEU F 274 36.80 28.11 -15.56
C LEU F 274 38.10 27.96 -14.77
N GLY F 275 38.02 27.34 -13.60
CA GLY F 275 39.20 27.09 -12.77
C GLY F 275 39.16 25.69 -12.21
N VAL F 276 39.45 25.55 -10.91
CA VAL F 276 39.33 24.25 -10.25
C VAL F 276 37.87 24.01 -9.86
N HIS F 277 37.33 22.84 -10.20
CA HIS F 277 35.95 22.49 -9.87
C HIS F 277 35.89 21.07 -9.31
N ASP F 278 36.37 20.89 -8.08
CA ASP F 278 36.50 19.57 -7.46
C ASP F 278 35.51 19.38 -6.31
N ALA F 279 34.48 20.21 -6.20
CA ALA F 279 33.45 19.92 -5.21
C ALA F 279 32.77 18.62 -5.61
N PRO F 280 32.63 17.67 -4.67
CA PRO F 280 32.14 16.33 -5.07
C PRO F 280 30.68 16.26 -5.49
N HIS F 281 30.41 15.50 -6.56
CA HIS F 281 29.05 15.25 -7.06
C HIS F 281 28.63 13.83 -6.72
N THR F 282 27.35 13.63 -6.42
CA THR F 282 26.87 12.33 -5.95
C THR F 282 27.05 11.21 -6.99
N SER F 283 26.94 11.53 -8.27
CA SER F 283 27.02 10.51 -9.31
C SER F 283 28.45 10.22 -9.78
N ALA F 284 29.42 10.97 -9.25
CA ALA F 284 30.78 10.93 -9.79
C ALA F 284 31.82 10.24 -8.92
N THR F 285 32.85 9.70 -9.57
CA THR F 285 34.06 9.25 -8.88
C THR F 285 34.92 10.49 -8.69
N ASN F 286 34.98 11.05 -7.48
CA ASN F 286 35.55 12.41 -7.30
C ASN F 286 37.05 12.57 -7.03
N ASN F 287 37.74 11.44 -6.84
CA ASN F 287 39.12 11.47 -6.33
C ASN F 287 40.14 10.55 -7.02
N ILE F 288 39.97 10.34 -8.32
CA ILE F 288 40.94 9.58 -9.12
C ILE F 288 41.95 10.54 -9.80
N VAL F 289 43.24 10.31 -9.57
CA VAL F 289 44.30 11.19 -10.12
C VAL F 289 45.01 10.53 -11.33
N ASN F 290 45.13 11.29 -12.42
CA ASN F 290 45.90 10.89 -13.60
C ASN F 290 47.30 11.39 -13.37
N PHE F 291 48.17 10.53 -12.85
CA PHE F 291 49.52 10.98 -12.49
C PHE F 291 50.43 10.92 -13.73
N ASN F 292 50.41 12.00 -14.51
CA ASN F 292 51.16 12.08 -15.75
C ASN F 292 52.23 13.17 -15.65
N ASP F 293 52.99 13.36 -16.72
CA ASP F 293 54.11 14.29 -16.70
C ASP F 293 53.66 15.72 -16.33
N HIS F 294 52.47 16.13 -16.78
CA HIS F 294 51.97 17.49 -16.47
C HIS F 294 51.67 17.62 -14.97
N TYR F 295 50.89 16.68 -14.43
CA TYR F 295 50.55 16.70 -13.01
C TYR F 295 51.80 16.70 -12.13
N ALA F 296 52.83 15.96 -12.53
CA ALA F 296 54.02 15.83 -11.69
C ALA F 296 54.91 17.08 -11.69
N SER F 297 54.77 17.91 -12.73
CA SER F 297 55.66 19.05 -12.94
C SER F 297 55.30 20.31 -12.14
N ASP F 298 56.14 20.70 -11.18
CA ASP F 298 55.97 22.02 -10.55
C ASP F 298 55.99 23.17 -11.58
N ALA F 299 56.91 23.10 -12.55
CA ALA F 299 57.00 24.14 -13.59
C ALA F 299 55.73 24.32 -14.43
N TRP F 300 55.13 23.23 -14.90
CA TRP F 300 53.89 23.38 -15.68
C TRP F 300 52.80 23.98 -14.81
N ASN F 301 52.81 23.65 -13.53
CA ASN F 301 51.72 24.10 -12.65
C ASN F 301 51.89 25.49 -12.03
N LEU F 302 52.89 26.24 -12.50
CA LEU F 302 52.95 27.68 -12.22
C LEU F 302 51.85 28.39 -13.00
N LEU F 303 51.32 27.72 -14.03
CA LEU F 303 50.21 28.24 -14.81
C LEU F 303 48.89 27.81 -14.15
N PRO F 304 47.82 28.61 -14.29
CA PRO F 304 46.54 28.32 -13.64
C PRO F 304 45.86 27.08 -14.18
N PHE F 305 45.32 26.25 -13.28
CA PHE F 305 44.53 25.11 -13.69
C PHE F 305 43.20 25.62 -14.23
N SER F 306 42.90 25.33 -15.49
CA SER F 306 41.72 25.85 -16.16
C SER F 306 41.45 25.12 -17.48
N ILE F 307 40.18 24.85 -17.75
CA ILE F 307 39.77 24.33 -19.06
C ILE F 307 40.21 25.26 -20.21
N LEU F 308 40.57 26.49 -19.88
CA LEU F 308 41.04 27.47 -20.88
C LEU F 308 42.55 27.45 -21.07
N ASN F 309 43.22 26.61 -20.29
CA ASN F 309 44.68 26.46 -20.33
C ASN F 309 45.00 25.15 -21.03
N ILE F 310 45.40 25.22 -22.30
CA ILE F 310 45.49 24.01 -23.14
C ILE F 310 46.39 22.88 -22.60
N PRO F 311 47.59 23.21 -22.07
CA PRO F 311 48.41 22.13 -21.49
C PRO F 311 47.67 21.22 -20.49
N THR F 312 46.69 21.77 -19.76
CA THR F 312 45.98 20.99 -18.76
C THR F 312 45.15 19.88 -19.40
N TRP F 313 44.85 20.02 -20.69
CA TRP F 313 44.07 19.01 -21.41
C TRP F 313 44.81 17.67 -21.58
N LEU F 314 46.11 17.63 -21.32
CA LEU F 314 46.85 16.36 -21.41
C LEU F 314 46.06 15.27 -20.67
N SER F 315 45.56 15.61 -19.48
CA SER F 315 44.94 14.62 -18.59
C SER F 315 43.61 14.06 -19.10
N HIS F 316 43.08 14.68 -20.14
CA HIS F 316 41.76 14.36 -20.71
C HIS F 316 41.82 13.31 -21.83
N LEU F 317 42.99 13.05 -22.39
CA LEU F 317 43.08 12.21 -23.60
C LEU F 317 42.53 10.80 -23.41
N PRO F 318 41.78 10.31 -24.41
CA PRO F 318 41.12 9.00 -24.30
C PRO F 318 42.04 7.83 -23.95
N PHE F 319 43.29 7.81 -24.45
CA PHE F 319 44.18 6.68 -24.13
C PHE F 319 44.52 6.59 -22.63
N PHE F 320 44.58 7.73 -21.93
CA PHE F 320 44.82 7.68 -20.48
C PHE F 320 43.61 7.07 -19.77
N TYR F 321 42.41 7.31 -20.31
CA TYR F 321 41.18 6.73 -19.73
C TYR F 321 41.16 5.21 -19.93
N GLN F 322 41.42 4.78 -21.15
CA GLN F 322 41.39 3.36 -21.49
C GLN F 322 42.42 2.59 -20.64
N ASP F 323 43.68 3.04 -20.69
CA ASP F 323 44.75 2.23 -20.09
C ASP F 323 44.77 2.31 -18.57
N GLY F 324 44.64 3.53 -18.06
CA GLY F 324 44.67 3.80 -16.64
C GLY F 324 43.49 3.21 -15.89
N LEU F 325 42.28 3.41 -16.42
CA LEU F 325 41.10 2.94 -15.70
C LEU F 325 40.93 1.40 -15.77
N MET F 326 41.46 0.76 -16.82
CA MET F 326 41.45 -0.71 -16.86
C MET F 326 42.42 -1.26 -15.79
N ARG F 327 43.54 -0.57 -15.57
CA ARG F 327 44.44 -0.99 -14.46
C ARG F 327 43.77 -0.84 -13.09
N VAL F 328 42.92 0.17 -12.93
CA VAL F 328 42.16 0.30 -11.68
C VAL F 328 41.18 -0.89 -11.56
N LEU F 329 40.41 -1.12 -12.63
CA LEU F 329 39.44 -2.21 -12.63
C LEU F 329 40.09 -3.53 -12.27
N ASN F 330 41.29 -3.78 -12.81
CA ASN F 330 41.98 -5.06 -12.63
C ASN F 330 42.91 -5.12 -11.42
N SER F 331 42.90 -4.10 -10.57
CA SER F 331 43.77 -4.07 -9.37
C SER F 331 43.48 -5.20 -8.39
N GLU F 332 44.54 -5.70 -7.74
CA GLU F 332 44.40 -6.65 -6.64
C GLU F 332 43.61 -6.05 -5.47
N PHE F 333 43.61 -4.73 -5.38
CA PHE F 333 42.92 -4.03 -4.28
C PHE F 333 41.52 -3.54 -4.66
N TYR F 334 41.04 -3.88 -5.85
CA TYR F 334 39.75 -3.33 -6.33
C TYR F 334 38.59 -3.54 -5.34
N SER F 335 38.51 -4.73 -4.74
CA SER F 335 37.36 -5.06 -3.86
C SER F 335 37.36 -4.31 -2.52
N LEU F 336 38.39 -3.50 -2.28
CA LEU F 336 38.44 -2.59 -1.13
C LEU F 336 38.06 -1.14 -1.47
N THR F 337 37.82 -0.85 -2.75
CA THR F 337 37.57 0.54 -3.16
C THR F 337 36.09 0.94 -3.10
N ASP F 338 35.86 2.25 -3.01
CA ASP F 338 34.52 2.84 -3.02
C ASP F 338 34.48 3.96 -4.05
N LYS F 339 33.28 4.40 -4.41
CA LYS F 339 33.12 5.49 -5.39
C LYS F 339 34.10 6.65 -5.21
N ASP F 340 34.28 7.10 -3.96
CA ASP F 340 35.12 8.28 -3.72
C ASP F 340 36.49 7.99 -3.11
N SER F 341 36.93 6.74 -3.23
CA SER F 341 38.29 6.36 -2.83
C SER F 341 39.32 7.22 -3.56
N THR F 342 40.35 7.66 -2.83
CA THR F 342 41.48 8.35 -3.45
C THR F 342 42.33 7.32 -4.18
N ILE F 343 42.41 7.44 -5.50
CA ILE F 343 43.23 6.53 -6.30
C ILE F 343 44.17 7.32 -7.21
N ILE F 344 45.47 7.04 -7.07
CA ILE F 344 46.53 7.65 -7.87
C ILE F 344 47.00 6.66 -8.94
N VAL F 345 46.79 7.00 -10.21
CA VAL F 345 47.09 6.10 -11.31
C VAL F 345 48.36 6.53 -12.03
N SER F 346 49.40 5.69 -12.01
CA SER F 346 50.64 6.04 -12.72
C SER F 346 50.46 6.10 -14.25
N ASN F 347 50.74 7.25 -14.84
CA ASN F 347 50.65 7.46 -16.30
C ASN F 347 51.82 8.31 -16.80
N LEU F 348 53.02 7.99 -16.31
CA LEU F 348 54.23 8.76 -16.66
C LEU F 348 54.81 8.33 -18.01
N SER F 349 55.58 9.21 -18.66
CA SER F 349 56.30 8.84 -19.89
C SER F 349 57.57 8.07 -19.56
N ASN F 350 58.23 7.52 -20.59
CA ASN F 350 59.52 6.87 -20.40
C ASN F 350 60.61 7.87 -19.98
N VAL F 351 60.38 9.16 -20.20
CA VAL F 351 61.37 10.19 -19.85
C VAL F 351 61.42 10.49 -18.35
N THR F 352 60.29 10.31 -17.67
CA THR F 352 60.17 10.67 -16.25
C THR F 352 59.99 9.47 -15.31
N ARG F 353 59.59 8.31 -15.84
CA ARG F 353 59.20 7.18 -14.97
C ARG F 353 60.35 6.76 -14.06
N GLY F 354 61.58 6.85 -14.56
CA GLY F 354 62.74 6.40 -13.80
C GLY F 354 63.31 7.39 -12.81
N ASN F 355 62.76 8.61 -12.76
CA ASN F 355 63.28 9.65 -11.89
C ASN F 355 62.20 10.42 -11.14
N THR F 356 60.96 9.96 -11.25
CA THR F 356 59.82 10.65 -10.62
C THR F 356 58.99 9.71 -9.75
N TRP F 357 58.75 10.10 -8.49
CA TRP F 357 57.97 9.30 -7.56
C TRP F 357 56.47 9.52 -7.78
N VAL F 358 55.72 8.43 -7.94
CA VAL F 358 54.25 8.50 -7.97
C VAL F 358 53.75 8.61 -6.54
N GLU F 359 53.07 9.71 -6.24
CA GLU F 359 52.70 10.04 -4.86
C GLU F 359 51.50 10.95 -4.88
N ASP F 360 50.79 11.03 -3.75
CA ASP F 360 49.65 11.93 -3.67
C ASP F 360 50.07 13.38 -3.41
N LEU F 361 50.32 14.13 -4.49
CA LEU F 361 50.68 15.54 -4.37
C LEU F 361 49.45 16.38 -3.96
N ASN F 362 48.25 15.85 -4.21
CA ASN F 362 46.98 16.55 -3.91
C ASN F 362 46.88 17.91 -4.63
N ARG F 363 47.47 18.00 -5.81
CA ARG F 363 47.52 19.25 -6.56
C ARG F 363 46.14 19.60 -7.15
N ASN F 364 45.78 20.88 -7.11
CA ASN F 364 44.54 21.40 -7.74
C ASN F 364 43.28 20.58 -7.44
N ALA F 365 43.07 20.30 -6.16
CA ALA F 365 41.94 19.45 -5.72
C ALA F 365 41.68 19.66 -4.24
N GLU F 366 40.48 19.31 -3.80
CA GLU F 366 40.15 19.35 -2.38
C GLU F 366 41.02 18.34 -1.64
N THR F 367 41.29 18.60 -0.37
CA THR F 367 42.17 17.71 0.39
C THR F 367 41.62 16.29 0.43
N HIS F 368 42.45 15.31 0.11
CA HIS F 368 42.02 13.91 0.11
C HIS F 368 41.90 13.35 1.52
N SER F 369 41.02 12.38 1.71
CA SER F 369 40.93 11.70 3.00
C SER F 369 40.64 10.21 2.78
N GLY F 370 40.67 9.44 3.86
CA GLY F 370 40.47 7.99 3.76
C GLY F 370 41.74 7.35 3.25
N PRO F 371 41.73 6.03 3.03
CA PRO F 371 42.92 5.33 2.53
C PRO F 371 43.28 5.75 1.11
N THR F 372 44.54 5.54 0.73
CA THR F 372 45.00 5.94 -0.59
C THR F 372 45.50 4.72 -1.34
N PHE F 373 45.03 4.58 -2.58
CA PHE F 373 45.46 3.49 -3.47
C PHE F 373 46.38 4.05 -4.55
N ILE F 374 47.56 3.46 -4.71
CA ILE F 374 48.48 3.91 -5.76
C ILE F 374 48.73 2.74 -6.73
N ILE F 375 48.35 2.94 -7.99
CA ILE F 375 48.36 1.87 -8.99
C ILE F 375 49.52 2.07 -9.98
N GLY F 376 50.49 1.15 -9.98
CA GLY F 376 51.65 1.29 -10.87
C GLY F 376 51.39 0.90 -12.32
N SER F 377 52.47 0.81 -13.10
CA SER F 377 52.40 0.41 -14.50
C SER F 377 53.09 -0.93 -14.71
N ASP F 378 52.99 -1.49 -15.91
CA ASP F 378 53.73 -2.72 -16.19
C ASP F 378 55.23 -2.46 -16.40
N GLY F 379 55.63 -1.20 -16.25
CA GLY F 379 57.06 -0.86 -16.29
C GLY F 379 57.67 -0.72 -14.90
N ASN F 380 58.92 -0.22 -14.86
CA ASN F 380 59.64 -0.02 -13.61
C ASN F 380 59.23 1.28 -12.94
N ASP F 381 58.48 1.17 -11.83
CA ASP F 381 57.92 2.34 -11.15
C ASP F 381 58.66 2.73 -9.88
N LEU F 382 58.58 4.02 -9.54
CA LEU F 382 58.97 4.53 -8.24
C LEU F 382 57.66 4.98 -7.57
N ILE F 383 57.29 4.32 -6.46
CA ILE F 383 56.00 4.57 -5.81
C ILE F 383 56.18 4.94 -4.33
N LYS F 384 55.59 6.07 -3.92
CA LYS F 384 55.73 6.54 -2.54
C LYS F 384 54.38 6.78 -1.87
N GLY F 385 54.11 6.03 -0.79
CA GLY F 385 52.91 6.26 0.04
C GLY F 385 53.13 7.33 1.10
N GLY F 386 52.04 7.97 1.53
CA GLY F 386 52.11 9.01 2.56
C GLY F 386 52.04 8.53 4.00
N LYS F 387 51.82 9.47 4.93
CA LYS F 387 51.83 9.17 6.37
C LYS F 387 50.59 8.43 6.84
N GLY F 388 49.54 8.43 6.01
CA GLY F 388 48.31 7.70 6.33
C GLY F 388 48.35 6.28 5.81
N ASN F 389 47.18 5.67 5.67
CA ASN F 389 47.09 4.27 5.26
C ASN F 389 47.09 4.15 3.74
N ASP F 390 47.98 3.30 3.21
CA ASP F 390 48.19 3.16 1.75
C ASP F 390 48.12 1.73 1.26
N TYR F 391 47.60 1.56 0.05
CA TYR F 391 47.60 0.30 -0.68
C TYR F 391 48.38 0.55 -1.97
N LEU F 392 49.58 -0.02 -2.08
CA LEU F 392 50.48 0.26 -3.21
C LEU F 392 50.66 -0.96 -4.11
N GLU F 393 50.40 -0.81 -5.41
CA GLU F 393 50.44 -1.94 -6.36
C GLU F 393 51.46 -1.71 -7.46
N GLY F 394 52.52 -2.52 -7.51
CA GLY F 394 53.57 -2.31 -8.50
C GLY F 394 53.29 -2.88 -9.88
N ARG F 395 52.51 -3.96 -9.93
CA ARG F 395 52.28 -4.70 -11.18
C ARG F 395 53.62 -5.22 -11.76
N ASP F 396 53.65 -5.53 -13.06
CA ASP F 396 54.89 -6.03 -13.66
C ASP F 396 55.99 -4.96 -13.59
N GLY F 397 57.22 -5.36 -13.90
CA GLY F 397 58.35 -4.44 -13.81
C GLY F 397 59.03 -4.47 -12.47
N ASP F 398 60.27 -4.00 -12.45
CA ASP F 398 61.07 -3.89 -11.23
C ASP F 398 60.72 -2.57 -10.56
N ASP F 399 59.97 -2.67 -9.47
CA ASP F 399 59.42 -1.49 -8.79
C ASP F 399 60.16 -1.18 -7.45
N ILE F 400 60.24 0.10 -7.08
CA ILE F 400 60.77 0.50 -5.78
C ILE F 400 59.68 1.22 -5.01
N PHE F 401 59.46 0.80 -3.75
CA PHE F 401 58.44 1.41 -2.88
C PHE F 401 59.05 2.18 -1.71
N ARG F 402 58.42 3.31 -1.38
CA ARG F 402 58.68 4.06 -0.14
C ARG F 402 57.34 4.33 0.55
N ASP F 403 57.34 4.58 1.86
CA ASP F 403 56.08 4.94 2.57
C ASP F 403 56.40 5.67 3.86
N ALA F 404 55.68 6.76 4.11
CA ALA F 404 56.00 7.70 5.19
C ALA F 404 55.40 7.35 6.56
N GLY F 405 54.49 6.39 6.60
CA GLY F 405 53.89 5.99 7.88
C GLY F 405 52.55 5.31 7.77
N GLY F 406 51.90 5.11 8.91
CA GLY F 406 50.56 4.54 8.94
C GLY F 406 50.55 3.03 8.78
N TYR F 407 49.40 2.50 8.35
CA TYR F 407 49.19 1.06 8.16
C TYR F 407 48.98 0.80 6.67
N ASN F 408 49.79 -0.09 6.09
CA ASN F 408 49.83 -0.21 4.62
C ASN F 408 49.88 -1.64 4.11
N LEU F 409 49.40 -1.84 2.88
CA LEU F 409 49.57 -3.09 2.12
C LEU F 409 50.33 -2.80 0.83
N ILE F 410 51.31 -3.65 0.53
CA ILE F 410 52.13 -3.47 -0.67
C ILE F 410 52.14 -4.76 -1.48
N ALA F 411 51.81 -4.64 -2.76
CA ALA F 411 51.87 -5.78 -3.68
C ALA F 411 52.92 -5.51 -4.77
N GLY F 412 54.08 -6.16 -4.65
CA GLY F 412 55.19 -5.90 -5.59
C GLY F 412 54.91 -6.40 -7.00
N GLY F 413 54.08 -7.43 -7.09
CA GLY F 413 53.78 -8.06 -8.37
C GLY F 413 54.98 -8.81 -8.90
N LYS F 414 54.97 -9.11 -10.20
CA LYS F 414 56.13 -9.70 -10.87
C LYS F 414 57.34 -8.76 -10.86
N GLY F 415 58.51 -9.31 -11.18
CA GLY F 415 59.75 -8.54 -11.26
C GLY F 415 60.56 -8.54 -9.97
N HIS F 416 61.71 -7.85 -10.00
CA HIS F 416 62.55 -7.68 -8.83
C HIS F 416 62.13 -6.40 -8.11
N ASN F 417 61.42 -6.53 -7.00
CA ASN F 417 60.88 -5.36 -6.30
C ASN F 417 61.62 -5.05 -4.99
N ILE F 418 61.71 -3.75 -4.69
CA ILE F 418 62.46 -3.26 -3.54
C ILE F 418 61.60 -2.42 -2.61
N PHE F 419 61.74 -2.60 -1.31
CA PHE F 419 61.17 -1.65 -0.35
C PHE F 419 62.31 -0.84 0.28
N ASP F 420 62.22 0.47 0.17
CA ASP F 420 63.25 1.40 0.66
C ASP F 420 62.75 2.12 1.92
N THR F 421 63.36 1.82 3.08
CA THR F 421 62.95 2.42 4.37
C THR F 421 63.44 3.86 4.57
N GLN F 422 64.43 4.24 3.77
CA GLN F 422 65.08 5.57 3.85
C GLN F 422 65.72 5.91 5.20
N GLN F 423 66.00 4.91 6.04
CA GLN F 423 66.66 5.20 7.30
C GLN F 423 67.36 3.94 7.85
N ALA F 424 67.94 4.05 9.04
CA ALA F 424 68.70 2.93 9.61
C ALA F 424 67.81 1.73 9.81
N LEU F 425 68.31 0.55 9.44
CA LEU F 425 67.52 -0.67 9.59
C LEU F 425 67.08 -0.89 11.05
N LYS F 426 67.91 -0.46 12.00
CA LYS F 426 67.63 -0.67 13.42
C LYS F 426 66.37 0.04 13.88
N ASN F 427 65.87 0.97 13.06
CA ASN F 427 64.67 1.74 13.40
C ASN F 427 63.38 1.05 12.99
N THR F 428 63.50 -0.09 12.31
CA THR F 428 62.35 -0.82 11.79
C THR F 428 62.40 -2.26 12.29
N GLU F 429 61.28 -2.76 12.83
CA GLU F 429 61.18 -4.16 13.20
C GLU F 429 60.81 -4.91 11.93
N VAL F 430 61.58 -5.93 11.58
CA VAL F 430 61.41 -6.66 10.32
C VAL F 430 61.22 -8.16 10.53
N ALA F 431 60.11 -8.70 10.04
CA ALA F 431 59.90 -10.15 10.07
C ALA F 431 59.33 -10.64 8.73
N TYR F 432 59.30 -11.96 8.53
CA TYR F 432 58.93 -12.52 7.23
C TYR F 432 58.24 -13.86 7.44
N ASP F 433 57.02 -14.00 6.93
CA ASP F 433 56.29 -15.27 7.12
C ASP F 433 56.62 -16.30 6.03
N GLY F 434 57.60 -15.98 5.17
CA GLY F 434 57.97 -16.84 4.06
C GLY F 434 57.40 -16.35 2.73
N ASN F 435 56.41 -15.47 2.81
CA ASN F 435 55.82 -14.87 1.63
C ASN F 435 55.67 -13.36 1.80
N THR F 436 55.17 -12.96 2.96
CA THR F 436 54.90 -11.56 3.25
C THR F 436 55.94 -10.96 4.20
N LEU F 437 56.41 -9.77 3.88
CA LEU F 437 57.36 -9.04 4.70
C LEU F 437 56.57 -8.13 5.63
N TYR F 438 56.86 -8.20 6.92
CA TYR F 438 56.19 -7.39 7.94
C TYR F 438 57.14 -6.33 8.48
N LEU F 439 56.72 -5.08 8.44
CA LEU F 439 57.56 -3.99 8.90
C LEU F 439 56.79 -3.10 9.87
N ARG F 440 57.32 -2.90 11.07
CA ARG F 440 56.68 -2.02 12.04
C ARG F 440 57.58 -0.84 12.35
N ASP F 441 57.08 0.39 12.13
CA ASP F 441 57.90 1.58 12.35
C ASP F 441 57.91 1.98 13.83
N ALA F 442 58.67 3.02 14.17
CA ALA F 442 58.83 3.40 15.58
C ALA F 442 57.54 3.91 16.24
N LYS F 443 56.59 4.36 15.42
CA LYS F 443 55.30 4.86 15.93
C LYS F 443 54.23 3.77 16.00
N GLY F 444 54.59 2.54 15.68
CA GLY F 444 53.64 1.44 15.73
C GLY F 444 52.96 1.07 14.42
N GLY F 445 53.19 1.86 13.38
CA GLY F 445 52.59 1.57 12.06
C GLY F 445 53.11 0.29 11.45
N ILE F 446 52.20 -0.52 10.89
CA ILE F 446 52.58 -1.83 10.33
C ILE F 446 52.33 -1.86 8.82
N THR F 447 53.32 -2.39 8.10
CA THR F 447 53.27 -2.59 6.66
C THR F 447 53.38 -4.07 6.33
N LEU F 448 52.50 -4.58 5.46
CA LEU F 448 52.60 -5.93 4.91
C LEU F 448 52.95 -5.83 3.43
N ALA F 449 54.02 -6.48 3.01
CA ALA F 449 54.50 -6.34 1.64
C ALA F 449 54.82 -7.68 0.99
N ASP F 450 54.13 -7.97 -0.12
CA ASP F 450 54.33 -9.18 -0.92
C ASP F 450 55.29 -9.00 -2.10
N ASP F 451 56.01 -10.08 -2.42
CA ASP F 451 56.94 -10.10 -3.56
C ASP F 451 58.03 -9.02 -3.50
N ILE F 452 58.57 -8.79 -2.31
CA ILE F 452 59.75 -7.94 -2.14
C ILE F 452 61.00 -8.81 -2.04
N SER F 453 61.92 -8.64 -2.98
CA SER F 453 63.18 -9.41 -2.98
C SER F 453 64.28 -8.75 -2.16
N THR F 454 64.18 -7.43 -2.01
CA THR F 454 65.25 -6.64 -1.39
C THR F 454 64.68 -5.56 -0.48
N LEU F 455 65.20 -5.51 0.74
CA LEU F 455 64.89 -4.44 1.68
C LEU F 455 66.08 -3.49 1.72
N ARG F 456 65.85 -2.24 1.34
CA ARG F 456 66.90 -1.21 1.27
C ARG F 456 66.81 -0.29 2.47
N SER F 457 67.94 -0.08 3.13
CA SER F 457 68.00 0.86 4.24
C SER F 457 69.02 1.93 3.93
N LYS F 458 69.02 2.99 4.74
CA LYS F 458 70.02 4.03 4.62
C LYS F 458 70.80 4.12 5.93
N GLU F 459 72.09 3.79 5.86
CA GLU F 459 72.94 3.74 7.06
C GLU F 459 73.95 4.90 7.05
N THR F 460 74.63 5.10 8.17
CA THR F 460 75.61 6.18 8.30
C THR F 460 76.90 5.67 8.94
N SER F 461 78.04 5.98 8.32
CA SER F 461 79.33 5.67 8.91
C SER F 461 80.01 6.98 9.31
N TRP F 462 80.77 6.93 10.39
CA TRP F 462 81.47 8.09 10.93
C TRP F 462 80.51 9.30 11.03
N LEU F 463 79.28 9.01 11.45
CA LEU F 463 78.28 10.04 11.75
C LEU F 463 77.67 10.69 10.51
N ILE F 464 78.52 11.13 9.58
CA ILE F 464 78.08 11.98 8.47
C ILE F 464 78.06 11.35 7.08
N PHE F 465 78.58 10.14 6.94
CA PHE F 465 78.61 9.52 5.62
C PHE F 465 77.46 8.54 5.43
N ASN F 466 76.47 8.90 4.60
CA ASN F 466 75.31 8.05 4.37
C ASN F 466 75.52 7.14 3.18
N LYS F 467 75.02 5.91 3.28
CA LYS F 467 75.07 4.98 2.17
C LYS F 467 73.83 4.12 2.17
N GLU F 468 73.40 3.70 0.98
CA GLU F 468 72.30 2.77 0.84
C GLU F 468 72.83 1.35 1.04
N VAL F 469 72.06 0.53 1.76
CA VAL F 469 72.46 -0.84 2.02
C VAL F 469 71.31 -1.77 1.67
N ASP F 470 71.59 -2.73 0.79
CA ASP F 470 70.58 -3.69 0.36
C ASP F 470 70.66 -4.99 1.15
N HIS F 471 69.50 -5.48 1.59
CA HIS F 471 69.42 -6.73 2.30
C HIS F 471 68.49 -7.68 1.56
N GLN F 472 69.03 -8.82 1.14
CA GLN F 472 68.25 -9.83 0.43
C GLN F 472 67.25 -10.53 1.37
N VAL F 473 65.98 -10.56 0.96
CA VAL F 473 64.91 -11.18 1.72
C VAL F 473 64.83 -12.69 1.49
N THR F 474 65.14 -13.47 2.51
CA THR F 474 65.12 -14.93 2.40
C THR F 474 64.32 -15.59 3.52
N ALA F 475 63.90 -16.83 3.31
CA ALA F 475 63.12 -17.56 4.30
C ALA F 475 63.84 -17.65 5.65
N ALA F 476 65.17 -17.63 5.62
CA ALA F 476 65.97 -17.80 6.85
C ALA F 476 66.40 -16.49 7.53
N GLY F 477 66.28 -15.38 6.81
CA GLY F 477 66.66 -14.08 7.36
C GLY F 477 67.11 -13.09 6.30
N LEU F 478 67.47 -11.89 6.74
CA LEU F 478 68.02 -10.89 5.82
C LEU F 478 69.47 -11.20 5.53
N LYS F 479 69.83 -11.13 4.27
CA LYS F 479 71.19 -11.44 3.85
C LYS F 479 71.86 -10.20 3.28
N SER F 480 73.00 -9.85 3.86
CA SER F 480 73.72 -8.65 3.45
C SER F 480 75.21 -8.95 3.38
N ASP F 481 76.01 -7.89 3.22
CA ASP F 481 77.46 -8.03 3.18
C ASP F 481 78.03 -8.43 4.54
N SER F 482 77.29 -8.16 5.61
CA SER F 482 77.72 -8.48 6.96
C SER F 482 77.41 -9.91 7.36
N GLY F 483 76.50 -10.56 6.61
CA GLY F 483 76.10 -11.93 6.89
C GLY F 483 74.60 -12.14 6.92
N LEU F 484 74.17 -13.27 7.49
CA LEU F 484 72.75 -13.61 7.59
C LEU F 484 72.14 -13.24 8.94
N LYS F 485 71.14 -12.36 8.91
CA LYS F 485 70.45 -11.88 10.10
C LYS F 485 69.08 -12.56 10.23
N ALA F 486 68.94 -13.45 11.20
CA ALA F 486 67.68 -14.18 11.40
C ALA F 486 66.55 -13.25 11.84
N TYR F 487 65.32 -13.61 11.47
CA TYR F 487 64.14 -12.88 11.96
C TYR F 487 63.80 -13.30 13.37
N ALA F 488 63.32 -12.37 14.19
CA ALA F 488 62.88 -12.71 15.54
C ALA F 488 61.45 -13.24 15.53
N ALA F 489 61.27 -14.43 14.97
CA ALA F 489 59.93 -14.98 14.83
C ALA F 489 59.91 -16.49 14.65
N ALA F 490 58.79 -17.09 15.03
CA ALA F 490 58.55 -18.50 14.77
C ALA F 490 57.50 -18.58 13.67
N THR F 491 57.83 -19.32 12.61
CA THR F 491 56.97 -19.36 11.43
C THR F 491 56.49 -20.77 11.13
N GLY F 492 55.18 -20.96 11.18
CA GLY F 492 54.60 -22.26 10.85
C GLY F 492 54.40 -22.38 9.36
N GLY F 493 53.59 -23.35 8.96
CA GLY F 493 53.25 -23.54 7.55
C GLY F 493 51.82 -23.98 7.33
N ASP F 494 51.55 -24.48 6.12
CA ASP F 494 50.22 -24.93 5.70
C ASP F 494 49.48 -25.77 6.76
N GLY F 495 50.24 -26.46 7.61
CA GLY F 495 49.66 -27.32 8.62
C GLY F 495 49.02 -26.57 9.78
N ASP F 496 48.27 -27.33 10.58
CA ASP F 496 47.67 -26.83 11.81
C ASP F 496 48.74 -26.84 12.89
N ASP F 497 49.50 -25.75 12.95
CA ASP F 497 50.70 -25.66 13.78
C ASP F 497 50.46 -25.23 15.22
N VAL F 498 51.31 -25.73 16.12
CA VAL F 498 51.38 -25.22 17.48
C VAL F 498 52.67 -24.41 17.62
N LEU F 499 52.54 -23.11 17.82
CA LEU F 499 53.71 -22.26 17.97
C LEU F 499 53.77 -21.65 19.37
N GLN F 500 54.78 -22.06 20.14
CA GLN F 500 55.02 -21.46 21.44
C GLN F 500 56.18 -20.49 21.30
N ALA F 501 55.94 -19.22 21.65
CA ALA F 501 56.94 -18.17 21.52
C ALA F 501 58.19 -18.46 22.35
N ARG F 502 59.35 -18.17 21.76
CA ARG F 502 60.63 -18.31 22.46
C ARG F 502 60.97 -16.97 23.11
N SER F 503 61.95 -16.96 23.99
CA SER F 503 62.24 -15.76 24.79
C SER F 503 62.38 -14.48 23.95
N HIS F 504 62.94 -14.59 22.75
CA HIS F 504 63.19 -13.40 21.94
C HIS F 504 62.31 -13.30 20.70
N ASP F 505 61.23 -14.07 20.66
CA ASP F 505 60.26 -13.95 19.57
C ASP F 505 59.46 -12.67 19.71
N ALA F 506 59.30 -11.97 18.60
CA ALA F 506 58.48 -10.76 18.58
C ALA F 506 57.22 -10.98 17.75
N TRP F 507 57.24 -12.03 16.92
CA TRP F 507 56.13 -12.34 16.01
C TRP F 507 55.85 -13.83 15.97
N LEU F 508 54.58 -14.18 15.88
CA LEU F 508 54.19 -15.57 15.62
C LEU F 508 53.36 -15.59 14.33
N PHE F 509 53.75 -16.41 13.37
CA PHE F 509 53.05 -16.50 12.09
C PHE F 509 52.51 -17.90 11.87
N GLY F 510 51.23 -18.11 12.20
CA GLY F 510 50.64 -19.43 12.02
C GLY F 510 50.61 -19.81 10.56
N ASN F 511 50.48 -18.79 9.71
CA ASN F 511 50.25 -19.00 8.30
C ASN F 511 48.94 -19.78 8.10
N ALA F 512 48.84 -20.50 6.99
CA ALA F 512 47.60 -21.19 6.67
C ALA F 512 47.22 -22.13 7.80
N GLY F 513 46.13 -22.87 7.63
CA GLY F 513 45.73 -23.86 8.63
C GLY F 513 45.22 -23.30 9.94
N ASN F 514 44.58 -24.19 10.70
CA ASN F 514 44.07 -23.88 12.03
C ASN F 514 45.18 -23.98 13.06
N ASP F 515 45.69 -22.83 13.44
CA ASP F 515 46.91 -22.74 14.21
C ASP F 515 46.66 -22.38 15.68
N THR F 516 47.57 -22.79 16.56
CA THR F 516 47.53 -22.37 17.96
C THR F 516 48.79 -21.56 18.26
N LEU F 517 48.60 -20.28 18.59
CA LEU F 517 49.72 -19.39 18.90
C LEU F 517 49.74 -19.08 20.40
N ILE F 518 50.80 -19.50 21.07
CA ILE F 518 50.91 -19.32 22.53
C ILE F 518 51.95 -18.27 22.91
N GLY F 519 51.54 -17.29 23.70
CA GLY F 519 52.44 -16.21 24.11
C GLY F 519 53.33 -16.58 25.28
N HIS F 520 54.07 -15.58 25.77
CA HIS F 520 54.95 -15.77 26.91
C HIS F 520 54.81 -14.62 27.92
N ALA F 521 55.33 -14.84 29.11
CA ALA F 521 55.17 -13.92 30.24
C ALA F 521 55.58 -12.48 29.95
N GLY F 522 56.60 -12.30 29.12
CA GLY F 522 57.09 -10.96 28.81
C GLY F 522 56.14 -10.10 28.01
N GLY F 523 55.11 -10.71 27.44
CA GLY F 523 54.17 -9.97 26.58
C GLY F 523 54.86 -9.39 25.38
N ASN F 524 54.41 -8.22 24.94
CA ASN F 524 55.05 -7.52 23.81
C ASN F 524 55.16 -8.38 22.55
N LEU F 525 54.19 -9.27 22.36
CA LEU F 525 54.20 -10.18 21.22
C LEU F 525 53.11 -9.86 20.20
N THR F 526 53.44 -10.05 18.92
CA THR F 526 52.48 -9.81 17.84
C THR F 526 51.97 -11.13 17.25
N PHE F 527 50.66 -11.36 17.38
CA PHE F 527 50.03 -12.59 16.91
C PHE F 527 49.43 -12.43 15.53
N VAL F 528 49.82 -13.32 14.62
CA VAL F 528 49.33 -13.29 13.26
C VAL F 528 48.93 -14.71 12.88
N GLY F 529 47.70 -15.08 13.19
CA GLY F 529 47.24 -16.44 12.90
C GLY F 529 47.25 -16.75 11.40
N GLY F 530 47.12 -15.69 10.60
CA GLY F 530 46.99 -15.82 9.14
C GLY F 530 45.66 -16.44 8.76
N SER F 531 45.62 -17.07 7.59
CA SER F 531 44.38 -17.65 7.12
C SER F 531 43.95 -18.74 8.10
N GLY F 532 42.87 -19.43 7.79
CA GLY F 532 42.40 -20.48 8.67
C GLY F 532 41.89 -19.93 10.01
N ASP F 533 41.30 -20.84 10.76
CA ASP F 533 40.68 -20.51 12.04
C ASP F 533 41.67 -20.80 13.15
N ASP F 534 42.15 -19.74 13.77
CA ASP F 534 43.31 -19.82 14.62
C ASP F 534 42.95 -19.54 16.09
N ILE F 535 43.71 -20.09 17.02
CA ILE F 535 43.53 -19.83 18.43
C ILE F 535 44.69 -18.97 18.94
N LEU F 536 44.35 -17.86 19.60
CA LEU F 536 45.36 -16.90 20.02
C LEU F 536 45.38 -16.78 21.54
N LYS F 537 46.49 -17.19 22.15
CA LYS F 537 46.62 -17.16 23.60
C LYS F 537 47.52 -16.02 24.08
N GLY F 538 46.90 -14.87 24.38
CA GLY F 538 47.61 -13.69 24.87
C GLY F 538 48.06 -13.83 26.32
N VAL F 539 49.28 -13.39 26.58
CA VAL F 539 49.87 -13.48 27.91
C VAL F 539 50.54 -12.16 28.27
N GLY F 540 50.26 -11.66 29.47
CA GLY F 540 50.86 -10.40 29.91
C GLY F 540 50.31 -9.19 29.20
N ASN F 541 51.15 -8.17 29.04
CA ASN F 541 50.72 -6.89 28.52
C ASN F 541 51.46 -6.47 27.25
N GLY F 542 50.86 -5.52 26.53
CA GLY F 542 51.50 -4.92 25.36
C GLY F 542 51.48 -5.76 24.10
N ASN F 543 50.59 -6.76 24.07
CA ASN F 543 50.43 -7.62 22.89
C ASN F 543 49.62 -6.96 21.78
N THR F 544 49.90 -7.36 20.54
CA THR F 544 49.20 -6.89 19.36
C THR F 544 48.62 -8.09 18.65
N PHE F 545 47.34 -8.01 18.27
CA PHE F 545 46.72 -9.08 17.49
C PHE F 545 46.35 -8.55 16.09
N LEU F 546 46.99 -9.13 15.06
CA LEU F 546 47.02 -8.55 13.70
C LEU F 546 46.27 -9.39 12.69
N PHE F 547 45.36 -8.75 11.95
CA PHE F 547 44.55 -9.45 10.98
C PHE F 547 44.47 -8.65 9.70
N SER F 548 44.63 -9.33 8.56
CA SER F 548 44.55 -8.66 7.27
C SER F 548 43.89 -9.52 6.19
N GLY F 549 43.13 -8.88 5.32
CA GLY F 549 42.44 -9.57 4.24
C GLY F 549 41.46 -10.58 4.78
N ASP F 550 41.42 -11.75 4.16
CA ASP F 550 40.57 -12.84 4.59
C ASP F 550 41.29 -13.67 5.66
N PHE F 551 41.02 -13.38 6.93
CA PHE F 551 41.78 -13.97 8.03
C PHE F 551 41.06 -15.10 8.78
N GLY F 552 39.94 -15.59 8.25
CA GLY F 552 39.19 -16.69 8.86
C GLY F 552 38.51 -16.34 10.18
N ARG F 553 38.21 -17.34 10.98
CA ARG F 553 37.51 -17.11 12.23
C ARG F 553 38.41 -17.50 13.40
N ASP F 554 38.88 -16.49 14.13
CA ASP F 554 39.79 -16.73 15.23
C ASP F 554 39.10 -16.62 16.60
N GLN F 555 39.75 -17.16 17.63
CA GLN F 555 39.33 -17.05 19.02
C GLN F 555 40.47 -16.42 19.81
N LEU F 556 40.17 -15.42 20.63
CA LEU F 556 41.20 -14.62 21.28
C LEU F 556 41.13 -14.64 22.80
N TYR F 557 42.16 -15.21 23.42
CA TYR F 557 42.25 -15.35 24.87
C TYR F 557 43.17 -14.30 25.50
N GLY F 558 42.79 -13.78 26.66
CA GLY F 558 43.68 -12.95 27.47
C GLY F 558 43.78 -11.47 27.11
N PHE F 559 42.85 -10.98 26.30
CA PHE F 559 42.87 -9.56 25.93
C PHE F 559 42.73 -8.68 27.16
N ASN F 560 43.46 -7.57 27.19
CA ASN F 560 43.38 -6.64 28.32
C ASN F 560 43.67 -5.20 27.93
N ALA F 561 43.36 -4.26 28.84
CA ALA F 561 43.47 -2.83 28.55
C ALA F 561 44.81 -2.38 27.94
N SER F 562 45.83 -3.20 28.06
CA SER F 562 47.15 -2.87 27.50
C SER F 562 47.34 -3.39 26.08
N ASP F 563 46.42 -4.25 25.64
CA ASP F 563 46.54 -4.90 24.33
C ASP F 563 45.87 -4.11 23.21
N LYS F 564 46.23 -4.45 21.97
CA LYS F 564 45.76 -3.73 20.80
C LYS F 564 45.29 -4.67 19.69
N LEU F 565 44.26 -4.27 18.96
CA LEU F 565 43.80 -5.00 17.77
C LEU F 565 44.09 -4.19 16.51
N VAL F 566 44.62 -4.85 15.48
CA VAL F 566 44.94 -4.15 14.22
C VAL F 566 44.37 -4.88 13.02
N PHE F 567 43.48 -4.21 12.28
CA PHE F 567 42.85 -4.78 11.11
C PHE F 567 43.23 -3.98 9.86
N ILE F 568 43.81 -4.64 8.86
CA ILE F 568 44.29 -3.95 7.65
C ILE F 568 43.78 -4.59 6.36
N GLY F 569 43.01 -3.82 5.58
CA GLY F 569 42.46 -4.34 4.34
C GLY F 569 41.49 -5.47 4.61
N THR F 570 40.57 -5.22 5.53
CA THR F 570 39.56 -6.22 5.88
C THR F 570 38.18 -5.83 5.34
N GLU F 571 37.25 -6.80 5.31
CA GLU F 571 35.89 -6.53 4.88
C GLU F 571 35.24 -5.43 5.71
N GLY F 572 34.43 -4.60 5.07
CA GLY F 572 33.67 -3.56 5.77
C GLY F 572 34.33 -2.20 5.67
N ALA F 573 33.51 -1.15 5.64
CA ALA F 573 34.01 0.21 5.40
C ALA F 573 34.04 1.09 6.65
N SER F 574 33.33 0.70 7.70
CA SER F 574 33.26 1.51 8.91
C SER F 574 34.57 1.56 9.70
N GLY F 575 34.88 2.74 10.25
CA GLY F 575 36.08 2.93 11.07
C GLY F 575 35.74 2.93 12.56
N ASN F 576 34.50 2.56 12.88
CA ASN F 576 34.01 2.49 14.25
C ASN F 576 33.79 1.03 14.65
N ILE F 577 34.62 0.55 15.58
CA ILE F 577 34.61 -0.88 15.92
C ILE F 577 33.26 -1.38 16.47
N ARG F 578 32.46 -0.48 17.00
CA ARG F 578 31.14 -0.85 17.56
C ARG F 578 30.18 -1.35 16.46
N ASP F 579 30.42 -0.94 15.23
CA ASP F 579 29.60 -1.41 14.09
C ASP F 579 29.87 -2.88 13.74
N TYR F 580 30.97 -3.44 14.28
CA TYR F 580 31.32 -4.83 14.00
C TYR F 580 30.94 -5.76 15.15
N ALA F 581 30.49 -5.19 16.26
CA ALA F 581 30.41 -5.92 17.52
C ALA F 581 29.03 -6.45 17.89
N THR F 582 29.01 -7.68 18.40
CA THR F 582 27.83 -8.25 19.03
C THR F 582 28.25 -9.00 20.29
N GLN F 583 27.59 -8.69 21.40
CA GLN F 583 27.89 -9.34 22.67
C GLN F 583 27.24 -10.72 22.69
N GLN F 584 28.06 -11.76 22.79
CA GLN F 584 27.58 -13.13 22.75
C GLN F 584 27.85 -13.84 24.08
N ASN F 585 27.02 -13.53 25.08
CA ASN F 585 27.22 -14.03 26.43
C ASN F 585 28.41 -13.35 27.10
N ASP F 586 29.42 -14.13 27.47
CA ASP F 586 30.62 -13.58 28.11
C ASP F 586 31.69 -13.21 27.09
N ASP F 587 31.39 -13.44 25.81
CA ASP F 587 32.36 -13.20 24.75
C ASP F 587 31.91 -12.09 23.81
N LEU F 588 32.87 -11.34 23.28
CA LEU F 588 32.60 -10.27 22.32
C LEU F 588 33.04 -10.70 20.93
N VAL F 589 32.11 -10.73 19.99
CA VAL F 589 32.43 -11.13 18.62
C VAL F 589 32.48 -9.95 17.68
N LEU F 590 33.64 -9.79 17.04
CA LEU F 590 33.82 -8.77 16.03
C LEU F 590 33.75 -9.46 14.66
N ALA F 591 32.67 -9.18 13.93
CA ALA F 591 32.37 -9.88 12.67
C ALA F 591 32.75 -9.09 11.40
N PHE F 592 33.51 -9.76 10.53
CA PHE F 592 34.02 -9.16 9.28
C PHE F 592 33.60 -9.99 8.07
N GLY F 593 32.29 -10.23 7.94
CA GLY F 593 31.77 -11.03 6.84
C GLY F 593 32.23 -12.49 6.93
N HIS F 594 33.12 -12.88 6.04
CA HIS F 594 33.62 -14.26 6.03
C HIS F 594 34.70 -14.46 7.09
N SER F 595 35.12 -13.37 7.73
CA SER F 595 36.08 -13.45 8.82
C SER F 595 35.49 -12.88 10.11
N GLN F 596 36.06 -13.26 11.25
CA GLN F 596 35.65 -12.71 12.54
C GLN F 596 36.63 -13.11 13.62
N VAL F 597 36.60 -12.38 14.73
CA VAL F 597 37.38 -12.73 15.91
C VAL F 597 36.50 -12.64 17.16
N THR F 598 36.56 -13.68 17.98
CA THR F 598 35.86 -13.70 19.23
C THR F 598 36.85 -13.45 20.36
N LEU F 599 36.65 -12.36 21.10
CA LEU F 599 37.43 -12.08 22.29
C LEU F 599 36.75 -12.72 23.48
N ILE F 600 37.35 -13.76 24.02
CA ILE F 600 36.77 -14.51 25.13
C ILE F 600 36.94 -13.79 26.47
N GLY F 601 35.82 -13.66 27.19
CA GLY F 601 35.82 -13.01 28.50
C GLY F 601 35.97 -11.49 28.45
N VAL F 602 35.52 -10.88 27.35
CA VAL F 602 35.66 -9.44 27.18
C VAL F 602 34.31 -8.76 26.93
N SER F 603 34.20 -7.52 27.39
CA SER F 603 32.99 -6.71 27.24
C SER F 603 33.27 -5.49 26.36
N LEU F 604 32.32 -5.17 25.48
CA LEU F 604 32.50 -4.06 24.53
C LEU F 604 32.82 -2.73 25.20
N ASP F 605 32.12 -2.42 26.30
CA ASP F 605 32.30 -1.15 26.99
C ASP F 605 33.66 -1.03 27.67
N HIS F 606 34.45 -2.10 27.61
CA HIS F 606 35.80 -2.09 28.18
C HIS F 606 36.88 -1.92 27.11
N ILE F 607 36.47 -1.59 25.89
CA ILE F 607 37.42 -1.37 24.81
C ILE F 607 37.47 0.10 24.38
N SER F 608 38.65 0.69 24.49
CA SER F 608 38.86 2.09 24.13
C SER F 608 39.10 2.22 22.62
N THR F 609 38.83 3.42 22.08
CA THR F 609 39.00 3.68 20.67
C THR F 609 40.47 3.58 20.28
N ASP F 610 41.36 3.87 21.24
CA ASP F 610 42.79 3.84 20.95
C ASP F 610 43.35 2.42 20.95
N GLN F 611 42.55 1.44 21.37
CA GLN F 611 42.99 0.04 21.38
C GLN F 611 42.75 -0.66 20.05
N VAL F 612 42.08 0.02 19.13
CA VAL F 612 41.73 -0.62 17.87
C VAL F 612 42.09 0.24 16.66
N VAL F 613 42.71 -0.42 15.68
CA VAL F 613 43.04 0.22 14.41
C VAL F 613 42.28 -0.45 13.27
N LEU F 614 41.46 0.33 12.58
CA LEU F 614 40.75 -0.14 11.39
C LEU F 614 41.32 0.62 10.19
N ALA F 615 42.16 -0.05 9.41
CA ALA F 615 42.94 0.61 8.35
C ALA F 615 42.72 0.00 6.96
CA CA G . -8.53 -16.71 -54.82
CA CA H . -11.69 -13.91 -46.33
CA CA I . -10.00 -15.34 -50.51
CA CA J . -24.45 -31.97 -36.16
CA CA K . -9.13 -40.67 -41.91
CA CA L . -9.62 -42.83 -37.99
CA CA M . -20.75 -34.08 -17.45
CA CA N . 0.94 -48.42 -4.01
CA CA O . -42.29 26.20 28.94
CA CA P . -34.94 20.25 28.25
CA CA Q . -38.58 23.23 28.47
CA CA R . -42.87 -2.71 29.43
CA CA S . -54.35 4.75 16.95
CA CA T . -53.87 0.71 14.99
CA CA U . -34.24 -14.59 17.15
CA CA V . -40.13 -20.13 -11.02
CA CA W . -16.58 8.78 -54.85
CA CA X . -9.87 6.95 -48.16
CA CA Y . -13.34 7.87 -51.38
CA CA Z . 5.22 25.72 -46.49
CA CA AA . -11.25 34.14 -46.34
CA CA BA . -9.24 36.74 -43.24
CA CA CA . 9.72 30.02 -28.43
CA CA DA . -4.30 46.90 -8.85
CA CA EA . -21.12 35.41 41.45
CA CA FA . -19.63 33.58 32.24
CA CA GA . -20.30 34.42 36.72
CA CA HA . -4.33 50.10 23.17
CA CA IA . 3.98 44.94 38.90
CA CA JA . 7.67 45.21 36.36
CA CA KA . 8.92 42.26 11.60
CA CA LA . 34.30 29.16 18.12
CA CA MA . 37.86 -29.08 31.88
CA CA NA . 31.95 -28.46 24.46
CA CA OA . 34.74 -28.65 28.07
CA CA PA . 14.69 -45.59 26.79
CA CA QA . 15.22 -37.81 43.50
CA CA RA . 10.76 -38.27 43.23
CA CA SA . -2.87 -39.08 22.38
CA CA TA . -22.10 -23.71 38.53
CA CA UA . 49.68 -23.06 10.00
CA CA VA . 43.03 -16.75 11.14
CA CA WA . 46.25 -19.91 10.48
CA CA XA . 51.42 5.11 4.43
CA CA YA . 56.71 -5.36 -9.89
CA CA ZA . 55.53 -1.72 -12.23
CA CA AB . 38.56 15.32 -5.57
CA CA BB . 32.35 15.02 -34.20
#